data_8RZG
#
_entry.id   8RZG
#
_cell.length_a   219.949
_cell.length_b   106.825
_cell.length_c   165.529
_cell.angle_alpha   90.000
_cell.angle_beta   113.932
_cell.angle_gamma   90.000
#
_symmetry.space_group_name_H-M   'C 1 2 1'
#
loop_
_entity.id
_entity.type
_entity.pdbx_description
1 polymer 'Conserved hypothetical periplasmic protein'
2 non-polymer (1~{R},4~{S},5~{R},8~{S})-2,6-dioxabicyclo[3.2.1]octane-4,8-diol
3 non-polymer 'L(+)-TARTARIC ACID'
4 non-polymer DI(HYDROXYETHYL)ETHER
5 non-polymer 'SODIUM ION'
6 non-polymer 'CHLORIDE ION'
7 non-polymer 1,2-ETHANEDIOL
8 non-polymer 'TRIETHYLENE GLYCOL'
9 water water
#
_entity_poly.entity_id   1
_entity_poly.type   'polypeptide(L)'
_entity_poly.pdbx_seq_one_letter_code
;MGSSHHHHHHGSLDSPDPIVLENGKLNINIDSKTGCFSVTEKTSGHVWKSDPWENAAGLLTLTDSKGKKQTVNISKSKKI
EVSKTAKNTVSLKFIDPVFEDGSVAKGVSIATELRLDPNNAQLDVEVTEHRSGNFTLYDLRYPARAFSLKTDEDKGAAVI
PQKQGVICPSYIFPMNGGRFCKWDDATYNNKSQGSLELFNNGTGLTMPWWGTYNEKSAVMGIVDVSARPHMQYNINNNGQ
YLFNAKGVMSPYQRIVFLDPIWKLDQEKGKMRISYHFIPGGDYVDMAKVYQKEAKARGHFVSLQEKLKRNPNVNKLPGAI
YFGIYGGYPHYVNMPGMAFTFDELKNIIKTIHDDLRVDKAFVHAWGTFSNFVPHNYPISEALGGPEKLKAAVDLAKSYGY
LYSSYHAYSPMLENDPNFTTDLMQRDAEGKLMNTGSRWARVDPKFQKGLAQKNIEKEISYLGLEADITDITFAAYRENGK
EGRIELAKYIDSFNLVNGTEHGQEQWIPYFDMFEGMTYLEDRPLSVISHPAPLFNLVYHEAIANFGKIQDPDNEVTANGD
FRIKALRSMLFGRGTTIFFAPYEFEGMRPMIEMARDLVSPVHKETFYSELKSHEYLSADYKVQRSRFSSGTEVIANLGPV
AQKIEGGISIPGYGYRIQMKDGSLKTGHFQVSLHMD
;
_entity_poly.pdbx_strand_id   A,B,C,D
#
# COMPACT_ATOMS: atom_id res chain seq x y z
N PRO A 18 0.76 -26.81 43.22
CA PRO A 18 -0.04 -25.60 43.49
C PRO A 18 -0.48 -25.53 44.96
N ILE A 19 -0.24 -24.40 45.60
CA ILE A 19 -0.55 -24.24 47.01
C ILE A 19 -2.01 -23.88 47.16
N VAL A 20 -2.68 -24.48 48.15
CA VAL A 20 -4.12 -24.37 48.30
C VAL A 20 -4.47 -23.83 49.68
N LEU A 21 -5.32 -22.82 49.71
CA LEU A 21 -6.06 -22.40 50.89
C LEU A 21 -7.52 -22.80 50.69
N GLU A 22 -8.15 -23.29 51.74
CA GLU A 22 -9.51 -23.79 51.59
C GLU A 22 -10.24 -23.73 52.93
N ASN A 23 -11.52 -23.32 52.89
CA ASN A 23 -12.43 -23.52 53.99
C ASN A 23 -13.73 -24.10 53.42
N GLY A 24 -14.82 -24.00 54.18
CA GLY A 24 -16.07 -24.61 53.76
C GLY A 24 -16.73 -23.94 52.55
N LYS A 25 -16.37 -22.68 52.27
CA LYS A 25 -17.03 -21.93 51.22
C LYS A 25 -16.14 -21.63 50.02
N LEU A 26 -14.82 -21.60 50.19
CA LEU A 26 -13.92 -21.19 49.13
C LEU A 26 -12.74 -22.15 49.04
N ASN A 27 -12.11 -22.16 47.86
CA ASN A 27 -10.85 -22.86 47.62
C ASN A 27 -9.96 -21.94 46.78
N ILE A 28 -8.77 -21.63 47.28
CA ILE A 28 -7.83 -20.76 46.58
C ILE A 28 -6.72 -21.62 46.00
N ASN A 29 -6.67 -21.70 44.67
CA ASN A 29 -5.65 -22.48 43.96
C ASN A 29 -4.56 -21.54 43.49
N ILE A 30 -3.39 -21.60 44.14
CA ILE A 30 -2.28 -20.70 43.86
C ILE A 30 -1.19 -21.45 43.13
N ASP A 31 -0.76 -20.90 42.00
CA ASP A 31 0.27 -21.51 41.17
C ASP A 31 1.66 -21.18 41.74
N SER A 32 2.49 -22.21 41.90
CA SER A 32 3.80 -22.04 42.53
C SER A 32 4.78 -21.31 41.61
N LYS A 33 4.61 -21.40 40.30
CA LYS A 33 5.59 -20.84 39.38
C LYS A 33 5.28 -19.40 38.98
N THR A 34 4.01 -19.01 38.94
CA THR A 34 3.63 -17.65 38.56
C THR A 34 3.08 -16.82 39.70
N GLY A 35 2.55 -17.43 40.75
CA GLY A 35 1.85 -16.68 41.77
C GLY A 35 0.42 -16.34 41.45
N CYS A 36 -0.07 -16.67 40.25
CA CYS A 36 -1.48 -16.46 39.94
C CYS A 36 -2.35 -17.38 40.79
N PHE A 37 -3.61 -16.97 41.01
CA PHE A 37 -4.51 -17.80 41.79
C PHE A 37 -5.91 -17.76 41.20
N SER A 38 -6.62 -18.86 41.40
CA SER A 38 -8.04 -18.98 41.10
C SER A 38 -8.82 -19.17 42.39
N VAL A 39 -10.10 -18.81 42.36
CA VAL A 39 -10.99 -18.95 43.50
C VAL A 39 -12.20 -19.75 43.06
N THR A 40 -12.41 -20.90 43.70
CA THR A 40 -13.62 -21.69 43.49
C THR A 40 -14.61 -21.32 44.59
N GLU A 41 -15.76 -20.80 44.20
CA GLU A 41 -16.85 -20.52 45.13
C GLU A 41 -17.69 -21.78 45.23
N LYS A 42 -17.56 -22.49 46.35
CA LYS A 42 -17.99 -23.89 46.43
C LYS A 42 -19.51 -24.07 46.51
N THR A 43 -20.28 -23.04 46.86
CA THR A 43 -21.73 -23.22 46.90
C THR A 43 -22.30 -23.32 45.49
N SER A 44 -21.87 -22.44 44.59
CA SER A 44 -22.30 -22.49 43.20
C SER A 44 -21.38 -23.32 42.31
N GLY A 45 -20.12 -23.51 42.72
CA GLY A 45 -19.13 -24.18 41.91
C GLY A 45 -18.41 -23.30 40.92
N HIS A 46 -18.79 -22.02 40.82
CA HIS A 46 -18.13 -21.12 39.88
C HIS A 46 -16.67 -20.95 40.24
N VAL A 47 -15.80 -20.94 39.23
CA VAL A 47 -14.37 -20.74 39.40
C VAL A 47 -14.00 -19.40 38.78
N TRP A 48 -13.43 -18.52 39.60
CA TRP A 48 -12.83 -17.27 39.13
C TRP A 48 -11.39 -17.56 38.69
N LYS A 49 -11.11 -17.33 37.41
CA LYS A 49 -9.80 -17.65 36.87
C LYS A 49 -8.82 -16.50 37.10
N SER A 50 -7.53 -16.83 37.09
CA SER A 50 -6.51 -15.80 37.06
C SER A 50 -6.42 -15.22 35.65
N ASP A 51 -5.54 -14.21 35.47
CA ASP A 51 -5.36 -13.44 34.24
C ASP A 51 -5.50 -14.31 32.99
N PRO A 52 -6.58 -14.17 32.22
CA PRO A 52 -6.76 -15.05 31.05
C PRO A 52 -5.85 -14.69 29.89
N TRP A 53 -5.22 -13.51 29.89
CA TRP A 53 -4.46 -13.06 28.73
C TRP A 53 -2.99 -13.51 28.77
N GLU A 54 -2.29 -13.19 29.86
CA GLU A 54 -0.84 -13.39 29.93
C GLU A 54 -0.39 -14.23 31.12
N ASN A 55 -1.33 -14.77 31.90
CA ASN A 55 -1.00 -15.46 33.15
C ASN A 55 -0.12 -14.59 34.05
N ALA A 56 -0.55 -13.34 34.25
CA ALA A 56 0.22 -12.39 35.05
C ALA A 56 -0.40 -12.23 36.43
N ALA A 57 0.37 -12.51 37.48
CA ALA A 57 -0.14 -12.23 38.82
C ALA A 57 -0.34 -10.75 39.03
N GLY A 58 0.50 -9.92 38.40
CA GLY A 58 0.44 -8.49 38.57
C GLY A 58 1.18 -7.81 37.44
N LEU A 59 0.92 -6.51 37.29
CA LEU A 59 1.53 -5.70 36.25
C LEU A 59 2.18 -4.49 36.91
N LEU A 60 3.50 -4.41 36.80
CA LEU A 60 4.30 -3.41 37.52
C LEU A 60 4.91 -2.43 36.53
N THR A 61 4.64 -1.14 36.75
CA THR A 61 5.19 -0.07 35.92
C THR A 61 6.38 0.54 36.66
N LEU A 62 7.54 0.53 36.00
CA LEU A 62 8.79 0.99 36.61
C LEU A 62 9.76 1.47 35.53
N THR A 63 10.76 2.24 35.96
CA THR A 63 11.81 2.71 35.07
C THR A 63 12.85 1.62 34.83
N ASP A 64 13.49 1.68 33.67
CA ASP A 64 14.53 0.74 33.32
C ASP A 64 15.90 1.37 33.56
N SER A 65 16.95 0.71 33.05
CA SER A 65 18.30 1.25 33.21
C SER A 65 18.43 2.60 32.51
N LYS A 66 17.77 2.77 31.37
CA LYS A 66 17.82 4.02 30.64
C LYS A 66 16.93 5.11 31.25
N GLY A 67 16.03 4.76 32.17
CA GLY A 67 15.13 5.71 32.77
C GLY A 67 13.75 5.77 32.16
N LYS A 68 13.47 4.95 31.15
CA LYS A 68 12.17 4.95 30.50
C LYS A 68 11.19 4.08 31.29
N LYS A 69 9.95 4.53 31.37
CA LYS A 69 8.91 3.76 32.03
C LYS A 69 8.56 2.52 31.20
N GLN A 70 8.37 1.40 31.90
CA GLN A 70 7.95 0.16 31.27
C GLN A 70 6.99 -0.57 32.21
N THR A 71 6.09 -1.34 31.62
CA THR A 71 5.17 -2.18 32.38
C THR A 71 5.53 -3.64 32.15
N VAL A 72 5.74 -4.37 33.23
CA VAL A 72 6.22 -5.74 33.16
C VAL A 72 5.26 -6.67 33.89
N ASN A 73 5.30 -7.93 33.49
CA ASN A 73 4.54 -9.00 34.12
C ASN A 73 5.40 -9.57 35.25
N ILE A 74 4.98 -9.35 36.50
CA ILE A 74 5.82 -9.75 37.63
C ILE A 74 5.90 -11.27 37.79
N SER A 75 5.02 -12.02 37.14
CA SER A 75 5.19 -13.47 37.11
C SER A 75 6.38 -13.89 36.25
N LYS A 76 6.96 -12.98 35.48
CA LYS A 76 8.19 -13.26 34.73
C LYS A 76 9.44 -12.89 35.52
N SER A 77 9.31 -12.66 36.82
CA SER A 77 10.46 -12.25 37.61
C SER A 77 11.46 -13.39 37.73
N LYS A 78 12.71 -13.01 38.00
CA LYS A 78 13.78 -14.01 38.01
C LYS A 78 13.59 -15.05 39.11
N LYS A 79 13.03 -14.64 40.26
CA LYS A 79 12.72 -15.55 41.34
C LYS A 79 11.31 -15.27 41.86
N ILE A 80 10.56 -16.33 42.09
CA ILE A 80 9.22 -16.24 42.64
C ILE A 80 9.13 -17.24 43.78
N GLU A 81 8.84 -16.75 44.99
CA GLU A 81 8.72 -17.57 46.17
C GLU A 81 7.28 -17.57 46.62
N VAL A 82 6.63 -18.73 46.58
CA VAL A 82 5.26 -18.89 47.03
C VAL A 82 5.28 -19.95 48.12
N SER A 83 4.95 -19.54 49.35
CA SER A 83 5.06 -20.44 50.49
C SER A 83 3.84 -20.30 51.38
N LYS A 84 3.27 -21.43 51.78
CA LYS A 84 2.18 -21.42 52.75
C LYS A 84 2.75 -21.11 54.12
N THR A 85 2.34 -19.98 54.69
CA THR A 85 3.00 -19.35 55.82
C THR A 85 2.23 -19.48 57.13
N ALA A 86 0.92 -19.66 57.06
CA ALA A 86 0.09 -19.97 58.22
C ALA A 86 -0.98 -20.94 57.77
N LYS A 87 -1.92 -21.27 58.66
CA LYS A 87 -3.03 -22.13 58.27
C LYS A 87 -3.79 -21.55 57.08
N ASN A 88 -3.97 -20.22 57.07
CA ASN A 88 -4.78 -19.58 56.04
C ASN A 88 -4.07 -18.39 55.41
N THR A 89 -2.74 -18.42 55.37
CA THR A 89 -1.97 -17.37 54.73
C THR A 89 -0.98 -17.96 53.76
N VAL A 90 -0.98 -17.46 52.53
CA VAL A 90 0.06 -17.75 51.54
C VAL A 90 0.85 -16.47 51.31
N SER A 91 2.17 -16.56 51.43
N SER A 91 2.16 -16.56 51.45
CA SER A 91 3.07 -15.43 51.24
CA SER A 91 3.05 -15.44 51.21
C SER A 91 3.75 -15.58 49.88
C SER A 91 3.71 -15.59 49.85
N LEU A 92 3.75 -14.50 49.10
CA LEU A 92 4.31 -14.49 47.76
C LEU A 92 5.40 -13.43 47.67
N LYS A 93 6.47 -13.74 46.96
CA LYS A 93 7.52 -12.76 46.72
C LYS A 93 7.98 -12.84 45.27
N PHE A 94 7.98 -11.69 44.60
CA PHE A 94 8.39 -11.56 43.21
C PHE A 94 9.68 -10.77 43.18
N ILE A 95 10.78 -11.43 42.79
CA ILE A 95 12.13 -10.91 42.97
C ILE A 95 12.78 -10.70 41.61
N ASP A 96 13.29 -9.48 41.39
CA ASP A 96 14.04 -9.10 40.19
C ASP A 96 13.21 -9.28 38.93
N PRO A 97 12.32 -8.33 38.63
CA PRO A 97 11.54 -8.43 37.39
C PRO A 97 12.43 -8.30 36.16
N VAL A 98 11.96 -8.89 35.06
CA VAL A 98 12.67 -8.89 33.79
C VAL A 98 11.98 -7.92 32.85
N PHE A 99 12.77 -7.10 32.16
CA PHE A 99 12.25 -6.16 31.20
C PHE A 99 12.00 -6.84 29.86
N GLU A 100 11.48 -6.07 28.90
CA GLU A 100 11.17 -6.62 27.58
C GLU A 100 12.42 -7.01 26.81
N ASP A 101 13.51 -6.27 26.98
CA ASP A 101 14.73 -6.55 26.24
C ASP A 101 15.59 -7.64 26.86
N GLY A 102 15.13 -8.27 27.94
CA GLY A 102 15.88 -9.29 28.62
C GLY A 102 16.68 -8.81 29.82
N SER A 103 16.83 -7.50 30.00
CA SER A 103 17.53 -6.97 31.15
C SER A 103 16.72 -7.18 32.43
N VAL A 104 17.40 -7.10 33.56
CA VAL A 104 16.81 -7.39 34.86
C VAL A 104 16.77 -6.12 35.69
N ALA A 105 15.67 -5.95 36.44
CA ALA A 105 15.56 -4.90 37.45
C ALA A 105 16.07 -5.45 38.79
N LYS A 106 17.39 -5.63 38.86
CA LYS A 106 18.01 -6.25 40.03
C LYS A 106 17.80 -5.37 41.27
N GLY A 107 17.39 -6.00 42.36
CA GLY A 107 17.10 -5.28 43.59
C GLY A 107 15.66 -4.81 43.72
N VAL A 108 14.81 -5.05 42.72
CA VAL A 108 13.38 -4.76 42.81
C VAL A 108 12.67 -6.02 43.27
N SER A 109 11.78 -5.87 44.24
CA SER A 109 10.97 -6.99 44.69
C SER A 109 9.60 -6.50 45.13
N ILE A 110 8.62 -7.40 45.04
CA ILE A 110 7.26 -7.17 45.51
C ILE A 110 6.88 -8.34 46.40
N ALA A 111 6.40 -8.05 47.61
CA ALA A 111 5.90 -9.07 48.52
C ALA A 111 4.40 -8.89 48.71
N THR A 112 3.66 -9.99 48.63
CA THR A 112 2.21 -9.95 48.78
C THR A 112 1.77 -11.07 49.71
N GLU A 113 0.51 -11.01 50.13
CA GLU A 113 -0.08 -12.02 51.01
C GLU A 113 -1.52 -12.26 50.59
N LEU A 114 -1.92 -13.53 50.62
CA LEU A 114 -3.31 -13.95 50.43
C LEU A 114 -3.76 -14.60 51.73
N ARG A 115 -4.81 -14.05 52.34
CA ARG A 115 -5.24 -14.49 53.66
C ARG A 115 -6.71 -14.89 53.58
N LEU A 116 -6.98 -16.17 53.75
CA LEU A 116 -8.35 -16.69 53.68
C LEU A 116 -8.97 -16.64 55.07
N ASP A 117 -10.17 -16.10 55.17
CA ASP A 117 -10.86 -16.09 56.45
C ASP A 117 -11.15 -17.53 56.88
N PRO A 118 -10.96 -17.85 58.17
CA PRO A 118 -11.16 -19.25 58.60
C PRO A 118 -12.57 -19.77 58.34
N ASN A 119 -13.59 -18.93 58.47
CA ASN A 119 -14.98 -19.36 58.39
C ASN A 119 -15.72 -18.80 57.17
N ASN A 120 -15.59 -17.51 56.90
CA ASN A 120 -16.41 -16.87 55.90
C ASN A 120 -15.76 -16.92 54.50
N ALA A 121 -16.56 -16.63 53.49
CA ALA A 121 -16.10 -16.57 52.10
C ALA A 121 -15.46 -15.21 51.83
N GLN A 122 -14.29 -15.01 52.44
CA GLN A 122 -13.59 -13.74 52.32
C GLN A 122 -12.10 -13.98 52.17
N LEU A 123 -11.49 -13.24 51.25
CA LEU A 123 -10.06 -13.36 50.95
C LEU A 123 -9.45 -11.97 50.96
N ASP A 124 -8.59 -11.72 51.94
CA ASP A 124 -7.81 -10.48 51.95
C ASP A 124 -6.59 -10.63 51.07
N VAL A 125 -6.32 -9.61 50.26
CA VAL A 125 -5.17 -9.56 49.38
C VAL A 125 -4.41 -8.27 49.69
N GLU A 126 -3.11 -8.39 49.92
CA GLU A 126 -2.36 -7.23 50.39
C GLU A 126 -0.96 -7.23 49.79
N VAL A 127 -0.53 -6.05 49.35
CA VAL A 127 0.86 -5.82 48.97
C VAL A 127 1.58 -5.32 50.22
N THR A 128 2.41 -6.18 50.82
CA THR A 128 3.01 -5.90 52.11
C THR A 128 4.34 -5.18 52.03
N GLU A 129 5.09 -5.36 50.94
CA GLU A 129 6.42 -4.79 50.83
C GLU A 129 6.75 -4.57 49.36
N HIS A 130 7.48 -3.50 49.08
CA HIS A 130 8.08 -3.33 47.77
C HIS A 130 9.43 -2.64 47.93
N ARG A 131 10.41 -3.14 47.18
CA ARG A 131 11.76 -2.58 47.18
C ARG A 131 12.09 -2.08 45.78
N SER A 132 12.68 -0.88 45.71
CA SER A 132 12.94 -0.22 44.43
C SER A 132 14.36 -0.43 43.92
N GLY A 133 15.33 -0.70 44.80
CA GLY A 133 16.71 -0.73 44.36
C GLY A 133 17.09 0.63 43.81
N ASN A 134 17.71 0.65 42.63
CA ASN A 134 18.08 1.88 41.95
C ASN A 134 17.06 2.30 40.90
N PHE A 135 15.85 1.76 40.96
CA PHE A 135 14.79 2.12 40.04
C PHE A 135 13.70 2.89 40.78
N THR A 136 12.73 3.38 40.01
CA THR A 136 11.55 4.04 40.56
C THR A 136 10.33 3.23 40.20
N LEU A 137 9.53 2.87 41.20
CA LEU A 137 8.33 2.09 41.01
C LEU A 137 7.12 3.02 40.98
N TYR A 138 6.18 2.73 40.07
CA TYR A 138 4.93 3.51 40.00
C TYR A 138 3.73 2.61 40.22
N ASP A 139 2.96 2.34 39.16
CA ASP A 139 1.72 1.59 39.30
C ASP A 139 1.96 0.10 39.45
N LEU A 140 1.19 -0.54 40.33
CA LEU A 140 1.11 -2.00 40.41
C LEU A 140 -0.35 -2.40 40.34
N ARG A 141 -0.73 -3.12 39.28
CA ARG A 141 -2.03 -3.78 39.24
C ARG A 141 -1.88 -5.11 39.96
N TYR A 142 -2.56 -5.27 41.08
CA TYR A 142 -2.46 -6.52 41.82
C TYR A 142 -3.74 -6.74 42.62
N PRO A 143 -4.43 -7.88 42.42
CA PRO A 143 -4.10 -8.88 41.40
C PRO A 143 -4.48 -8.40 40.00
N ALA A 144 -3.77 -8.86 38.98
CA ALA A 144 -4.00 -8.37 37.62
C ALA A 144 -5.07 -9.18 36.91
N ARG A 145 -5.98 -8.46 36.26
CA ARG A 145 -7.05 -9.06 35.43
C ARG A 145 -7.69 -10.27 36.10
N ALA A 146 -7.97 -10.12 37.39
CA ALA A 146 -8.60 -11.17 38.19
C ALA A 146 -10.11 -11.03 38.18
N PHE A 147 -10.79 -12.09 38.61
CA PHE A 147 -12.26 -12.12 38.75
C PHE A 147 -12.97 -11.64 37.48
N SER A 148 -12.46 -12.09 36.34
CA SER A 148 -12.99 -11.60 35.07
C SER A 148 -14.21 -12.37 34.63
N LEU A 149 -15.02 -11.71 33.81
CA LEU A 149 -16.15 -12.32 33.13
C LEU A 149 -15.80 -12.47 31.66
N LYS A 150 -16.19 -13.61 31.09
CA LYS A 150 -15.95 -13.91 29.68
C LYS A 150 -17.10 -13.33 28.86
N THR A 151 -16.80 -12.33 28.03
CA THR A 151 -17.84 -11.64 27.27
C THR A 151 -18.65 -12.62 26.42
N ASP A 152 -19.98 -12.48 26.50
CA ASP A 152 -20.99 -13.25 25.78
C ASP A 152 -21.05 -14.71 26.22
N GLU A 153 -20.27 -15.12 27.22
CA GLU A 153 -20.44 -16.42 27.85
C GLU A 153 -21.00 -16.27 29.26
N ASP A 154 -20.31 -15.52 30.13
CA ASP A 154 -20.93 -15.07 31.37
C ASP A 154 -21.98 -14.01 31.08
N LYS A 155 -23.17 -14.16 31.65
CA LYS A 155 -24.24 -13.18 31.48
C LYS A 155 -24.39 -12.47 32.83
N GLY A 156 -23.60 -11.42 33.00
CA GLY A 156 -23.57 -10.67 34.26
C GLY A 156 -23.10 -9.29 33.99
N ALA A 157 -22.32 -8.73 34.92
CA ALA A 157 -21.90 -7.33 34.80
C ALA A 157 -20.74 -7.03 35.73
N ALA A 158 -19.95 -6.03 35.37
CA ALA A 158 -19.11 -5.33 36.31
C ALA A 158 -19.95 -4.31 37.07
N VAL A 159 -19.57 -4.05 38.31
CA VAL A 159 -20.32 -3.22 39.23
C VAL A 159 -19.38 -2.14 39.71
N ILE A 160 -19.67 -0.88 39.38
CA ILE A 160 -18.76 0.23 39.58
C ILE A 160 -19.50 1.39 40.22
N PRO A 161 -19.17 1.79 41.47
CA PRO A 161 -19.88 2.91 42.11
C PRO A 161 -19.35 4.27 41.65
N GLN A 162 -19.44 4.51 40.34
CA GLN A 162 -19.11 5.78 39.72
C GLN A 162 -20.24 6.76 40.01
N LYS A 163 -19.99 7.71 40.92
CA LYS A 163 -21.00 8.60 41.48
C LYS A 163 -22.17 7.78 42.03
N GLN A 164 -23.41 7.97 41.56
CA GLN A 164 -24.51 7.15 42.10
C GLN A 164 -24.31 5.66 41.79
N GLY A 165 -23.62 5.32 40.69
CA GLY A 165 -23.28 3.94 40.39
C GLY A 165 -23.75 3.44 39.03
N VAL A 166 -23.02 2.49 38.43
CA VAL A 166 -23.40 1.90 37.15
C VAL A 166 -23.11 0.41 37.19
N ILE A 167 -23.78 -0.35 36.31
CA ILE A 167 -23.32 -1.69 35.99
C ILE A 167 -22.95 -1.73 34.50
N CYS A 168 -22.02 -2.62 34.16
CA CYS A 168 -21.51 -2.80 32.81
C CYS A 168 -21.72 -4.24 32.38
N PRO A 169 -22.78 -4.55 31.66
CA PRO A 169 -23.04 -5.96 31.29
C PRO A 169 -21.89 -6.57 30.50
N SER A 170 -21.67 -7.87 30.73
CA SER A 170 -20.61 -8.65 30.13
C SER A 170 -21.05 -9.39 28.86
N TYR A 171 -22.06 -8.88 28.15
CA TYR A 171 -22.60 -9.56 26.98
C TYR A 171 -23.40 -8.53 26.20
N ILE A 172 -23.58 -8.78 24.89
CA ILE A 172 -24.36 -7.87 24.05
C ILE A 172 -25.83 -8.26 24.14
N PHE A 173 -26.71 -7.25 24.11
CA PHE A 173 -28.13 -7.41 24.39
C PHE A 173 -28.92 -6.41 23.55
N PRO A 174 -30.21 -6.65 23.32
CA PRO A 174 -30.97 -5.73 22.47
C PRO A 174 -31.16 -4.37 23.13
N MET A 175 -31.11 -3.33 22.31
CA MET A 175 -31.31 -1.96 22.77
C MET A 175 -31.56 -1.12 21.52
N ASN A 176 -31.93 0.14 21.71
CA ASN A 176 -32.09 1.06 20.59
C ASN A 176 -30.89 0.98 19.65
N GLY A 177 -31.18 1.04 18.35
CA GLY A 177 -30.13 0.84 17.36
C GLY A 177 -28.99 1.85 17.49
N GLY A 178 -29.31 3.11 17.75
CA GLY A 178 -28.25 4.10 17.93
C GLY A 178 -27.38 3.83 19.14
N ARG A 179 -28.02 3.55 20.28
CA ARG A 179 -27.30 3.14 21.48
C ARG A 179 -26.47 1.88 21.23
N PHE A 180 -27.03 0.93 20.50
CA PHE A 180 -26.36 -0.35 20.24
C PHE A 180 -25.06 -0.14 19.50
N CYS A 181 -25.08 0.69 18.45
CA CYS A 181 -23.86 0.96 17.69
C CYS A 181 -22.78 1.57 18.57
N LYS A 182 -23.15 2.54 19.41
CA LYS A 182 -22.18 3.16 20.31
C LYS A 182 -21.71 2.19 21.39
N TRP A 183 -22.63 1.37 21.92
CA TRP A 183 -22.26 0.38 22.93
C TRP A 183 -21.22 -0.58 22.38
N ASP A 184 -21.57 -1.28 21.29
CA ASP A 184 -20.68 -2.32 20.75
C ASP A 184 -19.35 -1.73 20.32
N ASP A 185 -19.37 -0.55 19.68
CA ASP A 185 -18.13 0.04 19.21
C ASP A 185 -17.19 0.36 20.36
N ALA A 186 -17.74 0.83 21.49
CA ALA A 186 -16.89 1.20 22.61
C ALA A 186 -16.14 0.00 23.19
N THR A 187 -16.73 -1.20 23.14
CA THR A 187 -16.03 -2.38 23.63
C THR A 187 -14.86 -2.79 22.73
N TYR A 188 -14.70 -2.16 21.57
CA TYR A 188 -13.59 -2.45 20.67
C TYR A 188 -12.59 -1.31 20.57
N ASN A 189 -12.84 -0.19 21.25
CA ASN A 189 -11.84 0.87 21.24
C ASN A 189 -11.53 1.33 22.65
N ASN A 190 -10.83 2.45 22.79
CA ASN A 190 -10.32 2.86 24.09
C ASN A 190 -11.40 3.38 25.03
N LYS A 191 -12.66 3.48 24.60
CA LYS A 191 -13.70 3.92 25.54
C LYS A 191 -13.95 2.90 26.63
N SER A 192 -13.56 1.64 26.43
CA SER A 192 -13.83 0.58 27.38
C SER A 192 -12.63 0.22 28.24
N GLN A 193 -11.59 1.06 28.28
CA GLN A 193 -10.46 0.80 29.16
C GLN A 193 -9.92 2.10 29.71
N GLY A 194 -9.47 2.07 30.95
CA GLY A 194 -8.96 3.25 31.63
C GLY A 194 -8.98 3.03 33.12
N SER A 195 -8.91 4.13 33.87
CA SER A 195 -8.92 4.06 35.32
C SER A 195 -9.74 5.21 35.89
N LEU A 196 -10.26 5.00 37.09
CA LEU A 196 -10.99 6.00 37.85
C LEU A 196 -10.37 6.11 39.24
N GLU A 197 -10.61 7.24 39.90
CA GLU A 197 -10.10 7.48 41.25
C GLU A 197 -11.23 7.49 42.27
N LEU A 198 -10.84 7.40 43.54
CA LEU A 198 -11.79 7.33 44.64
C LEU A 198 -12.10 8.71 45.20
N PHE A 199 -13.40 8.97 45.43
CA PHE A 199 -13.87 10.07 46.29
C PHE A 199 -13.64 11.44 45.64
N ASN A 200 -13.95 11.55 44.36
CA ASN A 200 -14.02 12.88 43.75
C ASN A 200 -15.43 13.10 43.22
N ASN A 201 -15.70 14.36 42.87
CA ASN A 201 -16.99 14.75 42.33
C ASN A 201 -16.99 14.82 40.81
N GLY A 202 -15.96 14.29 40.16
CA GLY A 202 -15.91 14.19 38.71
C GLY A 202 -16.29 12.82 38.19
N THR A 203 -15.35 12.15 37.52
CA THR A 203 -15.62 10.86 36.88
C THR A 203 -15.50 9.67 37.82
N GLY A 204 -15.19 9.88 39.11
CA GLY A 204 -14.67 8.83 39.96
C GLY A 204 -15.71 8.13 40.81
N LEU A 205 -15.21 7.27 41.70
CA LEU A 205 -16.00 6.42 42.58
C LEU A 205 -16.34 7.13 43.88
N THR A 206 -17.52 6.80 44.43
CA THR A 206 -17.98 7.32 45.70
C THR A 206 -17.98 6.29 46.82
N MET A 207 -17.59 5.06 46.55
CA MET A 207 -17.48 4.04 47.57
C MET A 207 -16.25 3.22 47.22
N PRO A 208 -15.51 2.76 48.20
CA PRO A 208 -14.24 2.07 47.95
C PRO A 208 -14.41 0.57 47.67
N TRP A 209 -15.27 0.24 46.72
CA TRP A 209 -15.44 -1.15 46.34
C TRP A 209 -15.86 -1.25 44.87
N TRP A 210 -15.74 -2.44 44.31
CA TRP A 210 -16.21 -2.74 42.96
C TRP A 210 -16.29 -4.25 42.84
N GLY A 211 -16.94 -4.71 41.78
CA GLY A 211 -17.12 -6.16 41.69
C GLY A 211 -17.58 -6.63 40.33
N THR A 212 -17.73 -7.95 40.22
CA THR A 212 -18.22 -8.61 39.03
C THR A 212 -19.13 -9.75 39.46
N TYR A 213 -20.09 -10.08 38.61
CA TYR A 213 -20.98 -11.20 38.89
C TYR A 213 -21.47 -11.79 37.58
N ASN A 214 -21.73 -13.10 37.60
CA ASN A 214 -22.46 -13.75 36.51
C ASN A 214 -23.72 -14.37 37.08
N GLU A 215 -24.35 -15.27 36.32
CA GLU A 215 -25.61 -15.86 36.78
C GLU A 215 -25.44 -16.76 38.00
N LYS A 216 -24.22 -17.21 38.31
CA LYS A 216 -23.99 -18.14 39.43
C LYS A 216 -23.48 -17.46 40.69
N SER A 217 -22.58 -16.48 40.58
CA SER A 217 -21.82 -16.03 41.73
C SER A 217 -21.37 -14.59 41.53
N ALA A 218 -21.05 -13.93 42.64
CA ALA A 218 -20.59 -12.55 42.66
C ALA A 218 -19.34 -12.43 43.52
N VAL A 219 -18.49 -11.48 43.19
CA VAL A 219 -17.34 -11.12 44.02
C VAL A 219 -17.21 -9.62 44.03
N MET A 220 -16.88 -9.05 45.19
N MET A 220 -16.92 -9.05 45.19
CA MET A 220 -16.61 -7.63 45.29
CA MET A 220 -16.61 -7.64 45.33
C MET A 220 -15.44 -7.42 46.24
C MET A 220 -15.32 -7.51 46.14
N GLY A 221 -14.64 -6.40 45.95
CA GLY A 221 -13.48 -6.10 46.76
C GLY A 221 -13.63 -4.77 47.45
N ILE A 222 -13.34 -4.71 48.75
CA ILE A 222 -13.44 -3.48 49.53
C ILE A 222 -12.01 -3.02 49.83
N VAL A 223 -11.70 -1.79 49.45
CA VAL A 223 -10.37 -1.22 49.64
C VAL A 223 -10.20 -0.79 51.08
N ASP A 224 -9.04 -1.13 51.67
CA ASP A 224 -8.70 -0.70 53.02
C ASP A 224 -8.90 0.80 53.18
N VAL A 225 -9.44 1.20 54.34
CA VAL A 225 -9.77 2.61 54.58
C VAL A 225 -8.55 3.52 54.50
N SER A 226 -7.35 2.98 54.73
CA SER A 226 -6.15 3.81 54.71
C SER A 226 -5.57 4.02 53.32
N ALA A 227 -6.13 3.38 52.28
CA ALA A 227 -5.48 3.34 50.97
C ALA A 227 -6.29 4.07 49.92
N ARG A 228 -5.59 4.57 48.90
CA ARG A 228 -6.21 5.23 47.75
C ARG A 228 -5.66 4.65 46.45
N PRO A 229 -5.93 3.37 46.17
CA PRO A 229 -5.68 2.87 44.82
C PRO A 229 -6.61 3.56 43.84
N HIS A 230 -6.22 3.51 42.57
CA HIS A 230 -7.16 3.75 41.47
C HIS A 230 -7.78 2.43 41.06
N MET A 231 -8.79 2.49 40.18
CA MET A 231 -9.48 1.31 39.68
C MET A 231 -9.36 1.27 38.17
N GLN A 232 -8.65 0.26 37.65
CA GLN A 232 -8.60 0.03 36.22
C GLN A 232 -9.84 -0.73 35.78
N TYR A 233 -10.45 -0.30 34.67
CA TYR A 233 -11.56 -1.04 34.09
C TYR A 233 -11.25 -1.51 32.68
N ASN A 234 -11.91 -2.60 32.29
CA ASN A 234 -11.80 -3.17 30.94
C ASN A 234 -13.16 -3.80 30.67
N ILE A 235 -13.98 -3.14 29.85
CA ILE A 235 -15.38 -3.55 29.68
C ILE A 235 -15.56 -4.24 28.33
N ASN A 236 -15.39 -5.57 28.30
CA ASN A 236 -15.55 -6.42 27.12
C ASN A 236 -14.49 -6.17 26.05
N ASN A 237 -13.39 -5.49 26.40
CA ASN A 237 -12.31 -5.21 25.47
C ASN A 237 -11.36 -6.40 25.43
N ASN A 238 -10.85 -6.72 24.23
CA ASN A 238 -9.94 -7.84 24.06
C ASN A 238 -8.47 -7.45 24.27
N GLY A 239 -8.21 -6.24 24.73
CA GLY A 239 -6.83 -5.80 24.92
C GLY A 239 -6.15 -5.24 23.70
N GLN A 240 -6.92 -4.86 22.66
CA GLN A 240 -6.32 -4.30 21.45
C GLN A 240 -5.50 -3.05 21.77
N TYR A 241 -5.86 -2.33 22.84
CA TYR A 241 -5.11 -1.15 23.23
C TYR A 241 -3.67 -1.47 23.61
N LEU A 242 -3.36 -2.73 23.95
CA LEU A 242 -1.98 -3.10 24.24
C LEU A 242 -1.13 -3.30 23.00
N PHE A 243 -1.75 -3.41 21.83
CA PHE A 243 -1.06 -3.78 20.60
C PHE A 243 -1.14 -2.73 19.50
N ASN A 244 -1.89 -1.65 19.71
CA ASN A 244 -2.04 -0.64 18.66
C ASN A 244 -0.71 -0.02 18.29
N ALA A 245 0.11 0.34 19.28
CA ALA A 245 1.40 0.95 18.99
C ALA A 245 2.31 0.00 18.20
N LYS A 246 2.18 -1.30 18.44
CA LYS A 246 2.93 -2.29 17.67
C LYS A 246 2.31 -2.59 16.32
N GLY A 247 1.06 -2.16 16.08
CA GLY A 247 0.41 -2.41 14.81
C GLY A 247 0.14 -3.88 14.53
N VAL A 248 -0.29 -4.63 15.54
CA VAL A 248 -0.71 -6.02 15.34
C VAL A 248 -2.07 -6.19 15.99
N MET A 249 -2.73 -7.30 15.65
CA MET A 249 -4.05 -7.62 16.18
C MET A 249 -3.91 -8.32 17.52
N SER A 250 -4.79 -7.99 18.46
CA SER A 250 -4.75 -8.63 19.77
C SER A 250 -5.05 -10.12 19.64
N PRO A 251 -4.29 -10.99 20.30
CA PRO A 251 -4.63 -12.42 20.34
C PRO A 251 -5.51 -12.83 21.51
N TYR A 252 -6.00 -11.88 22.30
CA TYR A 252 -6.70 -12.17 23.54
C TYR A 252 -8.21 -12.21 23.35
N GLN A 253 -8.90 -12.75 24.36
CA GLN A 253 -10.35 -12.82 24.34
C GLN A 253 -10.98 -11.62 25.02
N ARG A 254 -12.15 -11.23 24.51
CA ARG A 254 -12.94 -10.17 25.13
C ARG A 254 -13.37 -10.59 26.53
N ILE A 255 -12.99 -9.80 27.53
CA ILE A 255 -13.34 -10.07 28.92
C ILE A 255 -13.70 -8.77 29.62
N VAL A 256 -14.27 -8.90 30.81
CA VAL A 256 -14.56 -7.79 31.72
C VAL A 256 -13.72 -7.98 32.97
N PHE A 257 -13.00 -6.94 33.39
CA PHE A 257 -12.33 -7.01 34.68
C PHE A 257 -12.18 -5.60 35.26
N LEU A 258 -12.02 -5.56 36.58
CA LEU A 258 -11.73 -4.36 37.34
C LEU A 258 -10.55 -4.67 38.25
N ASP A 259 -9.49 -3.86 38.17
CA ASP A 259 -8.27 -4.11 38.93
C ASP A 259 -7.95 -2.94 39.85
N PRO A 260 -7.41 -3.20 41.04
CA PRO A 260 -6.83 -2.11 41.83
C PRO A 260 -5.49 -1.68 41.25
N ILE A 261 -5.24 -0.37 41.27
CA ILE A 261 -3.95 0.18 40.88
C ILE A 261 -3.34 0.81 42.13
N TRP A 262 -2.36 0.14 42.71
CA TRP A 262 -1.63 0.66 43.86
C TRP A 262 -0.56 1.64 43.35
N LYS A 263 -0.63 2.88 43.81
CA LYS A 263 0.31 3.92 43.39
C LYS A 263 1.53 3.84 44.30
N LEU A 264 2.50 3.00 43.92
CA LEU A 264 3.64 2.71 44.78
C LEU A 264 4.50 3.94 45.05
N ASP A 265 4.48 4.94 44.16
CA ASP A 265 5.29 6.12 44.36
C ASP A 265 4.65 7.13 45.32
N GLN A 266 3.41 6.89 45.77
CA GLN A 266 2.78 7.83 46.69
C GLN A 266 1.97 7.18 47.80
N GLU A 267 1.67 5.89 47.75
CA GLU A 267 0.75 5.28 48.70
C GLU A 267 1.45 5.06 50.03
N LYS A 268 0.88 5.65 51.09
CA LYS A 268 1.39 5.49 52.44
C LYS A 268 0.55 4.57 53.31
N GLY A 269 -0.64 4.17 52.85
CA GLY A 269 -1.51 3.33 53.65
C GLY A 269 -1.29 1.84 53.38
N LYS A 270 -2.12 1.04 54.03
CA LYS A 270 -2.07 -0.42 53.88
C LYS A 270 -2.69 -0.81 52.54
N MET A 271 -1.90 -1.47 51.70
CA MET A 271 -2.33 -1.79 50.34
C MET A 271 -3.06 -3.13 50.31
N ARG A 272 -4.26 -3.09 50.88
CA ARG A 272 -5.07 -4.26 51.16
C ARG A 272 -6.45 -4.09 50.53
N ILE A 273 -6.95 -5.15 49.92
CA ILE A 273 -8.32 -5.20 49.42
C ILE A 273 -8.95 -6.49 49.95
N SER A 274 -10.18 -6.39 50.42
CA SER A 274 -10.90 -7.50 51.05
C SER A 274 -11.96 -7.99 50.08
N TYR A 275 -11.79 -9.21 49.57
CA TYR A 275 -12.74 -9.76 48.61
C TYR A 275 -13.80 -10.59 49.32
N HIS A 276 -15.05 -10.33 48.99
CA HIS A 276 -16.22 -11.05 49.51
C HIS A 276 -16.90 -11.78 48.36
N PHE A 277 -17.24 -13.06 48.58
CA PHE A 277 -17.75 -13.93 47.53
C PHE A 277 -19.17 -14.33 47.89
N ILE A 278 -20.11 -14.09 46.98
CA ILE A 278 -21.53 -14.20 47.31
C ILE A 278 -22.20 -15.16 46.32
N PRO A 279 -22.52 -16.38 46.73
CA PRO A 279 -23.28 -17.28 45.86
C PRO A 279 -24.59 -16.64 45.43
N GLY A 280 -24.85 -16.66 44.12
CA GLY A 280 -26.09 -16.12 43.59
C GLY A 280 -26.25 -14.61 43.70
N GLY A 281 -25.21 -13.88 44.11
CA GLY A 281 -25.38 -12.45 44.36
C GLY A 281 -25.26 -11.58 43.11
N ASP A 282 -25.71 -10.35 43.23
CA ASP A 282 -25.50 -9.35 42.18
C ASP A 282 -25.13 -8.03 42.86
N TYR A 283 -25.31 -6.92 42.13
CA TYR A 283 -24.89 -5.61 42.65
C TYR A 283 -25.64 -5.23 43.93
N VAL A 284 -26.87 -5.70 44.09
CA VAL A 284 -27.61 -5.43 45.33
C VAL A 284 -26.89 -6.08 46.51
N ASP A 285 -26.57 -7.36 46.38
CA ASP A 285 -25.92 -8.07 47.48
C ASP A 285 -24.57 -7.45 47.79
N MET A 286 -23.83 -7.00 46.77
CA MET A 286 -22.57 -6.31 47.01
C MET A 286 -22.80 -5.06 47.84
N ALA A 287 -23.80 -4.25 47.45
CA ALA A 287 -24.06 -3.01 48.17
C ALA A 287 -24.39 -3.28 49.63
N LYS A 288 -25.15 -4.36 49.90
CA LYS A 288 -25.52 -4.66 51.28
C LYS A 288 -24.32 -5.13 52.09
N VAL A 289 -23.36 -5.81 51.46
CA VAL A 289 -22.12 -6.16 52.15
C VAL A 289 -21.37 -4.90 52.54
N TYR A 290 -21.26 -3.94 51.62
CA TYR A 290 -20.51 -2.74 51.94
C TYR A 290 -21.24 -1.88 52.97
N GLN A 291 -22.58 -1.96 52.98
CA GLN A 291 -23.35 -1.21 53.96
C GLN A 291 -22.95 -1.58 55.39
N LYS A 292 -22.63 -2.85 55.62
CA LYS A 292 -22.12 -3.26 56.93
C LYS A 292 -20.80 -2.56 57.22
N GLU A 293 -19.91 -2.49 56.23
CA GLU A 293 -18.61 -1.84 56.42
C GLU A 293 -18.77 -0.32 56.55
N ALA A 294 -19.76 0.25 55.86
CA ALA A 294 -20.01 1.68 56.01
C ALA A 294 -20.43 2.04 57.43
N LYS A 295 -21.22 1.17 58.06
CA LYS A 295 -21.61 1.41 59.46
C LYS A 295 -20.41 1.24 60.40
N ALA A 296 -19.53 0.28 60.10
CA ALA A 296 -18.36 0.10 60.94
C ALA A 296 -17.37 1.26 60.80
N ARG A 297 -17.35 1.91 59.63
CA ARG A 297 -16.46 3.04 59.39
C ARG A 297 -16.98 4.35 59.97
N GLY A 298 -18.20 4.37 60.51
CA GLY A 298 -18.76 5.56 61.11
C GLY A 298 -19.45 6.51 60.15
N HIS A 299 -19.59 6.15 58.87
CA HIS A 299 -20.23 7.05 57.91
C HIS A 299 -21.74 7.07 58.08
N PHE A 300 -22.32 6.00 58.59
CA PHE A 300 -23.77 5.76 58.52
C PHE A 300 -24.45 6.38 59.73
N VAL A 301 -25.05 7.54 59.55
CA VAL A 301 -25.89 8.19 60.57
C VAL A 301 -27.26 8.36 59.93
N SER A 302 -28.25 7.60 60.41
CA SER A 302 -29.52 7.50 59.70
C SER A 302 -30.31 8.81 59.77
N LEU A 303 -31.17 9.01 58.77
CA LEU A 303 -32.06 10.17 58.77
C LEU A 303 -33.03 10.13 59.95
N GLN A 304 -33.35 8.95 60.48
CA GLN A 304 -34.19 8.86 61.67
C GLN A 304 -33.51 9.51 62.87
N GLU A 305 -32.23 9.22 63.07
CA GLU A 305 -31.52 9.88 64.16
C GLU A 305 -31.40 11.38 63.90
N LYS A 306 -31.17 11.76 62.64
CA LYS A 306 -31.10 13.18 62.32
C LYS A 306 -32.43 13.87 62.59
N LEU A 307 -33.55 13.17 62.34
CA LEU A 307 -34.86 13.73 62.63
C LEU A 307 -35.12 13.83 64.13
N LYS A 308 -34.64 12.85 64.91
CA LYS A 308 -34.76 12.95 66.37
C LYS A 308 -34.02 14.18 66.88
N ARG A 309 -32.86 14.49 66.30
CA ARG A 309 -32.12 15.67 66.73
C ARG A 309 -32.78 16.96 66.25
N ASN A 310 -33.41 16.94 65.07
CA ASN A 310 -33.96 18.14 64.46
C ASN A 310 -35.29 17.80 63.79
N PRO A 311 -36.42 18.13 64.42
CA PRO A 311 -37.73 17.79 63.83
C PRO A 311 -37.98 18.41 62.47
N ASN A 312 -37.31 19.52 62.14
CA ASN A 312 -37.52 20.16 60.85
C ASN A 312 -37.02 19.32 59.68
N VAL A 313 -36.24 18.27 59.93
CA VAL A 313 -35.87 17.33 58.89
C VAL A 313 -37.12 16.84 58.16
N ASN A 314 -38.25 16.74 58.86
CA ASN A 314 -39.48 16.27 58.23
C ASN A 314 -40.09 17.29 57.28
N LYS A 315 -39.45 18.44 57.07
CA LYS A 315 -39.85 19.32 55.98
C LYS A 315 -39.29 18.87 54.63
N LEU A 316 -38.40 17.88 54.62
CA LEU A 316 -37.76 17.42 53.38
C LEU A 316 -38.58 16.36 52.63
N PRO A 317 -39.22 15.39 53.28
CA PRO A 317 -39.98 14.39 52.51
C PRO A 317 -41.09 15.03 51.69
N GLY A 318 -41.07 14.80 50.38
CA GLY A 318 -42.04 15.39 49.50
C GLY A 318 -41.69 16.80 49.06
N ALA A 319 -40.54 17.31 49.45
CA ALA A 319 -40.13 18.65 49.06
C ALA A 319 -39.46 18.63 47.70
N ILE A 320 -39.85 19.56 46.83
CA ILE A 320 -39.11 19.84 45.61
C ILE A 320 -38.00 20.82 45.93
N TYR A 321 -36.80 20.53 45.45
CA TYR A 321 -35.65 21.42 45.62
C TYR A 321 -35.66 22.44 44.49
N PHE A 322 -35.86 23.72 44.84
CA PHE A 322 -35.88 24.81 43.87
C PHE A 322 -34.60 25.62 44.02
N GLY A 323 -33.81 25.67 42.95
CA GLY A 323 -32.69 26.59 42.88
C GLY A 323 -33.02 27.75 41.96
N ILE A 324 -33.10 28.95 42.54
CA ILE A 324 -33.39 30.16 41.80
C ILE A 324 -32.05 30.82 41.54
N TYR A 325 -31.55 30.72 40.30
CA TYR A 325 -30.16 31.05 39.99
C TYR A 325 -30.07 32.48 39.45
N GLY A 326 -29.55 33.40 40.26
CA GLY A 326 -29.50 34.80 39.89
C GLY A 326 -28.19 35.25 39.26
N GLY A 327 -27.42 34.31 38.70
CA GLY A 327 -26.13 34.65 38.14
C GLY A 327 -25.00 34.72 39.15
N TYR A 328 -25.29 34.43 40.41
CA TYR A 328 -24.42 34.42 41.58
C TYR A 328 -24.16 32.97 41.96
N PRO A 329 -22.94 32.61 42.36
CA PRO A 329 -21.79 33.43 42.77
C PRO A 329 -20.91 33.98 41.64
N HIS A 330 -21.22 33.58 40.39
CA HIS A 330 -20.37 33.94 39.26
C HIS A 330 -20.30 35.44 39.04
N TYR A 331 -21.39 36.16 39.29
CA TYR A 331 -21.45 37.60 39.08
C TYR A 331 -22.33 38.22 40.17
N VAL A 332 -22.01 39.46 40.52
CA VAL A 332 -22.82 40.20 41.49
C VAL A 332 -23.82 41.04 40.71
N ASN A 333 -25.11 40.84 40.99
CA ASN A 333 -26.22 41.60 40.41
C ASN A 333 -26.15 41.68 38.89
N MET A 334 -26.04 40.53 38.24
CA MET A 334 -25.89 40.54 36.79
C MET A 334 -27.20 40.92 36.11
N PRO A 335 -27.19 41.91 35.22
CA PRO A 335 -28.43 42.27 34.51
C PRO A 335 -28.97 41.10 33.72
N GLY A 336 -30.30 40.95 33.75
CA GLY A 336 -30.97 39.85 33.09
C GLY A 336 -30.92 38.53 33.81
N MET A 337 -30.21 38.41 34.94
CA MET A 337 -30.11 37.14 35.63
C MET A 337 -30.52 37.29 37.09
N ALA A 338 -29.97 38.31 37.76
CA ALA A 338 -30.26 38.53 39.16
C ALA A 338 -31.74 38.79 39.38
N PHE A 339 -32.26 38.26 40.50
CA PHE A 339 -33.58 38.57 41.00
C PHE A 339 -33.48 39.58 42.14
N THR A 340 -34.50 40.45 42.24
CA THR A 340 -34.71 41.22 43.44
C THR A 340 -35.36 40.35 44.52
N PHE A 341 -35.33 40.84 45.76
CA PHE A 341 -35.95 40.09 46.85
C PHE A 341 -37.48 40.10 46.73
N ASP A 342 -38.07 41.17 46.19
CA ASP A 342 -39.50 41.15 45.90
C ASP A 342 -39.82 40.11 44.83
N GLU A 343 -38.97 39.99 43.81
CA GLU A 343 -39.17 38.97 42.80
C GLU A 343 -39.04 37.57 43.40
N LEU A 344 -38.06 37.38 44.28
CA LEU A 344 -37.93 36.12 44.98
C LEU A 344 -39.19 35.79 45.79
N LYS A 345 -39.74 36.78 46.49
CA LYS A 345 -40.94 36.55 47.29
C LYS A 345 -42.12 36.11 46.41
N ASN A 346 -42.25 36.72 45.23
CA ASN A 346 -43.36 36.36 44.35
C ASN A 346 -43.18 34.98 43.70
N ILE A 347 -41.93 34.57 43.43
CA ILE A 347 -41.71 33.21 42.97
C ILE A 347 -42.15 32.21 44.04
N ILE A 348 -41.76 32.46 45.29
CA ILE A 348 -42.16 31.61 46.42
C ILE A 348 -43.67 31.55 46.54
N LYS A 349 -44.33 32.72 46.52
CA LYS A 349 -45.78 32.75 46.64
C LYS A 349 -46.45 31.99 45.51
N THR A 350 -45.95 32.14 44.28
CA THR A 350 -46.58 31.45 43.15
C THR A 350 -46.43 29.93 43.28
N ILE A 351 -45.26 29.47 43.70
CA ILE A 351 -45.02 28.04 43.88
C ILE A 351 -46.02 27.45 44.87
N HIS A 352 -46.32 28.18 45.94
CA HIS A 352 -47.25 27.67 46.95
C HIS A 352 -48.71 27.91 46.56
N ASP A 353 -49.06 29.16 46.27
CA ASP A 353 -50.47 29.52 46.08
C ASP A 353 -51.02 29.06 44.74
N ASP A 354 -50.25 29.25 43.65
CA ASP A 354 -50.70 28.85 42.32
C ASP A 354 -50.40 27.39 42.01
N LEU A 355 -49.16 26.96 42.22
CA LEU A 355 -48.75 25.62 41.84
C LEU A 355 -49.04 24.56 42.91
N ARG A 356 -49.56 24.98 44.07
CA ARG A 356 -50.01 24.08 45.13
C ARG A 356 -48.90 23.11 45.57
N VAL A 357 -47.66 23.61 45.63
CA VAL A 357 -46.55 22.80 46.12
C VAL A 357 -46.56 22.85 47.65
N ASP A 358 -46.73 21.67 48.27
CA ASP A 358 -46.96 21.60 49.70
C ASP A 358 -45.66 21.70 50.51
N LYS A 359 -44.55 21.21 49.97
CA LYS A 359 -43.27 21.21 50.66
C LYS A 359 -42.17 21.58 49.67
N ALA A 360 -41.15 22.29 50.14
CA ALA A 360 -40.14 22.78 49.21
C ALA A 360 -38.88 23.19 49.95
N PHE A 361 -37.74 23.06 49.27
CA PHE A 361 -36.48 23.65 49.72
C PHE A 361 -36.14 24.75 48.71
N VAL A 362 -36.28 26.01 49.14
CA VAL A 362 -35.99 27.17 48.30
C VAL A 362 -34.54 27.59 48.52
N HIS A 363 -33.75 27.60 47.45
CA HIS A 363 -32.32 27.89 47.48
C HIS A 363 -32.05 29.08 46.57
N ALA A 364 -31.75 30.24 47.14
CA ALA A 364 -31.69 31.48 46.39
C ALA A 364 -30.23 31.82 46.09
N TRP A 365 -29.84 31.75 44.81
CA TRP A 365 -28.45 32.01 44.43
C TRP A 365 -28.30 33.48 44.07
N GLY A 366 -27.91 34.29 45.05
CA GLY A 366 -27.71 35.71 44.80
C GLY A 366 -28.42 36.61 45.78
N THR A 367 -27.88 36.69 47.00
CA THR A 367 -28.49 37.46 48.05
C THR A 367 -27.51 38.41 48.72
N PHE A 368 -26.23 38.37 48.33
CA PHE A 368 -25.21 39.22 48.93
C PHE A 368 -24.57 40.09 47.85
N SER A 369 -23.99 41.20 48.29
CA SER A 369 -23.41 42.19 47.38
C SER A 369 -21.90 42.10 47.28
N ASN A 370 -21.26 41.21 48.03
CA ASN A 370 -19.87 40.81 47.81
C ASN A 370 -19.83 39.43 47.17
N PHE A 371 -18.72 39.18 46.46
CA PHE A 371 -18.44 37.83 45.97
C PHE A 371 -18.09 36.89 47.11
N VAL A 372 -18.47 35.63 46.97
CA VAL A 372 -17.96 34.59 47.84
C VAL A 372 -16.44 34.61 47.70
N PRO A 373 -15.67 34.35 48.78
CA PRO A 373 -16.10 33.76 50.05
C PRO A 373 -16.51 34.75 51.14
N HIS A 374 -16.85 35.98 50.79
CA HIS A 374 -17.39 36.94 51.74
C HIS A 374 -18.90 36.99 51.51
N ASN A 375 -19.62 36.16 52.25
CA ASN A 375 -21.05 35.89 52.05
C ASN A 375 -21.91 36.91 52.79
N TYR A 376 -21.71 38.19 52.44
CA TYR A 376 -22.30 39.33 53.14
C TYR A 376 -21.94 40.61 52.41
N PRO A 377 -22.66 41.73 52.64
CA PRO A 377 -23.92 41.80 53.38
C PRO A 377 -25.10 41.38 52.52
N ILE A 378 -26.28 41.19 53.12
CA ILE A 378 -27.49 41.09 52.32
C ILE A 378 -27.59 42.33 51.43
N SER A 379 -27.79 42.10 50.13
CA SER A 379 -27.56 43.13 49.12
C SER A 379 -28.57 44.26 49.22
N GLU A 380 -28.08 45.50 49.31
CA GLU A 380 -28.97 46.65 49.24
C GLU A 380 -29.59 46.79 47.85
N ALA A 381 -28.81 46.52 46.80
CA ALA A 381 -29.31 46.73 45.44
C ALA A 381 -30.45 45.79 45.09
N LEU A 382 -30.49 44.61 45.71
CA LEU A 382 -31.60 43.68 45.47
C LEU A 382 -32.80 43.98 46.36
N GLY A 383 -32.72 44.97 47.24
CA GLY A 383 -33.87 45.30 48.08
C GLY A 383 -33.56 45.44 49.56
N GLY A 384 -32.45 44.89 50.02
CA GLY A 384 -32.04 45.07 51.40
C GLY A 384 -32.53 43.97 52.33
N PRO A 385 -32.03 43.99 53.57
CA PRO A 385 -32.33 42.89 54.51
C PRO A 385 -33.81 42.69 54.79
N GLU A 386 -34.57 43.77 54.96
CA GLU A 386 -35.98 43.63 55.32
C GLU A 386 -36.77 42.94 54.22
N LYS A 387 -36.47 43.22 52.95
CA LYS A 387 -37.18 42.55 51.87
C LYS A 387 -36.76 41.09 51.73
N LEU A 388 -35.50 40.77 52.04
CA LEU A 388 -35.11 39.35 52.05
C LEU A 388 -35.83 38.61 53.17
N LYS A 389 -35.85 39.20 54.37
CA LYS A 389 -36.56 38.61 55.50
C LYS A 389 -38.04 38.41 55.17
N ALA A 390 -38.65 39.33 54.43
CA ALA A 390 -40.05 39.16 54.04
C ALA A 390 -40.23 37.95 53.12
N ALA A 391 -39.26 37.69 52.25
CA ALA A 391 -39.32 36.50 51.39
C ALA A 391 -39.13 35.23 52.21
N VAL A 392 -38.13 35.22 53.10
CA VAL A 392 -37.89 34.05 53.94
C VAL A 392 -39.06 33.82 54.89
N ASP A 393 -39.65 34.90 55.42
CA ASP A 393 -40.79 34.75 56.32
C ASP A 393 -41.99 34.13 55.60
N LEU A 394 -42.21 34.51 54.34
CA LEU A 394 -43.29 33.91 53.57
C LEU A 394 -43.05 32.41 53.39
N ALA A 395 -41.82 32.05 52.99
CA ALA A 395 -41.48 30.64 52.85
C ALA A 395 -41.71 29.87 54.14
N LYS A 396 -41.26 30.43 55.27
CA LYS A 396 -41.44 29.78 56.55
C LYS A 396 -42.92 29.64 56.91
N SER A 397 -43.74 30.63 56.55
CA SER A 397 -45.18 30.50 56.80
C SER A 397 -45.79 29.34 56.01
N TYR A 398 -45.16 28.90 54.93
CA TYR A 398 -45.61 27.74 54.17
C TYR A 398 -45.04 26.43 54.69
N GLY A 399 -44.14 26.48 55.67
CA GLY A 399 -43.37 25.30 56.03
C GLY A 399 -42.24 24.96 55.09
N TYR A 400 -41.88 25.88 54.18
CA TYR A 400 -40.75 25.66 53.28
C TYR A 400 -39.42 25.82 54.01
N LEU A 401 -38.42 25.06 53.57
CA LEU A 401 -37.05 25.33 53.97
C LEU A 401 -36.44 26.40 53.04
N TYR A 402 -35.56 27.22 53.60
CA TYR A 402 -34.87 28.26 52.83
C TYR A 402 -33.39 28.26 53.14
N SER A 403 -32.56 28.50 52.11
CA SER A 403 -31.17 28.89 52.31
C SER A 403 -30.73 29.84 51.19
N SER A 404 -29.86 30.79 51.54
CA SER A 404 -29.08 31.50 50.54
C SER A 404 -28.02 30.56 49.96
N TYR A 405 -27.42 30.99 48.84
CA TYR A 405 -26.21 30.33 48.37
C TYR A 405 -25.03 30.77 49.22
N HIS A 406 -24.22 29.80 49.68
CA HIS A 406 -23.00 30.11 50.43
C HIS A 406 -21.83 29.27 49.91
N ALA A 407 -20.64 29.87 49.88
CA ALA A 407 -19.42 29.10 49.66
C ALA A 407 -18.26 29.82 50.34
N TYR A 408 -17.37 29.05 50.95
CA TYR A 408 -16.21 29.62 51.63
C TYR A 408 -14.88 29.21 50.99
N SER A 409 -14.91 28.46 49.90
CA SER A 409 -13.75 27.97 49.17
C SER A 409 -13.28 28.81 47.97
N PRO A 410 -14.13 29.59 47.29
CA PRO A 410 -13.67 30.24 46.06
C PRO A 410 -12.76 31.42 46.32
N MET A 411 -11.99 31.76 45.29
CA MET A 411 -11.26 33.02 45.25
C MET A 411 -11.25 33.44 43.78
N LEU A 412 -12.09 34.40 43.43
CA LEU A 412 -12.48 34.62 42.04
C LEU A 412 -11.73 35.79 41.41
N GLU A 413 -11.28 35.59 40.17
CA GLU A 413 -10.54 36.63 39.43
C GLU A 413 -11.30 37.95 39.35
N ASN A 414 -12.62 37.89 39.17
CA ASN A 414 -13.41 39.10 38.96
C ASN A 414 -13.92 39.71 40.26
N ASP A 415 -13.55 39.15 41.40
CA ASP A 415 -13.82 39.77 42.70
C ASP A 415 -12.85 40.93 42.93
N PRO A 416 -13.34 42.16 43.14
CA PRO A 416 -12.42 43.26 43.48
C PRO A 416 -11.61 42.99 44.73
N ASN A 417 -12.08 42.13 45.63
CA ASN A 417 -11.34 41.74 46.82
C ASN A 417 -10.38 40.58 46.58
N PHE A 418 -10.18 40.17 45.33
CA PHE A 418 -9.32 39.01 45.07
C PHE A 418 -7.93 39.22 45.68
N THR A 419 -7.41 38.16 46.28
CA THR A 419 -6.03 38.15 46.73
C THR A 419 -5.58 36.70 46.82
N THR A 420 -4.27 36.48 46.69
CA THR A 420 -3.72 35.15 46.87
C THR A 420 -3.41 34.82 48.32
N ASP A 421 -3.77 35.71 49.26
CA ASP A 421 -3.41 35.56 50.67
C ASP A 421 -3.95 34.26 51.26
N LEU A 422 -5.18 33.89 50.94
CA LEU A 422 -5.81 32.72 51.52
C LEU A 422 -5.64 31.46 50.67
N MET A 423 -4.88 31.56 49.58
CA MET A 423 -4.62 30.38 48.75
C MET A 423 -3.46 29.59 49.34
N GLN A 424 -3.44 28.30 49.05
CA GLN A 424 -2.39 27.41 49.52
C GLN A 424 -1.22 27.40 48.53
N ARG A 425 -0.01 27.30 49.07
CA ARG A 425 1.19 27.14 48.26
C ARG A 425 1.86 25.81 48.59
N ASP A 426 2.48 25.22 47.57
CA ASP A 426 3.16 23.93 47.72
C ASP A 426 4.58 24.15 48.22
N ALA A 427 5.37 23.06 48.26
CA ALA A 427 6.69 23.12 48.88
C ALA A 427 7.65 24.06 48.16
N GLU A 428 7.45 24.25 46.85
CA GLU A 428 8.27 25.18 46.08
C GLU A 428 7.74 26.61 46.14
N GLY A 429 6.71 26.87 46.95
CA GLY A 429 6.14 28.19 47.12
C GLY A 429 5.21 28.65 46.02
N LYS A 430 4.72 27.73 45.20
CA LYS A 430 3.85 28.08 44.09
C LYS A 430 2.40 27.86 44.47
N LEU A 431 1.53 28.69 43.90
CA LEU A 431 0.12 28.62 44.22
C LEU A 431 -0.48 27.29 43.75
N MET A 432 -1.33 26.73 44.59
CA MET A 432 -2.09 25.55 44.25
C MET A 432 -3.49 25.97 43.79
N ASN A 433 -4.09 25.15 42.94
CA ASN A 433 -5.46 25.37 42.49
C ASN A 433 -5.63 26.64 41.67
N THR A 434 -4.55 27.12 41.03
CA THR A 434 -4.73 28.17 40.03
C THR A 434 -5.71 27.74 38.94
N GLY A 435 -5.87 26.44 38.72
CA GLY A 435 -6.78 25.92 37.73
C GLY A 435 -8.18 25.56 38.20
N SER A 436 -8.54 25.86 39.46
CA SER A 436 -9.87 25.53 39.99
C SER A 436 -10.36 26.70 40.84
N ARG A 437 -10.97 27.69 40.18
CA ARG A 437 -11.28 28.95 40.85
C ARG A 437 -12.28 28.77 41.99
N TRP A 438 -13.10 27.70 41.97
CA TRP A 438 -14.11 27.56 43.02
C TRP A 438 -13.57 26.91 44.28
N ALA A 439 -12.35 26.36 44.25
CA ALA A 439 -11.73 25.69 45.40
C ALA A 439 -10.30 26.20 45.55
N ARG A 440 -10.14 27.48 45.91
CA ARG A 440 -8.82 28.07 46.10
C ARG A 440 -8.51 28.43 47.55
N VAL A 441 -9.51 28.68 48.39
CA VAL A 441 -9.21 29.02 49.79
C VAL A 441 -8.76 27.78 50.53
N ASP A 442 -7.58 27.85 51.15
CA ASP A 442 -7.11 26.76 51.98
C ASP A 442 -8.19 26.40 53.00
N PRO A 443 -8.60 25.13 53.09
CA PRO A 443 -9.65 24.76 54.07
C PRO A 443 -9.35 25.16 55.50
N LYS A 444 -8.09 25.35 55.88
CA LYS A 444 -7.80 25.80 57.24
C LYS A 444 -8.30 27.20 57.52
N PHE A 445 -8.73 27.94 56.50
CA PHE A 445 -9.31 29.28 56.71
C PHE A 445 -10.83 29.27 56.63
N GLN A 446 -11.46 28.18 56.17
CA GLN A 446 -12.85 28.27 55.74
C GLN A 446 -13.82 28.38 56.91
N LYS A 447 -13.55 27.74 58.05
CA LYS A 447 -14.38 27.98 59.23
C LYS A 447 -14.36 29.45 59.63
N GLY A 448 -13.17 30.04 59.69
CA GLY A 448 -13.08 31.46 60.00
C GLY A 448 -13.92 32.32 59.06
N LEU A 449 -13.88 32.02 57.76
CA LEU A 449 -14.67 32.78 56.81
C LEU A 449 -16.16 32.60 57.05
N ALA A 450 -16.60 31.36 57.31
CA ALA A 450 -18.00 31.13 57.63
C ALA A 450 -18.41 31.90 58.89
N GLN A 451 -17.51 31.97 59.88
CA GLN A 451 -17.82 32.64 61.14
C GLN A 451 -18.04 34.14 60.98
N LYS A 452 -17.62 34.74 59.86
CA LYS A 452 -17.73 36.19 59.71
C LYS A 452 -19.18 36.64 59.72
N ASN A 453 -20.09 35.85 59.14
CA ASN A 453 -21.47 36.33 59.02
C ASN A 453 -22.55 35.27 59.14
N ILE A 454 -22.22 33.97 59.14
CA ILE A 454 -23.29 32.98 59.04
C ILE A 454 -24.19 33.04 60.27
N GLU A 455 -23.62 33.30 61.45
CA GLU A 455 -24.45 33.38 62.65
C GLU A 455 -25.33 34.63 62.62
N LYS A 456 -24.84 35.71 62.02
CA LYS A 456 -25.66 36.92 61.88
C LYS A 456 -26.83 36.69 60.93
N GLU A 457 -26.59 35.98 59.83
CA GLU A 457 -27.67 35.69 58.90
C GLU A 457 -28.71 34.76 59.54
N ILE A 458 -28.23 33.75 60.28
CA ILE A 458 -29.14 32.82 60.94
C ILE A 458 -30.06 33.57 61.90
N SER A 459 -29.49 34.43 62.76
CA SER A 459 -30.36 35.07 63.73
C SER A 459 -31.22 36.16 63.11
N TYR A 460 -30.73 36.86 62.08
CA TYR A 460 -31.53 37.94 61.48
C TYR A 460 -32.71 37.37 60.69
N LEU A 461 -32.45 36.35 59.87
CA LEU A 461 -33.51 35.75 59.06
C LEU A 461 -34.26 34.64 59.77
N GLY A 462 -33.87 34.28 60.99
CA GLY A 462 -34.50 33.15 61.68
C GLY A 462 -34.38 31.86 60.89
N LEU A 463 -33.17 31.58 60.39
CA LEU A 463 -33.00 30.49 59.45
C LEU A 463 -33.22 29.14 60.14
N GLU A 464 -33.81 28.21 59.38
CA GLU A 464 -33.99 26.84 59.82
C GLU A 464 -33.15 25.87 59.02
N ALA A 465 -32.46 26.35 57.98
CA ALA A 465 -31.81 25.49 56.99
C ALA A 465 -30.54 26.18 56.49
N ASP A 466 -29.67 25.38 55.87
CA ASP A 466 -28.45 25.91 55.27
C ASP A 466 -27.98 24.94 54.19
N ILE A 467 -27.46 25.51 53.10
CA ILE A 467 -26.72 24.76 52.09
C ILE A 467 -25.38 25.46 51.89
N THR A 468 -24.31 24.68 51.90
CA THR A 468 -22.95 25.18 51.67
C THR A 468 -22.37 24.43 50.48
N ASP A 469 -21.85 25.18 49.49
N ASP A 469 -21.84 25.15 49.51
CA ASP A 469 -21.38 24.69 48.20
CA ASP A 469 -21.45 24.52 48.26
C ASP A 469 -19.91 24.23 48.27
C ASP A 469 -19.93 24.28 48.22
N ILE A 470 -19.55 23.36 47.32
CA ILE A 470 -18.17 23.05 46.92
C ILE A 470 -17.33 22.31 47.94
N THR A 471 -17.25 22.80 49.18
CA THR A 471 -16.20 22.31 50.08
C THR A 471 -16.29 20.80 50.33
N PHE A 472 -17.49 20.24 50.29
CA PHE A 472 -17.65 18.83 50.64
C PHE A 472 -18.02 17.96 49.44
N ALA A 473 -17.66 18.39 48.24
CA ALA A 473 -17.97 17.61 47.05
C ALA A 473 -17.01 16.44 46.83
N ALA A 474 -15.85 16.43 47.49
CA ALA A 474 -14.89 15.33 47.38
C ALA A 474 -14.35 15.01 48.76
N TYR A 475 -13.52 13.96 48.85
CA TYR A 475 -12.83 13.62 50.10
C TYR A 475 -11.36 13.36 49.78
N ARG A 476 -10.61 14.44 49.59
CA ARG A 476 -9.17 14.34 49.38
C ARG A 476 -8.44 14.51 50.70
N GLU A 477 -7.18 14.05 50.73
CA GLU A 477 -6.37 14.15 51.94
C GLU A 477 -5.95 15.58 52.24
N ASN A 478 -5.47 16.30 51.22
CA ASN A 478 -4.97 17.67 51.44
C ASN A 478 -6.11 18.57 51.86
N GLY A 479 -5.97 19.19 53.05
CA GLY A 479 -6.98 20.08 53.58
C GLY A 479 -8.12 19.41 54.29
N LYS A 480 -8.08 18.09 54.44
CA LYS A 480 -9.19 17.37 55.07
C LYS A 480 -9.48 17.89 56.47
N GLU A 481 -8.45 18.24 57.24
CA GLU A 481 -8.69 18.67 58.61
C GLU A 481 -9.47 19.98 58.66
N GLY A 482 -9.15 20.92 57.77
CA GLY A 482 -9.89 22.16 57.74
C GLY A 482 -11.33 21.97 57.34
N ARG A 483 -11.58 21.03 56.41
CA ARG A 483 -12.95 20.75 55.98
C ARG A 483 -13.78 20.12 57.10
N ILE A 484 -13.18 19.19 57.86
CA ILE A 484 -13.88 18.60 59.00
C ILE A 484 -14.24 19.68 60.03
N GLU A 485 -13.32 20.61 60.26
CA GLU A 485 -13.58 21.72 61.17
C GLU A 485 -14.77 22.54 60.71
N LEU A 486 -14.85 22.84 59.40
CA LEU A 486 -16.00 23.57 58.89
C LEU A 486 -17.28 22.75 58.99
N ALA A 487 -17.22 21.47 58.64
CA ALA A 487 -18.41 20.62 58.76
C ALA A 487 -18.91 20.56 60.21
N LYS A 488 -17.99 20.42 61.17
CA LYS A 488 -18.42 20.38 62.58
C LYS A 488 -19.05 21.69 63.00
N TYR A 489 -18.54 22.81 62.48
CA TYR A 489 -19.07 24.12 62.83
C TYR A 489 -20.48 24.30 62.27
N ILE A 490 -20.67 24.01 60.99
CA ILE A 490 -22.00 24.09 60.38
C ILE A 490 -22.96 23.15 61.10
N ASP A 491 -22.49 21.95 61.46
CA ASP A 491 -23.35 20.99 62.14
C ASP A 491 -23.76 21.47 63.54
N SER A 492 -22.92 22.26 64.20
CA SER A 492 -23.24 22.69 65.57
C SER A 492 -24.48 23.59 65.61
N PHE A 493 -24.89 24.15 64.48
CA PHE A 493 -26.09 24.98 64.42
C PHE A 493 -27.37 24.15 64.46
N ASN A 494 -27.30 22.86 64.16
CA ASN A 494 -28.46 21.98 64.11
C ASN A 494 -29.54 22.53 63.19
N LEU A 495 -29.13 22.90 61.98
CA LEU A 495 -30.05 23.30 60.93
C LEU A 495 -30.27 22.14 59.98
N VAL A 496 -31.42 22.13 59.30
CA VAL A 496 -31.61 21.21 58.19
C VAL A 496 -30.62 21.64 57.10
N ASN A 497 -29.62 20.83 56.83
CA ASN A 497 -28.52 21.36 56.03
C ASN A 497 -28.11 20.42 54.91
N GLY A 498 -27.69 21.04 53.81
CA GLY A 498 -27.30 20.32 52.62
C GLY A 498 -25.94 20.80 52.13
N THR A 499 -25.38 20.06 51.20
CA THR A 499 -24.14 20.48 50.58
C THR A 499 -24.07 19.91 49.18
N GLU A 500 -23.25 20.55 48.33
CA GLU A 500 -23.10 20.10 46.95
C GLU A 500 -22.43 18.73 46.89
N HIS A 501 -23.11 17.79 46.22
CA HIS A 501 -22.58 16.48 45.85
C HIS A 501 -22.34 15.56 47.03
N GLY A 502 -21.44 15.94 47.94
CA GLY A 502 -21.15 15.15 49.12
C GLY A 502 -20.27 13.94 48.84
N GLN A 503 -19.87 13.28 49.92
CA GLN A 503 -19.20 11.99 49.90
C GLN A 503 -19.63 11.23 51.15
N GLU A 504 -19.38 9.92 51.17
CA GLU A 504 -19.79 9.12 52.31
C GLU A 504 -19.20 9.64 53.62
N GLN A 505 -17.97 10.19 53.58
CA GLN A 505 -17.32 10.63 54.81
C GLN A 505 -18.01 11.83 55.43
N TRP A 506 -18.79 12.59 54.64
CA TRP A 506 -19.49 13.76 55.12
C TRP A 506 -20.92 13.48 55.60
N ILE A 507 -21.40 12.24 55.43
CA ILE A 507 -22.79 11.93 55.81
C ILE A 507 -23.12 12.30 57.24
N PRO A 508 -22.24 12.11 58.24
CA PRO A 508 -22.64 12.48 59.61
C PRO A 508 -23.03 13.94 59.81
N TYR A 509 -22.63 14.84 58.90
CA TYR A 509 -22.74 16.27 59.15
C TYR A 509 -23.87 16.95 58.39
N PHE A 510 -24.55 16.24 57.49
CA PHE A 510 -25.54 16.86 56.61
C PHE A 510 -26.81 16.01 56.59
N ASP A 511 -27.91 16.66 56.24
CA ASP A 511 -29.16 15.97 55.98
C ASP A 511 -29.37 15.64 54.51
N MET A 512 -28.84 16.43 53.58
CA MET A 512 -29.05 16.16 52.17
C MET A 512 -27.82 16.51 51.34
N PHE A 513 -27.68 15.80 50.23
CA PHE A 513 -26.67 16.05 49.20
C PHE A 513 -27.35 16.52 47.92
N GLU A 514 -26.88 17.65 47.38
CA GLU A 514 -27.33 18.16 46.08
C GLU A 514 -26.45 17.52 45.01
N GLY A 515 -26.97 16.47 44.37
CA GLY A 515 -26.21 15.69 43.40
C GLY A 515 -26.06 14.25 43.85
N MET A 516 -24.86 13.70 43.68
CA MET A 516 -24.64 12.27 43.84
C MET A 516 -25.56 11.51 42.88
N THR A 517 -25.52 11.92 41.61
CA THR A 517 -26.28 11.29 40.54
C THR A 517 -25.31 10.91 39.45
N TYR A 518 -25.25 11.67 38.35
CA TYR A 518 -24.45 11.29 37.18
C TYR A 518 -23.91 12.55 36.52
N LEU A 519 -22.62 12.52 36.15
CA LEU A 519 -22.13 13.47 35.16
C LEU A 519 -22.86 13.27 33.84
N GLU A 520 -22.93 14.32 33.02
CA GLU A 520 -23.49 14.15 31.69
C GLU A 520 -22.50 13.46 30.75
N ASP A 521 -21.28 13.96 30.65
CA ASP A 521 -20.21 13.35 29.85
C ASP A 521 -19.25 12.64 30.80
N ARG A 522 -19.12 11.33 30.64
CA ARG A 522 -18.36 10.55 31.60
C ARG A 522 -17.79 9.31 30.92
N PRO A 523 -16.63 8.83 31.37
CA PRO A 523 -16.18 7.50 30.95
C PRO A 523 -17.24 6.46 31.30
N LEU A 524 -17.45 5.53 30.35
CA LEU A 524 -18.35 4.37 30.42
C LEU A 524 -19.80 4.73 30.12
N SER A 525 -20.10 5.97 29.77
CA SER A 525 -21.50 6.36 29.61
C SER A 525 -22.18 5.56 28.51
N VAL A 526 -21.47 5.20 27.43
CA VAL A 526 -22.14 4.46 26.35
C VAL A 526 -22.13 2.96 26.58
N ILE A 527 -21.48 2.47 27.64
CA ILE A 527 -21.41 1.03 27.88
C ILE A 527 -21.73 0.70 29.34
N SER A 528 -22.67 1.43 29.93
CA SER A 528 -23.08 1.17 31.30
C SER A 528 -24.55 1.56 31.46
N HIS A 529 -25.20 1.00 32.49
CA HIS A 529 -26.53 1.42 32.90
C HIS A 529 -26.46 2.04 34.28
N PRO A 530 -27.12 3.17 34.51
CA PRO A 530 -27.25 3.66 35.89
C PRO A 530 -27.92 2.62 36.79
N ALA A 531 -27.38 2.48 37.99
CA ALA A 531 -27.84 1.59 39.04
C ALA A 531 -27.67 2.35 40.33
N PRO A 532 -28.62 2.25 41.27
CA PRO A 532 -28.59 3.08 42.49
C PRO A 532 -27.69 2.50 43.58
N LEU A 533 -26.41 2.33 43.24
CA LEU A 533 -25.48 1.67 44.17
C LEU A 533 -25.29 2.48 45.43
N PHE A 534 -25.03 3.79 45.29
CA PHE A 534 -24.83 4.61 46.48
C PHE A 534 -26.06 4.59 47.37
N ASN A 535 -27.24 4.71 46.77
CA ASN A 535 -28.48 4.74 47.55
C ASN A 535 -28.87 3.37 48.08
N LEU A 536 -28.49 2.28 47.40
CA LEU A 536 -28.65 0.97 47.99
C LEU A 536 -27.90 0.85 49.30
N VAL A 537 -26.83 1.63 49.47
CA VAL A 537 -26.11 1.63 50.74
C VAL A 537 -26.68 2.65 51.71
N TYR A 538 -26.90 3.88 51.23
CA TYR A 538 -26.97 5.05 52.10
C TYR A 538 -28.32 5.78 52.09
N HIS A 539 -29.37 5.25 51.42
CA HIS A 539 -30.62 6.01 51.33
C HIS A 539 -31.23 6.32 52.70
N GLU A 540 -31.08 5.41 53.68
CA GLU A 540 -31.56 5.68 55.03
C GLU A 540 -30.78 6.76 55.73
N ALA A 541 -29.61 7.12 55.20
CA ALA A 541 -28.65 7.95 55.92
C ALA A 541 -28.47 9.34 55.34
N ILE A 542 -28.68 9.52 54.05
CA ILE A 542 -28.50 10.82 53.41
C ILE A 542 -29.52 10.95 52.30
N ALA A 543 -30.22 12.07 52.27
CA ALA A 543 -31.15 12.37 51.19
C ALA A 543 -30.39 12.98 50.04
N ASN A 544 -30.75 12.64 48.81
CA ASN A 544 -30.11 13.32 47.70
C ASN A 544 -31.13 13.82 46.70
N PHE A 545 -30.71 14.85 45.98
CA PHE A 545 -31.48 15.54 44.97
C PHE A 545 -30.62 15.64 43.72
N GLY A 546 -31.25 15.98 42.60
CA GLY A 546 -30.52 16.13 41.36
C GLY A 546 -29.52 17.25 41.42
N LYS A 547 -28.51 17.17 40.53
CA LYS A 547 -27.46 18.18 40.44
C LYS A 547 -27.95 19.43 39.71
N ILE A 548 -27.51 20.60 40.19
CA ILE A 548 -28.01 21.85 39.62
C ILE A 548 -27.51 22.05 38.18
N GLN A 549 -26.37 21.49 37.80
CA GLN A 549 -25.92 21.61 36.41
C GLN A 549 -26.75 20.77 35.45
N ASP A 550 -27.41 19.74 35.97
CA ASP A 550 -28.17 18.79 35.15
C ASP A 550 -29.54 18.58 35.78
N PRO A 551 -30.33 19.65 35.89
CA PRO A 551 -31.57 19.57 36.67
C PRO A 551 -32.67 18.86 35.89
N ASP A 552 -33.77 18.59 36.60
CA ASP A 552 -34.86 17.83 35.99
C ASP A 552 -35.60 18.61 34.92
N ASN A 553 -35.40 19.93 34.83
CA ASN A 553 -36.01 20.76 33.80
C ASN A 553 -35.14 20.93 32.56
N GLU A 554 -33.92 20.38 32.53
CA GLU A 554 -33.04 20.48 31.39
C GLU A 554 -32.94 19.12 30.68
N VAL A 555 -32.91 19.15 29.35
CA VAL A 555 -32.76 17.95 28.54
C VAL A 555 -31.28 17.75 28.24
N THR A 556 -30.73 16.64 28.73
CA THR A 556 -29.29 16.42 28.65
C THR A 556 -29.04 14.95 28.27
N ALA A 557 -27.76 14.57 28.24
CA ALA A 557 -27.40 13.17 28.07
C ALA A 557 -28.06 12.25 29.08
N ASN A 558 -28.40 12.76 30.27
CA ASN A 558 -29.05 11.95 31.30
C ASN A 558 -30.57 11.94 31.19
N GLY A 559 -31.14 12.67 30.23
CA GLY A 559 -32.55 12.51 29.90
C GLY A 559 -33.30 13.81 29.95
N ASP A 560 -34.60 13.72 29.67
CA ASP A 560 -35.55 14.81 29.76
C ASP A 560 -36.31 14.68 31.09
N PHE A 561 -37.43 15.40 31.24
CA PHE A 561 -38.16 15.31 32.50
C PHE A 561 -38.78 13.94 32.68
N ARG A 562 -39.28 13.35 31.59
CA ARG A 562 -39.90 12.03 31.66
C ARG A 562 -38.94 11.02 32.27
N ILE A 563 -37.74 10.91 31.70
CA ILE A 563 -36.76 9.94 32.17
C ILE A 563 -36.29 10.28 33.59
N LYS A 564 -35.98 11.55 33.86
CA LYS A 564 -35.41 11.91 35.15
C LYS A 564 -36.42 11.75 36.29
N ALA A 565 -37.71 12.03 36.03
CA ALA A 565 -38.71 11.85 37.08
C ALA A 565 -38.88 10.38 37.43
N LEU A 566 -38.91 9.51 36.42
CA LEU A 566 -39.09 8.09 36.70
C LEU A 566 -37.83 7.52 37.36
N ARG A 567 -36.65 7.93 36.90
CA ARG A 567 -35.44 7.47 37.56
C ARG A 567 -35.37 7.98 39.01
N SER A 568 -35.83 9.22 39.25
CA SER A 568 -35.90 9.75 40.62
C SER A 568 -36.63 8.80 41.55
N MET A 569 -37.80 8.30 41.12
CA MET A 569 -38.58 7.42 41.97
C MET A 569 -37.93 6.05 42.10
N LEU A 570 -37.34 5.53 41.03
CA LEU A 570 -36.65 4.24 41.10
C LEU A 570 -35.46 4.31 42.05
N PHE A 571 -34.69 5.40 42.00
CA PHE A 571 -33.45 5.48 42.75
C PHE A 571 -33.62 6.10 44.13
N GLY A 572 -34.74 6.80 44.37
CA GLY A 572 -35.01 7.34 45.69
C GLY A 572 -34.47 8.73 45.94
N ARG A 573 -34.39 9.57 44.91
CA ARG A 573 -33.93 10.94 45.09
C ARG A 573 -35.09 11.91 44.87
N GLY A 574 -34.88 13.15 45.32
CA GLY A 574 -35.89 14.17 45.17
C GLY A 574 -35.69 15.03 43.93
N THR A 575 -36.75 15.76 43.56
CA THR A 575 -36.75 16.56 42.35
C THR A 575 -35.91 17.81 42.52
N THR A 576 -35.18 18.18 41.48
CA THR A 576 -34.43 19.43 41.43
C THR A 576 -34.90 20.25 40.24
N ILE A 577 -35.44 21.43 40.52
CA ILE A 577 -35.83 22.42 39.51
C ILE A 577 -34.89 23.61 39.67
N PHE A 578 -34.03 23.85 38.69
CA PHE A 578 -32.94 24.82 38.80
C PHE A 578 -32.98 25.74 37.59
N PHE A 579 -33.22 27.04 37.83
CA PHE A 579 -33.63 27.90 36.73
C PHE A 579 -33.19 29.33 36.98
N ALA A 580 -32.91 30.02 35.89
CA ALA A 580 -32.81 31.48 35.91
C ALA A 580 -34.21 32.07 36.07
N PRO A 581 -34.34 33.22 36.75
CA PRO A 581 -35.68 33.79 36.98
C PRO A 581 -36.53 33.92 35.71
N TYR A 582 -35.95 34.36 34.59
CA TYR A 582 -36.75 34.58 33.39
C TYR A 582 -37.40 33.30 32.87
N GLU A 583 -36.85 32.13 33.22
CA GLU A 583 -37.42 30.85 32.81
C GLU A 583 -38.68 30.44 33.57
N PHE A 584 -39.04 31.15 34.65
CA PHE A 584 -39.94 30.56 35.64
C PHE A 584 -41.26 30.09 35.04
N GLU A 585 -41.86 30.88 34.14
CA GLU A 585 -43.15 30.46 33.57
C GLU A 585 -43.04 29.13 32.83
N GLY A 586 -41.89 28.85 32.22
CA GLY A 586 -41.70 27.59 31.53
C GLY A 586 -41.51 26.41 32.45
N MET A 587 -41.21 26.66 33.72
CA MET A 587 -41.05 25.59 34.71
C MET A 587 -42.38 25.04 35.21
N ARG A 588 -43.47 25.80 35.07
CA ARG A 588 -44.73 25.42 35.70
C ARG A 588 -45.20 24.01 35.36
N PRO A 589 -45.23 23.55 34.09
CA PRO A 589 -45.71 22.17 33.86
C PRO A 589 -44.84 21.12 34.52
N MET A 590 -43.52 21.33 34.60
CA MET A 590 -42.70 20.30 35.22
C MET A 590 -42.83 20.32 36.74
N ILE A 591 -43.04 21.49 37.33
CA ILE A 591 -43.34 21.57 38.76
C ILE A 591 -44.64 20.83 39.07
N GLU A 592 -45.68 21.05 38.26
CA GLU A 592 -46.95 20.36 38.47
C GLU A 592 -46.80 18.85 38.37
N MET A 593 -46.09 18.37 37.35
CA MET A 593 -45.94 16.92 37.18
C MET A 593 -45.10 16.31 38.29
N ALA A 594 -44.01 16.97 38.69
CA ALA A 594 -43.25 16.50 39.85
C ALA A 594 -44.14 16.45 41.09
N ARG A 595 -44.92 17.52 41.31
CA ARG A 595 -45.87 17.58 42.42
C ARG A 595 -46.82 16.40 42.45
N ASP A 596 -47.37 16.03 41.30
CA ASP A 596 -48.41 15.02 41.28
C ASP A 596 -47.83 13.61 41.29
N LEU A 597 -46.65 13.40 40.71
CA LEU A 597 -46.09 12.06 40.54
C LEU A 597 -44.96 11.76 41.53
N VAL A 598 -43.91 12.58 41.53
CA VAL A 598 -42.69 12.25 42.27
C VAL A 598 -42.84 12.58 43.75
N SER A 599 -43.33 13.77 44.08
CA SER A 599 -43.42 14.20 45.47
C SER A 599 -44.09 13.20 46.42
N PRO A 600 -45.22 12.58 46.08
CA PRO A 600 -45.79 11.60 47.04
C PRO A 600 -44.93 10.35 47.21
N VAL A 601 -44.24 9.91 46.16
CA VAL A 601 -43.39 8.73 46.27
C VAL A 601 -42.14 9.05 47.08
N HIS A 602 -41.53 10.20 46.79
CA HIS A 602 -40.39 10.69 47.56
C HIS A 602 -40.73 10.80 49.04
N LYS A 603 -41.89 11.40 49.34
CA LYS A 603 -42.32 11.57 50.72
C LYS A 603 -42.50 10.23 51.43
N GLU A 604 -43.14 9.27 50.77
CA GLU A 604 -43.38 7.99 51.42
C GLU A 604 -42.09 7.23 51.66
N THR A 605 -41.12 7.32 50.74
CA THR A 605 -39.93 6.48 50.77
C THR A 605 -38.72 7.15 51.43
N PHE A 606 -38.84 8.45 51.78
CA PHE A 606 -37.69 9.27 52.20
C PHE A 606 -36.79 8.58 53.22
N TYR A 607 -37.35 8.09 54.32
CA TYR A 607 -36.52 7.59 55.41
C TYR A 607 -36.17 6.11 55.26
N SER A 608 -36.65 5.46 54.23
CA SER A 608 -36.63 4.00 54.17
C SER A 608 -35.32 3.49 53.56
N GLU A 609 -35.12 2.18 53.71
CA GLU A 609 -34.07 1.50 52.98
C GLU A 609 -34.55 1.16 51.57
N LEU A 610 -33.70 1.44 50.58
CA LEU A 610 -33.89 0.90 49.24
C LEU A 610 -33.44 -0.56 49.31
N LYS A 611 -34.41 -1.46 49.50
CA LYS A 611 -34.06 -2.85 49.78
C LYS A 611 -33.48 -3.54 48.55
N SER A 612 -34.04 -3.28 47.38
CA SER A 612 -33.65 -4.02 46.20
C SER A 612 -33.93 -3.19 44.96
N HIS A 613 -33.17 -3.48 43.91
CA HIS A 613 -33.37 -2.91 42.59
C HIS A 613 -33.17 -4.03 41.58
N GLU A 614 -33.99 -4.02 40.52
CA GLU A 614 -33.99 -5.07 39.51
C GLU A 614 -34.16 -4.47 38.12
N TYR A 615 -33.44 -5.03 37.15
CA TYR A 615 -33.70 -4.77 35.72
C TYR A 615 -34.61 -5.88 35.20
N LEU A 616 -35.76 -5.51 34.67
CA LEU A 616 -36.80 -6.47 34.31
C LEU A 616 -36.99 -6.68 32.81
N SER A 617 -36.30 -5.93 31.97
CA SER A 617 -36.38 -6.13 30.53
C SER A 617 -34.98 -6.38 29.97
N ALA A 618 -34.92 -6.99 28.79
CA ALA A 618 -33.62 -7.36 28.24
C ALA A 618 -32.79 -6.13 27.88
N ASP A 619 -33.45 -5.00 27.61
CA ASP A 619 -32.74 -3.77 27.30
C ASP A 619 -32.46 -2.92 28.54
N TYR A 620 -32.77 -3.44 29.73
CA TYR A 620 -32.48 -2.79 31.01
C TYR A 620 -33.27 -1.51 31.23
N LYS A 621 -34.30 -1.25 30.42
CA LYS A 621 -35.03 0.01 30.57
C LYS A 621 -36.21 -0.10 31.54
N VAL A 622 -36.76 -1.29 31.75
CA VAL A 622 -37.80 -1.51 32.74
C VAL A 622 -37.16 -2.00 34.03
N GLN A 623 -37.48 -1.34 35.14
CA GLN A 623 -36.80 -1.57 36.41
C GLN A 623 -37.80 -1.57 37.55
N ARG A 624 -37.42 -2.23 38.65
CA ARG A 624 -38.28 -2.36 39.83
C ARG A 624 -37.46 -2.11 41.09
N SER A 625 -37.92 -1.17 41.92
CA SER A 625 -37.29 -0.83 43.19
C SER A 625 -38.27 -1.04 44.33
N ARG A 626 -37.79 -1.65 45.41
CA ARG A 626 -38.60 -1.92 46.60
C ARG A 626 -38.02 -1.20 47.81
N PHE A 627 -38.85 -0.40 48.48
CA PHE A 627 -38.45 0.38 49.65
C PHE A 627 -39.07 -0.22 50.91
N SER A 628 -38.36 -0.10 52.02
CA SER A 628 -38.82 -0.67 53.29
C SER A 628 -40.00 0.08 53.89
N SER A 629 -40.45 1.18 53.29
CA SER A 629 -41.73 1.78 53.66
C SER A 629 -42.92 1.00 53.12
N GLY A 630 -42.70 -0.11 52.41
CA GLY A 630 -43.78 -0.82 51.76
C GLY A 630 -44.13 -0.30 50.39
N THR A 631 -43.20 0.36 49.71
CA THR A 631 -43.42 1.00 48.43
C THR A 631 -42.67 0.23 47.36
N GLU A 632 -43.33 -0.05 46.24
CA GLU A 632 -42.68 -0.71 45.10
C GLU A 632 -42.83 0.17 43.87
N VAL A 633 -41.71 0.52 43.25
CA VAL A 633 -41.70 1.38 42.06
C VAL A 633 -41.26 0.55 40.85
N ILE A 634 -42.15 0.43 39.86
CA ILE A 634 -41.79 -0.10 38.55
C ILE A 634 -41.89 1.05 37.55
N ALA A 635 -40.85 1.23 36.74
CA ALA A 635 -40.88 2.24 35.69
C ALA A 635 -40.17 1.73 34.45
N ASN A 636 -40.56 2.31 33.32
CA ASN A 636 -40.05 1.98 32.00
C ASN A 636 -39.43 3.25 31.44
N LEU A 637 -38.09 3.30 31.38
CA LEU A 637 -37.38 4.51 30.95
C LEU A 637 -37.15 4.56 29.45
N GLY A 638 -37.86 3.74 28.66
CA GLY A 638 -37.74 3.71 27.22
C GLY A 638 -39.06 4.00 26.54
N PRO A 639 -39.05 4.12 25.21
CA PRO A 639 -40.24 4.63 24.51
C PRO A 639 -41.35 3.61 24.24
N VAL A 640 -41.08 2.30 24.31
CA VAL A 640 -42.04 1.30 23.90
C VAL A 640 -42.55 0.55 25.14
N ALA A 641 -43.85 0.21 25.12
CA ALA A 641 -44.43 -0.64 26.16
C ALA A 641 -43.70 -1.98 26.21
N GLN A 642 -43.54 -2.51 27.42
CA GLN A 642 -42.89 -3.80 27.61
C GLN A 642 -43.57 -4.56 28.73
N LYS A 643 -43.67 -5.88 28.56
CA LYS A 643 -44.30 -6.75 29.55
C LYS A 643 -43.28 -7.27 30.56
N ILE A 644 -43.72 -7.42 31.81
CA ILE A 644 -42.94 -8.09 32.85
C ILE A 644 -43.70 -9.34 33.24
N GLU A 645 -43.23 -10.02 34.29
CA GLU A 645 -43.81 -11.30 34.68
C GLU A 645 -45.28 -11.16 35.04
N GLY A 646 -46.05 -12.20 34.75
CA GLY A 646 -47.48 -12.13 34.90
C GLY A 646 -48.19 -11.42 33.77
N GLY A 647 -47.47 -11.04 32.72
CA GLY A 647 -48.12 -10.36 31.62
C GLY A 647 -48.54 -8.93 31.91
N ILE A 648 -47.99 -8.33 32.96
CA ILE A 648 -48.23 -6.91 33.20
C ILE A 648 -47.46 -6.11 32.16
N SER A 649 -48.11 -5.11 31.56
CA SER A 649 -47.44 -4.23 30.62
C SER A 649 -47.14 -2.89 31.27
N ILE A 650 -45.91 -2.42 31.11
CA ILE A 650 -45.50 -1.09 31.59
C ILE A 650 -45.37 -0.18 30.37
N PRO A 651 -46.16 0.90 30.28
CA PRO A 651 -46.10 1.76 29.09
C PRO A 651 -44.73 2.39 28.94
N GLY A 652 -44.40 2.76 27.70
CA GLY A 652 -43.23 3.60 27.47
C GLY A 652 -43.28 4.86 28.31
N TYR A 653 -42.15 5.21 28.95
CA TYR A 653 -42.08 6.32 29.91
C TYR A 653 -43.24 6.25 30.91
N GLY A 654 -43.49 5.05 31.42
CA GLY A 654 -44.62 4.78 32.27
C GLY A 654 -44.19 4.16 33.60
N TYR A 655 -45.19 3.95 34.46
CA TYR A 655 -44.89 3.55 35.82
C TYR A 655 -46.05 2.74 36.38
N ARG A 656 -45.70 1.92 37.38
CA ARG A 656 -46.66 1.10 38.10
C ARG A 656 -46.15 1.05 39.54
N ILE A 657 -46.84 1.76 40.44
CA ILE A 657 -46.29 2.02 41.77
C ILE A 657 -47.27 1.56 42.83
N GLN A 658 -46.86 0.61 43.66
CA GLN A 658 -47.68 0.12 44.76
C GLN A 658 -47.31 0.89 46.02
N MET A 659 -48.25 1.68 46.52
CA MET A 659 -48.03 2.50 47.70
C MET A 659 -48.35 1.73 48.97
N LYS A 660 -47.84 2.24 50.09
CA LYS A 660 -48.08 1.63 51.40
C LYS A 660 -49.56 1.57 51.72
N ASP A 661 -50.36 2.55 51.28
CA ASP A 661 -51.78 2.55 51.59
C ASP A 661 -52.58 1.63 50.67
N GLY A 662 -51.93 0.79 49.88
CA GLY A 662 -52.60 -0.15 49.02
C GLY A 662 -52.97 0.40 47.65
N SER A 663 -52.89 1.71 47.44
CA SER A 663 -53.21 2.27 46.15
C SER A 663 -52.16 1.88 45.12
N LEU A 664 -52.59 1.79 43.87
CA LEU A 664 -51.72 1.46 42.75
C LEU A 664 -51.72 2.65 41.80
N LYS A 665 -50.59 3.34 41.68
CA LYS A 665 -50.46 4.45 40.75
C LYS A 665 -49.95 3.92 39.41
N THR A 666 -50.72 4.15 38.35
CA THR A 666 -50.30 3.79 37.01
C THR A 666 -50.52 4.98 36.09
N GLY A 667 -49.67 5.08 35.07
CA GLY A 667 -49.76 6.17 34.12
C GLY A 667 -48.49 6.22 33.29
N HIS A 668 -48.38 7.31 32.53
CA HIS A 668 -47.22 7.49 31.65
C HIS A 668 -47.17 8.92 31.18
N PHE A 669 -45.98 9.34 30.77
CA PHE A 669 -45.79 10.63 30.14
C PHE A 669 -46.12 10.55 28.65
N GLN A 670 -46.62 11.66 28.11
CA GLN A 670 -46.96 11.75 26.70
C GLN A 670 -46.49 13.09 26.14
N VAL A 671 -45.84 13.06 24.98
CA VAL A 671 -45.46 14.28 24.25
C VAL A 671 -46.49 14.49 23.15
N SER A 672 -47.14 15.65 23.15
CA SER A 672 -48.16 15.96 22.16
C SER A 672 -47.78 17.23 21.39
N LEU A 673 -48.29 17.31 20.17
CA LEU A 673 -48.05 18.43 19.26
C LEU A 673 -49.32 19.25 19.17
N HIS A 674 -49.22 20.52 19.51
CA HIS A 674 -50.35 21.45 19.53
CA HIS A 674 -50.36 21.43 19.52
C HIS A 674 -50.25 22.35 18.30
N MET A 675 -50.94 21.98 17.23
CA MET A 675 -50.95 22.77 16.01
C MET A 675 -52.19 23.67 16.05
N ASP A 676 -51.98 24.98 16.13
CA ASP A 676 -53.08 25.94 16.26
C ASP A 676 -53.99 25.92 15.04
N PRO B 18 7.43 51.79 10.99
CA PRO B 18 6.30 50.89 10.75
C PRO B 18 5.92 50.82 9.27
N ILE B 19 5.66 49.60 8.79
CA ILE B 19 5.45 49.35 7.36
C ILE B 19 3.96 49.23 7.09
N VAL B 20 3.50 49.84 6.00
CA VAL B 20 2.06 49.98 5.73
C VAL B 20 1.75 49.37 4.37
N LEU B 21 0.79 48.43 4.36
CA LEU B 21 0.07 48.02 3.17
C LEU B 21 -1.34 48.59 3.25
N GLU B 22 -1.84 49.14 2.15
CA GLU B 22 -3.12 49.83 2.21
C GLU B 22 -3.79 49.84 0.84
N ASN B 23 -5.09 49.61 0.82
CA ASN B 23 -5.92 49.91 -0.36
C ASN B 23 -7.09 50.78 0.09
N GLY B 24 -8.14 50.83 -0.74
CA GLY B 24 -9.29 51.65 -0.40
C GLY B 24 -10.14 51.14 0.75
N LYS B 25 -9.91 49.90 1.18
CA LYS B 25 -10.74 49.33 2.22
C LYS B 25 -10.00 48.99 3.50
N LEU B 26 -8.72 48.61 3.42
CA LEU B 26 -7.98 48.16 4.58
C LEU B 26 -6.66 48.89 4.70
N ASN B 27 -6.19 49.03 5.93
CA ASN B 27 -4.86 49.51 6.26
C ASN B 27 -4.18 48.45 7.13
N ILE B 28 -3.03 47.93 6.68
CA ILE B 28 -2.26 46.94 7.43
C ILE B 28 -1.03 47.64 8.01
N ASN B 29 -0.94 47.68 9.33
CA ASN B 29 0.22 48.24 10.02
C ASN B 29 1.09 47.10 10.52
N ILE B 30 2.32 47.03 10.02
CA ILE B 30 3.27 45.97 10.37
C ILE B 30 4.39 46.56 11.21
N ASP B 31 4.65 45.96 12.37
CA ASP B 31 5.72 46.40 13.26
C ASP B 31 7.05 45.82 12.78
N SER B 32 8.04 46.69 12.56
CA SER B 32 9.35 46.27 12.07
C SER B 32 10.15 45.54 13.13
N LYS B 33 9.86 45.76 14.41
CA LYS B 33 10.63 45.13 15.48
C LYS B 33 10.15 43.71 15.77
N THR B 34 8.84 43.46 15.62
CA THR B 34 8.26 42.18 16.01
C THR B 34 7.66 41.40 14.85
N GLY B 35 7.30 42.06 13.74
CA GLY B 35 6.53 41.41 12.71
C GLY B 35 5.06 41.30 12.97
N CYS B 36 4.57 41.71 14.15
CA CYS B 36 3.14 41.75 14.40
C CYS B 36 2.47 42.76 13.48
N PHE B 37 1.20 42.52 13.19
CA PHE B 37 0.47 43.45 12.33
C PHE B 37 -0.95 43.62 12.84
N SER B 38 -1.49 44.80 12.59
CA SER B 38 -2.89 45.12 12.82
C SER B 38 -3.57 45.39 11.50
N VAL B 39 -4.89 45.25 11.48
CA VAL B 39 -5.67 45.53 10.28
C VAL B 39 -6.79 46.50 10.66
N THR B 40 -6.75 47.69 10.08
CA THR B 40 -7.81 48.67 10.23
C THR B 40 -8.81 48.48 9.09
N GLU B 41 -10.07 48.25 9.45
CA GLU B 41 -11.14 48.27 8.46
C GLU B 41 -11.63 49.71 8.37
N LYS B 42 -11.34 50.37 7.23
CA LYS B 42 -11.44 51.82 7.17
C LYS B 42 -12.87 52.30 7.24
N THR B 43 -13.84 51.51 6.81
CA THR B 43 -15.20 52.04 6.81
C THR B 43 -15.76 52.15 8.22
N SER B 44 -15.37 51.27 9.14
CA SER B 44 -15.93 51.26 10.48
C SER B 44 -14.97 51.77 11.55
N GLY B 45 -13.69 51.90 11.23
CA GLY B 45 -12.70 52.25 12.23
C GLY B 45 -12.29 51.10 13.12
N HIS B 46 -12.81 49.90 12.90
CA HIS B 46 -12.42 48.77 13.74
C HIS B 46 -10.99 48.36 13.42
N VAL B 47 -10.19 48.19 14.47
CA VAL B 47 -8.80 47.75 14.35
C VAL B 47 -8.72 46.33 14.89
N TRP B 48 -8.35 45.39 14.03
CA TRP B 48 -8.02 44.05 14.49
C TRP B 48 -6.58 44.05 14.98
N LYS B 49 -6.37 43.60 16.21
CA LYS B 49 -5.10 43.76 16.89
C LYS B 49 -4.21 42.53 16.72
N SER B 50 -2.91 42.73 16.89
CA SER B 50 -2.00 41.60 17.02
C SER B 50 -2.13 41.03 18.44
N ASP B 51 -1.42 39.92 18.70
CA ASP B 51 -1.43 39.20 19.97
C ASP B 51 -1.49 40.15 21.18
N PRO B 52 -2.63 40.22 21.87
CA PRO B 52 -2.74 41.15 23.01
C PRO B 52 -1.98 40.68 24.24
N TRP B 53 -1.56 39.41 24.30
CA TRP B 53 -0.96 38.88 25.52
C TRP B 53 0.53 39.15 25.57
N GLU B 54 1.26 38.73 24.54
CA GLU B 54 2.72 38.73 24.53
C GLU B 54 3.30 39.43 23.31
N ASN B 55 2.45 40.03 22.47
CA ASN B 55 2.91 40.69 21.25
C ASN B 55 3.75 39.74 20.39
N ALA B 56 3.28 38.51 20.25
CA ALA B 56 3.97 37.50 19.46
C ALA B 56 3.36 37.44 18.07
N ALA B 57 4.21 37.56 17.04
CA ALA B 57 3.71 37.38 15.68
C ALA B 57 3.37 35.91 15.42
N GLY B 58 4.13 34.99 16.00
CA GLY B 58 3.86 33.58 15.86
C GLY B 58 4.42 32.83 17.04
N LEU B 59 3.91 31.62 17.25
CA LEU B 59 4.36 30.74 18.32
C LEU B 59 4.87 29.45 17.69
N LEU B 60 6.18 29.21 17.83
CA LEU B 60 6.86 28.09 17.19
C LEU B 60 7.23 27.05 18.22
N THR B 61 6.84 25.80 17.97
CA THR B 61 7.23 24.68 18.81
C THR B 61 8.36 23.92 18.12
N LEU B 62 9.48 23.75 18.83
CA LEU B 62 10.67 23.10 18.28
C LEU B 62 11.50 22.50 19.41
N THR B 63 12.32 21.52 19.05
CA THR B 63 13.26 20.93 19.99
C THR B 63 14.42 21.87 20.26
N ASP B 64 14.98 21.78 21.46
CA ASP B 64 16.14 22.57 21.84
C ASP B 64 17.41 21.74 21.63
N SER B 65 18.54 22.23 22.17
CA SER B 65 19.80 21.51 22.03
C SER B 65 19.87 20.26 22.90
N LYS B 66 19.06 20.18 23.95
CA LYS B 66 18.89 18.95 24.71
C LYS B 66 17.80 18.06 24.13
N GLY B 67 17.12 18.50 23.08
CA GLY B 67 16.11 17.68 22.43
C GLY B 67 14.72 17.78 23.01
N LYS B 68 14.50 18.62 24.02
CA LYS B 68 13.18 18.78 24.61
C LYS B 68 12.38 19.82 23.84
N LYS B 69 11.10 19.54 23.63
CA LYS B 69 10.22 20.47 22.91
C LYS B 69 9.98 21.73 23.75
N GLN B 70 10.05 22.88 23.09
CA GLN B 70 9.73 24.16 23.71
C GLN B 70 8.93 25.01 22.72
N THR B 71 8.12 25.91 23.23
CA THR B 71 7.33 26.82 22.42
C THR B 71 7.83 28.24 22.63
N VAL B 72 8.19 28.91 21.53
CA VAL B 72 8.86 30.20 21.60
C VAL B 72 8.05 31.25 20.85
N ASN B 73 8.19 32.49 21.31
CA ASN B 73 7.69 33.68 20.63
C ASN B 73 8.69 34.05 19.54
N ILE B 74 8.29 33.90 18.26
CA ILE B 74 9.24 34.14 17.18
C ILE B 74 9.58 35.62 17.05
N SER B 75 8.80 36.51 17.66
CA SER B 75 9.17 37.93 17.64
C SER B 75 10.33 38.24 18.58
N LYS B 76 10.77 37.27 19.39
CA LYS B 76 11.99 37.38 20.19
C LYS B 76 13.22 36.84 19.48
N SER B 77 13.11 36.52 18.19
CA SER B 77 14.24 35.98 17.44
C SER B 77 15.36 37.01 17.35
N LYS B 78 16.59 36.51 17.18
CA LYS B 78 17.76 37.39 17.14
C LYS B 78 17.65 38.42 16.02
N LYS B 79 17.13 38.01 14.87
CA LYS B 79 17.07 38.88 13.70
C LYS B 79 15.68 38.82 13.09
N ILE B 80 15.03 39.97 12.99
CA ILE B 80 13.71 40.10 12.36
C ILE B 80 13.88 41.03 11.17
N GLU B 81 13.50 40.55 9.98
CA GLU B 81 13.56 41.34 8.76
C GLU B 81 12.15 41.53 8.23
N VAL B 82 11.80 42.79 7.94
CA VAL B 82 10.48 43.16 7.43
C VAL B 82 10.67 44.21 6.34
N SER B 83 10.16 43.96 5.15
CA SER B 83 10.31 44.93 4.08
C SER B 83 9.25 44.70 3.02
N LYS B 84 8.96 45.78 2.28
CA LYS B 84 8.09 45.71 1.12
C LYS B 84 8.88 45.16 -0.06
N THR B 85 8.50 43.99 -0.55
CA THR B 85 9.11 43.39 -1.73
C THR B 85 8.26 43.59 -2.98
N ALA B 86 7.06 44.14 -2.83
CA ALA B 86 6.20 44.52 -3.95
C ALA B 86 5.22 45.55 -3.42
N LYS B 87 4.40 46.10 -4.31
CA LYS B 87 3.47 47.16 -3.92
C LYS B 87 2.53 46.70 -2.82
N ASN B 88 2.00 45.47 -2.93
CA ASN B 88 1.04 44.95 -1.98
C ASN B 88 1.55 43.70 -1.26
N THR B 89 2.87 43.56 -1.14
CA THR B 89 3.46 42.41 -0.45
C THR B 89 4.52 42.88 0.53
N VAL B 90 4.41 42.42 1.77
CA VAL B 90 5.45 42.58 2.77
C VAL B 90 6.02 41.20 3.08
N SER B 91 7.34 41.08 3.03
CA SER B 91 8.02 39.84 3.36
C SER B 91 8.65 39.93 4.75
N LEU B 92 8.53 38.86 5.52
CA LEU B 92 9.06 38.81 6.88
C LEU B 92 9.97 37.61 7.02
N LYS B 93 11.03 37.78 7.82
CA LYS B 93 11.98 36.71 8.14
C LYS B 93 12.25 36.75 9.63
N PHE B 94 12.01 35.63 10.30
CA PHE B 94 12.30 35.47 11.72
C PHE B 94 13.52 34.55 11.85
N ILE B 95 14.65 35.10 12.26
CA ILE B 95 15.95 34.44 12.14
C ILE B 95 16.51 34.16 13.53
N ASP B 96 16.86 32.90 13.78
CA ASP B 96 17.49 32.42 15.00
C ASP B 96 16.63 32.70 16.23
N PRO B 97 15.55 31.94 16.44
CA PRO B 97 14.74 32.12 17.64
C PRO B 97 15.55 31.91 18.91
N VAL B 98 15.08 32.52 19.99
CA VAL B 98 15.73 32.43 21.30
C VAL B 98 14.84 31.60 22.21
N PHE B 99 15.46 30.74 23.01
CA PHE B 99 14.72 29.97 24.00
C PHE B 99 14.59 30.77 25.29
N GLU B 100 13.80 30.21 26.22
CA GLU B 100 13.56 30.90 27.48
C GLU B 100 14.81 30.93 28.35
N ASP B 101 15.73 29.98 28.16
CA ASP B 101 16.96 29.95 28.94
C ASP B 101 18.03 30.88 28.39
N GLY B 102 17.76 31.56 27.28
CA GLY B 102 18.72 32.47 26.68
C GLY B 102 19.51 31.90 25.52
N SER B 103 19.49 30.59 25.32
CA SER B 103 20.24 30.00 24.21
C SER B 103 19.49 30.20 22.89
N VAL B 104 20.24 30.16 21.80
CA VAL B 104 19.74 30.50 20.47
C VAL B 104 19.59 29.23 19.65
N ALA B 105 18.46 29.12 18.93
CA ALA B 105 18.28 28.08 17.92
C ALA B 105 18.91 28.56 16.61
N LYS B 106 20.25 28.55 16.60
CA LYS B 106 21.01 29.05 15.47
C LYS B 106 20.74 28.23 14.22
N GLY B 107 20.46 28.92 13.11
CA GLY B 107 20.16 28.26 11.86
C GLY B 107 18.70 27.91 11.65
N VAL B 108 17.81 28.31 12.54
CA VAL B 108 16.37 28.17 12.33
C VAL B 108 15.84 29.50 11.78
N SER B 109 14.95 29.42 10.78
CA SER B 109 14.36 30.62 10.21
C SER B 109 12.94 30.32 9.75
N ILE B 110 12.06 31.30 9.93
CA ILE B 110 10.69 31.26 9.42
C ILE B 110 10.51 32.46 8.51
N ALA B 111 10.08 32.21 7.28
CA ALA B 111 9.80 33.27 6.30
C ALA B 111 8.32 33.28 5.99
N THR B 112 7.72 34.47 5.98
CA THR B 112 6.29 34.65 5.76
C THR B 112 6.07 35.80 4.80
N GLU B 113 4.84 35.92 4.30
CA GLU B 113 4.44 37.00 3.42
C GLU B 113 3.03 37.45 3.77
N LEU B 114 2.81 38.76 3.70
CA LEU B 114 1.48 39.36 3.80
C LEU B 114 1.17 40.01 2.46
N ARG B 115 0.08 39.59 1.82
CA ARG B 115 -0.25 40.05 0.47
C ARG B 115 -1.66 40.62 0.49
N LEU B 116 -1.76 41.94 0.32
CA LEU B 116 -3.05 42.63 0.28
C LEU B 116 -3.60 42.63 -1.14
N ASP B 117 -4.86 42.22 -1.29
CA ASP B 117 -5.50 42.32 -2.59
C ASP B 117 -5.54 43.79 -3.03
N PRO B 118 -5.25 44.09 -4.29
CA PRO B 118 -5.19 45.51 -4.69
C PRO B 118 -6.52 46.23 -4.58
N ASN B 119 -7.63 45.51 -4.64
CA ASN B 119 -8.94 46.14 -4.60
C ASN B 119 -9.78 45.73 -3.39
N ASN B 120 -9.84 44.44 -3.08
CA ASN B 120 -10.79 43.92 -2.10
C ASN B 120 -10.22 43.92 -0.69
N ALA B 121 -11.12 43.80 0.29
CA ALA B 121 -10.74 43.73 1.69
C ALA B 121 -10.32 42.29 2.01
N GLN B 122 -9.19 41.90 1.42
CA GLN B 122 -8.69 40.53 1.55
C GLN B 122 -7.19 40.58 1.76
N LEU B 123 -6.72 39.86 2.78
CA LEU B 123 -5.31 39.74 3.10
C LEU B 123 -4.94 38.27 3.06
N ASP B 124 -3.99 37.91 2.19
CA ASP B 124 -3.41 36.56 2.20
C ASP B 124 -2.22 36.53 3.14
N VAL B 125 -2.13 35.45 3.91
CA VAL B 125 -1.04 35.25 4.86
C VAL B 125 -0.47 33.86 4.59
N GLU B 126 0.83 33.79 4.33
CA GLU B 126 1.48 32.55 3.92
C GLU B 126 2.81 32.36 4.62
N VAL B 127 3.05 31.15 5.12
CA VAL B 127 4.36 30.72 5.58
C VAL B 127 5.09 30.14 4.37
N THR B 128 6.05 30.87 3.84
CA THR B 128 6.67 30.53 2.56
C THR B 128 7.91 29.65 2.72
N GLU B 129 8.64 29.78 3.82
CA GLU B 129 9.89 29.04 3.99
C GLU B 129 10.13 28.81 5.47
N HIS B 130 10.65 27.62 5.80
CA HIS B 130 11.16 27.35 7.12
C HIS B 130 12.42 26.50 7.03
N ARG B 131 13.42 26.86 7.82
CA ARG B 131 14.66 26.12 7.96
C ARG B 131 14.83 25.71 9.41
N SER B 132 15.27 24.47 9.63
CA SER B 132 15.36 23.92 10.98
C SER B 132 16.78 23.70 11.48
N GLY B 133 17.78 23.76 10.60
CA GLY B 133 19.15 23.52 11.03
C GLY B 133 19.30 22.13 11.64
N ASN B 134 19.94 22.08 12.80
CA ASN B 134 20.08 20.84 13.57
C ASN B 134 18.94 20.64 14.55
N PHE B 135 17.89 21.44 14.45
CA PHE B 135 16.71 21.33 15.31
C PHE B 135 15.57 20.70 14.52
N THR B 136 14.50 20.38 15.23
CA THR B 136 13.29 19.83 14.62
C THR B 136 12.13 20.76 14.91
N LEU B 137 11.42 21.16 13.85
CA LEU B 137 10.30 22.10 13.97
C LEU B 137 8.98 21.34 13.97
N TYR B 138 8.08 21.76 14.87
CA TYR B 138 6.76 21.13 14.93
C TYR B 138 5.68 22.17 14.61
N ASP B 139 4.84 22.51 15.58
CA ASP B 139 3.72 23.42 15.33
C ASP B 139 4.18 24.87 15.16
N LEU B 140 3.47 25.59 14.30
CA LEU B 140 3.61 27.05 14.20
C LEU B 140 2.21 27.66 14.17
N ARG B 141 1.86 28.37 15.25
CA ARG B 141 0.67 29.24 15.25
C ARG B 141 1.05 30.55 14.59
N TYR B 142 0.50 30.81 13.42
CA TYR B 142 0.81 32.03 12.68
C TYR B 142 -0.36 32.39 11.79
N PRO B 143 -0.96 33.59 11.95
CA PRO B 143 -0.59 34.57 12.99
C PRO B 143 -1.08 34.18 14.39
N ALA B 144 -0.32 34.55 15.41
CA ALA B 144 -0.60 34.11 16.77
C ALA B 144 -1.60 35.07 17.42
N ARG B 145 -2.71 34.51 17.92
CA ARG B 145 -3.68 35.24 18.73
C ARG B 145 -4.10 36.54 18.06
N ALA B 146 -4.33 36.45 16.75
CA ALA B 146 -4.76 37.58 15.94
C ALA B 146 -6.30 37.62 15.84
N PHE B 147 -6.80 38.79 15.45
CA PHE B 147 -8.22 38.98 15.15
C PHE B 147 -9.09 38.64 16.37
N SER B 148 -8.58 38.94 17.55
CA SER B 148 -9.25 38.54 18.78
C SER B 148 -10.41 39.48 19.11
N LEU B 149 -11.30 38.96 19.96
CA LEU B 149 -12.41 39.70 20.55
C LEU B 149 -12.15 39.85 22.04
N LYS B 150 -12.48 41.02 22.59
CA LYS B 150 -12.31 41.27 24.02
C LYS B 150 -13.57 40.84 24.75
N THR B 151 -13.43 39.86 25.65
CA THR B 151 -14.56 39.28 26.37
C THR B 151 -15.31 40.34 27.18
N ASP B 152 -16.63 40.36 27.02
CA ASP B 152 -17.56 41.25 27.70
C ASP B 152 -17.39 42.71 27.26
N GLU B 153 -16.63 42.96 26.21
CA GLU B 153 -16.62 44.27 25.56
C GLU B 153 -17.14 44.15 24.14
N ASP B 154 -16.47 43.39 23.29
CA ASP B 154 -17.06 42.96 22.02
C ASP B 154 -18.23 42.04 22.29
N LYS B 155 -19.36 42.29 21.64
CA LYS B 155 -20.56 41.47 21.76
C LYS B 155 -20.75 40.76 20.41
N GLY B 156 -20.00 39.69 20.23
CA GLY B 156 -19.99 38.96 18.96
C GLY B 156 -19.69 37.52 19.26
N ALA B 157 -18.92 36.87 18.39
CA ALA B 157 -18.71 35.43 18.56
C ALA B 157 -17.56 34.96 17.67
N ALA B 158 -16.93 33.87 18.10
CA ALA B 158 -16.12 33.05 17.22
C ALA B 158 -17.04 32.16 16.39
N VAL B 159 -16.67 31.93 15.13
CA VAL B 159 -17.46 31.14 14.19
C VAL B 159 -16.64 29.92 13.78
N ILE B 160 -17.13 28.74 14.12
CA ILE B 160 -16.36 27.50 13.96
C ILE B 160 -17.24 26.46 13.28
N PRO B 161 -16.93 26.01 12.06
CA PRO B 161 -17.73 24.97 11.39
C PRO B 161 -17.41 23.58 11.91
N GLN B 162 -17.61 23.39 13.21
CA GLN B 162 -17.46 22.09 13.84
C GLN B 162 -18.68 21.25 13.50
N LYS B 163 -18.49 20.26 12.64
CA LYS B 163 -19.57 19.51 11.99
C LYS B 163 -20.55 20.50 11.37
N GLN B 164 -21.85 20.43 11.71
CA GLN B 164 -22.79 21.40 11.15
C GLN B 164 -22.42 22.84 11.50
N GLY B 165 -21.80 23.07 12.65
CA GLY B 165 -21.30 24.40 12.98
C GLY B 165 -21.78 24.94 14.32
N VAL B 166 -20.94 25.82 14.91
CA VAL B 166 -21.28 26.49 16.16
C VAL B 166 -20.77 27.93 16.10
N ILE B 167 -21.36 28.77 16.95
CA ILE B 167 -20.76 30.05 17.32
C ILE B 167 -20.47 30.04 18.81
N CYS B 168 -19.42 30.77 19.20
CA CYS B 168 -19.04 30.95 20.60
C CYS B 168 -19.12 32.42 20.99
N PRO B 169 -20.17 32.86 21.68
CA PRO B 169 -20.29 34.28 22.04
C PRO B 169 -19.12 34.78 22.90
N SER B 170 -18.75 36.05 22.65
CA SER B 170 -17.59 36.68 23.30
C SER B 170 -17.96 37.43 24.58
N TYR B 171 -19.03 37.04 25.26
CA TYR B 171 -19.55 37.74 26.41
C TYR B 171 -20.51 36.81 27.14
N ILE B 172 -20.76 37.10 28.44
CA ILE B 172 -21.71 36.31 29.23
C ILE B 172 -23.10 36.92 29.08
N PHE B 173 -24.12 36.06 29.05
CA PHE B 173 -25.48 36.40 28.65
C PHE B 173 -26.42 35.51 29.44
N PRO B 174 -27.71 35.87 29.54
CA PRO B 174 -28.61 35.06 30.36
C PRO B 174 -28.91 33.71 29.72
N MET B 175 -29.09 32.72 30.58
CA MET B 175 -29.38 31.35 30.13
C MET B 175 -29.77 30.55 31.36
N ASN B 176 -30.28 29.33 31.13
CA ASN B 176 -30.63 28.47 32.25
C ASN B 176 -29.46 28.36 33.22
N GLY B 177 -29.78 28.41 34.51
CA GLY B 177 -28.74 28.52 35.53
C GLY B 177 -27.75 27.38 35.49
N GLY B 178 -28.22 26.15 35.26
CA GLY B 178 -27.32 25.03 35.16
C GLY B 178 -26.37 25.17 33.97
N ARG B 179 -26.92 25.52 32.81
CA ARG B 179 -26.11 25.82 31.64
C ARG B 179 -25.15 26.96 31.92
N PHE B 180 -25.62 27.97 32.64
CA PHE B 180 -24.80 29.15 32.92
C PHE B 180 -23.55 28.78 33.72
N CYS B 181 -23.71 27.97 34.77
CA CYS B 181 -22.57 27.57 35.59
C CYS B 181 -21.53 26.83 34.75
N LYS B 182 -21.98 25.86 33.95
CA LYS B 182 -21.04 25.11 33.10
C LYS B 182 -20.37 26.03 32.08
N TRP B 183 -21.15 26.95 31.51
CA TRP B 183 -20.65 27.90 30.51
C TRP B 183 -19.54 28.76 31.10
N ASP B 184 -19.86 29.50 32.17
CA ASP B 184 -18.89 30.43 32.75
C ASP B 184 -17.65 29.69 33.26
N ASP B 185 -17.84 28.54 33.91
CA ASP B 185 -16.71 27.80 34.46
C ASP B 185 -15.76 27.35 33.36
N ALA B 186 -16.30 26.99 32.19
CA ALA B 186 -15.46 26.49 31.10
C ALA B 186 -14.58 27.57 30.51
N THR B 187 -15.04 28.83 30.52
CA THR B 187 -14.17 29.91 30.05
C THR B 187 -12.99 30.18 30.97
N TYR B 188 -12.97 29.61 32.19
CA TYR B 188 -11.83 29.78 33.08
C TYR B 188 -10.91 28.57 33.12
N ASN B 189 -11.36 27.39 32.68
CA ASN B 189 -10.47 26.24 32.76
C ASN B 189 -10.09 25.76 31.35
N ASN B 190 -9.56 24.53 31.24
CA ASN B 190 -9.03 24.06 29.97
C ASN B 190 -10.10 23.65 28.97
N LYS B 191 -11.37 23.68 29.36
CA LYS B 191 -12.41 23.35 28.40
C LYS B 191 -12.50 24.39 27.28
N SER B 192 -11.95 25.59 27.47
CA SER B 192 -12.08 26.65 26.50
C SER B 192 -10.82 26.89 25.68
N GLN B 193 -9.86 25.96 25.70
CA GLN B 193 -8.68 26.07 24.85
C GLN B 193 -8.27 24.70 24.34
N GLY B 194 -7.73 24.65 23.13
CA GLY B 194 -7.39 23.39 22.49
C GLY B 194 -7.36 23.56 20.98
N SER B 195 -7.41 22.44 20.28
CA SER B 195 -7.34 22.48 18.81
C SER B 195 -8.25 21.45 18.19
N LEU B 196 -8.66 21.74 16.94
CA LEU B 196 -9.47 20.84 16.13
C LEU B 196 -8.79 20.65 14.77
N GLU B 197 -9.14 19.56 14.09
CA GLU B 197 -8.60 19.26 12.78
C GLU B 197 -9.69 19.40 11.72
N LEU B 198 -9.24 19.47 10.47
CA LEU B 198 -10.10 19.61 9.30
C LEU B 198 -10.56 18.26 8.77
N PHE B 199 -11.85 18.16 8.46
CA PHE B 199 -12.41 17.12 7.59
C PHE B 199 -12.41 15.73 8.23
N ASN B 200 -12.78 15.64 9.51
CA ASN B 200 -13.05 14.33 10.08
C ASN B 200 -14.51 14.25 10.49
N ASN B 201 -14.93 13.05 10.88
CA ASN B 201 -16.28 12.81 11.35
C ASN B 201 -16.37 12.80 12.88
N GLY B 202 -15.29 13.17 13.57
CA GLY B 202 -15.33 13.29 15.01
C GLY B 202 -15.55 14.71 15.48
N THR B 203 -14.57 15.28 16.21
CA THR B 203 -14.74 16.59 16.82
C THR B 203 -14.42 17.75 15.88
N GLY B 204 -14.02 17.48 14.64
CA GLY B 204 -13.35 18.47 13.82
C GLY B 204 -14.25 19.31 12.94
N LEU B 205 -13.61 20.08 12.05
CA LEU B 205 -14.28 21.01 11.16
C LEU B 205 -14.64 20.35 9.84
N THR B 206 -15.73 20.84 9.24
CA THR B 206 -16.18 20.33 7.95
C THR B 206 -16.00 21.33 6.82
N MET B 207 -15.49 22.52 7.12
CA MET B 207 -15.18 23.49 6.09
C MET B 207 -13.88 24.16 6.50
N PRO B 208 -13.05 24.55 5.53
CA PRO B 208 -11.70 25.04 5.83
C PRO B 208 -11.67 26.54 6.10
N TRP B 209 -12.48 26.98 7.06
CA TRP B 209 -12.52 28.40 7.39
C TRP B 209 -13.00 28.57 8.82
N TRP B 210 -12.70 29.73 9.40
CA TRP B 210 -13.20 30.10 10.72
C TRP B 210 -13.09 31.62 10.84
N GLY B 211 -13.71 32.17 11.89
CA GLY B 211 -13.67 33.62 11.97
C GLY B 211 -14.16 34.17 13.29
N THR B 212 -14.13 35.50 13.38
CA THR B 212 -14.59 36.21 14.56
C THR B 212 -15.33 37.46 14.09
N TYR B 213 -16.28 37.91 14.91
CA TYR B 213 -16.99 39.14 14.56
C TYR B 213 -17.45 39.82 15.84
N ASN B 214 -17.57 41.15 15.76
CA ASN B 214 -18.27 41.89 16.81
C ASN B 214 -19.40 42.66 16.14
N GLU B 215 -19.97 43.63 16.84
CA GLU B 215 -21.10 44.35 16.27
C GLU B 215 -20.71 45.25 15.11
N LYS B 216 -19.42 45.52 14.93
CA LYS B 216 -18.95 46.42 13.87
C LYS B 216 -18.48 45.70 12.63
N SER B 217 -17.76 44.58 12.77
CA SER B 217 -17.17 43.96 11.59
C SER B 217 -16.83 42.50 11.86
N ALA B 218 -16.50 41.80 10.78
CA ALA B 218 -16.23 40.37 10.81
C ALA B 218 -14.97 40.09 10.01
N VAL B 219 -14.22 39.06 10.42
CA VAL B 219 -13.11 38.56 9.63
C VAL B 219 -13.19 37.03 9.65
N MET B 220 -12.90 36.42 8.52
CA MET B 220 -12.81 34.97 8.38
C MET B 220 -11.55 34.64 7.60
N GLY B 221 -10.99 33.47 7.86
CA GLY B 221 -9.83 33.01 7.12
C GLY B 221 -10.15 31.73 6.40
N ILE B 222 -9.81 31.63 5.11
CA ILE B 222 -10.05 30.45 4.30
C ILE B 222 -8.70 29.78 4.05
N VAL B 223 -8.56 28.55 4.53
CA VAL B 223 -7.31 27.82 4.37
C VAL B 223 -7.14 27.34 2.94
N ASP B 224 -5.93 27.49 2.41
CA ASP B 224 -5.59 27.03 1.07
C ASP B 224 -6.00 25.56 0.89
N VAL B 225 -6.50 25.25 -0.30
CA VAL B 225 -7.01 23.91 -0.58
C VAL B 225 -5.94 22.83 -0.40
N SER B 226 -4.68 23.20 -0.50
CA SER B 226 -3.60 22.21 -0.46
C SER B 226 -3.05 21.96 0.94
N ALA B 227 -3.54 22.66 1.96
CA ALA B 227 -2.93 22.59 3.28
C ALA B 227 -3.90 21.99 4.30
N ARG B 228 -3.35 21.41 5.36
CA ARG B 228 -4.15 20.88 6.47
C ARG B 228 -3.59 21.37 7.80
N PRO B 229 -3.73 22.65 8.11
CA PRO B 229 -3.47 23.13 9.47
C PRO B 229 -4.53 22.61 10.42
N HIS B 230 -4.20 22.65 11.70
CA HIS B 230 -5.21 22.54 12.74
C HIS B 230 -5.67 23.94 13.14
N MET B 231 -6.71 24.00 13.96
CA MET B 231 -7.23 25.29 14.42
C MET B 231 -7.18 25.33 15.94
N GLN B 232 -6.39 26.25 16.50
CA GLN B 232 -6.39 26.46 17.94
C GLN B 232 -7.54 27.39 18.30
N TYR B 233 -8.24 27.08 19.41
CA TYR B 233 -9.29 27.96 19.90
C TYR B 233 -8.99 28.40 21.34
N ASN B 234 -9.52 29.57 21.66
CA ASN B 234 -9.43 30.14 23.01
C ASN B 234 -10.71 30.94 23.21
N ILE B 235 -11.64 30.39 23.99
CA ILE B 235 -12.99 30.95 24.08
C ILE B 235 -13.18 31.65 25.42
N ASN B 236 -12.87 32.94 25.45
CA ASN B 236 -13.03 33.80 26.61
C ASN B 236 -12.08 33.44 27.75
N ASN B 237 -11.01 32.69 27.45
CA ASN B 237 -10.01 32.29 28.43
C ASN B 237 -8.90 33.35 28.53
N ASN B 238 -8.43 33.60 29.75
CA ASN B 238 -7.39 34.60 29.97
C ASN B 238 -5.98 34.00 29.94
N GLY B 239 -5.84 32.75 29.50
CA GLY B 239 -4.53 32.14 29.39
C GLY B 239 -4.00 31.52 30.66
N GLN B 240 -4.86 31.31 31.66
CA GLN B 240 -4.42 30.67 32.90
C GLN B 240 -3.77 29.32 32.62
N TYR B 241 -4.19 28.63 31.56
CA TYR B 241 -3.58 27.35 31.21
C TYR B 241 -2.08 27.47 30.96
N LEU B 242 -1.59 28.65 30.58
CA LEU B 242 -0.17 28.87 30.36
C LEU B 242 0.60 29.04 31.66
N PHE B 243 -0.07 29.26 32.78
CA PHE B 243 0.61 29.56 34.03
C PHE B 243 0.37 28.56 35.14
N ASN B 244 -0.47 27.54 34.91
CA ASN B 244 -0.81 26.62 35.98
C ASN B 244 0.40 25.83 36.45
N ALA B 245 1.29 25.46 35.53
CA ALA B 245 2.48 24.72 35.92
C ALA B 245 3.45 25.59 36.69
N LYS B 246 3.42 26.91 36.44
CA LYS B 246 4.25 27.82 37.21
C LYS B 246 3.60 28.24 38.53
N GLY B 247 2.33 27.89 38.75
CA GLY B 247 1.68 28.24 40.00
C GLY B 247 1.53 29.73 40.21
N VAL B 248 1.19 30.47 39.16
CA VAL B 248 0.95 31.90 39.25
C VAL B 248 -0.36 32.22 38.54
N MET B 249 -0.93 33.36 38.88
CA MET B 249 -2.17 33.81 38.23
C MET B 249 -1.83 34.48 36.90
N SER B 250 -2.62 34.18 35.88
CA SER B 250 -2.39 34.78 34.58
C SER B 250 -2.51 36.30 34.67
N PRO B 251 -1.62 37.05 34.03
CA PRO B 251 -1.75 38.51 33.96
C PRO B 251 -2.49 39.01 32.72
N TYR B 252 -3.06 38.13 31.91
CA TYR B 252 -3.66 38.52 30.64
C TYR B 252 -5.16 38.71 30.78
N GLN B 253 -5.75 39.32 29.76
CA GLN B 253 -7.19 39.56 29.71
C GLN B 253 -7.92 38.44 29.00
N ARG B 254 -9.18 38.24 29.39
CA ARG B 254 -10.04 37.28 28.72
C ARG B 254 -10.34 37.72 27.28
N ILE B 255 -10.03 36.86 26.31
CA ILE B 255 -10.22 37.17 24.89
C ILE B 255 -10.70 35.92 24.16
N VAL B 256 -11.19 36.13 22.94
CA VAL B 256 -11.55 35.06 22.01
C VAL B 256 -10.58 35.13 20.83
N PHE B 257 -9.94 34.00 20.52
CA PHE B 257 -9.18 33.95 19.28
C PHE B 257 -9.19 32.54 18.71
N LEU B 258 -8.92 32.48 17.40
CA LEU B 258 -8.81 31.25 16.62
C LEU B 258 -7.56 31.37 15.77
N ASP B 259 -6.64 30.41 15.91
CA ASP B 259 -5.36 30.49 15.22
C ASP B 259 -5.15 29.27 14.34
N PRO B 260 -4.61 29.45 13.14
CA PRO B 260 -4.09 28.29 12.40
C PRO B 260 -2.85 27.73 13.06
N ILE B 261 -2.78 26.40 13.10
CA ILE B 261 -1.59 25.67 13.54
C ILE B 261 -1.01 24.98 12.31
N TRP B 262 0.11 25.50 11.81
CA TRP B 262 0.80 24.89 10.69
C TRP B 262 1.69 23.76 11.23
N LYS B 263 1.49 22.54 10.72
CA LYS B 263 2.25 21.37 11.18
C LYS B 263 3.50 21.26 10.33
N LEU B 264 4.57 21.94 10.75
CA LEU B 264 5.75 22.06 9.90
C LEU B 264 6.41 20.71 9.66
N ASP B 265 6.27 19.78 10.60
CA ASP B 265 6.85 18.45 10.46
C ASP B 265 6.09 17.57 9.48
N GLN B 266 4.91 18.01 9.01
CA GLN B 266 4.07 17.16 8.17
C GLN B 266 3.64 17.87 6.89
N GLU B 267 3.48 19.19 6.95
CA GLU B 267 2.75 19.92 5.91
C GLU B 267 3.57 20.01 4.64
N LYS B 268 2.99 19.56 3.53
CA LYS B 268 3.60 19.66 2.22
C LYS B 268 2.91 20.65 1.30
N GLY B 269 1.72 21.13 1.66
CA GLY B 269 1.00 22.07 0.84
C GLY B 269 1.43 23.50 1.07
N LYS B 270 0.70 24.41 0.42
CA LYS B 270 0.96 25.84 0.51
C LYS B 270 0.32 26.36 1.79
N MET B 271 1.15 26.89 2.70
CA MET B 271 0.68 27.25 4.03
C MET B 271 0.09 28.66 4.00
N ARG B 272 -1.02 28.79 3.28
CA ARG B 272 -1.65 30.08 3.04
C ARG B 272 -3.05 30.08 3.64
N ILE B 273 -3.41 31.18 4.27
CA ILE B 273 -4.77 31.42 4.71
C ILE B 273 -5.20 32.78 4.17
N SER B 274 -6.42 32.86 3.65
CA SER B 274 -6.94 34.06 2.99
C SER B 274 -7.96 34.71 3.91
N TYR B 275 -7.64 35.90 4.40
CA TYR B 275 -8.54 36.57 5.34
C TYR B 275 -9.46 37.52 4.58
N HIS B 276 -10.75 37.39 4.81
CA HIS B 276 -11.77 38.27 4.23
C HIS B 276 -12.40 39.11 5.32
N PHE B 277 -12.45 40.43 5.11
CA PHE B 277 -12.94 41.38 6.10
C PHE B 277 -14.28 41.95 5.64
N ILE B 278 -15.32 41.73 6.45
CA ILE B 278 -16.70 42.03 6.09
C ILE B 278 -17.31 43.06 7.04
N PRO B 279 -17.55 44.29 6.59
CA PRO B 279 -18.16 45.30 7.46
C PRO B 279 -19.55 44.87 7.89
N GLY B 280 -19.80 44.92 9.20
CA GLY B 280 -21.12 44.59 9.73
C GLY B 280 -21.55 43.15 9.54
N GLY B 281 -20.61 42.24 9.23
CA GLY B 281 -20.99 40.87 8.94
C GLY B 281 -21.04 39.96 10.17
N ASP B 282 -21.70 38.82 10.03
CA ASP B 282 -21.69 37.79 11.07
C ASP B 282 -21.47 36.44 10.40
N TYR B 283 -21.80 35.35 11.11
CA TYR B 283 -21.54 34.02 10.59
C TYR B 283 -22.28 33.75 9.28
N VAL B 284 -23.43 34.42 9.04
CA VAL B 284 -24.14 34.23 7.79
C VAL B 284 -23.30 34.76 6.62
N ASP B 285 -22.77 35.99 6.76
CA ASP B 285 -21.97 36.56 5.69
C ASP B 285 -20.70 35.76 5.48
N MET B 286 -20.12 35.24 6.56
CA MET B 286 -18.95 34.39 6.41
C MET B 286 -19.26 33.17 5.57
N ALA B 287 -20.39 32.52 5.85
CA ALA B 287 -20.76 31.32 5.10
C ALA B 287 -20.95 31.63 3.62
N LYS B 288 -21.55 32.79 3.30
CA LYS B 288 -21.79 33.12 1.89
C LYS B 288 -20.49 33.46 1.18
N VAL B 289 -19.52 34.03 1.88
CA VAL B 289 -18.20 34.22 1.29
C VAL B 289 -17.58 32.86 0.95
N TYR B 290 -17.62 31.92 1.88
CA TYR B 290 -17.03 30.62 1.56
C TYR B 290 -17.84 29.89 0.49
N GLN B 291 -19.15 30.14 0.39
CA GLN B 291 -19.94 29.48 -0.64
C GLN B 291 -19.40 29.79 -2.04
N LYS B 292 -18.95 31.02 -2.27
CA LYS B 292 -18.32 31.33 -3.56
C LYS B 292 -17.06 30.48 -3.77
N GLU B 293 -16.24 30.33 -2.73
CA GLU B 293 -15.04 29.51 -2.83
C GLU B 293 -15.38 28.04 -2.99
N ALA B 294 -16.43 27.57 -2.30
CA ALA B 294 -16.87 26.19 -2.45
C ALA B 294 -17.22 25.87 -3.89
N LYS B 295 -17.90 26.79 -4.58
CA LYS B 295 -18.21 26.60 -5.98
C LYS B 295 -16.95 26.56 -6.83
N ALA B 296 -16.01 27.48 -6.57
CA ALA B 296 -14.77 27.51 -7.34
C ALA B 296 -13.97 26.23 -7.16
N ARG B 297 -14.09 25.58 -5.99
CA ARG B 297 -13.34 24.36 -5.71
C ARG B 297 -13.98 23.11 -6.31
N GLY B 298 -15.20 23.21 -6.85
CA GLY B 298 -15.87 22.09 -7.46
C GLY B 298 -16.77 21.28 -6.55
N HIS B 299 -16.89 21.66 -5.27
CA HIS B 299 -17.68 20.87 -4.33
C HIS B 299 -19.18 21.01 -4.58
N PHE B 300 -19.59 22.14 -5.14
CA PHE B 300 -21.00 22.54 -5.18
C PHE B 300 -21.65 21.99 -6.45
N VAL B 301 -22.39 20.90 -6.30
CA VAL B 301 -23.25 20.37 -7.35
C VAL B 301 -24.67 20.39 -6.81
N SER B 302 -25.55 21.14 -7.46
CA SER B 302 -26.84 21.47 -6.86
C SER B 302 -27.80 20.29 -6.92
N LEU B 303 -28.72 20.25 -5.95
CA LEU B 303 -29.79 19.25 -5.96
C LEU B 303 -30.71 19.40 -7.17
N GLN B 304 -30.78 20.59 -7.77
CA GLN B 304 -31.52 20.76 -9.01
C GLN B 304 -30.80 20.08 -10.18
N GLU B 305 -29.48 20.17 -10.23
CA GLU B 305 -28.72 19.39 -11.21
C GLU B 305 -28.95 17.90 -10.99
N LYS B 306 -28.82 17.45 -9.74
CA LYS B 306 -29.00 16.04 -9.42
C LYS B 306 -30.42 15.57 -9.72
N LEU B 307 -31.42 16.43 -9.51
CA LEU B 307 -32.79 16.09 -9.88
C LEU B 307 -32.95 15.97 -11.39
N LYS B 308 -32.33 16.88 -12.14
CA LYS B 308 -32.38 16.78 -13.59
C LYS B 308 -31.79 15.46 -14.07
N ARG B 309 -30.69 15.02 -13.44
CA ARG B 309 -30.08 13.77 -13.84
C ARG B 309 -30.88 12.56 -13.39
N ASN B 310 -31.54 12.64 -12.23
CA ASN B 310 -32.31 11.52 -11.68
C ASN B 310 -33.61 12.03 -11.09
N PRO B 311 -34.74 11.87 -11.79
CA PRO B 311 -36.02 12.36 -11.26
C PRO B 311 -36.40 11.76 -9.92
N ASN B 312 -35.89 10.58 -9.56
CA ASN B 312 -36.21 9.97 -8.28
C ASN B 312 -35.66 10.75 -7.10
N VAL B 313 -34.79 11.74 -7.33
CA VAL B 313 -34.40 12.64 -6.24
C VAL B 313 -35.63 13.28 -5.61
N ASN B 314 -36.69 13.48 -6.39
CA ASN B 314 -37.86 14.12 -5.83
C ASN B 314 -38.66 13.21 -4.91
N LYS B 315 -38.16 12.00 -4.62
CA LYS B 315 -38.74 11.17 -3.58
C LYS B 315 -38.24 11.54 -2.19
N LEU B 316 -37.25 12.43 -2.10
CA LEU B 316 -36.62 12.85 -0.84
C LEU B 316 -37.34 14.01 -0.16
N PRO B 317 -37.79 15.06 -0.85
CA PRO B 317 -38.46 16.18 -0.14
C PRO B 317 -39.69 15.69 0.62
N GLY B 318 -39.71 15.97 1.91
CA GLY B 318 -40.80 15.54 2.77
C GLY B 318 -40.72 14.11 3.23
N ALA B 319 -39.59 13.43 3.00
CA ALA B 319 -39.44 12.04 3.41
C ALA B 319 -38.82 11.95 4.80
N ILE B 320 -39.31 10.99 5.58
CA ILE B 320 -38.70 10.61 6.83
C ILE B 320 -37.70 9.49 6.54
N TYR B 321 -36.50 9.63 7.07
CA TYR B 321 -35.46 8.62 6.97
C TYR B 321 -35.64 7.62 8.11
N PHE B 322 -35.94 6.37 7.75
CA PHE B 322 -36.16 5.29 8.71
C PHE B 322 -35.01 4.31 8.64
N GLY B 323 -34.28 4.16 9.75
CA GLY B 323 -33.31 3.09 9.85
C GLY B 323 -33.86 1.99 10.74
N ILE B 324 -34.06 0.81 10.16
CA ILE B 324 -34.52 -0.36 10.91
C ILE B 324 -33.28 -1.16 11.24
N TYR B 325 -32.87 -1.13 12.51
CA TYR B 325 -31.57 -1.64 12.91
C TYR B 325 -31.72 -3.03 13.50
N GLY B 326 -31.26 -4.04 12.75
CA GLY B 326 -31.38 -5.42 13.16
C GLY B 326 -30.12 -6.04 13.72
N GLY B 327 -29.24 -5.23 14.30
CA GLY B 327 -28.03 -5.72 14.95
C GLY B 327 -26.84 -5.90 14.04
N TYR B 328 -27.00 -5.66 12.74
CA TYR B 328 -26.09 -5.72 11.61
C TYR B 328 -25.64 -4.31 11.25
N PRO B 329 -24.38 -4.09 10.88
CA PRO B 329 -23.31 -5.04 10.55
C PRO B 329 -22.59 -5.67 11.75
N HIS B 330 -22.97 -5.26 12.96
CA HIS B 330 -22.23 -5.68 14.15
C HIS B 330 -22.35 -7.19 14.37
N TYR B 331 -23.52 -7.77 14.09
CA TYR B 331 -23.74 -9.20 14.28
C TYR B 331 -24.60 -9.73 13.13
N VAL B 332 -24.48 -11.03 12.88
CA VAL B 332 -25.25 -11.69 11.82
C VAL B 332 -26.42 -12.43 12.48
N ASN B 333 -27.64 -11.97 12.19
CA ASN B 333 -28.88 -12.58 12.70
C ASN B 333 -28.86 -12.66 14.23
N MET B 334 -28.64 -11.52 14.86
CA MET B 334 -28.61 -11.51 16.33
C MET B 334 -30.00 -11.74 16.90
N PRO B 335 -30.22 -12.73 17.76
CA PRO B 335 -31.54 -12.92 18.36
C PRO B 335 -31.96 -11.71 19.18
N GLY B 336 -33.21 -11.31 19.02
CA GLY B 336 -33.75 -10.15 19.70
C GLY B 336 -33.51 -8.83 19.01
N MET B 337 -32.77 -8.81 17.90
CA MET B 337 -32.52 -7.58 17.16
C MET B 337 -32.79 -7.72 15.67
N ALA B 338 -32.33 -8.80 15.05
CA ALA B 338 -32.54 -9.03 13.63
C ALA B 338 -34.03 -9.14 13.32
N PHE B 339 -34.42 -8.54 12.20
CA PHE B 339 -35.76 -8.67 11.64
C PHE B 339 -35.78 -9.70 10.53
N THR B 340 -36.91 -10.40 10.40
CA THR B 340 -37.14 -11.15 9.18
C THR B 340 -37.65 -10.21 8.09
N PHE B 341 -37.55 -10.68 6.84
CA PHE B 341 -38.00 -9.84 5.73
C PHE B 341 -39.51 -9.63 5.76
N ASP B 342 -40.26 -10.63 6.23
CA ASP B 342 -41.70 -10.45 6.44
C ASP B 342 -41.97 -9.38 7.49
N GLU B 343 -41.18 -9.37 8.56
CA GLU B 343 -41.32 -8.33 9.57
C GLU B 343 -40.97 -6.96 8.98
N LEU B 344 -39.90 -6.91 8.19
CA LEU B 344 -39.57 -5.67 7.48
C LEU B 344 -40.73 -5.21 6.60
N LYS B 345 -41.32 -6.11 5.83
CA LYS B 345 -42.45 -5.73 4.97
C LYS B 345 -43.59 -5.17 5.81
N ASN B 346 -43.86 -5.79 6.96
N ASN B 346 -43.86 -5.81 6.95
CA ASN B 346 -44.99 -5.32 7.77
CA ASN B 346 -44.94 -5.38 7.84
C ASN B 346 -44.71 -3.96 8.41
C ASN B 346 -44.71 -3.97 8.37
N ILE B 347 -43.44 -3.65 8.69
CA ILE B 347 -43.10 -2.31 9.20
C ILE B 347 -43.32 -1.26 8.11
N ILE B 348 -42.90 -1.57 6.87
CA ILE B 348 -43.11 -0.64 5.77
C ILE B 348 -44.60 -0.40 5.53
N LYS B 349 -45.41 -1.46 5.62
CA LYS B 349 -46.86 -1.31 5.42
C LYS B 349 -47.49 -0.44 6.50
N THR B 350 -47.09 -0.64 7.76
CA THR B 350 -47.68 0.13 8.85
C THR B 350 -47.33 1.60 8.73
N ILE B 351 -46.07 1.91 8.43
CA ILE B 351 -45.65 3.30 8.22
C ILE B 351 -46.53 3.98 7.16
N HIS B 352 -46.86 3.27 6.09
CA HIS B 352 -47.64 3.88 5.02
C HIS B 352 -49.14 3.86 5.34
N ASP B 353 -49.68 2.69 5.70
CA ASP B 353 -51.12 2.56 5.83
C ASP B 353 -51.62 3.18 7.14
N ASP B 354 -50.99 2.85 8.26
CA ASP B 354 -51.49 3.33 9.54
C ASP B 354 -50.95 4.71 9.88
N LEU B 355 -49.66 4.95 9.63
CA LEU B 355 -49.07 6.23 9.99
C LEU B 355 -49.14 7.25 8.87
N ARG B 356 -49.68 6.88 7.71
CA ARG B 356 -49.94 7.80 6.59
C ARG B 356 -48.70 8.63 6.24
N VAL B 357 -47.53 8.00 6.25
CA VAL B 357 -46.32 8.66 5.80
C VAL B 357 -46.28 8.62 4.27
N ASP B 358 -46.30 9.80 3.65
CA ASP B 358 -46.43 9.86 2.21
C ASP B 358 -45.11 9.58 1.50
N LYS B 359 -43.98 9.94 2.11
CA LYS B 359 -42.67 9.78 1.50
C LYS B 359 -41.69 9.32 2.55
N ALA B 360 -40.77 8.44 2.16
CA ALA B 360 -39.87 7.83 3.13
C ALA B 360 -38.66 7.24 2.42
N PHE B 361 -37.55 7.18 3.16
CA PHE B 361 -36.35 6.43 2.79
C PHE B 361 -36.19 5.31 3.82
N VAL B 362 -36.41 4.07 3.39
CA VAL B 362 -36.33 2.90 4.26
C VAL B 362 -34.94 2.31 4.10
N HIS B 363 -34.21 2.20 5.21
CA HIS B 363 -32.83 1.75 5.23
C HIS B 363 -32.75 0.54 6.17
N ALA B 364 -32.55 -0.65 5.60
CA ALA B 364 -32.67 -1.90 6.34
C ALA B 364 -31.28 -2.42 6.71
N TRP B 365 -30.98 -2.42 8.01
CA TRP B 365 -29.67 -2.84 8.52
C TRP B 365 -29.76 -4.31 8.89
N GLY B 366 -29.34 -5.18 7.97
CA GLY B 366 -29.32 -6.60 8.23
C GLY B 366 -30.08 -7.40 7.20
N THR B 367 -29.54 -7.49 5.99
CA THR B 367 -30.15 -8.25 4.91
C THR B 367 -29.25 -9.36 4.37
N PHE B 368 -28.01 -9.46 4.83
CA PHE B 368 -27.03 -10.42 4.31
C PHE B 368 -26.53 -11.34 5.42
N SER B 369 -26.14 -12.56 5.02
CA SER B 369 -25.73 -13.58 5.97
C SER B 369 -24.21 -13.69 6.10
N ASN B 370 -23.46 -12.81 5.46
CA ASN B 370 -22.04 -12.64 5.74
C ASN B 370 -21.81 -11.27 6.35
N PHE B 371 -20.71 -11.14 7.07
CA PHE B 371 -20.30 -9.83 7.58
C PHE B 371 -19.78 -8.96 6.45
N VAL B 372 -19.99 -7.66 6.58
CA VAL B 372 -19.32 -6.67 5.73
C VAL B 372 -17.82 -6.89 5.90
N PRO B 373 -17.00 -6.72 4.86
CA PRO B 373 -17.27 -6.11 3.56
C PRO B 373 -17.76 -7.06 2.46
N HIS B 374 -18.27 -8.23 2.83
CA HIS B 374 -18.90 -9.15 1.88
C HIS B 374 -20.40 -9.01 2.09
N ASN B 375 -20.99 -8.12 1.30
CA ASN B 375 -22.38 -7.68 1.44
C ASN B 375 -23.33 -8.60 0.68
N TYR B 376 -23.26 -9.90 0.98
CA TYR B 376 -23.96 -10.93 0.23
C TYR B 376 -23.79 -12.25 0.97
N PRO B 377 -24.65 -13.25 0.70
CA PRO B 377 -25.85 -13.18 -0.12
C PRO B 377 -27.00 -12.64 0.70
N ILE B 378 -28.13 -12.35 0.05
CA ILE B 378 -29.34 -12.06 0.79
C ILE B 378 -29.65 -13.24 1.69
N SER B 379 -29.89 -12.96 2.98
CA SER B 379 -29.89 -14.01 3.99
C SER B 379 -31.06 -14.97 3.82
N GLU B 380 -30.75 -16.27 3.73
CA GLU B 380 -31.80 -17.29 3.74
C GLU B 380 -32.49 -17.36 5.10
N ALA B 381 -31.73 -17.21 6.18
CA ALA B 381 -32.33 -17.33 7.50
C ALA B 381 -33.38 -16.26 7.76
N LEU B 382 -33.25 -15.09 7.13
CA LEU B 382 -34.22 -14.02 7.31
C LEU B 382 -35.40 -14.12 6.35
N GLY B 383 -35.38 -15.08 5.43
CA GLY B 383 -36.50 -15.26 4.51
C GLY B 383 -36.10 -15.46 3.06
N GLY B 384 -34.88 -15.10 2.70
CA GLY B 384 -34.38 -15.35 1.38
C GLY B 384 -34.68 -14.24 0.39
N PRO B 385 -34.15 -14.36 -0.82
CA PRO B 385 -34.27 -13.25 -1.80
C PRO B 385 -35.70 -12.87 -2.14
N GLU B 386 -36.59 -13.85 -2.34
CA GLU B 386 -37.95 -13.54 -2.78
C GLU B 386 -38.70 -12.73 -1.74
N LYS B 387 -38.48 -13.02 -0.45
CA LYS B 387 -39.18 -12.28 0.60
C LYS B 387 -38.59 -10.89 0.81
N LEU B 388 -37.29 -10.71 0.64
CA LEU B 388 -36.75 -9.35 0.62
C LEU B 388 -37.30 -8.56 -0.56
N LYS B 389 -37.34 -9.19 -1.75
CA LYS B 389 -37.90 -8.52 -2.92
C LYS B 389 -39.34 -8.10 -2.69
N ALA B 390 -40.14 -8.94 -2.01
CA ALA B 390 -41.52 -8.56 -1.70
C ALA B 390 -41.58 -7.32 -0.80
N ALA B 391 -40.66 -7.21 0.16
CA ALA B 391 -40.62 -6.02 1.00
C ALA B 391 -40.23 -4.79 0.21
N VAL B 392 -39.21 -4.92 -0.65
CA VAL B 392 -38.76 -3.80 -1.47
C VAL B 392 -39.82 -3.40 -2.49
N ASP B 393 -40.49 -4.40 -3.10
CA ASP B 393 -41.55 -4.09 -4.05
C ASP B 393 -42.67 -3.31 -3.37
N LEU B 394 -42.98 -3.64 -2.11
CA LEU B 394 -44.02 -2.91 -1.40
C LEU B 394 -43.62 -1.45 -1.20
N ALA B 395 -42.37 -1.22 -0.79
CA ALA B 395 -41.89 0.15 -0.61
C ALA B 395 -41.96 0.92 -1.92
N LYS B 396 -41.49 0.32 -3.02
CA LYS B 396 -41.52 1.00 -4.31
C LYS B 396 -42.95 1.31 -4.75
N SER B 397 -43.91 0.44 -4.43
CA SER B 397 -45.30 0.70 -4.80
C SER B 397 -45.88 1.90 -4.07
N TYR B 398 -45.28 2.30 -2.94
CA TYR B 398 -45.61 3.51 -2.21
C TYR B 398 -44.82 4.72 -2.68
N GLY B 399 -43.86 4.55 -3.59
CA GLY B 399 -42.97 5.64 -3.94
C GLY B 399 -41.88 5.90 -2.93
N TYR B 400 -41.63 4.94 -2.03
CA TYR B 400 -40.56 5.06 -1.04
C TYR B 400 -39.21 4.67 -1.65
N LEU B 401 -38.15 5.31 -1.15
CA LEU B 401 -36.79 4.85 -1.43
C LEU B 401 -36.42 3.71 -0.49
N TYR B 402 -35.55 2.81 -0.98
CA TYR B 402 -35.09 1.68 -0.18
C TYR B 402 -33.60 1.43 -0.42
N SER B 403 -32.87 1.14 0.66
CA SER B 403 -31.51 0.60 0.55
C SER B 403 -31.23 -0.35 1.70
N SER B 404 -30.48 -1.41 1.43
CA SER B 404 -29.88 -2.22 2.47
C SER B 404 -28.72 -1.46 3.11
N TYR B 405 -28.22 -1.98 4.23
CA TYR B 405 -26.96 -1.48 4.76
C TYR B 405 -25.80 -2.10 3.98
N HIS B 406 -24.89 -1.25 3.50
CA HIS B 406 -23.65 -1.69 2.86
C HIS B 406 -22.46 -0.98 3.47
N ALA B 407 -21.35 -1.71 3.61
CA ALA B 407 -20.07 -1.09 3.92
C ALA B 407 -18.96 -1.95 3.33
N TYR B 408 -17.97 -1.31 2.70
CA TYR B 408 -16.85 -2.02 2.09
C TYR B 408 -15.54 -1.79 2.81
N SER B 409 -15.54 -1.01 3.89
CA SER B 409 -14.38 -0.64 4.70
C SER B 409 -14.11 -1.50 5.95
N PRO B 410 -15.08 -2.18 6.55
CA PRO B 410 -14.78 -2.89 7.80
C PRO B 410 -13.96 -4.15 7.58
N MET B 411 -13.29 -4.57 8.66
CA MET B 411 -12.69 -5.91 8.74
C MET B 411 -12.78 -6.31 10.21
N LEU B 412 -13.75 -7.16 10.53
CA LEU B 412 -14.22 -7.33 11.91
C LEU B 412 -13.66 -8.60 12.54
N GLU B 413 -13.24 -8.46 13.81
CA GLU B 413 -12.65 -9.57 14.57
C GLU B 413 -13.59 -10.75 14.68
N ASN B 414 -14.89 -10.52 14.74
CA ASN B 414 -15.83 -11.63 14.89
C ASN B 414 -16.29 -12.22 13.55
N ASP B 415 -15.78 -11.70 12.43
CA ASP B 415 -16.05 -12.30 11.12
C ASP B 415 -15.21 -13.55 10.93
N PRO B 416 -15.80 -14.69 10.58
CA PRO B 416 -14.97 -15.88 10.24
C PRO B 416 -14.00 -15.63 9.11
N ASN B 417 -14.31 -14.70 8.20
CA ASN B 417 -13.47 -14.36 7.05
C ASN B 417 -12.46 -13.26 7.35
N PHE B 418 -12.28 -12.89 8.62
CA PHE B 418 -11.32 -11.85 8.97
C PHE B 418 -9.93 -12.20 8.45
N THR B 419 -9.25 -11.21 7.88
CA THR B 419 -7.88 -11.36 7.42
C THR B 419 -7.23 -9.99 7.47
N THR B 420 -5.93 -9.97 7.76
CA THR B 420 -5.18 -8.73 7.64
C THR B 420 -4.71 -8.47 6.21
N ASP B 421 -4.99 -9.39 5.27
CA ASP B 421 -4.54 -9.25 3.89
C ASP B 421 -5.06 -7.95 3.26
N LEU B 422 -6.29 -7.57 3.56
CA LEU B 422 -6.89 -6.37 2.96
C LEU B 422 -6.59 -5.10 3.75
N MET B 423 -5.79 -5.19 4.82
CA MET B 423 -5.52 -4.01 5.64
C MET B 423 -4.29 -3.28 5.11
N GLN B 424 -4.15 -2.03 5.52
CA GLN B 424 -3.05 -1.18 5.08
C GLN B 424 -1.95 -1.17 6.13
N ARG B 425 -0.70 -1.07 5.68
CA ARG B 425 0.46 -0.98 6.55
C ARG B 425 1.17 0.35 6.32
N ASP B 426 1.85 0.84 7.37
CA ASP B 426 2.49 2.14 7.33
C ASP B 426 3.96 2.01 6.91
N ALA B 427 4.69 3.12 6.93
CA ALA B 427 6.07 3.12 6.47
C ALA B 427 6.94 2.14 7.25
N GLU B 428 6.58 1.83 8.50
CA GLU B 428 7.33 0.88 9.30
C GLU B 428 6.86 -0.55 9.10
N GLY B 429 5.85 -0.77 8.28
CA GLY B 429 5.33 -2.11 8.05
C GLY B 429 4.29 -2.57 9.04
N LYS B 430 3.78 -1.68 9.89
CA LYS B 430 2.79 -2.03 10.90
C LYS B 430 1.38 -1.81 10.38
N LEU B 431 0.47 -2.68 10.79
CA LEU B 431 -0.93 -2.54 10.41
C LEU B 431 -1.48 -1.21 10.88
N MET B 432 -2.25 -0.56 10.02
CA MET B 432 -2.95 0.67 10.34
C MET B 432 -4.39 0.38 10.70
N ASN B 433 -4.95 1.24 11.56
CA ASN B 433 -6.35 1.16 11.99
C ASN B 433 -6.65 -0.12 12.78
N THR B 434 -5.65 -0.67 13.48
CA THR B 434 -5.95 -1.80 14.35
C THR B 434 -6.96 -1.41 15.43
N GLY B 435 -7.05 -0.13 15.77
CA GLY B 435 -8.02 0.36 16.72
C GLY B 435 -9.31 0.91 16.14
N SER B 436 -9.55 0.76 14.82
CA SER B 436 -10.75 1.31 14.16
C SER B 436 -11.34 0.24 13.23
N ARG B 437 -12.11 -0.69 13.82
CA ARG B 437 -12.50 -1.89 13.09
C ARG B 437 -13.36 -1.57 11.87
N TRP B 438 -14.06 -0.44 11.86
CA TRP B 438 -14.99 -0.13 10.77
C TRP B 438 -14.30 0.46 9.54
N ALA B 439 -13.06 0.92 9.67
CA ALA B 439 -12.30 1.50 8.56
C ALA B 439 -10.91 0.86 8.49
N ARG B 440 -10.88 -0.46 8.26
CA ARG B 440 -9.63 -1.19 8.18
C ARG B 440 -9.24 -1.61 6.77
N VAL B 441 -10.18 -1.73 5.84
CA VAL B 441 -9.85 -2.15 4.49
C VAL B 441 -9.26 -0.98 3.72
N ASP B 442 -8.08 -1.17 3.15
CA ASP B 442 -7.47 -0.13 2.33
C ASP B 442 -8.44 0.33 1.26
N PRO B 443 -8.69 1.64 1.13
CA PRO B 443 -9.61 2.13 0.09
C PRO B 443 -9.30 1.63 -1.31
N LYS B 444 -8.04 1.33 -1.61
CA LYS B 444 -7.67 0.84 -2.93
C LYS B 444 -8.25 -0.54 -3.22
N PHE B 445 -8.78 -1.24 -2.22
CA PHE B 445 -9.45 -2.52 -2.42
C PHE B 445 -10.97 -2.39 -2.48
N GLN B 446 -11.55 -1.24 -2.11
CA GLN B 446 -12.97 -1.19 -1.78
C GLN B 446 -13.88 -1.23 -3.01
N LYS B 447 -13.48 -0.62 -4.13
CA LYS B 447 -14.29 -0.76 -5.34
C LYS B 447 -14.45 -2.22 -5.74
N GLY B 448 -13.36 -3.00 -5.71
CA GLY B 448 -13.46 -4.41 -6.05
C GLY B 448 -14.37 -5.18 -5.10
N LEU B 449 -14.37 -4.80 -3.82
CA LEU B 449 -15.29 -5.43 -2.88
C LEU B 449 -16.73 -5.06 -3.19
N ALA B 450 -16.99 -3.80 -3.56
CA ALA B 450 -18.33 -3.41 -3.97
C ALA B 450 -18.77 -4.14 -5.24
N GLN B 451 -17.85 -4.30 -6.20
CA GLN B 451 -18.19 -4.94 -7.47
C GLN B 451 -18.66 -6.39 -7.31
N LYS B 452 -18.37 -7.03 -6.18
CA LYS B 452 -18.71 -8.45 -6.05
C LYS B 452 -20.22 -8.69 -6.08
N ASN B 453 -21.04 -7.76 -5.58
CA ASN B 453 -22.46 -8.08 -5.53
C ASN B 453 -23.40 -6.90 -5.77
N ILE B 454 -22.92 -5.66 -5.67
CA ILE B 454 -23.85 -4.52 -5.65
C ILE B 454 -24.67 -4.47 -6.95
N GLU B 455 -24.06 -4.80 -8.09
CA GLU B 455 -24.84 -4.77 -9.32
C GLU B 455 -25.87 -5.89 -9.36
N LYS B 456 -25.59 -7.00 -8.68
CA LYS B 456 -26.56 -8.09 -8.64
C LYS B 456 -27.72 -7.76 -7.72
N GLU B 457 -27.44 -7.10 -6.58
CA GLU B 457 -28.52 -6.64 -5.72
C GLU B 457 -29.39 -5.62 -6.43
N ILE B 458 -28.75 -4.64 -7.09
CA ILE B 458 -29.50 -3.64 -7.87
C ILE B 458 -30.39 -4.31 -8.90
N SER B 459 -29.83 -5.23 -9.67
CA SER B 459 -30.59 -5.89 -10.73
C SER B 459 -31.71 -6.76 -10.16
N TYR B 460 -31.42 -7.55 -9.13
CA TYR B 460 -32.45 -8.47 -8.63
C TYR B 460 -33.57 -7.72 -7.92
N LEU B 461 -33.23 -6.75 -7.08
CA LEU B 461 -34.23 -6.01 -6.33
C LEU B 461 -34.81 -4.83 -7.09
N GLY B 462 -34.29 -4.54 -8.28
CA GLY B 462 -34.71 -3.35 -9.01
C GLY B 462 -34.51 -2.10 -8.17
N LEU B 463 -33.32 -1.95 -7.59
CA LEU B 463 -33.08 -0.87 -6.66
C LEU B 463 -33.15 0.49 -7.34
N GLU B 464 -33.64 1.47 -6.59
CA GLU B 464 -33.65 2.87 -7.01
C GLU B 464 -32.74 3.74 -6.18
N ALA B 465 -32.23 3.22 -5.06
CA ALA B 465 -31.48 4.01 -4.10
C ALA B 465 -30.36 3.14 -3.53
N ASP B 466 -29.40 3.81 -2.89
CA ASP B 466 -28.31 3.11 -2.22
C ASP B 466 -27.77 4.02 -1.12
N ILE B 467 -27.38 3.42 0.00
CA ILE B 467 -26.58 4.12 1.00
C ILE B 467 -25.37 3.25 1.28
N THR B 468 -24.18 3.87 1.30
CA THR B 468 -22.93 3.21 1.63
C THR B 468 -22.35 3.91 2.85
N ASP B 469 -21.94 3.11 3.87
N ASP B 469 -21.94 3.14 3.85
CA ASP B 469 -21.51 3.56 5.20
CA ASP B 469 -21.54 3.71 5.13
C ASP B 469 -20.00 3.81 5.24
C ASP B 469 -20.02 3.79 5.28
N ILE B 470 -19.60 4.62 6.23
CA ILE B 470 -18.21 4.74 6.71
C ILE B 470 -17.23 5.41 5.75
N THR B 471 -17.13 4.90 4.51
CA THR B 471 -15.99 5.24 3.67
C THR B 471 -15.90 6.74 3.41
N PHE B 472 -17.03 7.44 3.34
CA PHE B 472 -17.06 8.85 2.95
C PHE B 472 -17.40 9.76 4.12
N ALA B 473 -17.14 9.32 5.35
CA ALA B 473 -17.43 10.15 6.52
C ALA B 473 -16.33 11.16 6.80
N ALA B 474 -15.14 10.99 6.22
CA ALA B 474 -14.03 11.90 6.43
C ALA B 474 -13.40 12.21 5.07
N TYR B 475 -12.41 13.13 5.09
CA TYR B 475 -11.63 13.42 3.90
C TYR B 475 -10.16 13.58 4.31
N ARG B 476 -9.49 12.46 4.51
CA ARG B 476 -8.07 12.45 4.80
C ARG B 476 -7.28 12.21 3.52
N GLU B 477 -6.01 12.63 3.53
CA GLU B 477 -5.17 12.45 2.36
C GLU B 477 -4.92 10.98 2.07
N ASN B 478 -4.60 10.20 3.11
CA ASN B 478 -4.24 8.81 2.92
C ASN B 478 -5.46 8.01 2.46
N GLY B 479 -5.35 7.38 1.30
CA GLY B 479 -6.42 6.55 0.79
C GLY B 479 -7.45 7.27 -0.06
N LYS B 480 -7.32 8.58 -0.25
CA LYS B 480 -8.39 9.32 -0.92
C LYS B 480 -8.57 8.88 -2.36
N GLU B 481 -7.49 8.46 -3.04
CA GLU B 481 -7.61 7.99 -4.41
C GLU B 481 -8.53 6.77 -4.50
N GLY B 482 -8.40 5.85 -3.54
CA GLY B 482 -9.28 4.69 -3.52
C GLY B 482 -10.73 5.07 -3.24
N ARG B 483 -10.94 6.06 -2.37
CA ARG B 483 -12.30 6.46 -2.04
C ARG B 483 -12.96 7.16 -3.22
N ILE B 484 -12.21 8.01 -3.93
CA ILE B 484 -12.73 8.66 -5.13
C ILE B 484 -13.13 7.61 -6.17
N GLU B 485 -12.30 6.58 -6.33
CA GLU B 485 -12.62 5.49 -7.25
C GLU B 485 -13.94 4.83 -6.87
N LEU B 486 -14.12 4.50 -5.59
CA LEU B 486 -15.38 3.91 -5.14
C LEU B 486 -16.54 4.87 -5.33
N ALA B 487 -16.35 6.16 -5.01
CA ALA B 487 -17.42 7.13 -5.18
C ALA B 487 -17.87 7.24 -6.63
N LYS B 488 -16.92 7.30 -7.56
CA LYS B 488 -17.29 7.32 -8.98
C LYS B 488 -18.08 6.08 -9.37
N TYR B 489 -17.64 4.91 -8.89
CA TYR B 489 -18.33 3.67 -9.24
C TYR B 489 -19.79 3.69 -8.77
N ILE B 490 -20.02 4.04 -7.49
CA ILE B 490 -21.38 4.11 -6.97
C ILE B 490 -22.19 5.17 -7.73
N ASP B 491 -21.59 6.33 -7.96
CA ASP B 491 -22.29 7.40 -8.68
C ASP B 491 -22.66 6.99 -10.09
N SER B 492 -21.91 6.08 -10.72
CA SER B 492 -22.20 5.67 -12.09
C SER B 492 -23.53 4.94 -12.22
N PHE B 493 -24.08 4.41 -11.13
CA PHE B 493 -25.36 3.72 -11.19
C PHE B 493 -26.54 4.69 -11.30
N ASN B 494 -26.31 5.97 -11.05
CA ASN B 494 -27.37 6.99 -11.06
C ASN B 494 -28.57 6.57 -10.19
N LEU B 495 -28.27 6.12 -8.98
CA LEU B 495 -29.28 5.88 -7.96
C LEU B 495 -29.38 7.10 -7.05
N VAL B 496 -30.56 7.26 -6.43
CA VAL B 496 -30.66 8.24 -5.35
C VAL B 496 -29.83 7.71 -4.19
N ASN B 497 -28.69 8.33 -3.92
CA ASN B 497 -27.74 7.67 -3.04
C ASN B 497 -27.30 8.57 -1.91
N GLY B 498 -26.94 7.94 -0.79
CA GLY B 498 -26.53 8.64 0.40
C GLY B 498 -25.35 7.95 1.04
N THR B 499 -24.76 8.61 2.02
CA THR B 499 -23.61 8.03 2.71
C THR B 499 -23.56 8.62 4.12
N GLU B 500 -22.84 7.91 5.00
CA GLU B 500 -22.72 8.32 6.39
C GLU B 500 -21.90 9.59 6.52
N HIS B 501 -22.49 10.60 7.17
CA HIS B 501 -21.83 11.84 7.58
C HIS B 501 -21.48 12.74 6.40
N GLY B 502 -20.65 12.24 5.48
CA GLY B 502 -20.22 13.03 4.34
C GLY B 502 -19.18 14.09 4.70
N GLN B 503 -18.56 14.63 3.66
CA GLN B 503 -17.75 15.83 3.71
C GLN B 503 -18.02 16.62 2.43
N GLU B 504 -17.63 17.90 2.43
CA GLU B 504 -17.88 18.74 1.27
C GLU B 504 -17.29 18.15 -0.01
N GLN B 505 -16.15 17.44 0.09
CA GLN B 505 -15.49 16.92 -1.09
C GLN B 505 -16.29 15.82 -1.77
N TRP B 506 -17.21 15.17 -1.05
CA TRP B 506 -18.02 14.09 -1.59
C TRP B 506 -19.37 14.56 -2.12
N ILE B 507 -19.73 15.82 -1.93
CA ILE B 507 -21.02 16.34 -2.39
C ILE B 507 -21.30 16.05 -3.86
N PRO B 508 -20.32 16.10 -4.79
CA PRO B 508 -20.64 15.80 -6.19
C PRO B 508 -21.13 14.37 -6.45
N TYR B 509 -20.99 13.44 -5.50
CA TYR B 509 -21.24 12.02 -5.76
C TYR B 509 -22.49 11.46 -5.08
N PHE B 510 -23.13 12.23 -4.19
CA PHE B 510 -24.25 11.76 -3.40
C PHE B 510 -25.37 12.78 -3.44
N ASP B 511 -26.58 12.31 -3.12
CA ASP B 511 -27.74 13.16 -2.95
C ASP B 511 -28.04 13.51 -1.50
N MET B 512 -27.65 12.66 -0.55
CA MET B 512 -27.93 12.93 0.85
C MET B 512 -26.79 12.48 1.74
N PHE B 513 -26.64 13.15 2.88
CA PHE B 513 -25.73 12.77 3.94
C PHE B 513 -26.53 12.36 5.16
N GLU B 514 -26.18 11.21 5.76
CA GLU B 514 -26.78 10.81 7.03
C GLU B 514 -25.87 11.31 8.14
N GLY B 515 -26.24 12.44 8.74
CA GLY B 515 -25.43 13.12 9.72
C GLY B 515 -25.16 14.57 9.28
N MET B 516 -23.91 15.00 9.45
CA MET B 516 -23.56 16.40 9.33
C MET B 516 -24.44 17.24 10.27
N THR B 517 -24.48 16.78 11.52
CA THR B 517 -25.22 17.46 12.59
C THR B 517 -24.25 17.73 13.71
N TYR B 518 -24.34 17.00 14.84
CA TYR B 518 -23.55 17.26 16.03
C TYR B 518 -23.19 15.95 16.72
N LEU B 519 -21.95 15.85 17.18
CA LEU B 519 -21.63 14.83 18.18
C LEU B 519 -22.39 15.11 19.47
N GLU B 520 -22.61 14.07 20.27
CA GLU B 520 -23.25 14.28 21.58
C GLU B 520 -22.26 14.83 22.59
N ASP B 521 -21.09 14.20 22.70
CA ASP B 521 -19.99 14.66 23.55
CA ASP B 521 -19.99 14.65 23.55
C ASP B 521 -18.94 15.30 22.65
N ARG B 522 -18.67 16.60 22.87
CA ARG B 522 -17.76 17.28 21.96
C ARG B 522 -17.09 18.45 22.65
N PRO B 523 -15.85 18.75 22.29
CA PRO B 523 -15.22 20.01 22.72
C PRO B 523 -16.11 21.19 22.34
N LEU B 524 -16.20 22.15 23.26
CA LEU B 524 -16.94 23.42 23.18
C LEU B 524 -18.44 23.26 23.39
N SER B 525 -18.96 22.06 23.68
CA SER B 525 -20.41 21.91 23.76
C SER B 525 -21.04 22.79 24.84
N VAL B 526 -20.32 23.04 25.94
CA VAL B 526 -20.94 23.85 27.01
C VAL B 526 -20.69 25.35 26.83
N ILE B 527 -19.97 25.76 25.77
CA ILE B 527 -19.71 27.17 25.52
C ILE B 527 -19.94 27.53 24.06
N SER B 528 -20.93 26.92 23.42
CA SER B 528 -21.23 27.27 22.06
C SER B 528 -22.72 27.06 21.81
N HIS B 529 -23.22 27.65 20.74
CA HIS B 529 -24.57 27.41 20.28
C HIS B 529 -24.52 26.77 18.90
N PRO B 530 -25.31 25.72 18.64
CA PRO B 530 -25.43 25.21 17.28
C PRO B 530 -25.83 26.32 16.30
N ALA B 531 -25.13 26.37 15.17
CA ALA B 531 -25.47 27.28 14.08
C ALA B 531 -25.40 26.52 12.77
N PRO B 532 -26.29 26.79 11.80
CA PRO B 532 -26.34 25.98 10.58
C PRO B 532 -25.30 26.40 9.53
N LEU B 533 -24.02 26.37 9.91
CA LEU B 533 -22.98 26.91 9.03
C LEU B 533 -22.82 26.09 7.76
N PHE B 534 -22.73 24.76 7.90
CA PHE B 534 -22.59 23.93 6.71
C PHE B 534 -23.79 24.09 5.77
N ASN B 535 -25.01 24.11 6.33
CA ASN B 535 -26.19 24.23 5.48
C ASN B 535 -26.36 25.64 4.93
N LEU B 536 -25.87 26.66 5.64
CA LEU B 536 -25.81 28.00 5.07
C LEU B 536 -24.95 28.06 3.83
N VAL B 537 -24.03 27.10 3.68
CA VAL B 537 -23.22 27.01 2.47
C VAL B 537 -23.85 26.05 1.47
N TYR B 538 -24.22 24.85 1.93
CA TYR B 538 -24.43 23.71 1.03
C TYR B 538 -25.86 23.16 0.98
N HIS B 539 -26.83 23.81 1.62
CA HIS B 539 -28.18 23.23 1.65
C HIS B 539 -28.75 23.00 0.26
N GLU B 540 -28.40 23.87 -0.71
CA GLU B 540 -28.85 23.68 -2.08
C GLU B 540 -28.23 22.47 -2.77
N ALA B 541 -27.11 21.97 -2.26
CA ALA B 541 -26.30 20.98 -2.96
C ALA B 541 -26.34 19.59 -2.35
N ILE B 542 -26.67 19.46 -1.08
CA ILE B 542 -26.67 18.14 -0.43
C ILE B 542 -27.76 18.13 0.64
N ALA B 543 -28.60 17.10 0.62
CA ALA B 543 -29.61 16.93 1.64
C ALA B 543 -28.95 16.29 2.86
N ASN B 544 -29.35 16.70 4.05
CA ASN B 544 -28.85 15.98 5.21
C ASN B 544 -29.98 15.58 6.14
N PHE B 545 -29.70 14.53 6.89
CA PHE B 545 -30.61 13.91 7.85
C PHE B 545 -29.84 13.68 9.14
N GLY B 546 -30.56 13.41 10.22
CA GLY B 546 -29.92 13.20 11.50
C GLY B 546 -29.04 11.95 11.50
N LYS B 547 -28.09 11.94 12.43
CA LYS B 547 -27.16 10.82 12.58
C LYS B 547 -27.85 9.65 13.26
N ILE B 548 -27.53 8.43 12.81
CA ILE B 548 -28.23 7.27 13.35
C ILE B 548 -27.86 7.02 14.83
N GLN B 549 -26.67 7.46 15.27
CA GLN B 549 -26.33 7.31 16.68
C GLN B 549 -27.17 8.23 17.57
N ASP B 550 -27.66 9.33 17.02
CA ASP B 550 -28.34 10.38 17.78
C ASP B 550 -29.64 10.75 17.09
N PRO B 551 -30.54 9.79 16.89
CA PRO B 551 -31.69 10.03 16.03
C PRO B 551 -32.76 10.86 16.74
N ASP B 552 -33.79 11.22 15.99
CA ASP B 552 -34.76 12.12 16.56
C ASP B 552 -35.64 11.46 17.62
N ASN B 553 -35.61 10.14 17.74
CA ASN B 553 -36.38 9.40 18.73
C ASN B 553 -35.61 9.12 20.02
N GLU B 554 -34.37 9.58 20.13
CA GLU B 554 -33.56 9.35 21.32
C GLU B 554 -33.34 10.66 22.06
N VAL B 555 -33.35 10.59 23.39
CA VAL B 555 -33.11 11.77 24.21
C VAL B 555 -31.63 11.81 24.55
N THR B 556 -30.92 12.86 24.10
CA THR B 556 -29.47 12.93 24.27
C THR B 556 -29.06 14.34 24.66
N ALA B 557 -27.74 14.54 24.76
CA ALA B 557 -27.20 15.88 24.96
C ALA B 557 -27.70 16.87 23.92
N ASN B 558 -28.08 16.41 22.72
CA ASN B 558 -28.54 17.31 21.68
C ASN B 558 -30.05 17.49 21.65
N GLY B 559 -30.78 16.88 22.58
CA GLY B 559 -32.17 17.24 22.80
C GLY B 559 -33.09 16.03 22.72
N ASP B 560 -34.37 16.30 22.98
CA ASP B 560 -35.44 15.34 22.84
C ASP B 560 -36.11 15.53 21.47
N PHE B 561 -37.28 14.93 21.27
CA PHE B 561 -37.91 15.10 19.97
C PHE B 561 -38.38 16.53 19.75
N ARG B 562 -38.84 17.20 20.82
CA ARG B 562 -39.28 18.59 20.69
C ARG B 562 -38.17 19.45 20.10
N ILE B 563 -36.98 19.37 20.72
CA ILE B 563 -35.86 20.22 20.33
C ILE B 563 -35.34 19.83 18.96
N LYS B 564 -35.18 18.52 18.70
CA LYS B 564 -34.60 18.09 17.44
C LYS B 564 -35.52 18.39 16.26
N ALA B 565 -36.83 18.22 16.45
CA ALA B 565 -37.75 18.52 15.36
C ALA B 565 -37.75 20.00 15.02
N LEU B 566 -37.71 20.86 16.05
CA LEU B 566 -37.70 22.30 15.78
C LEU B 566 -36.38 22.72 15.14
N ARG B 567 -35.25 22.20 15.67
CA ARG B 567 -33.96 22.48 15.04
C ARG B 567 -33.91 21.95 13.62
N SER B 568 -34.54 20.80 13.34
CA SER B 568 -34.58 20.28 11.96
C SER B 568 -35.12 21.32 10.99
N MET B 569 -36.22 21.97 11.34
CA MET B 569 -36.81 22.93 10.43
C MET B 569 -35.98 24.21 10.31
N LEU B 570 -35.34 24.64 11.41
CA LEU B 570 -34.48 25.82 11.36
C LEU B 570 -33.25 25.59 10.48
N PHE B 571 -32.66 24.41 10.57
CA PHE B 571 -31.42 24.15 9.86
C PHE B 571 -31.63 23.55 8.47
N GLY B 572 -32.84 23.08 8.15
CA GLY B 572 -33.08 22.52 6.84
C GLY B 572 -32.68 21.07 6.69
N ARG B 573 -32.75 20.28 7.76
CA ARG B 573 -32.47 18.86 7.67
C ARG B 573 -33.75 18.05 7.81
N GLY B 574 -33.68 16.78 7.43
CA GLY B 574 -34.81 15.89 7.47
C GLY B 574 -34.82 14.99 8.71
N THR B 575 -35.99 14.43 8.99
CA THR B 575 -36.20 13.61 10.18
C THR B 575 -35.52 12.26 10.06
N THR B 576 -34.87 11.83 11.15
CA THR B 576 -34.25 10.51 11.26
C THR B 576 -34.90 9.73 12.41
N ILE B 577 -35.53 8.62 12.09
CA ILE B 577 -36.10 7.70 13.06
C ILE B 577 -35.30 6.40 12.97
N PHE B 578 -34.51 6.08 14.00
CA PHE B 578 -33.59 4.96 13.97
C PHE B 578 -33.84 4.06 15.17
N PHE B 579 -34.23 2.82 14.92
CA PHE B 579 -34.80 2.00 15.97
C PHE B 579 -34.48 0.54 15.73
N ALA B 580 -34.35 -0.20 16.83
CA ALA B 580 -34.41 -1.65 16.77
C ALA B 580 -35.88 -2.09 16.60
N PRO B 581 -36.12 -3.20 15.90
CA PRO B 581 -37.52 -3.57 15.58
C PRO B 581 -38.44 -3.63 16.79
N TYR B 582 -37.97 -4.10 17.95
CA TYR B 582 -38.86 -4.21 19.11
C TYR B 582 -39.35 -2.85 19.60
N GLU B 583 -38.70 -1.75 19.22
CA GLU B 583 -39.13 -0.42 19.65
C GLU B 583 -40.26 0.15 18.80
N PHE B 584 -40.62 -0.50 17.69
CA PHE B 584 -41.41 0.18 16.67
C PHE B 584 -42.68 0.82 17.24
N GLU B 585 -43.45 0.10 18.05
CA GLU B 585 -44.70 0.67 18.56
C GLU B 585 -44.46 1.96 19.33
N GLY B 586 -43.30 2.10 19.97
CA GLY B 586 -42.98 3.35 20.65
C GLY B 586 -42.59 4.49 19.73
N MET B 587 -42.29 4.18 18.45
CA MET B 587 -41.96 5.22 17.50
C MET B 587 -43.18 5.95 16.95
N ARG B 588 -44.36 5.36 17.02
CA ARG B 588 -45.53 5.90 16.34
C ARG B 588 -45.82 7.37 16.66
N PRO B 589 -45.88 7.82 17.93
CA PRO B 589 -46.18 9.23 18.17
C PRO B 589 -45.19 10.19 17.53
N MET B 590 -43.90 9.82 17.50
CA MET B 590 -42.91 10.72 16.89
C MET B 590 -42.97 10.70 15.36
N ILE B 591 -43.25 9.55 14.75
CA ILE B 591 -43.45 9.50 13.31
C ILE B 591 -44.63 10.38 12.92
N GLU B 592 -45.68 10.39 13.75
CA GLU B 592 -46.88 11.18 13.45
C GLU B 592 -46.59 12.67 13.58
N MET B 593 -45.91 13.08 14.65
CA MET B 593 -45.61 14.49 14.85
C MET B 593 -44.63 15.01 13.80
N ALA B 594 -43.68 14.16 13.39
CA ALA B 594 -42.77 14.54 12.31
C ALA B 594 -43.53 14.72 11.01
N ARG B 595 -44.39 13.75 10.68
CA ARG B 595 -45.27 13.84 9.52
C ARG B 595 -46.06 15.14 9.51
N ASP B 596 -46.67 15.50 10.64
CA ASP B 596 -47.57 16.66 10.66
C ASP B 596 -46.82 17.99 10.64
N LEU B 597 -45.65 18.06 11.27
CA LEU B 597 -44.95 19.32 11.45
C LEU B 597 -43.73 19.46 10.56
N VAL B 598 -42.77 18.53 10.63
CA VAL B 598 -41.51 18.71 9.94
C VAL B 598 -41.63 18.39 8.45
N SER B 599 -42.31 17.31 8.10
CA SER B 599 -42.31 16.86 6.70
C SER B 599 -42.78 17.92 5.71
N PRO B 600 -43.89 18.63 5.93
CA PRO B 600 -44.27 19.66 4.93
C PRO B 600 -43.27 20.80 4.81
N VAL B 601 -42.57 21.15 5.89
CA VAL B 601 -41.59 22.23 5.84
C VAL B 601 -40.31 21.76 5.14
N HIS B 602 -39.84 20.56 5.50
CA HIS B 602 -38.76 19.91 4.77
C HIS B 602 -39.06 19.82 3.27
N LYS B 603 -40.27 19.43 2.91
CA LYS B 603 -40.62 19.30 1.50
C LYS B 603 -40.50 20.63 0.77
N GLU B 604 -41.06 21.70 1.36
CA GLU B 604 -41.09 22.99 0.66
C GLU B 604 -39.69 23.59 0.54
N THR B 605 -38.84 23.38 1.54
CA THR B 605 -37.53 24.03 1.58
C THR B 605 -36.40 23.17 1.00
N PHE B 606 -36.69 21.92 0.64
CA PHE B 606 -35.65 20.94 0.31
C PHE B 606 -34.59 21.47 -0.64
N TYR B 607 -35.00 22.04 -1.78
CA TYR B 607 -34.07 22.46 -2.82
C TYR B 607 -33.56 23.88 -2.64
N SER B 608 -34.04 24.61 -1.65
N SER B 608 -34.04 24.62 -1.65
CA SER B 608 -33.80 26.04 -1.57
CA SER B 608 -33.79 26.04 -1.60
C SER B 608 -32.43 26.35 -0.97
C SER B 608 -32.47 26.36 -0.91
N GLU B 609 -32.09 27.62 -1.00
CA GLU B 609 -30.95 28.13 -0.23
C GLU B 609 -31.45 28.53 1.16
N LEU B 610 -30.72 28.14 2.19
CA LEU B 610 -30.92 28.71 3.52
C LEU B 610 -30.27 30.09 3.48
N LYS B 611 -31.08 31.12 3.23
CA LYS B 611 -30.55 32.46 2.99
C LYS B 611 -29.98 33.07 4.26
N SER B 612 -30.64 32.87 5.39
CA SER B 612 -30.26 33.57 6.61
C SER B 612 -30.68 32.75 7.83
N HIS B 613 -29.93 32.94 8.90
CA HIS B 613 -30.25 32.44 10.23
C HIS B 613 -29.98 33.53 11.23
N GLU B 614 -30.87 33.65 12.23
CA GLU B 614 -30.80 34.69 13.24
C GLU B 614 -31.07 34.11 14.63
N TYR B 615 -30.34 34.58 15.63
CA TYR B 615 -30.74 34.39 17.01
C TYR B 615 -31.55 35.61 17.46
N LEU B 616 -32.77 35.38 17.94
CA LEU B 616 -33.68 36.48 18.24
C LEU B 616 -33.89 36.73 19.73
N SER B 617 -33.35 35.90 20.61
CA SER B 617 -33.48 36.14 22.05
C SER B 617 -32.09 36.20 22.68
N ALA B 618 -32.02 36.83 23.86
CA ALA B 618 -30.73 37.02 24.52
C ALA B 618 -30.09 35.70 24.91
N ASP B 619 -30.89 34.67 25.21
CA ASP B 619 -30.35 33.35 25.55
C ASP B 619 -30.10 32.46 24.34
N TYR B 620 -30.26 33.00 23.12
CA TYR B 620 -30.02 32.33 21.84
C TYR B 620 -30.95 31.16 21.57
N LYS B 621 -32.03 31.00 22.34
CA LYS B 621 -32.94 29.87 22.14
C LYS B 621 -34.04 30.13 21.11
N VAL B 622 -34.43 31.38 20.88
CA VAL B 622 -35.39 31.71 19.82
C VAL B 622 -34.60 32.07 18.57
N GLN B 623 -34.99 31.47 17.43
CA GLN B 623 -34.23 31.58 16.21
C GLN B 623 -35.16 31.74 15.02
N ARG B 624 -34.63 32.30 13.93
CA ARG B 624 -35.36 32.53 12.70
C ARG B 624 -34.50 32.18 11.51
N SER B 625 -35.04 31.34 10.63
CA SER B 625 -34.38 30.94 9.39
C SER B 625 -35.26 31.31 8.20
N ARG B 626 -34.62 31.77 7.12
CA ARG B 626 -35.32 32.14 5.89
C ARG B 626 -34.73 31.36 4.72
N PHE B 627 -35.61 30.69 3.96
CA PHE B 627 -35.24 29.88 2.82
C PHE B 627 -35.69 30.55 1.52
N SER B 628 -34.93 30.31 0.45
CA SER B 628 -35.21 30.97 -0.82
C SER B 628 -36.48 30.46 -1.48
N SER B 629 -37.11 29.43 -0.92
CA SER B 629 -38.45 29.04 -1.34
C SER B 629 -39.52 30.03 -0.89
N GLY B 630 -39.15 31.03 -0.08
CA GLY B 630 -40.11 31.91 0.54
C GLY B 630 -40.57 31.48 1.92
N THR B 631 -39.97 30.43 2.50
CA THR B 631 -40.40 29.90 3.78
C THR B 631 -39.61 30.54 4.91
N GLU B 632 -40.32 30.94 5.97
CA GLU B 632 -39.69 31.46 7.18
C GLU B 632 -40.04 30.56 8.36
N VAL B 633 -39.02 30.11 9.09
CA VAL B 633 -39.19 29.29 10.28
C VAL B 633 -38.71 30.09 11.48
N ILE B 634 -39.59 30.30 12.46
CA ILE B 634 -39.21 30.81 13.77
C ILE B 634 -39.51 29.72 14.79
N ALA B 635 -38.53 29.39 15.64
CA ALA B 635 -38.73 28.38 16.65
C ALA B 635 -38.05 28.78 17.95
N ASN B 636 -38.60 28.28 19.05
CA ASN B 636 -38.12 28.54 20.41
C ASN B 636 -37.69 27.20 20.99
N LEU B 637 -36.37 26.99 21.13
CA LEU B 637 -35.84 25.72 21.60
C LEU B 637 -35.69 25.67 23.11
N GLY B 638 -36.31 26.59 23.84
CA GLY B 638 -36.27 26.60 25.30
C GLY B 638 -37.66 26.48 25.90
N PRO B 639 -37.73 26.37 27.23
CA PRO B 639 -39.01 26.03 27.87
C PRO B 639 -39.98 27.19 28.04
N VAL B 640 -39.53 28.43 27.97
CA VAL B 640 -40.35 29.59 28.35
C VAL B 640 -40.71 30.38 27.11
N ALA B 641 -41.95 30.87 27.06
CA ALA B 641 -42.36 31.73 25.95
C ALA B 641 -41.52 33.00 25.97
N GLN B 642 -41.18 33.49 24.78
CA GLN B 642 -40.36 34.68 24.66
C GLN B 642 -40.89 35.54 23.51
N LYS B 643 -40.77 36.85 23.69
CA LYS B 643 -41.27 37.79 22.70
C LYS B 643 -40.15 38.22 21.76
N ILE B 644 -40.49 38.39 20.49
CA ILE B 644 -39.58 38.94 19.47
C ILE B 644 -40.14 40.28 18.99
N GLU B 645 -39.61 40.78 17.87
CA GLU B 645 -39.98 42.10 17.38
C GLU B 645 -41.48 42.18 17.08
N GLY B 646 -42.04 43.36 17.31
CA GLY B 646 -43.47 43.54 17.17
C GLY B 646 -44.28 42.93 18.29
N GLY B 647 -43.64 42.49 19.37
CA GLY B 647 -44.36 41.88 20.47
C GLY B 647 -44.87 40.48 20.22
N ILE B 648 -44.54 39.88 19.08
CA ILE B 648 -44.94 38.51 18.81
C ILE B 648 -44.32 37.59 19.84
N SER B 649 -45.13 36.68 20.38
CA SER B 649 -44.69 35.72 21.38
C SER B 649 -44.53 34.34 20.75
N ILE B 650 -43.39 33.70 20.99
CA ILE B 650 -43.13 32.34 20.52
C ILE B 650 -43.17 31.41 21.74
N PRO B 651 -44.11 30.46 21.81
CA PRO B 651 -44.22 29.64 23.01
C PRO B 651 -42.97 28.77 23.18
N GLY B 652 -42.70 28.41 24.43
CA GLY B 652 -41.67 27.43 24.72
C GLY B 652 -41.88 26.17 23.90
N TYR B 653 -40.78 25.62 23.36
CA TYR B 653 -40.82 24.53 22.40
C TYR B 653 -41.90 24.75 21.34
N GLY B 654 -41.98 25.99 20.85
CA GLY B 654 -43.00 26.39 19.90
C GLY B 654 -42.42 26.97 18.62
N TYR B 655 -43.31 27.25 17.68
CA TYR B 655 -42.88 27.67 16.35
C TYR B 655 -43.88 28.63 15.74
N ARG B 656 -43.38 29.38 14.75
CA ARG B 656 -44.20 30.28 13.93
C ARG B 656 -43.60 30.24 12.53
N ILE B 657 -44.33 29.64 11.59
CA ILE B 657 -43.81 29.34 10.26
C ILE B 657 -44.68 30.03 9.22
N GLN B 658 -44.06 30.87 8.39
CA GLN B 658 -44.69 31.41 7.20
C GLN B 658 -44.34 30.54 6.00
N MET B 659 -45.36 29.93 5.39
CA MET B 659 -45.15 29.09 4.22
C MET B 659 -45.12 29.93 2.95
N LYS B 660 -44.68 29.29 1.86
CA LYS B 660 -44.51 29.97 0.58
C LYS B 660 -45.81 30.62 0.11
N ASP B 661 -46.94 29.96 0.35
CA ASP B 661 -48.22 30.50 -0.11
C ASP B 661 -48.78 31.57 0.82
N GLY B 662 -48.01 32.02 1.81
CA GLY B 662 -48.46 33.06 2.70
C GLY B 662 -49.18 32.58 3.94
N SER B 663 -49.54 31.31 4.02
CA SER B 663 -50.24 30.81 5.19
C SER B 663 -49.29 30.74 6.39
N LEU B 664 -49.88 30.85 7.58
CA LEU B 664 -49.13 30.89 8.82
C LEU B 664 -49.41 29.62 9.63
N LYS B 665 -48.35 28.98 10.13
CA LYS B 665 -48.47 27.87 11.07
C LYS B 665 -47.88 28.29 12.41
N THR B 666 -48.65 28.10 13.48
CA THR B 666 -48.16 28.33 14.82
C THR B 666 -48.55 27.15 15.69
N GLY B 667 -47.77 26.90 16.73
CA GLY B 667 -48.02 25.78 17.60
C GLY B 667 -46.86 25.54 18.54
N HIS B 668 -46.96 24.44 19.29
CA HIS B 668 -45.93 24.11 20.28
C HIS B 668 -46.10 22.66 20.70
N PHE B 669 -45.01 22.09 21.23
CA PHE B 669 -45.04 20.79 21.86
C PHE B 669 -45.39 20.93 23.34
N GLN B 670 -46.06 19.90 23.87
CA GLN B 670 -46.38 19.82 25.30
C GLN B 670 -45.99 18.45 25.82
N VAL B 671 -45.43 18.41 27.03
CA VAL B 671 -45.20 17.16 27.75
C VAL B 671 -46.27 17.06 28.83
N SER B 672 -47.04 15.96 28.82
CA SER B 672 -48.16 15.74 29.73
C SER B 672 -47.93 14.49 30.57
N LEU B 673 -48.58 14.45 31.73
CA LEU B 673 -48.56 13.27 32.61
C LEU B 673 -49.97 12.70 32.66
N HIS B 674 -50.16 11.53 32.07
CA HIS B 674 -51.42 10.82 32.21
C HIS B 674 -51.37 9.96 33.47
N MET B 675 -52.37 10.12 34.33
CA MET B 675 -52.51 9.30 35.52
C MET B 675 -53.83 8.57 35.45
N ASP B 676 -53.77 7.24 35.51
CA ASP B 676 -54.99 6.42 35.53
C ASP B 676 -55.79 6.71 36.78
N PRO C 18 -3.52 -51.19 -4.73
CA PRO C 18 -2.31 -50.85 -5.49
C PRO C 18 -1.88 -51.96 -6.44
N ILE C 19 -1.85 -51.63 -7.74
CA ILE C 19 -1.46 -52.59 -8.76
C ILE C 19 0.06 -52.54 -8.92
N VAL C 20 0.68 -53.71 -9.07
CA VAL C 20 2.13 -53.82 -9.12
C VAL C 20 2.54 -54.52 -10.42
N LEU C 21 3.50 -53.93 -11.14
CA LEU C 21 4.28 -54.60 -12.16
C LEU C 21 5.71 -54.69 -11.65
N GLU C 22 6.32 -55.87 -11.79
CA GLU C 22 7.65 -56.04 -11.22
C GLU C 22 8.44 -57.09 -11.97
N ASN C 23 9.70 -56.81 -12.24
CA ASN C 23 10.65 -57.82 -12.67
C ASN C 23 11.84 -57.76 -11.72
N GLY C 24 12.99 -58.28 -12.16
CA GLY C 24 14.16 -58.28 -11.29
C GLY C 24 14.86 -56.94 -11.17
N LYS C 25 14.51 -55.98 -12.02
CA LYS C 25 15.20 -54.69 -12.05
C LYS C 25 14.33 -53.51 -11.68
N LEU C 26 13.01 -53.62 -11.82
CA LEU C 26 12.09 -52.51 -11.57
C LEU C 26 10.89 -53.01 -10.80
N ASN C 27 10.33 -52.12 -9.99
CA ASN C 27 9.02 -52.31 -9.35
C ASN C 27 8.16 -51.11 -9.71
N ILE C 28 7.07 -51.35 -10.44
CA ILE C 28 6.13 -50.31 -10.83
C ILE C 28 4.95 -50.36 -9.87
N ASN C 29 4.65 -49.24 -9.23
CA ASN C 29 3.64 -49.16 -8.19
C ASN C 29 2.58 -48.16 -8.66
N ILE C 30 1.39 -48.67 -8.98
CA ILE C 30 0.32 -47.85 -9.57
C ILE C 30 -0.80 -47.67 -8.56
N ASP C 31 -1.16 -46.42 -8.30
CA ASP C 31 -2.30 -46.09 -7.44
C ASP C 31 -3.59 -46.31 -8.22
N SER C 32 -4.48 -47.16 -7.69
CA SER C 32 -5.71 -47.48 -8.39
C SER C 32 -6.76 -46.38 -8.28
N LYS C 33 -6.58 -45.41 -7.37
CA LYS C 33 -7.54 -44.31 -7.23
C LYS C 33 -7.20 -43.12 -8.13
N THR C 34 -5.92 -42.89 -8.42
CA THR C 34 -5.51 -41.75 -9.22
C THR C 34 -4.85 -42.11 -10.54
N GLY C 35 -4.32 -43.33 -10.67
CA GLY C 35 -3.55 -43.69 -11.83
C GLY C 35 -2.09 -43.29 -11.78
N CYS C 36 -1.67 -42.55 -10.76
CA CYS C 36 -0.27 -42.18 -10.63
C CYS C 36 0.57 -43.42 -10.34
N PHE C 37 1.82 -43.40 -10.81
CA PHE C 37 2.69 -44.55 -10.57
C PHE C 37 4.08 -44.07 -10.20
N SER C 38 4.74 -44.88 -9.37
CA SER C 38 6.14 -44.70 -9.02
C SER C 38 6.94 -45.85 -9.60
N VAL C 39 8.21 -45.61 -9.88
CA VAL C 39 9.11 -46.65 -10.36
C VAL C 39 10.27 -46.75 -9.38
N THR C 40 10.42 -47.94 -8.78
CA THR C 40 11.57 -48.23 -7.94
C THR C 40 12.62 -48.94 -8.79
N GLU C 41 13.78 -48.32 -8.91
CA GLU C 41 14.92 -48.92 -9.60
C GLU C 41 15.69 -49.72 -8.56
N LYS C 42 15.58 -51.05 -8.62
CA LYS C 42 15.91 -51.90 -7.48
C LYS C 42 17.39 -52.13 -7.28
N THR C 43 18.24 -51.85 -8.27
CA THR C 43 19.67 -52.02 -8.06
C THR C 43 20.21 -50.93 -7.15
N SER C 44 19.83 -49.68 -7.39
CA SER C 44 20.22 -48.57 -6.53
C SER C 44 19.22 -48.30 -5.42
N GLY C 45 17.97 -48.73 -5.57
CA GLY C 45 16.93 -48.45 -4.60
C GLY C 45 16.24 -47.13 -4.78
N HIS C 46 16.62 -46.32 -5.78
CA HIS C 46 16.00 -45.03 -5.99
C HIS C 46 14.56 -45.18 -6.46
N VAL C 47 13.68 -44.32 -5.95
CA VAL C 47 12.27 -44.34 -6.31
C VAL C 47 11.95 -43.08 -7.08
N TRP C 48 11.54 -43.25 -8.34
CA TRP C 48 10.98 -42.14 -9.11
C TRP C 48 9.52 -41.95 -8.70
N LYS C 49 9.22 -40.78 -8.14
CA LYS C 49 7.89 -40.50 -7.65
C LYS C 49 6.99 -39.95 -8.75
N SER C 50 5.69 -40.06 -8.52
CA SER C 50 4.73 -39.39 -9.38
C SER C 50 4.69 -37.90 -9.04
N ASP C 51 3.90 -37.14 -9.80
CA ASP C 51 3.78 -35.69 -9.70
C ASP C 51 3.82 -35.22 -8.25
N PRO C 52 4.91 -34.55 -7.84
CA PRO C 52 5.03 -34.09 -6.43
C PRO C 52 4.14 -32.91 -6.10
N TRP C 53 3.58 -32.21 -7.09
CA TRP C 53 2.80 -31.01 -6.81
C TRP C 53 1.33 -31.31 -6.56
N GLU C 54 0.66 -31.96 -7.51
CA GLU C 54 -0.78 -32.13 -7.46
C GLU C 54 -1.22 -33.60 -7.54
N ASN C 55 -0.29 -34.55 -7.58
CA ASN C 55 -0.65 -35.95 -7.74
C ASN C 55 -1.45 -36.19 -9.02
N ALA C 56 -1.08 -35.49 -10.09
CA ALA C 56 -1.74 -35.59 -11.37
C ALA C 56 -1.06 -36.65 -12.23
N ALA C 57 -1.82 -37.69 -12.61
CA ALA C 57 -1.28 -38.67 -13.54
C ALA C 57 -1.05 -38.05 -14.92
N GLY C 58 -1.94 -37.16 -15.31
CA GLY C 58 -1.80 -36.43 -16.56
C GLY C 58 -2.51 -35.09 -16.47
N LEU C 59 -2.13 -34.19 -17.36
CA LEU C 59 -2.71 -32.85 -17.46
C LEU C 59 -3.28 -32.67 -18.86
N LEU C 60 -4.61 -32.52 -18.94
CA LEU C 60 -5.34 -32.47 -20.21
C LEU C 60 -5.89 -31.07 -20.43
N THR C 61 -5.56 -30.49 -21.59
CA THR C 61 -6.12 -29.22 -22.03
C THR C 61 -7.26 -29.48 -23.00
N LEU C 62 -8.43 -28.91 -22.71
CA LEU C 62 -9.61 -29.11 -23.53
C LEU C 62 -10.54 -27.91 -23.37
N THR C 63 -11.45 -27.75 -24.33
CA THR C 63 -12.49 -26.72 -24.24
C THR C 63 -13.58 -27.15 -23.27
N ASP C 64 -14.17 -26.17 -22.57
CA ASP C 64 -15.27 -26.45 -21.67
C ASP C 64 -16.60 -26.21 -22.40
N SER C 65 -17.70 -26.18 -21.66
CA SER C 65 -19.02 -26.00 -22.27
C SER C 65 -19.21 -24.60 -22.85
N LYS C 66 -18.41 -23.63 -22.45
CA LYS C 66 -18.44 -22.29 -23.02
C LYS C 66 -17.38 -22.10 -24.11
N GLY C 67 -16.65 -23.14 -24.46
CA GLY C 67 -15.62 -23.05 -25.48
C GLY C 67 -14.29 -22.50 -25.03
N LYS C 68 -14.11 -22.25 -23.74
CA LYS C 68 -12.84 -21.76 -23.21
C LYS C 68 -11.93 -22.92 -22.87
N LYS C 69 -10.65 -22.76 -23.18
CA LYS C 69 -9.67 -23.79 -22.86
C LYS C 69 -9.39 -23.84 -21.37
N GLN C 70 -9.30 -25.06 -20.84
CA GLN C 70 -8.86 -25.27 -19.47
C GLN C 70 -7.97 -26.49 -19.42
N THR C 71 -7.11 -26.53 -18.41
CA THR C 71 -6.19 -27.63 -18.16
C THR C 71 -6.65 -28.35 -16.91
N VAL C 72 -6.87 -29.66 -17.00
CA VAL C 72 -7.44 -30.39 -15.89
C VAL C 72 -6.51 -31.54 -15.49
N ASN C 73 -6.52 -31.83 -14.20
CA ASN C 73 -5.87 -33.00 -13.62
C ASN C 73 -6.76 -34.21 -13.88
N ILE C 74 -6.35 -35.10 -14.79
CA ILE C 74 -7.21 -36.22 -15.16
C ILE C 74 -7.41 -37.22 -14.03
N SER C 75 -6.60 -37.14 -12.97
CA SER C 75 -6.85 -37.98 -11.81
C SER C 75 -8.05 -37.52 -10.99
N LYS C 76 -8.64 -36.38 -11.34
CA LYS C 76 -9.87 -35.91 -10.72
C LYS C 76 -11.11 -36.30 -11.51
N SER C 77 -10.97 -37.20 -12.47
CA SER C 77 -12.10 -37.60 -13.30
C SER C 77 -13.15 -38.32 -12.46
N LYS C 78 -14.38 -38.36 -13.00
CA LYS C 78 -15.46 -39.04 -12.29
C LYS C 78 -15.16 -40.52 -12.11
N LYS C 79 -14.58 -41.15 -13.12
CA LYS C 79 -14.31 -42.59 -13.09
C LYS C 79 -12.87 -42.85 -13.51
N ILE C 80 -12.15 -43.61 -12.70
CA ILE C 80 -10.78 -44.01 -12.97
C ILE C 80 -10.71 -45.53 -12.84
N GLU C 81 -10.40 -46.21 -13.95
CA GLU C 81 -10.34 -47.67 -14.00
C GLU C 81 -8.89 -48.08 -14.18
N VAL C 82 -8.36 -48.86 -13.25
CA VAL C 82 -6.98 -49.33 -13.30
C VAL C 82 -6.96 -50.82 -13.01
N SER C 83 -6.43 -51.61 -13.95
CA SER C 83 -6.42 -53.05 -13.78
C SER C 83 -5.26 -53.65 -14.57
N LYS C 84 -4.72 -54.75 -14.04
CA LYS C 84 -3.68 -55.52 -14.70
C LYS C 84 -4.35 -56.41 -15.74
N THR C 85 -4.15 -56.09 -17.02
CA THR C 85 -4.80 -56.80 -18.11
C THR C 85 -3.94 -57.89 -18.74
N ALA C 86 -2.63 -57.88 -18.48
CA ALA C 86 -1.75 -58.99 -18.87
C ALA C 86 -0.66 -59.13 -17.83
N LYS C 87 0.20 -60.14 -18.00
CA LYS C 87 1.24 -60.42 -17.02
C LYS C 87 2.10 -59.19 -16.73
N ASN C 88 2.33 -58.36 -17.75
CA ASN C 88 3.19 -57.20 -17.58
C ASN C 88 2.56 -55.93 -18.14
N THR C 89 1.22 -55.86 -18.16
CA THR C 89 0.51 -54.68 -18.65
C THR C 89 -0.55 -54.24 -17.64
N VAL C 90 -0.57 -52.94 -17.34
CA VAL C 90 -1.66 -52.31 -16.61
C VAL C 90 -2.35 -51.34 -17.56
N SER C 91 -3.67 -51.47 -17.67
CA SER C 91 -4.49 -50.58 -18.49
C SER C 91 -5.19 -49.58 -17.60
N LEU C 92 -5.18 -48.31 -18.01
CA LEU C 92 -5.81 -47.23 -17.27
C LEU C 92 -6.85 -46.54 -18.14
N LYS C 93 -7.93 -46.09 -17.53
CA LYS C 93 -8.93 -45.30 -18.22
C LYS C 93 -9.40 -44.18 -17.31
N PHE C 94 -9.38 -42.95 -17.83
CA PHE C 94 -9.78 -41.74 -17.11
C PHE C 94 -11.04 -41.23 -17.77
N ILE C 95 -12.16 -41.26 -17.05
CA ILE C 95 -13.48 -41.09 -17.65
C ILE C 95 -14.16 -39.88 -17.04
N ASP C 96 -14.63 -38.97 -17.90
CA ASP C 96 -15.35 -37.75 -17.55
C ASP C 96 -14.53 -36.87 -16.62
N PRO C 97 -13.56 -36.11 -17.15
CA PRO C 97 -12.82 -35.17 -16.32
C PRO C 97 -13.74 -34.08 -15.75
N VAL C 98 -13.32 -33.51 -14.63
CA VAL C 98 -14.09 -32.50 -13.91
C VAL C 98 -13.38 -31.17 -14.06
N PHE C 99 -14.13 -30.16 -14.50
CA PHE C 99 -13.58 -28.82 -14.66
C PHE C 99 -13.45 -28.14 -13.30
N GLU C 100 -12.79 -26.97 -13.31
CA GLU C 100 -12.48 -26.26 -12.07
C GLU C 100 -13.73 -25.80 -11.33
N ASP C 101 -14.80 -25.48 -12.06
CA ASP C 101 -16.03 -24.99 -11.44
C ASP C 101 -16.96 -26.12 -11.01
N GLY C 102 -16.52 -27.37 -11.08
CA GLY C 102 -17.32 -28.49 -10.66
C GLY C 102 -18.10 -29.17 -11.77
N SER C 103 -18.22 -28.56 -12.94
CA SER C 103 -18.92 -29.20 -14.04
C SER C 103 -18.07 -30.32 -14.64
N VAL C 104 -18.73 -31.20 -15.38
CA VAL C 104 -18.12 -32.43 -15.88
C VAL C 104 -18.02 -32.37 -17.39
N ALA C 105 -16.91 -32.88 -17.93
CA ALA C 105 -16.75 -33.07 -19.37
C ALA C 105 -17.26 -34.46 -19.75
N LYS C 106 -18.59 -34.60 -19.69
CA LYS C 106 -19.23 -35.87 -19.98
C LYS C 106 -18.92 -36.31 -21.42
N GLY C 107 -18.55 -37.58 -21.57
CA GLY C 107 -18.18 -38.13 -22.86
C GLY C 107 -16.71 -38.10 -23.19
N VAL C 108 -15.88 -37.49 -22.34
CA VAL C 108 -14.44 -37.42 -22.55
C VAL C 108 -13.78 -38.55 -21.78
N SER C 109 -12.84 -39.25 -22.44
CA SER C 109 -12.11 -40.33 -21.80
C SER C 109 -10.70 -40.40 -22.38
N ILE C 110 -9.76 -40.80 -21.53
CA ILE C 110 -8.37 -41.05 -21.93
C ILE C 110 -8.01 -42.46 -21.44
N ALA C 111 -7.52 -43.29 -22.36
CA ALA C 111 -7.06 -44.65 -22.02
C ALA C 111 -5.56 -44.73 -22.24
N THR C 112 -4.85 -45.31 -21.27
CA THR C 112 -3.40 -45.47 -21.33
C THR C 112 -3.01 -46.89 -20.91
N GLU C 113 -1.77 -47.25 -21.22
CA GLU C 113 -1.18 -48.54 -20.88
C GLU C 113 0.23 -48.35 -20.35
N LEU C 114 0.57 -49.14 -19.33
CA LEU C 114 1.94 -49.27 -18.85
C LEU C 114 2.38 -50.72 -19.08
N ARG C 115 3.50 -50.90 -19.78
CA ARG C 115 3.96 -52.24 -20.15
C ARG C 115 5.40 -52.43 -19.67
N LEU C 116 5.62 -53.32 -18.72
CA LEU C 116 6.96 -53.57 -18.21
C LEU C 116 7.63 -54.67 -19.03
N ASP C 117 8.85 -54.41 -19.48
CA ASP C 117 9.61 -55.46 -20.14
C ASP C 117 9.82 -56.63 -19.17
N PRO C 118 9.73 -57.87 -19.64
CA PRO C 118 9.85 -59.01 -18.70
C PRO C 118 11.24 -59.17 -18.10
N ASN C 119 12.27 -58.61 -18.71
CA ASN C 119 13.64 -58.83 -18.22
C ASN C 119 14.41 -57.54 -18.00
N ASN C 120 14.25 -56.56 -18.87
CA ASN C 120 15.06 -55.35 -18.84
C ASN C 120 14.36 -54.26 -18.04
N ALA C 121 15.12 -53.25 -17.66
CA ALA C 121 14.57 -52.12 -16.89
C ALA C 121 14.00 -51.10 -17.88
N GLN C 122 12.91 -51.49 -18.53
CA GLN C 122 12.27 -50.65 -19.52
C GLN C 122 10.76 -50.69 -19.33
N LEU C 123 10.14 -49.51 -19.36
CA LEU C 123 8.69 -49.36 -19.19
C LEU C 123 8.16 -48.58 -20.38
N ASP C 124 7.26 -49.20 -21.15
CA ASP C 124 6.57 -48.51 -22.24
C ASP C 124 5.31 -47.83 -21.70
N VAL C 125 5.13 -46.56 -22.03
CA VAL C 125 3.93 -45.80 -21.65
C VAL C 125 3.26 -45.32 -22.91
N GLU C 126 1.96 -45.60 -23.04
CA GLU C 126 1.24 -45.30 -24.29
C GLU C 126 -0.14 -44.75 -24.00
N VAL C 127 -0.48 -43.65 -24.68
CA VAL C 127 -1.85 -43.17 -24.74
C VAL C 127 -2.53 -43.91 -25.88
N THR C 128 -3.40 -44.86 -25.55
CA THR C 128 -3.97 -45.76 -26.54
C THR C 128 -5.27 -45.25 -27.14
N GLU C 129 -6.03 -44.42 -26.42
CA GLU C 129 -7.33 -43.99 -26.91
C GLU C 129 -7.74 -42.70 -26.20
N HIS C 130 -8.37 -41.80 -26.96
CA HIS C 130 -9.00 -40.61 -26.41
C HIS C 130 -10.31 -40.37 -27.14
N ARG C 131 -11.34 -39.97 -26.40
CA ARG C 131 -12.62 -39.63 -26.97
C ARG C 131 -13.01 -38.25 -26.47
N SER C 132 -13.53 -37.41 -27.39
CA SER C 132 -13.78 -36.01 -27.11
C SER C 132 -15.22 -35.70 -26.76
N GLY C 133 -16.17 -36.55 -27.15
CA GLY C 133 -17.56 -36.19 -26.97
C GLY C 133 -17.87 -34.95 -27.78
N ASN C 134 -18.55 -33.99 -27.17
CA ASN C 134 -18.85 -32.71 -27.79
C ASN C 134 -17.83 -31.63 -27.43
N PHE C 135 -16.71 -32.02 -26.83
CA PHE C 135 -15.62 -31.09 -26.50
C PHE C 135 -14.49 -31.25 -27.51
N THR C 136 -13.46 -30.43 -27.36
CA THR C 136 -12.29 -30.50 -28.22
C THR C 136 -11.06 -30.65 -27.35
N LEU C 137 -10.27 -31.70 -27.61
CA LEU C 137 -9.07 -31.99 -26.83
C LEU C 137 -7.85 -31.41 -27.53
N TYR C 138 -6.94 -30.85 -26.72
CA TYR C 138 -5.69 -30.31 -27.25
C TYR C 138 -4.49 -31.02 -26.62
N ASP C 139 -3.77 -30.36 -25.71
CA ASP C 139 -2.54 -30.92 -25.16
C ASP C 139 -2.83 -31.95 -24.07
N LEU C 140 -2.02 -33.01 -24.05
CA LEU C 140 -2.03 -33.96 -22.94
C LEU C 140 -0.59 -34.19 -22.48
N ARG C 141 -0.28 -33.76 -21.27
CA ARG C 141 1.00 -34.12 -20.63
C ARG C 141 0.78 -35.47 -19.95
N TYR C 142 1.44 -36.51 -20.46
CA TYR C 142 1.28 -37.83 -19.87
C TYR C 142 2.51 -38.68 -20.12
N PRO C 143 3.18 -39.18 -19.06
CA PRO C 143 2.81 -38.90 -17.67
C PRO C 143 3.22 -37.50 -17.24
N ALA C 144 2.44 -36.88 -16.34
CA ALA C 144 2.65 -35.49 -15.95
C ALA C 144 3.65 -35.40 -14.81
N ARG C 145 4.66 -34.54 -14.98
CA ARG C 145 5.62 -34.20 -13.94
C ARG C 145 6.19 -35.46 -13.28
N ALA C 146 6.56 -36.40 -14.15
CA ALA C 146 7.11 -37.68 -13.73
C ALA C 146 8.63 -37.62 -13.76
N PHE C 147 9.25 -38.60 -13.09
CA PHE C 147 10.70 -38.80 -13.13
C PHE C 147 11.44 -37.53 -12.72
N SER C 148 10.88 -36.83 -11.75
CA SER C 148 11.41 -35.53 -11.37
C SER C 148 12.62 -35.64 -10.45
N LEU C 149 13.44 -34.60 -10.47
CA LEU C 149 14.55 -34.44 -9.54
C LEU C 149 14.22 -33.34 -8.54
N LYS C 150 14.53 -33.58 -7.27
CA LYS C 150 14.25 -32.63 -6.21
C LYS C 150 15.41 -31.65 -6.10
N THR C 151 15.15 -30.37 -6.36
CA THR C 151 16.21 -29.37 -6.45
C THR C 151 17.02 -29.32 -5.16
N ASP C 152 18.35 -29.36 -5.28
CA ASP C 152 19.29 -29.26 -4.16
C ASP C 152 19.19 -30.47 -3.23
N GLU C 153 18.34 -31.44 -3.57
CA GLU C 153 18.33 -32.72 -2.87
C GLU C 153 18.90 -33.81 -3.77
N ASP C 154 18.28 -34.04 -4.93
CA ASP C 154 18.92 -34.82 -5.98
C ASP C 154 20.05 -34.01 -6.61
N LYS C 155 21.23 -34.60 -6.70
CA LYS C 155 22.37 -33.97 -7.37
C LYS C 155 22.54 -34.65 -8.72
N GLY C 156 22.05 -34.01 -9.77
CA GLY C 156 22.11 -34.56 -11.10
C GLY C 156 21.69 -33.53 -12.12
N ALA C 157 20.99 -33.96 -13.17
CA ALA C 157 20.66 -33.03 -14.24
C ALA C 157 19.55 -33.61 -15.10
N ALA C 158 18.77 -32.71 -15.71
CA ALA C 158 17.98 -33.08 -16.87
C ALA C 158 18.89 -33.13 -18.08
N VAL C 159 18.54 -33.98 -19.03
CA VAL C 159 19.32 -34.21 -20.24
C VAL C 159 18.43 -33.92 -21.44
N ILE C 160 18.83 -32.94 -22.25
CA ILE C 160 17.97 -32.43 -23.32
C ILE C 160 18.77 -32.30 -24.61
N PRO C 161 18.47 -33.05 -25.64
CA PRO C 161 19.20 -32.93 -26.91
C PRO C 161 18.75 -31.73 -27.74
N GLN C 162 18.91 -30.55 -27.14
CA GLN C 162 18.65 -29.27 -27.80
C GLN C 162 19.83 -28.95 -28.71
N LYS C 163 19.60 -29.02 -30.03
CA LYS C 163 20.66 -29.05 -31.03
C LYS C 163 21.75 -30.04 -30.64
N GLN C 164 23.00 -29.61 -30.47
CA GLN C 164 24.03 -30.59 -30.09
C GLN C 164 23.76 -31.20 -28.71
N GLY C 165 23.14 -30.45 -27.82
CA GLY C 165 22.70 -31.01 -26.54
C GLY C 165 23.13 -30.22 -25.32
N VAL C 166 22.34 -30.33 -24.25
CA VAL C 166 22.63 -29.64 -22.99
C VAL C 166 22.23 -30.54 -21.82
N ILE C 167 22.84 -30.27 -20.66
CA ILE C 167 22.32 -30.76 -19.40
C ILE C 167 21.96 -29.57 -18.52
N CYS C 168 20.98 -29.80 -17.65
CA CYS C 168 20.49 -28.77 -16.73
C CYS C 168 20.60 -29.31 -15.30
N PRO C 169 21.65 -28.94 -14.57
CA PRO C 169 21.82 -29.43 -13.20
C PRO C 169 20.62 -29.15 -12.31
N SER C 170 20.34 -30.11 -11.41
CA SER C 170 19.23 -30.05 -10.46
C SER C 170 19.62 -29.46 -9.11
N TYR C 171 20.62 -28.58 -9.08
CA TYR C 171 21.13 -28.04 -7.82
C TYR C 171 21.96 -26.81 -8.15
N ILE C 172 22.24 -26.01 -7.14
CA ILE C 172 23.07 -24.83 -7.32
C ILE C 172 24.52 -25.23 -6.99
N PHE C 173 25.47 -24.63 -7.71
CA PHE C 173 26.86 -25.02 -7.68
C PHE C 173 27.71 -23.78 -7.95
N PRO C 174 28.99 -23.79 -7.58
CA PRO C 174 29.83 -22.61 -7.80
C PRO C 174 30.02 -22.32 -9.29
N MET C 175 30.06 -21.05 -9.63
CA MET C 175 30.33 -20.61 -11.00
C MET C 175 30.63 -19.12 -10.93
N ASN C 176 31.03 -18.54 -12.05
CA ASN C 176 31.29 -17.10 -12.08
C ASN C 176 30.06 -16.35 -11.56
N GLY C 177 30.33 -15.31 -10.75
CA GLY C 177 29.25 -14.61 -10.09
C GLY C 177 28.20 -14.05 -11.04
N GLY C 178 28.63 -13.53 -12.18
CA GLY C 178 27.66 -13.06 -13.16
C GLY C 178 26.78 -14.17 -13.69
N ARG C 179 27.39 -15.29 -14.07
CA ARG C 179 26.61 -16.45 -14.51
C ARG C 179 25.70 -16.96 -13.39
N PHE C 180 26.20 -16.99 -12.16
CA PHE C 180 25.45 -17.47 -11.01
C PHE C 180 24.17 -16.68 -10.82
N CYS C 181 24.27 -15.34 -10.82
CA CYS C 181 23.07 -14.51 -10.70
C CYS C 181 22.07 -14.85 -11.78
N LYS C 182 22.50 -14.89 -13.05
CA LYS C 182 21.58 -15.19 -14.14
C LYS C 182 21.00 -16.59 -14.01
N TRP C 183 21.84 -17.55 -13.62
CA TRP C 183 21.40 -18.94 -13.47
C TRP C 183 20.33 -19.07 -12.39
N ASP C 184 20.66 -18.65 -11.17
CA ASP C 184 19.74 -18.80 -10.04
C ASP C 184 18.43 -18.04 -10.29
N ASP C 185 18.52 -16.84 -10.85
CA ASP C 185 17.31 -16.05 -11.10
C ASP C 185 16.38 -16.77 -12.08
N ALA C 186 16.95 -17.43 -13.10
CA ALA C 186 16.11 -18.07 -14.12
C ALA C 186 15.33 -19.24 -13.56
N THR C 187 15.85 -19.91 -12.53
CA THR C 187 15.09 -20.98 -11.88
C THR C 187 13.89 -20.46 -11.10
N TYR C 188 13.74 -19.14 -10.94
CA TYR C 188 12.59 -18.59 -10.24
C TYR C 188 11.60 -17.87 -11.15
N ASN C 189 11.95 -17.61 -12.41
CA ASN C 189 11.00 -16.95 -13.29
C ASN C 189 10.70 -17.82 -14.51
N ASN C 190 10.11 -17.24 -15.55
CA ASN C 190 9.60 -18.06 -16.64
C ASN C 190 10.70 -18.58 -17.56
N LYS C 191 11.96 -18.17 -17.36
CA LYS C 191 13.03 -18.68 -18.20
C LYS C 191 13.21 -20.18 -18.04
N SER C 192 12.78 -20.76 -16.91
CA SER C 192 13.00 -22.17 -16.63
C SER C 192 11.78 -23.04 -16.91
N GLN C 193 10.77 -22.53 -17.62
CA GLN C 193 9.62 -23.36 -17.96
C GLN C 193 9.18 -23.03 -19.39
N GLY C 194 8.65 -24.03 -20.06
CA GLY C 194 8.28 -23.88 -21.46
C GLY C 194 8.28 -25.23 -22.15
N SER C 195 8.24 -25.19 -23.49
CA SER C 195 8.21 -26.41 -24.28
C SER C 195 9.10 -26.23 -25.50
N LEU C 196 9.61 -27.37 -26.00
CA LEU C 196 10.42 -27.44 -27.20
C LEU C 196 9.82 -28.48 -28.15
N GLU C 197 10.16 -28.37 -29.43
CA GLU C 197 9.67 -29.29 -30.46
C GLU C 197 10.81 -30.15 -30.99
N LEU C 198 10.43 -31.21 -31.70
CA LEU C 198 11.39 -32.16 -32.27
C LEU C 198 11.76 -31.78 -33.71
N PHE C 199 13.05 -31.85 -34.01
CA PHE C 199 13.58 -31.90 -35.39
C PHE C 199 13.43 -30.57 -36.13
N ASN C 200 13.82 -29.48 -35.48
CA ASN C 200 13.95 -28.20 -36.16
C ASN C 200 15.36 -27.65 -35.96
N ASN C 201 15.69 -26.63 -36.75
CA ASN C 201 16.99 -25.98 -36.69
C ASN C 201 16.97 -24.75 -35.82
N GLY C 202 15.86 -24.49 -35.12
CA GLY C 202 15.78 -23.42 -34.15
C GLY C 202 16.10 -23.87 -32.75
N THR C 203 15.15 -23.70 -31.82
CA THR C 203 15.36 -23.93 -30.40
C THR C 203 15.17 -25.38 -29.98
N GLY C 204 14.78 -26.27 -30.90
CA GLY C 204 14.25 -27.58 -30.53
C GLY C 204 15.28 -28.69 -30.47
N LEU C 205 14.77 -29.92 -30.35
CA LEU C 205 15.58 -31.11 -30.14
C LEU C 205 15.97 -31.75 -31.46
N THR C 206 17.10 -32.45 -31.45
CA THR C 206 17.59 -33.16 -32.62
C THR C 206 17.47 -34.67 -32.48
N MET C 207 17.03 -35.16 -31.34
CA MET C 207 16.85 -36.57 -31.11
C MET C 207 15.60 -36.76 -30.27
N PRO C 208 14.82 -37.84 -30.52
CA PRO C 208 13.52 -38.01 -29.84
C PRO C 208 13.65 -38.65 -28.47
N TRP C 209 14.48 -38.06 -27.61
CA TRP C 209 14.58 -38.56 -26.24
C TRP C 209 15.00 -37.44 -25.30
N TRP C 210 14.82 -37.71 -24.01
CA TRP C 210 15.24 -36.82 -22.93
C TRP C 210 15.20 -37.61 -21.63
N GLY C 211 15.82 -37.06 -20.61
CA GLY C 211 15.81 -37.80 -19.35
C GLY C 211 16.36 -37.00 -18.20
N THR C 212 16.41 -37.68 -17.05
CA THR C 212 16.86 -37.11 -15.79
C THR C 212 17.74 -38.13 -15.07
N TYR C 213 18.74 -37.66 -14.35
CA TYR C 213 19.55 -38.56 -13.54
C TYR C 213 19.96 -37.88 -12.25
N ASN C 214 20.15 -38.70 -11.21
CA ASN C 214 20.74 -38.23 -9.97
C ASN C 214 22.00 -39.04 -9.68
N GLU C 215 22.50 -38.95 -8.44
CA GLU C 215 23.71 -39.67 -8.08
C GLU C 215 23.50 -41.18 -8.08
N LYS C 216 22.26 -41.64 -7.94
CA LYS C 216 21.99 -43.07 -7.87
C LYS C 216 21.61 -43.67 -9.22
N SER C 217 20.74 -42.99 -9.98
CA SER C 217 20.07 -43.64 -11.09
C SER C 217 19.69 -42.64 -12.17
N ALA C 218 19.43 -43.16 -13.36
CA ALA C 218 19.09 -42.36 -14.54
C ALA C 218 17.88 -42.96 -15.24
N VAL C 219 17.07 -42.10 -15.84
CA VAL C 219 15.96 -42.54 -16.67
C VAL C 219 15.90 -41.65 -17.91
N MET C 220 15.60 -42.27 -19.06
N MET C 220 15.62 -42.28 -19.06
CA MET C 220 15.38 -41.53 -20.30
CA MET C 220 15.38 -41.57 -20.30
C MET C 220 14.20 -42.16 -21.05
C MET C 220 14.10 -42.14 -20.94
N GLY C 221 13.48 -41.33 -21.77
CA GLY C 221 12.35 -41.81 -22.55
C GLY C 221 12.57 -41.58 -24.02
N ILE C 222 12.26 -42.58 -24.85
CA ILE C 222 12.42 -42.50 -26.30
C ILE C 222 11.03 -42.43 -26.91
N VAL C 223 10.76 -41.37 -27.67
CA VAL C 223 9.46 -41.19 -28.32
C VAL C 223 9.37 -42.07 -29.56
N ASP C 224 8.21 -42.72 -29.72
CA ASP C 224 7.96 -43.59 -30.87
C ASP C 224 8.21 -42.85 -32.17
N VAL C 225 8.72 -43.59 -33.16
CA VAL C 225 9.13 -43.00 -34.44
C VAL C 225 7.96 -42.35 -35.17
N SER C 226 6.74 -42.75 -34.87
CA SER C 226 5.57 -42.25 -35.60
C SER C 226 4.96 -40.98 -35.01
N ALA C 227 5.43 -40.51 -33.85
CA ALA C 227 4.76 -39.44 -33.13
C ALA C 227 5.61 -38.17 -33.07
N ARG C 228 4.95 -37.04 -32.89
CA ARG C 228 5.64 -35.76 -32.75
C ARG C 228 5.11 -34.99 -31.55
N PRO C 229 5.27 -35.54 -30.34
CA PRO C 229 4.97 -34.74 -29.15
C PRO C 229 5.96 -33.59 -29.03
N HIS C 230 5.57 -32.58 -28.26
CA HIS C 230 6.51 -31.58 -27.78
C HIS C 230 7.02 -31.99 -26.40
N MET C 231 8.05 -31.30 -25.92
CA MET C 231 8.65 -31.61 -24.63
C MET C 231 8.51 -30.41 -23.70
N GLN C 232 7.77 -30.59 -22.60
CA GLN C 232 7.66 -29.56 -21.57
C GLN C 232 8.87 -29.65 -20.65
N TYR C 233 9.44 -28.51 -20.31
CA TYR C 233 10.56 -28.51 -19.37
C TYR C 233 10.25 -27.62 -18.18
N ASN C 234 10.84 -27.99 -17.04
CA ASN C 234 10.68 -27.23 -15.79
C ASN C 234 12.00 -27.40 -15.05
N ILE C 235 12.84 -26.38 -15.07
CA ILE C 235 14.23 -26.51 -14.60
C ILE C 235 14.42 -25.81 -13.26
N ASN C 236 14.18 -26.56 -12.18
CA ASN C 236 14.29 -26.14 -10.77
C ASN C 236 13.21 -25.13 -10.37
N ASN C 237 12.16 -24.97 -11.18
CA ASN C 237 11.08 -24.03 -10.91
C ASN C 237 10.04 -24.65 -9.96
N ASN C 238 9.55 -23.85 -9.01
CA ASN C 238 8.56 -24.32 -8.05
C ASN C 238 7.13 -24.15 -8.54
N GLY C 239 6.93 -23.85 -9.82
CA GLY C 239 5.59 -23.69 -10.35
C GLY C 239 4.97 -22.33 -10.11
N GLN C 240 5.77 -21.32 -9.79
CA GLN C 240 5.21 -19.99 -9.55
C GLN C 240 4.44 -19.48 -10.76
N TYR C 241 4.83 -19.90 -11.97
CA TYR C 241 4.15 -19.50 -13.19
C TYR C 241 2.69 -19.94 -13.20
N LEU C 242 2.35 -21.01 -12.50
CA LEU C 242 0.96 -21.43 -12.38
C LEU C 242 0.14 -20.52 -11.47
N PHE C 243 0.77 -19.62 -10.72
CA PHE C 243 0.08 -18.84 -9.70
C PHE C 243 0.20 -17.33 -9.88
N ASN C 244 0.99 -16.87 -10.84
CA ASN C 244 1.19 -15.43 -10.99
C ASN C 244 -0.11 -14.72 -11.33
N ALA C 245 -0.95 -15.34 -12.16
CA ALA C 245 -2.18 -14.67 -12.56
C ALA C 245 -3.16 -14.55 -11.39
N LYS C 246 -3.15 -15.53 -10.49
CA LYS C 246 -3.96 -15.44 -9.27
C LYS C 246 -3.30 -14.59 -8.20
N GLY C 247 -2.06 -14.16 -8.39
CA GLY C 247 -1.41 -13.32 -7.39
C GLY C 247 -1.24 -13.99 -6.04
N VAL C 248 -0.84 -15.26 -6.01
CA VAL C 248 -0.49 -15.95 -4.78
C VAL C 248 0.89 -16.60 -4.99
N MET C 249 1.51 -16.99 -3.88
CA MET C 249 2.80 -17.68 -3.92
C MET C 249 2.59 -19.17 -4.13
N SER C 250 3.47 -19.79 -4.90
CA SER C 250 3.40 -21.22 -5.12
C SER C 250 3.59 -21.98 -3.79
N PRO C 251 2.75 -22.98 -3.50
CA PRO C 251 3.02 -23.87 -2.36
C PRO C 251 3.88 -25.07 -2.70
N TYR C 252 4.35 -25.20 -3.94
CA TYR C 252 5.04 -26.39 -4.42
C TYR C 252 6.55 -26.28 -4.22
N GLN C 253 7.22 -27.42 -4.40
CA GLN C 253 8.65 -27.55 -4.21
C GLN C 253 9.39 -27.37 -5.53
N ARG C 254 10.56 -26.74 -5.47
CA ARG C 254 11.45 -26.63 -6.63
C ARG C 254 11.88 -28.01 -7.11
N ILE C 255 11.57 -28.33 -8.38
CA ILE C 255 11.90 -29.63 -8.97
C ILE C 255 12.32 -29.46 -10.42
N VAL C 256 12.94 -30.50 -10.96
CA VAL C 256 13.28 -30.62 -12.39
C VAL C 256 12.40 -31.70 -13.00
N PHE C 257 11.71 -31.37 -14.09
CA PHE C 257 10.99 -32.42 -14.80
C PHE C 257 10.89 -32.08 -16.28
N LEU C 258 10.71 -33.14 -17.08
CA LEU C 258 10.53 -33.06 -18.52
C LEU C 258 9.33 -33.93 -18.88
N ASP C 259 8.33 -33.34 -19.53
CA ASP C 259 7.12 -34.11 -19.88
C ASP C 259 6.90 -34.16 -21.38
N PRO C 260 6.42 -35.29 -21.90
CA PRO C 260 5.89 -35.29 -23.27
C PRO C 260 4.57 -34.56 -23.34
N ILE C 261 4.37 -33.79 -24.41
CA ILE C 261 3.11 -33.12 -24.68
C ILE C 261 2.54 -33.75 -25.94
N TRP C 262 1.54 -34.61 -25.79
CA TRP C 262 0.89 -35.21 -26.94
C TRP C 262 -0.14 -34.22 -27.48
N LYS C 263 -0.06 -33.93 -28.79
CA LYS C 263 -0.94 -32.93 -29.41
C LYS C 263 -2.17 -33.65 -29.92
N LEU C 264 -3.15 -33.85 -29.03
CA LEU C 264 -4.28 -34.72 -29.35
C LEU C 264 -5.09 -34.20 -30.53
N ASP C 265 -5.07 -32.89 -30.77
CA ASP C 265 -5.75 -32.29 -31.91
C ASP C 265 -5.00 -32.49 -33.23
N GLN C 266 -3.82 -33.09 -33.21
CA GLN C 266 -2.96 -33.16 -34.39
C GLN C 266 -2.38 -34.56 -34.62
N GLU C 267 -2.18 -35.31 -33.54
CA GLU C 267 -1.30 -36.47 -33.56
C GLU C 267 -2.02 -37.68 -34.16
N LYS C 268 -1.47 -38.23 -35.24
CA LYS C 268 -2.01 -39.44 -35.84
C LYS C 268 -1.15 -40.68 -35.58
N GLY C 269 0.01 -40.53 -34.95
CA GLY C 269 0.87 -41.67 -34.70
C GLY C 269 0.61 -42.33 -33.37
N LYS C 270 1.44 -43.32 -33.08
CA LYS C 270 1.36 -44.07 -31.81
C LYS C 270 1.96 -43.21 -30.71
N MET C 271 1.13 -42.84 -29.73
CA MET C 271 1.55 -41.96 -28.64
C MET C 271 2.21 -42.78 -27.55
N ARG C 272 3.42 -43.25 -27.86
CA ARG C 272 4.18 -44.15 -27.00
C ARG C 272 5.55 -43.56 -26.69
N ILE C 273 5.95 -43.61 -25.42
CA ILE C 273 7.31 -43.26 -25.01
C ILE C 273 7.89 -44.46 -24.28
N SER C 274 9.12 -44.80 -24.61
CA SER C 274 9.80 -45.98 -24.05
C SER C 274 10.82 -45.50 -23.02
N TYR C 275 10.56 -45.80 -21.76
CA TYR C 275 11.46 -45.38 -20.68
C TYR C 275 12.49 -46.47 -20.39
N HIS C 276 13.77 -46.08 -20.32
CA HIS C 276 14.87 -46.96 -19.96
C HIS C 276 15.54 -46.45 -18.70
N PHE C 277 15.79 -47.35 -17.75
CA PHE C 277 16.31 -47.00 -16.43
C PHE C 277 17.72 -47.55 -16.30
N ILE C 278 18.65 -46.71 -15.86
CA ILE C 278 20.08 -47.06 -15.83
C ILE C 278 20.67 -46.76 -14.46
N PRO C 279 20.93 -47.77 -13.63
CA PRO C 279 21.61 -47.51 -12.35
C PRO C 279 22.98 -46.92 -12.58
N GLY C 280 23.29 -45.85 -11.84
CA GLY C 280 24.58 -45.20 -11.95
C GLY C 280 24.84 -44.46 -13.24
N GLY C 281 23.84 -44.34 -14.12
CA GLY C 281 24.07 -43.78 -15.42
C GLY C 281 23.91 -42.27 -15.46
N ASP C 282 24.43 -41.67 -16.52
CA ASP C 282 24.13 -40.27 -16.76
C ASP C 282 23.81 -40.05 -18.24
N TYR C 283 24.09 -38.86 -18.76
CA TYR C 283 23.74 -38.55 -20.14
C TYR C 283 24.55 -39.38 -21.13
N VAL C 284 25.74 -39.82 -20.75
CA VAL C 284 26.52 -40.71 -21.62
C VAL C 284 25.76 -42.01 -21.83
N ASP C 285 25.36 -42.66 -20.73
CA ASP C 285 24.65 -43.92 -20.82
C ASP C 285 23.36 -43.76 -21.61
N MET C 286 22.61 -42.68 -21.36
CA MET C 286 21.41 -42.40 -22.12
C MET C 286 21.69 -42.34 -23.61
N ALA C 287 22.74 -41.60 -23.99
CA ALA C 287 23.06 -41.45 -25.41
C ALA C 287 23.39 -42.79 -26.04
N LYS C 288 24.09 -43.67 -25.31
CA LYS C 288 24.44 -44.96 -25.89
C LYS C 288 23.21 -45.86 -26.01
N VAL C 289 22.23 -45.72 -25.12
CA VAL C 289 20.97 -46.43 -25.29
C VAL C 289 20.26 -45.98 -26.56
N TYR C 290 20.18 -44.65 -26.76
CA TYR C 290 19.51 -44.19 -27.97
C TYR C 290 20.29 -44.57 -29.23
N GLN C 291 21.63 -44.62 -29.15
CA GLN C 291 22.41 -45.01 -30.33
C GLN C 291 21.97 -46.37 -30.88
N LYS C 292 21.68 -47.32 -29.98
CA LYS C 292 21.13 -48.61 -30.40
C LYS C 292 19.84 -48.42 -31.19
N GLU C 293 18.95 -47.55 -30.71
CA GLU C 293 17.71 -47.27 -31.42
C GLU C 293 17.97 -46.53 -32.73
N ALA C 294 18.95 -45.62 -32.75
CA ALA C 294 19.27 -44.89 -33.97
C ALA C 294 19.69 -45.84 -35.09
N LYS C 295 20.49 -46.85 -34.77
CA LYS C 295 20.85 -47.81 -35.79
C LYS C 295 19.65 -48.64 -36.22
N ALA C 296 18.74 -48.96 -35.30
CA ALA C 296 17.55 -49.72 -35.67
C ALA C 296 16.64 -48.91 -36.58
N ARG C 297 16.59 -47.59 -36.40
CA ARG C 297 15.72 -46.76 -37.22
C ARG C 297 16.30 -46.48 -38.60
N GLY C 298 17.55 -46.86 -38.86
CA GLY C 298 18.15 -46.66 -40.17
C GLY C 298 18.90 -45.36 -40.36
N HIS C 299 19.04 -44.54 -39.31
CA HIS C 299 19.75 -43.27 -39.45
C HIS C 299 21.26 -43.44 -39.49
N PHE C 300 21.78 -44.53 -38.91
CA PHE C 300 23.21 -44.67 -38.65
C PHE C 300 23.89 -45.31 -39.86
N VAL C 301 24.51 -44.48 -40.68
CA VAL C 301 25.41 -44.93 -41.75
C VAL C 301 26.79 -44.37 -41.42
N SER C 302 27.73 -45.25 -41.10
CA SER C 302 28.99 -44.83 -40.53
C SER C 302 29.87 -44.12 -41.56
N LEU C 303 30.77 -43.27 -41.05
CA LEU C 303 31.77 -42.64 -41.91
C LEU C 303 32.72 -43.64 -42.53
N GLN C 304 32.90 -44.82 -41.90
CA GLN C 304 33.69 -45.88 -42.51
C GLN C 304 33.03 -46.38 -43.80
N GLU C 305 31.73 -46.67 -43.74
CA GLU C 305 31.00 -47.05 -44.95
C GLU C 305 31.10 -45.95 -46.01
N LYS C 306 30.89 -44.70 -45.59
CA LYS C 306 30.95 -43.59 -46.54
C LYS C 306 32.33 -43.45 -47.15
N LEU C 307 33.37 -43.80 -46.40
CA LEU C 307 34.73 -43.75 -46.92
C LEU C 307 34.96 -44.85 -47.95
N LYS C 308 34.40 -46.04 -47.72
CA LYS C 308 34.58 -47.13 -48.67
C LYS C 308 33.91 -46.81 -49.99
N ARG C 309 32.77 -46.10 -49.95
CA ARG C 309 32.09 -45.71 -51.17
C ARG C 309 32.81 -44.57 -51.89
N ASN C 310 33.41 -43.66 -51.13
CA ASN C 310 34.07 -42.48 -51.68
C ASN C 310 35.37 -42.28 -50.92
N PRO C 311 36.51 -42.66 -51.50
CA PRO C 311 37.80 -42.41 -50.84
C PRO C 311 38.09 -40.93 -50.58
N ASN C 312 37.43 -40.01 -51.29
CA ASN C 312 37.66 -38.59 -51.07
C ASN C 312 37.15 -38.09 -49.72
N VAL C 313 36.35 -38.89 -49.01
CA VAL C 313 35.97 -38.57 -47.64
C VAL C 313 37.20 -38.30 -46.78
N ASN C 314 38.32 -38.98 -47.07
CA ASN C 314 39.52 -38.83 -46.26
C ASN C 314 40.19 -37.47 -46.44
N LYS C 315 39.65 -36.60 -47.29
CA LYS C 315 40.13 -35.22 -47.38
C LYS C 315 39.57 -34.34 -46.26
N LEU C 316 38.62 -34.85 -45.47
CA LEU C 316 37.95 -34.15 -44.38
C LEU C 316 38.67 -34.22 -43.03
N PRO C 317 39.20 -35.38 -42.59
CA PRO C 317 39.87 -35.42 -41.28
C PRO C 317 41.02 -34.42 -41.22
N GLY C 318 40.95 -33.50 -40.25
CA GLY C 318 41.98 -32.49 -40.11
C GLY C 318 41.79 -31.27 -40.99
N ALA C 319 40.70 -31.19 -41.72
CA ALA C 319 40.44 -30.07 -42.61
C ALA C 319 39.76 -28.93 -41.87
N ILE C 320 40.19 -27.71 -42.15
CA ILE C 320 39.50 -26.51 -41.69
C ILE C 320 38.43 -26.17 -42.72
N TYR C 321 37.23 -25.87 -42.26
CA TYR C 321 36.14 -25.45 -43.13
C TYR C 321 36.21 -23.93 -43.29
N PHE C 322 36.45 -23.46 -44.51
CA PHE C 322 36.62 -22.04 -44.82
C PHE C 322 35.41 -21.57 -45.61
N GLY C 323 34.64 -20.65 -45.03
CA GLY C 323 33.53 -20.04 -45.73
C GLY C 323 33.88 -18.63 -46.16
N ILE C 324 33.97 -18.41 -47.47
CA ILE C 324 34.32 -17.11 -48.03
C ILE C 324 33.00 -16.46 -48.45
N TYR C 325 32.51 -15.54 -47.63
CA TYR C 325 31.16 -15.02 -47.78
C TYR C 325 31.19 -13.75 -48.64
N GLY C 326 30.70 -13.87 -49.88
CA GLY C 326 30.73 -12.78 -50.83
C GLY C 326 29.48 -11.92 -50.89
N GLY C 327 28.67 -11.93 -49.83
CA GLY C 327 27.41 -11.21 -49.84
C GLY C 327 26.28 -11.93 -50.54
N TYR C 328 26.53 -13.11 -51.04
CA TYR C 328 25.65 -14.03 -51.75
C TYR C 328 25.31 -15.18 -50.81
N PRO C 329 24.08 -15.70 -50.80
CA PRO C 329 22.99 -15.52 -51.76
C PRO C 329 22.13 -14.27 -51.52
N HIS C 330 22.47 -13.47 -50.50
CA HIS C 330 21.66 -12.32 -50.15
C HIS C 330 21.65 -11.27 -51.26
N TYR C 331 22.78 -11.11 -51.95
CA TYR C 331 22.94 -10.10 -52.98
C TYR C 331 23.84 -10.64 -54.08
N VAL C 332 23.61 -10.16 -55.30
CA VAL C 332 24.42 -10.53 -56.45
C VAL C 332 25.48 -9.45 -56.64
N ASN C 333 26.75 -9.84 -56.50
CA ASN C 333 27.90 -8.98 -56.74
C ASN C 333 27.81 -7.68 -55.93
N MET C 334 27.69 -7.83 -54.61
CA MET C 334 27.59 -6.65 -53.77
C MET C 334 28.95 -5.99 -53.61
N PRO C 335 29.06 -4.67 -53.86
CA PRO C 335 30.35 -4.00 -53.66
C PRO C 335 30.77 -4.00 -52.20
N GLY C 336 32.05 -4.23 -51.96
CA GLY C 336 32.59 -4.38 -50.62
C GLY C 336 32.46 -5.77 -50.02
N MET C 337 31.75 -6.68 -50.68
CA MET C 337 31.55 -8.02 -50.12
C MET C 337 31.94 -9.09 -51.13
N ALA C 338 31.47 -8.95 -52.36
CA ALA C 338 31.76 -9.93 -53.39
C ALA C 338 33.25 -10.06 -53.63
N PHE C 339 33.70 -11.30 -53.84
CA PHE C 339 35.05 -11.60 -54.30
C PHE C 339 35.03 -11.88 -55.79
N THR C 340 36.10 -11.50 -56.48
CA THR C 340 36.30 -12.01 -57.82
C THR C 340 36.93 -13.40 -57.73
N PHE C 341 36.92 -14.11 -58.86
CA PHE C 341 37.49 -15.46 -58.87
C PHE C 341 39.02 -15.42 -58.72
N ASP C 342 39.67 -14.36 -59.20
CA ASP C 342 41.11 -14.25 -58.96
C ASP C 342 41.41 -13.95 -57.49
N GLU C 343 40.53 -13.20 -56.83
CA GLU C 343 40.70 -12.99 -55.40
C GLU C 343 40.43 -14.29 -54.64
N LEU C 344 39.49 -15.10 -55.12
CA LEU C 344 39.24 -16.39 -54.48
C LEU C 344 40.44 -17.31 -54.62
N LYS C 345 41.03 -17.38 -55.82
CA LYS C 345 42.19 -18.22 -56.04
C LYS C 345 43.34 -17.82 -55.12
N ASN C 346 43.55 -16.52 -54.92
CA ASN C 346 44.66 -16.06 -54.12
C ASN C 346 44.43 -16.19 -52.61
N ILE C 347 43.16 -16.27 -52.18
CA ILE C 347 42.89 -16.67 -50.80
C ILE C 347 43.23 -18.14 -50.61
N ILE C 348 42.86 -18.97 -51.59
CA ILE C 348 43.17 -20.40 -51.52
C ILE C 348 44.68 -20.62 -51.52
N LYS C 349 45.39 -19.91 -52.40
CA LYS C 349 46.84 -20.05 -52.45
C LYS C 349 47.49 -19.65 -51.14
N THR C 350 47.03 -18.55 -50.52
CA THR C 350 47.63 -18.09 -49.27
C THR C 350 47.37 -19.09 -48.14
N ILE C 351 46.18 -19.69 -48.11
CA ILE C 351 45.87 -20.66 -47.06
C ILE C 351 46.84 -21.83 -47.13
N HIS C 352 47.21 -22.24 -48.35
CA HIS C 352 48.12 -23.36 -48.52
C HIS C 352 49.57 -22.92 -48.40
N ASP C 353 49.99 -21.94 -49.19
CA ASP C 353 51.42 -21.64 -49.28
C ASP C 353 51.93 -20.87 -48.07
N ASP C 354 51.14 -19.96 -47.51
CA ASP C 354 51.62 -19.11 -46.43
C ASP C 354 51.15 -19.53 -45.04
N LEU C 355 49.94 -20.07 -44.92
CA LEU C 355 49.46 -20.58 -43.65
C LEU C 355 49.67 -22.09 -43.52
N ARG C 356 50.13 -22.75 -44.59
CA ARG C 356 50.53 -24.17 -44.58
C ARG C 356 49.46 -25.05 -43.93
N VAL C 357 48.20 -24.80 -44.29
CA VAL C 357 47.09 -25.67 -43.95
C VAL C 357 47.11 -26.85 -44.92
N ASP C 358 47.20 -28.08 -44.39
CA ASP C 358 47.38 -29.24 -45.25
C ASP C 358 46.06 -29.73 -45.84
N LYS C 359 44.95 -29.52 -45.15
CA LYS C 359 43.66 -30.04 -45.58
C LYS C 359 42.59 -29.00 -45.31
N ALA C 360 41.64 -28.87 -46.24
CA ALA C 360 40.68 -27.79 -46.12
C ALA C 360 39.44 -28.09 -46.96
N PHE C 361 38.32 -27.50 -46.55
CA PHE C 361 37.10 -27.47 -47.34
C PHE C 361 36.80 -26.01 -47.64
N VAL C 362 36.96 -25.61 -48.90
CA VAL C 362 36.74 -24.24 -49.31
C VAL C 362 35.32 -24.13 -49.84
N HIS C 363 34.53 -23.24 -49.23
CA HIS C 363 33.13 -23.05 -49.57
C HIS C 363 32.96 -21.60 -50.00
N ALA C 364 32.72 -21.39 -51.30
CA ALA C 364 32.70 -20.04 -51.88
C ALA C 364 31.25 -19.59 -52.04
N TRP C 365 30.86 -18.56 -51.28
CA TRP C 365 29.50 -18.04 -51.31
C TRP C 365 29.45 -16.87 -52.29
N GLY C 366 29.04 -17.15 -53.53
CA GLY C 366 28.98 -16.10 -54.53
C GLY C 366 29.74 -16.39 -55.80
N THR C 367 29.25 -17.34 -56.58
CA THR C 367 29.89 -17.76 -57.81
C THR C 367 28.97 -17.65 -59.02
N PHE C 368 27.69 -17.30 -58.82
CA PHE C 368 26.72 -17.21 -59.90
C PHE C 368 26.13 -15.80 -59.96
N SER C 369 25.64 -15.45 -61.14
CA SER C 369 25.14 -14.12 -61.41
C SER C 369 23.62 -14.03 -61.38
N ASN C 370 22.92 -15.12 -61.09
CA ASN C 370 21.51 -15.09 -60.71
C ASN C 370 21.35 -15.42 -59.24
N PHE C 371 20.19 -15.03 -58.69
CA PHE C 371 19.84 -15.39 -57.33
C PHE C 371 19.44 -16.86 -57.25
N VAL C 372 19.77 -17.50 -56.13
CA VAL C 372 19.19 -18.81 -55.84
C VAL C 372 17.68 -18.62 -55.87
N PRO C 373 16.88 -19.61 -56.30
CA PRO C 373 17.23 -21.00 -56.57
C PRO C 373 17.70 -21.28 -58.00
N HIS C 374 18.15 -20.26 -58.71
CA HIS C 374 18.72 -20.45 -60.05
C HIS C 374 20.23 -20.30 -59.91
N ASN C 375 20.88 -21.43 -59.68
CA ASN C 375 22.30 -21.49 -59.27
C ASN C 375 23.21 -21.51 -60.50
N TYR C 376 23.04 -20.51 -61.35
CA TYR C 376 23.72 -20.44 -62.63
C TYR C 376 23.51 -19.05 -63.21
N PRO C 377 24.32 -18.65 -64.21
CA PRO C 377 25.54 -19.32 -64.63
C PRO C 377 26.69 -18.85 -63.77
N ILE C 378 27.87 -19.46 -63.92
CA ILE C 378 29.07 -18.90 -63.30
C ILE C 378 29.21 -17.44 -63.72
N SER C 379 29.45 -16.56 -62.76
CA SER C 379 29.33 -15.13 -63.00
C SER C 379 30.42 -14.63 -63.93
N GLU C 380 30.00 -13.99 -65.04
CA GLU C 380 30.95 -13.28 -65.90
C GLU C 380 31.56 -12.09 -65.19
N ALA C 381 30.77 -11.36 -64.40
CA ALA C 381 31.27 -10.16 -63.75
C ALA C 381 32.39 -10.47 -62.76
N LEU C 382 32.43 -11.68 -62.21
CA LEU C 382 33.45 -12.07 -61.25
C LEU C 382 34.68 -12.69 -61.92
N GLY C 383 34.67 -12.83 -63.24
CA GLY C 383 35.82 -13.39 -63.94
C GLY C 383 35.48 -14.46 -64.96
N GLY C 384 34.28 -15.01 -64.88
CA GLY C 384 33.85 -16.00 -65.85
C GLY C 384 34.22 -17.43 -65.47
N PRO C 385 33.74 -18.39 -66.26
CA PRO C 385 33.94 -19.80 -65.89
C PRO C 385 35.40 -20.25 -65.85
N GLU C 386 36.22 -19.73 -66.76
CA GLU C 386 37.63 -20.15 -66.80
C GLU C 386 38.36 -19.75 -65.53
N LYS C 387 38.05 -18.56 -64.99
CA LYS C 387 38.76 -18.08 -63.82
C LYS C 387 38.32 -18.80 -62.55
N LEU C 388 37.04 -19.14 -62.43
CA LEU C 388 36.62 -19.99 -61.33
C LEU C 388 37.26 -21.37 -61.44
N LYS C 389 37.35 -21.90 -62.66
CA LYS C 389 38.01 -23.18 -62.87
C LYS C 389 39.47 -23.12 -62.45
N ALA C 390 40.13 -21.98 -62.68
CA ALA C 390 41.52 -21.86 -62.23
C ALA C 390 41.60 -21.92 -60.71
N ALA C 391 40.65 -21.30 -60.01
CA ALA C 391 40.67 -21.33 -58.56
C ALA C 391 40.36 -22.72 -58.01
N VAL C 392 39.38 -23.41 -58.62
CA VAL C 392 39.04 -24.75 -58.18
C VAL C 392 40.18 -25.73 -58.50
N ASP C 393 40.78 -25.60 -59.69
CA ASP C 393 41.90 -26.47 -60.05
C ASP C 393 43.04 -26.33 -59.06
N LEU C 394 43.30 -25.10 -58.58
CA LEU C 394 44.34 -24.91 -57.58
C LEU C 394 43.97 -25.59 -56.27
N ALA C 395 42.70 -25.48 -55.85
CA ALA C 395 42.27 -26.15 -54.62
C ALA C 395 42.44 -27.66 -54.72
N LYS C 396 42.10 -28.24 -55.88
CA LYS C 396 42.23 -29.69 -56.05
C LYS C 396 43.68 -30.13 -56.11
N SER C 397 44.58 -29.30 -56.66
CA SER C 397 46.00 -29.64 -56.67
C SER C 397 46.59 -29.70 -55.26
N TYR C 398 45.97 -29.01 -54.31
CA TYR C 398 46.36 -29.10 -52.91
C TYR C 398 45.71 -30.27 -52.18
N GLY C 399 44.79 -30.98 -52.82
CA GLY C 399 43.99 -31.95 -52.12
C GLY C 399 42.81 -31.38 -51.35
N TYR C 400 42.52 -30.08 -51.52
CA TYR C 400 41.39 -29.47 -50.83
C TYR C 400 40.07 -29.87 -51.48
N LEU C 401 39.01 -29.89 -50.66
CA LEU C 401 37.64 -29.98 -51.15
C LEU C 401 37.12 -28.60 -51.48
N TYR C 402 36.23 -28.52 -52.47
CA TYR C 402 35.66 -27.25 -52.88
C TYR C 402 34.18 -27.41 -53.17
N SER C 403 33.39 -26.41 -52.75
CA SER C 403 32.02 -26.31 -53.23
C SER C 403 31.64 -24.84 -53.34
N SER C 404 30.82 -24.53 -54.35
CA SER C 404 30.10 -23.27 -54.38
C SER C 404 28.96 -23.30 -53.36
N TYR C 405 28.39 -22.13 -53.08
CA TYR C 405 27.14 -22.07 -52.35
C TYR C 405 25.99 -22.47 -53.27
N HIS C 406 25.11 -23.34 -52.79
CA HIS C 406 23.90 -23.75 -53.51
C HIS C 406 22.70 -23.73 -52.59
N ALA C 407 21.55 -23.34 -53.14
CA ALA C 407 20.27 -23.51 -52.44
C ALA C 407 19.18 -23.63 -53.49
N TYR C 408 18.24 -24.53 -53.26
CA TYR C 408 17.14 -24.70 -54.18
C TYR C 408 15.79 -24.36 -53.54
N SER C 409 15.81 -23.93 -52.28
CA SER C 409 14.62 -23.59 -51.49
C SER C 409 14.21 -22.12 -51.48
N PRO C 410 15.09 -21.14 -51.65
CA PRO C 410 14.67 -19.74 -51.48
C PRO C 410 13.86 -19.21 -52.67
N MET C 411 13.14 -18.12 -52.38
CA MET C 411 12.46 -17.34 -53.41
C MET C 411 12.44 -15.91 -52.88
N LEU C 412 13.34 -15.07 -53.40
CA LEU C 412 13.74 -13.83 -52.74
C LEU C 412 13.08 -12.61 -53.35
N GLU C 413 12.59 -11.72 -52.47
CA GLU C 413 11.90 -10.50 -52.90
C GLU C 413 12.75 -9.66 -53.85
N ASN C 414 14.07 -9.59 -53.62
CA ASN C 414 14.93 -8.73 -54.41
C ASN C 414 15.46 -9.41 -55.66
N ASP C 415 15.05 -10.65 -55.92
CA ASP C 415 15.40 -11.34 -57.17
C ASP C 415 14.52 -10.84 -58.30
N PRO C 416 15.09 -10.33 -59.39
CA PRO C 416 14.25 -9.93 -60.54
C PRO C 416 13.37 -11.05 -61.06
N ASN C 417 13.75 -12.30 -60.84
CA ASN C 417 13.00 -13.46 -61.28
C ASN C 417 11.95 -13.93 -60.28
N PHE C 418 11.76 -13.19 -59.17
CA PHE C 418 10.83 -13.63 -58.13
C PHE C 418 9.45 -13.92 -58.71
N THR C 419 8.89 -15.07 -58.34
CA THR C 419 7.50 -15.39 -58.64
CA THR C 419 7.50 -15.40 -58.65
C THR C 419 6.94 -16.22 -57.50
N THR C 420 5.63 -16.18 -57.35
CA THR C 420 4.99 -17.04 -56.35
C THR C 420 4.64 -18.41 -56.92
N ASP C 421 4.97 -18.69 -58.19
CA ASP C 421 4.52 -19.90 -58.86
C ASP C 421 4.97 -21.17 -58.15
N LEU C 422 6.19 -21.18 -57.63
CA LEU C 422 6.76 -22.38 -57.01
C LEU C 422 6.63 -22.37 -55.50
N MET C 423 5.91 -21.40 -54.93
CA MET C 423 5.62 -21.40 -53.51
C MET C 423 4.41 -22.26 -53.21
N GLN C 424 4.43 -22.92 -52.06
CA GLN C 424 3.30 -23.75 -51.65
C GLN C 424 2.16 -22.88 -51.11
N ARG C 425 0.92 -23.32 -51.35
CA ARG C 425 -0.25 -22.68 -50.77
C ARG C 425 -1.00 -23.69 -49.90
N ASP C 426 -1.68 -23.18 -48.87
CA ASP C 426 -2.40 -24.03 -47.92
C ASP C 426 -3.83 -24.28 -48.41
N ALA C 427 -4.64 -24.93 -47.56
CA ALA C 427 -5.99 -25.31 -47.95
C ALA C 427 -6.90 -24.12 -48.24
N GLU C 428 -6.58 -22.94 -47.69
CA GLU C 428 -7.37 -21.76 -47.98
C GLU C 428 -6.83 -20.98 -49.18
N GLY C 429 -5.87 -21.54 -49.92
CA GLY C 429 -5.33 -20.88 -51.07
C GLY C 429 -4.27 -19.84 -50.77
N LYS C 430 -3.79 -19.78 -49.53
CA LYS C 430 -2.88 -18.74 -49.10
C LYS C 430 -1.43 -19.21 -49.22
N LEU C 431 -0.55 -18.30 -49.62
CA LEU C 431 0.87 -18.64 -49.69
C LEU C 431 1.41 -19.04 -48.32
N MET C 432 2.24 -20.08 -48.32
CA MET C 432 2.94 -20.54 -47.13
C MET C 432 4.36 -20.01 -47.12
N ASN C 433 4.90 -19.84 -45.92
CA ASN C 433 6.25 -19.34 -45.70
C ASN C 433 6.46 -17.95 -46.29
N THR C 434 5.42 -17.10 -46.30
CA THR C 434 5.69 -15.70 -46.59
C THR C 434 6.65 -15.09 -45.57
N GLY C 435 6.76 -15.68 -44.39
CA GLY C 435 7.64 -15.19 -43.36
C GLY C 435 9.01 -15.84 -43.28
N SER C 436 9.41 -16.63 -44.30
CA SER C 436 10.69 -17.38 -44.27
C SER C 436 11.24 -17.45 -45.70
N ARG C 437 11.90 -16.36 -46.12
CA ARG C 437 12.26 -16.19 -47.52
C ARG C 437 13.24 -17.26 -48.02
N TRP C 438 13.98 -17.91 -47.13
CA TRP C 438 14.97 -18.90 -47.53
C TRP C 438 14.38 -20.28 -47.74
N ALA C 439 13.11 -20.50 -47.37
CA ALA C 439 12.46 -21.81 -47.47
C ALA C 439 11.05 -21.59 -48.03
N ARG C 440 11.01 -21.12 -49.28
CA ARG C 440 9.74 -20.83 -49.92
C ARG C 440 9.39 -21.73 -51.09
N VAL C 441 10.36 -22.38 -51.71
CA VAL C 441 10.06 -23.23 -52.86
C VAL C 441 9.56 -24.58 -52.36
N ASP C 442 8.40 -25.00 -52.87
CA ASP C 442 7.84 -26.29 -52.49
C ASP C 442 8.88 -27.38 -52.74
N PRO C 443 9.19 -28.21 -51.75
CA PRO C 443 10.20 -29.26 -51.95
C PRO C 443 9.93 -30.14 -53.17
N LYS C 444 8.66 -30.26 -53.60
CA LYS C 444 8.38 -31.10 -54.76
C LYS C 444 8.96 -30.55 -56.05
N PHE C 445 9.36 -29.27 -56.08
CA PHE C 445 10.04 -28.68 -57.24
C PHE C 445 11.56 -28.67 -57.12
N GLN C 446 12.12 -28.98 -55.95
CA GLN C 446 13.52 -28.62 -55.69
C GLN C 446 14.49 -29.53 -56.44
N LYS C 447 14.17 -30.81 -56.63
CA LYS C 447 15.07 -31.65 -57.42
C LYS C 447 15.16 -31.15 -58.85
N GLY C 448 14.03 -30.72 -59.42
CA GLY C 448 14.06 -30.19 -60.77
C GLY C 448 14.89 -28.91 -60.86
N LEU C 449 14.82 -28.06 -59.84
CA LEU C 449 15.68 -26.88 -59.83
C LEU C 449 17.16 -27.28 -59.80
N ALA C 450 17.50 -28.32 -59.02
CA ALA C 450 18.90 -28.75 -58.95
C ALA C 450 19.37 -29.35 -60.27
N GLN C 451 18.50 -30.10 -60.95
CA GLN C 451 18.86 -30.68 -62.24
C GLN C 451 19.19 -29.63 -63.30
N LYS C 452 18.78 -28.38 -63.10
CA LYS C 452 18.98 -27.39 -64.14
C LYS C 452 20.46 -27.17 -64.44
N ASN C 453 21.33 -27.25 -63.43
CA ASN C 453 22.73 -26.90 -63.68
C ASN C 453 23.76 -27.66 -62.86
N ILE C 454 23.35 -28.41 -61.82
CA ILE C 454 24.37 -28.95 -60.92
C ILE C 454 25.27 -29.96 -61.65
N GLU C 455 24.72 -30.71 -62.60
CA GLU C 455 25.54 -31.64 -63.36
C GLU C 455 26.45 -30.91 -64.34
N LYS C 456 25.98 -29.80 -64.91
CA LYS C 456 26.86 -28.96 -65.72
C LYS C 456 28.01 -28.40 -64.88
N GLU C 457 27.73 -28.00 -63.64
CA GLU C 457 28.79 -27.46 -62.79
C GLU C 457 29.77 -28.55 -62.36
N ILE C 458 29.26 -29.73 -62.01
CA ILE C 458 30.15 -30.84 -61.65
C ILE C 458 31.06 -31.18 -62.82
N SER C 459 30.49 -31.28 -64.02
CA SER C 459 31.27 -31.66 -65.19
C SER C 459 32.30 -30.59 -65.54
N TYR C 460 31.90 -29.32 -65.55
CA TYR C 460 32.82 -28.29 -66.00
C TYR C 460 33.93 -28.04 -64.99
N LEU C 461 33.62 -28.04 -63.70
CA LEU C 461 34.62 -27.77 -62.68
C LEU C 461 35.33 -29.02 -62.18
N GLY C 462 34.91 -30.20 -62.62
CA GLY C 462 35.48 -31.43 -62.10
C GLY C 462 35.32 -31.52 -60.61
N LEU C 463 34.10 -31.25 -60.13
CA LEU C 463 33.86 -31.15 -58.70
C LEU C 463 33.98 -32.50 -58.02
N GLU C 464 34.51 -32.47 -56.79
CA GLU C 464 34.60 -33.64 -55.94
C GLU C 464 33.70 -33.55 -54.73
N ALA C 465 33.02 -32.40 -54.56
CA ALA C 465 32.28 -32.13 -53.34
C ALA C 465 31.11 -31.21 -53.65
N ASP C 466 30.19 -31.13 -52.69
CA ASP C 466 29.02 -30.26 -52.80
C ASP C 466 28.50 -29.93 -51.40
N ILE C 467 27.99 -28.71 -51.24
CA ILE C 467 27.23 -28.35 -50.05
C ILE C 467 25.94 -27.71 -50.52
N THR C 468 24.83 -28.10 -49.92
CA THR C 468 23.51 -27.58 -50.25
C THR C 468 22.89 -27.02 -48.97
N ASP C 469 22.38 -25.78 -49.04
N ASP C 469 22.39 -25.81 -49.02
CA ASP C 469 21.90 -25.00 -47.91
CA ASP C 469 21.96 -25.16 -47.80
C ASP C 469 20.42 -25.29 -47.63
C ASP C 469 20.45 -25.22 -47.63
N ILE C 470 20.02 -25.00 -46.39
CA ILE C 470 18.64 -24.80 -45.96
C ILE C 470 17.76 -26.04 -45.98
N THR C 471 17.68 -26.73 -47.13
CA THR C 471 16.60 -27.72 -47.34
C THR C 471 16.61 -28.83 -46.29
N PHE C 472 17.78 -29.20 -45.77
CA PHE C 472 17.89 -30.34 -44.85
C PHE C 472 18.21 -29.89 -43.43
N ALA C 473 17.80 -28.68 -43.05
CA ALA C 473 18.09 -28.19 -41.71
C ALA C 473 17.10 -28.69 -40.67
N ALA C 474 15.95 -29.21 -41.09
CA ALA C 474 14.89 -29.66 -40.20
C ALA C 474 14.32 -30.97 -40.75
N TYR C 475 13.39 -31.58 -40.01
CA TYR C 475 12.70 -32.77 -40.51
C TYR C 475 11.22 -32.67 -40.15
N ARG C 476 10.51 -31.84 -40.90
CA ARG C 476 9.07 -31.68 -40.74
C ARG C 476 8.33 -32.59 -41.72
N GLU C 477 7.04 -32.81 -41.43
CA GLU C 477 6.25 -33.70 -42.27
C GLU C 477 5.94 -33.07 -43.63
N ASN C 478 5.54 -31.80 -43.63
CA ASN C 478 5.14 -31.14 -44.88
C ASN C 478 6.34 -31.02 -45.82
N GLY C 479 6.22 -31.62 -47.00
CA GLY C 479 7.25 -31.57 -48.02
C GLY C 479 8.35 -32.60 -47.87
N LYS C 480 8.23 -33.50 -46.89
CA LYS C 480 9.27 -34.49 -46.63
C LYS C 480 9.64 -35.28 -47.88
N GLU C 481 8.64 -35.68 -48.67
CA GLU C 481 8.89 -36.52 -49.84
C GLU C 481 9.73 -35.78 -50.89
N GLY C 482 9.42 -34.51 -51.14
CA GLY C 482 10.24 -33.74 -52.05
C GLY C 482 11.68 -33.60 -51.57
N ARG C 483 11.85 -33.43 -50.25
CA ARG C 483 13.19 -33.30 -49.71
C ARG C 483 13.96 -34.61 -49.85
N ILE C 484 13.30 -35.74 -49.61
CA ILE C 484 13.95 -37.05 -49.78
C ILE C 484 14.35 -37.24 -51.24
N GLU C 485 13.50 -36.80 -52.17
CA GLU C 485 13.83 -36.86 -53.59
C GLU C 485 15.09 -36.05 -53.90
N LEU C 486 15.19 -34.83 -53.36
CA LEU C 486 16.39 -34.04 -53.59
C LEU C 486 17.61 -34.69 -52.94
N ALA C 487 17.46 -35.24 -51.75
CA ALA C 487 18.61 -35.85 -51.07
C ALA C 487 19.14 -37.04 -51.85
N LYS C 488 18.24 -37.85 -52.42
CA LYS C 488 18.71 -39.01 -53.18
C LYS C 488 19.40 -38.58 -54.47
N TYR C 489 18.88 -37.54 -55.13
CA TYR C 489 19.52 -37.03 -56.33
C TYR C 489 20.95 -36.57 -56.03
N ILE C 490 21.12 -35.71 -55.02
CA ILE C 490 22.45 -35.24 -54.65
C ILE C 490 23.36 -36.41 -54.31
N ASP C 491 22.85 -37.36 -53.51
CA ASP C 491 23.67 -38.48 -53.06
C ASP C 491 24.11 -39.39 -54.21
N SER C 492 23.38 -39.39 -55.33
CA SER C 492 23.75 -40.26 -56.44
C SER C 492 25.00 -39.80 -57.17
N PHE C 493 25.46 -38.56 -56.96
CA PHE C 493 26.71 -38.10 -57.56
C PHE C 493 27.94 -38.67 -56.88
N ASN C 494 27.80 -39.25 -55.70
CA ASN C 494 28.92 -39.78 -54.92
C ASN C 494 30.01 -38.74 -54.72
N LEU C 495 29.61 -37.51 -54.40
CA LEU C 495 30.54 -36.47 -54.00
C LEU C 495 30.66 -36.44 -52.48
N VAL C 496 31.79 -35.94 -51.99
CA VAL C 496 31.88 -35.61 -50.57
C VAL C 496 30.95 -34.43 -50.34
N ASN C 497 29.89 -34.63 -49.57
CA ASN C 497 28.85 -33.61 -49.56
C ASN C 497 28.40 -33.28 -48.15
N GLY C 498 27.95 -32.04 -48.01
CA GLY C 498 27.53 -31.53 -46.72
C GLY C 498 26.26 -30.72 -46.90
N THR C 499 25.68 -30.35 -45.76
CA THR C 499 24.48 -29.53 -45.81
C THR C 499 24.37 -28.75 -44.52
N GLU C 500 23.58 -27.68 -44.56
CA GLU C 500 23.42 -26.82 -43.40
C GLU C 500 22.65 -27.53 -42.30
N HIS C 501 23.22 -27.53 -41.09
CA HIS C 501 22.62 -27.99 -39.84
C HIS C 501 22.37 -29.50 -39.84
N GLY C 502 21.49 -29.98 -40.71
CA GLY C 502 21.19 -31.40 -40.78
C GLY C 502 20.22 -31.85 -39.70
N GLN C 503 19.76 -33.09 -39.87
CA GLN C 503 19.02 -33.83 -38.85
C GLN C 503 19.39 -35.30 -38.98
N GLU C 504 19.14 -36.06 -37.90
CA GLU C 504 19.51 -37.48 -37.90
C GLU C 504 18.90 -38.24 -39.08
N GLN C 505 17.73 -37.81 -39.57
CA GLN C 505 17.10 -38.50 -40.69
C GLN C 505 17.85 -38.29 -42.00
N TRP C 506 18.68 -37.25 -42.10
CA TRP C 506 19.44 -36.97 -43.30
C TRP C 506 20.84 -37.57 -43.26
N ILE C 507 21.24 -38.18 -42.15
CA ILE C 507 22.60 -38.75 -42.05
C ILE C 507 22.92 -39.70 -43.18
N PRO C 508 22.02 -40.56 -43.68
CA PRO C 508 22.42 -41.51 -44.73
C PRO C 508 22.89 -40.86 -46.02
N TYR C 509 22.57 -39.59 -46.26
CA TYR C 509 22.77 -38.96 -47.56
C TYR C 509 23.94 -37.98 -47.60
N PHE C 510 24.55 -37.68 -46.46
CA PHE C 510 25.58 -36.65 -46.38
C PHE C 510 26.77 -37.17 -45.61
N ASP C 511 27.92 -36.54 -45.85
CA ASP C 511 29.13 -36.80 -45.11
C ASP C 511 29.34 -35.82 -43.97
N MET C 512 28.82 -34.60 -44.09
CA MET C 512 29.04 -33.62 -43.03
C MET C 512 27.84 -32.69 -42.92
N PHE C 513 27.66 -32.17 -41.70
CA PHE C 513 26.68 -31.13 -41.39
C PHE C 513 27.43 -29.86 -41.00
N GLU C 514 26.99 -28.71 -41.53
CA GLU C 514 27.49 -27.40 -41.12
C GLU C 514 26.54 -26.87 -40.04
N GLY C 515 26.97 -26.99 -38.79
CA GLY C 515 26.15 -26.66 -37.65
C GLY C 515 26.01 -27.85 -36.73
N MET C 516 24.77 -28.09 -36.26
CA MET C 516 24.51 -29.06 -35.20
C MET C 516 25.37 -28.72 -33.98
N THR C 517 25.36 -27.43 -33.63
CA THR C 517 26.10 -26.92 -32.48
C THR C 517 25.10 -26.25 -31.56
N TYR C 518 25.08 -24.91 -31.51
CA TYR C 518 24.25 -24.20 -30.55
C TYR C 518 23.77 -22.89 -31.16
N LEU C 519 22.51 -22.54 -30.91
CA LEU C 519 22.09 -21.17 -31.15
C LEU C 519 22.80 -20.23 -30.19
N GLU C 520 22.93 -18.95 -30.59
CA GLU C 520 23.52 -17.98 -29.67
C GLU C 520 22.53 -17.60 -28.58
N ASP C 521 21.31 -17.23 -28.97
CA ASP C 521 20.22 -16.95 -28.04
C ASP C 521 19.24 -18.12 -28.10
N ARG C 522 18.95 -18.71 -26.95
CA ARG C 522 18.14 -19.93 -26.93
C ARG C 522 17.54 -20.09 -25.55
N PRO C 523 16.32 -20.64 -25.45
CA PRO C 523 15.81 -21.02 -24.13
C PRO C 523 16.79 -21.94 -23.45
N LEU C 524 16.92 -21.79 -22.12
CA LEU C 524 17.76 -22.56 -21.21
C LEU C 524 19.23 -22.16 -21.27
N SER C 525 19.57 -21.12 -22.04
CA SER C 525 20.98 -20.80 -22.24
C SER C 525 21.67 -20.47 -20.92
N VAL C 526 20.97 -19.81 -19.99
CA VAL C 526 21.59 -19.40 -18.73
C VAL C 526 21.45 -20.45 -17.62
N ILE C 527 20.79 -21.57 -17.89
CA ILE C 527 20.60 -22.62 -16.89
C ILE C 527 20.94 -24.00 -17.45
N SER C 528 21.88 -24.07 -18.37
CA SER C 528 22.35 -25.33 -18.91
C SER C 528 23.84 -25.25 -19.22
N HIS C 529 24.43 -26.42 -19.43
CA HIS C 529 25.78 -26.60 -19.92
C HIS C 529 25.76 -27.37 -21.24
N PRO C 530 26.45 -26.90 -22.27
CA PRO C 530 26.60 -27.72 -23.49
C PRO C 530 27.20 -29.08 -23.15
N ALA C 531 26.61 -30.13 -23.74
CA ALA C 531 27.08 -31.51 -23.66
C ALA C 531 26.98 -32.11 -25.06
N PRO C 532 27.95 -32.92 -25.48
CA PRO C 532 27.95 -33.44 -26.86
C PRO C 532 27.00 -34.62 -27.04
N LEU C 533 25.70 -34.37 -26.85
CA LEU C 533 24.73 -35.45 -26.84
C LEU C 533 24.54 -36.04 -28.24
N PHE C 534 24.39 -35.18 -29.25
CA PHE C 534 24.28 -35.66 -30.63
C PHE C 534 25.54 -36.40 -31.07
N ASN C 535 26.71 -35.88 -30.71
CA ASN C 535 27.94 -36.54 -31.15
C ASN C 535 28.22 -37.80 -30.34
N LEU C 536 27.72 -37.90 -29.11
CA LEU C 536 27.84 -39.15 -28.38
C LEU C 536 27.07 -40.27 -29.07
N VAL C 537 26.05 -39.92 -29.83
CA VAL C 537 25.30 -40.88 -30.62
C VAL C 537 25.91 -41.07 -32.00
N TYR C 538 26.19 -39.96 -32.70
CA TYR C 538 26.38 -39.99 -34.14
C TYR C 538 27.77 -39.60 -34.65
N HIS C 539 28.76 -39.37 -33.77
CA HIS C 539 30.05 -38.87 -34.27
C HIS C 539 30.66 -39.81 -35.31
N GLU C 540 30.46 -41.12 -35.18
CA GLU C 540 31.01 -42.07 -36.14
C GLU C 540 30.33 -42.01 -37.51
N ALA C 541 29.16 -41.38 -37.59
CA ALA C 541 28.30 -41.48 -38.77
C ALA C 541 28.15 -40.17 -39.54
N ILE C 542 28.38 -39.03 -38.90
CA ILE C 542 28.29 -37.76 -39.60
C ILE C 542 29.31 -36.81 -38.99
N ALA C 543 30.09 -36.16 -39.85
CA ALA C 543 31.04 -35.16 -39.39
C ALA C 543 30.31 -33.84 -39.21
N ASN C 544 30.69 -33.08 -38.19
CA ASN C 544 30.06 -31.78 -38.03
C ASN C 544 31.11 -30.70 -37.81
N PHE C 545 30.73 -29.49 -38.22
CA PHE C 545 31.55 -28.30 -38.19
C PHE C 545 30.72 -27.18 -37.58
N GLY C 546 31.37 -26.08 -37.20
CA GLY C 546 30.65 -24.97 -36.62
C GLY C 546 29.69 -24.30 -37.59
N LYS C 547 28.72 -23.57 -37.02
CA LYS C 547 27.70 -22.88 -37.80
C LYS C 547 28.27 -21.58 -38.37
N ILE C 548 27.92 -21.27 -39.62
CA ILE C 548 28.53 -20.12 -40.28
C ILE C 548 28.08 -18.81 -39.62
N GLN C 549 26.88 -18.76 -39.05
CA GLN C 549 26.45 -17.57 -38.32
C GLN C 549 27.24 -17.35 -37.03
N ASP C 550 27.84 -18.39 -36.47
CA ASP C 550 28.54 -18.33 -35.19
C ASP C 550 29.91 -18.99 -35.32
N PRO C 551 30.75 -18.48 -36.22
CA PRO C 551 31.98 -19.21 -36.56
C PRO C 551 33.01 -19.08 -35.45
N ASP C 552 34.11 -19.80 -35.62
CA ASP C 552 35.13 -19.80 -34.58
C ASP C 552 35.92 -18.49 -34.53
N ASN C 553 35.79 -17.63 -35.56
CA ASN C 553 36.45 -16.32 -35.57
C ASN C 553 35.59 -15.20 -35.01
N GLU C 554 34.35 -15.46 -34.62
CA GLU C 554 33.48 -14.44 -34.05
C GLU C 554 33.32 -14.66 -32.55
N VAL C 555 33.25 -13.55 -31.80
CA VAL C 555 33.02 -13.60 -30.36
C VAL C 555 31.53 -13.45 -30.10
N THR C 556 30.92 -14.50 -29.53
CA THR C 556 29.48 -14.48 -29.30
C THR C 556 29.11 -15.00 -27.91
N ALA C 557 27.81 -15.20 -27.69
CA ALA C 557 27.34 -15.86 -26.47
C ALA C 557 27.96 -17.24 -26.30
N ASN C 558 28.37 -17.90 -27.38
CA ASN C 558 28.94 -19.25 -27.28
C ASN C 558 30.47 -19.25 -27.21
N GLY C 559 31.10 -18.09 -27.17
CA GLY C 559 32.51 -18.03 -26.79
C GLY C 559 33.34 -17.26 -27.80
N ASP C 560 34.62 -17.15 -27.47
CA ASP C 560 35.63 -16.59 -28.35
C ASP C 560 36.39 -17.76 -28.99
N PHE C 561 37.54 -17.48 -29.62
CA PHE C 561 38.26 -18.58 -30.26
C PHE C 561 38.80 -19.56 -29.23
N ARG C 562 39.37 -19.05 -28.14
CA ARG C 562 39.86 -19.91 -27.06
C ARG C 562 38.82 -20.95 -26.68
N ILE C 563 37.62 -20.49 -26.33
CA ILE C 563 36.57 -21.38 -25.85
C ILE C 563 36.10 -22.29 -26.98
N LYS C 564 35.92 -21.74 -28.18
CA LYS C 564 35.38 -22.55 -29.27
C LYS C 564 36.38 -23.60 -29.75
N ALA C 565 37.68 -23.25 -29.76
CA ALA C 565 38.69 -24.24 -30.16
C ALA C 565 38.72 -25.42 -29.19
N LEU C 566 38.72 -25.13 -27.89
CA LEU C 566 38.76 -26.21 -26.90
C LEU C 566 37.51 -27.07 -26.97
N ARG C 567 36.34 -26.43 -27.10
CA ARG C 567 35.12 -27.22 -27.16
C ARG C 567 35.08 -28.07 -28.42
N SER C 568 35.61 -27.57 -29.54
N SER C 568 35.63 -27.60 -29.54
CA SER C 568 35.65 -28.35 -30.76
CA SER C 568 35.59 -28.38 -30.76
C SER C 568 36.32 -29.70 -30.53
C SER C 568 36.35 -29.70 -30.59
N MET C 569 37.45 -29.69 -29.83
CA MET C 569 38.19 -30.93 -29.59
C MET C 569 37.44 -31.83 -28.62
N LEU C 570 36.83 -31.25 -27.59
CA LEU C 570 36.05 -32.04 -26.65
C LEU C 570 34.86 -32.70 -27.34
N PHE C 571 34.16 -31.96 -28.20
CA PHE C 571 32.92 -32.47 -28.76
C PHE C 571 33.13 -33.23 -30.07
N GLY C 572 34.30 -33.11 -30.69
CA GLY C 572 34.58 -33.86 -31.90
C GLY C 572 34.09 -33.19 -33.17
N ARG C 573 34.10 -31.86 -33.24
CA ARG C 573 33.74 -31.17 -34.46
C ARG C 573 34.95 -30.46 -35.06
N GLY C 574 34.81 -30.08 -36.34
CA GLY C 574 35.87 -29.38 -37.03
C GLY C 574 35.75 -27.87 -36.95
N THR C 575 36.86 -27.20 -37.24
CA THR C 575 36.92 -25.74 -37.19
C THR C 575 36.16 -25.10 -38.33
N THR C 576 35.49 -23.98 -38.03
CA THR C 576 34.79 -23.20 -39.03
C THR C 576 35.32 -21.77 -38.99
N ILE C 577 35.88 -21.31 -40.10
CA ILE C 577 36.31 -19.94 -40.27
C ILE C 577 35.45 -19.35 -41.37
N PHE C 578 34.60 -18.39 -41.01
CA PHE C 578 33.60 -17.82 -41.92
C PHE C 578 33.77 -16.31 -41.92
N PHE C 579 34.07 -15.73 -43.08
CA PHE C 579 34.52 -14.34 -43.12
C PHE C 579 34.16 -13.68 -44.43
N ALA C 580 33.92 -12.36 -44.35
CA ALA C 580 33.95 -11.53 -45.54
C ALA C 580 35.38 -11.41 -46.06
N PRO C 581 35.56 -11.29 -47.37
CA PRO C 581 36.92 -11.22 -47.91
C PRO C 581 37.78 -10.16 -47.27
N TYR C 582 37.24 -8.96 -46.99
CA TYR C 582 38.06 -7.89 -46.42
C TYR C 582 38.64 -8.26 -45.05
N GLU C 583 38.06 -9.26 -44.39
CA GLU C 583 38.51 -9.68 -43.07
C GLU C 583 39.70 -10.62 -43.11
N PHE C 584 40.12 -11.09 -44.28
CA PHE C 584 40.97 -12.29 -44.34
C PHE C 584 42.27 -12.12 -43.55
N GLU C 585 42.93 -10.97 -43.68
CA GLU C 585 44.20 -10.81 -42.97
C GLU C 585 44.03 -10.93 -41.46
N GLY C 586 42.86 -10.56 -40.94
CA GLY C 586 42.57 -10.75 -39.53
C GLY C 586 42.30 -12.20 -39.14
N MET C 587 42.05 -13.07 -40.11
CA MET C 587 41.82 -14.49 -39.81
C MET C 587 43.13 -15.26 -39.58
N ARG C 588 44.26 -14.73 -40.03
CA ARG C 588 45.51 -15.49 -39.98
C ARG C 588 45.86 -16.06 -38.61
N PRO C 589 45.83 -15.30 -37.51
CA PRO C 589 46.22 -15.90 -36.22
C PRO C 589 45.33 -17.06 -35.81
N MET C 590 44.01 -16.96 -36.02
CA MET C 590 43.10 -18.04 -35.67
C MET C 590 43.28 -19.25 -36.57
N ILE C 591 43.55 -19.03 -37.86
CA ILE C 591 43.84 -20.14 -38.76
C ILE C 591 45.08 -20.89 -38.30
N GLU C 592 46.13 -20.15 -37.94
CA GLU C 592 47.35 -20.79 -37.45
C GLU C 592 47.11 -21.59 -36.19
N MET C 593 46.36 -21.01 -35.23
CA MET C 593 46.11 -21.70 -33.97
C MET C 593 45.21 -22.91 -34.17
N ALA C 594 44.19 -22.79 -35.01
CA ALA C 594 43.36 -23.96 -35.33
C ALA C 594 44.20 -25.05 -35.98
N ARG C 595 45.09 -24.67 -36.89
CA ARG C 595 45.97 -25.63 -37.56
C ARG C 595 46.87 -26.36 -36.57
N ASP C 596 47.48 -25.62 -35.64
CA ASP C 596 48.44 -26.25 -34.72
C ASP C 596 47.74 -27.15 -33.71
N LEU C 597 46.58 -26.73 -33.20
CA LEU C 597 45.96 -27.39 -32.07
C LEU C 597 44.81 -28.30 -32.48
N VAL C 598 43.80 -27.75 -33.16
CA VAL C 598 42.57 -28.50 -33.40
C VAL C 598 42.75 -29.52 -34.50
N SER C 599 43.34 -29.12 -35.63
CA SER C 599 43.39 -30.01 -36.80
C SER C 599 43.98 -31.39 -36.50
N PRO C 600 45.10 -31.53 -35.77
CA PRO C 600 45.62 -32.89 -35.53
C PRO C 600 44.71 -33.74 -34.66
N VAL C 601 43.97 -33.15 -33.73
CA VAL C 601 43.05 -33.92 -32.90
C VAL C 601 41.82 -34.31 -33.69
N HIS C 602 41.29 -33.37 -34.48
CA HIS C 602 40.19 -33.66 -35.41
C HIS C 602 40.57 -34.77 -36.39
N LYS C 603 41.77 -34.69 -36.97
CA LYS C 603 42.21 -35.72 -37.91
C LYS C 603 42.21 -37.10 -37.24
N GLU C 604 42.81 -37.19 -36.04
CA GLU C 604 42.98 -38.50 -35.42
C GLU C 604 41.66 -39.06 -34.88
N THR C 605 40.71 -38.21 -34.48
CA THR C 605 39.47 -38.68 -33.88
C THR C 605 38.30 -38.75 -34.87
N PHE C 606 38.50 -38.29 -36.11
CA PHE C 606 37.41 -38.02 -37.05
C PHE C 606 36.44 -39.20 -37.19
N TYR C 607 36.98 -40.42 -37.39
CA TYR C 607 36.15 -41.59 -37.66
C TYR C 607 35.66 -42.30 -36.41
N SER C 608 36.16 -41.91 -35.23
CA SER C 608 36.01 -42.73 -34.05
C SER C 608 34.68 -42.44 -33.36
N GLU C 609 34.36 -43.28 -32.38
CA GLU C 609 33.24 -43.03 -31.48
C GLU C 609 33.70 -42.12 -30.35
N LEU C 610 32.91 -41.07 -30.10
CA LEU C 610 33.02 -40.35 -28.83
C LEU C 610 32.48 -41.26 -27.75
N LYS C 611 33.37 -42.01 -27.08
CA LYS C 611 32.92 -43.04 -26.15
C LYS C 611 32.36 -42.43 -24.87
N SER C 612 32.96 -41.34 -24.39
CA SER C 612 32.52 -40.77 -23.12
C SER C 612 32.84 -39.28 -23.07
N HIS C 613 32.00 -38.53 -22.36
CA HIS C 613 32.25 -37.14 -22.00
C HIS C 613 32.01 -36.99 -20.50
N GLU C 614 32.83 -36.17 -19.84
CA GLU C 614 32.78 -35.98 -18.40
C GLU C 614 32.99 -34.51 -18.05
N TYR C 615 32.30 -34.06 -17.00
CA TYR C 615 32.61 -32.81 -16.33
C TYR C 615 33.49 -33.11 -15.13
N LEU C 616 34.67 -32.47 -15.08
CA LEU C 616 35.66 -32.79 -14.06
C LEU C 616 35.81 -31.72 -12.99
N SER C 617 35.06 -30.63 -13.05
CA SER C 617 35.12 -29.58 -12.04
C SER C 617 33.71 -29.20 -11.62
N ALA C 618 33.62 -28.66 -10.39
CA ALA C 618 32.30 -28.36 -9.82
C ALA C 618 31.54 -27.31 -10.62
N ASP C 619 32.25 -26.43 -11.33
CA ASP C 619 31.62 -25.42 -12.17
C ASP C 619 31.41 -25.88 -13.61
N TYR C 620 31.66 -27.16 -13.91
CA TYR C 620 31.43 -27.76 -15.22
C TYR C 620 32.32 -27.18 -16.32
N LYS C 621 33.37 -26.43 -15.97
CA LYS C 621 34.18 -25.85 -17.03
C LYS C 621 35.36 -26.72 -17.45
N VAL C 622 35.83 -27.62 -16.60
CA VAL C 622 36.86 -28.59 -16.97
C VAL C 622 36.18 -29.89 -17.37
N GLN C 623 36.54 -30.41 -18.54
CA GLN C 623 35.84 -31.55 -19.14
C GLN C 623 36.86 -32.51 -19.73
N ARG C 624 36.43 -33.76 -19.92
CA ARG C 624 37.28 -34.81 -20.46
C ARG C 624 36.47 -35.65 -21.44
N SER C 625 36.98 -35.79 -22.66
CA SER C 625 36.38 -36.64 -23.68
C SER C 625 37.36 -37.74 -24.05
N ARG C 626 36.82 -38.93 -24.32
CA ARG C 626 37.61 -40.08 -24.73
C ARG C 626 37.03 -40.64 -26.02
N PHE C 627 37.87 -40.76 -27.03
CA PHE C 627 37.48 -41.24 -28.36
C PHE C 627 38.04 -42.63 -28.58
N SER C 628 37.31 -43.44 -29.37
CA SER C 628 37.74 -44.82 -29.62
C SER C 628 39.00 -44.90 -30.47
N SER C 629 39.48 -43.79 -31.00
CA SER C 629 40.80 -43.78 -31.61
C SER C 629 41.92 -43.96 -30.61
N GLY C 630 41.63 -43.92 -29.31
CA GLY C 630 42.64 -43.85 -28.28
C GLY C 630 43.03 -42.45 -27.86
N THR C 631 42.27 -41.44 -28.27
CA THR C 631 42.58 -40.04 -28.01
C THR C 631 41.78 -39.56 -26.80
N GLU C 632 42.45 -38.89 -25.85
CA GLU C 632 41.80 -38.28 -24.70
C GLU C 632 42.04 -36.77 -24.72
N VAL C 633 40.97 -36.00 -24.57
CA VAL C 633 41.04 -34.54 -24.58
C VAL C 633 40.53 -34.04 -23.24
N ILE C 634 41.38 -33.33 -22.50
CA ILE C 634 40.97 -32.60 -21.30
C ILE C 634 41.16 -31.12 -21.59
N ALA C 635 40.13 -30.33 -21.34
CA ALA C 635 40.21 -28.89 -21.57
C ALA C 635 39.44 -28.15 -20.49
N ASN C 636 39.87 -26.91 -20.25
CA ASN C 636 39.34 -26.05 -19.21
C ASN C 636 38.77 -24.82 -19.92
N LEU C 637 37.45 -24.70 -19.95
CA LEU C 637 36.78 -23.61 -20.67
C LEU C 637 36.58 -22.35 -19.83
N GLY C 638 37.26 -22.24 -18.68
CA GLY C 638 37.15 -21.07 -17.85
C GLY C 638 38.51 -20.42 -17.63
N PRO C 639 38.53 -19.28 -16.93
CA PRO C 639 39.76 -18.47 -16.87
C PRO C 639 40.81 -18.91 -15.87
N VAL C 640 40.45 -19.71 -14.86
CA VAL C 640 41.35 -20.00 -13.74
C VAL C 640 41.77 -21.46 -13.83
N ALA C 641 43.04 -21.73 -13.53
CA ALA C 641 43.48 -23.11 -13.51
C ALA C 641 42.72 -23.87 -12.43
N GLN C 642 42.44 -25.15 -12.70
CA GLN C 642 41.75 -25.99 -11.73
C GLN C 642 42.35 -27.38 -11.72
N LYS C 643 42.38 -27.98 -10.52
CA LYS C 643 42.86 -29.33 -10.32
C LYS C 643 41.76 -30.35 -10.62
N ILE C 644 42.16 -31.48 -11.20
CA ILE C 644 41.23 -32.57 -11.48
C ILE C 644 41.67 -33.76 -10.66
N GLU C 645 40.81 -34.78 -10.64
CA GLU C 645 41.09 -35.97 -9.85
C GLU C 645 42.45 -36.55 -10.25
N GLY C 646 43.31 -36.77 -9.25
CA GLY C 646 44.69 -37.18 -9.45
C GLY C 646 45.71 -36.11 -9.16
N GLY C 647 45.29 -34.85 -9.01
CA GLY C 647 46.18 -33.78 -8.65
C GLY C 647 46.66 -32.94 -9.82
N ILE C 648 46.42 -33.37 -11.06
CA ILE C 648 46.84 -32.62 -12.23
C ILE C 648 46.06 -31.32 -12.32
N SER C 649 46.75 -30.23 -12.62
CA SER C 649 46.15 -28.91 -12.81
C SER C 649 46.03 -28.61 -14.29
N ILE C 650 44.85 -28.15 -14.71
CA ILE C 650 44.59 -27.76 -16.09
C ILE C 650 44.52 -26.23 -16.12
N PRO C 651 45.34 -25.55 -16.91
CA PRO C 651 45.32 -24.08 -16.90
C PRO C 651 44.03 -23.52 -17.46
N GLY C 652 43.74 -22.27 -17.07
CA GLY C 652 42.64 -21.54 -17.66
C GLY C 652 42.78 -21.53 -19.17
N TYR C 653 41.69 -21.83 -19.89
CA TYR C 653 41.71 -21.96 -21.36
C TYR C 653 42.88 -22.82 -21.81
N GLY C 654 43.10 -23.92 -21.10
CA GLY C 654 44.19 -24.84 -21.37
C GLY C 654 43.68 -26.24 -21.63
N TYR C 655 44.63 -27.13 -21.92
CA TYR C 655 44.28 -28.46 -22.37
C TYR C 655 45.38 -29.44 -21.99
N ARG C 656 44.99 -30.71 -21.93
CA ARG C 656 45.92 -31.81 -21.74
C ARG C 656 45.39 -32.94 -22.62
N ILE C 657 46.12 -33.27 -23.68
CA ILE C 657 45.64 -34.18 -24.72
C ILE C 657 46.61 -35.35 -24.82
N GLN C 658 46.07 -36.55 -24.76
CA GLN C 658 46.83 -37.78 -24.90
C GLN C 658 46.50 -38.36 -26.27
N MET C 659 47.48 -38.39 -27.16
CA MET C 659 47.26 -38.91 -28.50
C MET C 659 47.40 -40.43 -28.48
N LYS C 660 46.87 -41.07 -29.54
CA LYS C 660 46.80 -42.52 -29.53
C LYS C 660 48.18 -43.17 -29.58
N ASP C 661 49.23 -42.46 -30.00
CA ASP C 661 50.58 -43.00 -29.92
C ASP C 661 51.20 -42.83 -28.54
N GLY C 662 50.48 -42.24 -27.59
CA GLY C 662 50.95 -42.07 -26.25
C GLY C 662 51.53 -40.70 -25.93
N SER C 663 51.86 -39.91 -26.95
CA SER C 663 52.45 -38.60 -26.71
C SER C 663 51.44 -37.67 -26.06
N LEU C 664 51.96 -36.70 -25.33
CA LEU C 664 51.16 -35.79 -24.51
C LEU C 664 51.31 -34.37 -25.02
N LYS C 665 50.18 -33.71 -25.27
CA LYS C 665 50.14 -32.30 -25.67
C LYS C 665 49.50 -31.50 -24.54
N THR C 666 50.23 -30.53 -24.01
CA THR C 666 49.70 -29.61 -23.01
C THR C 666 49.95 -28.18 -23.46
N GLY C 667 49.09 -27.27 -23.04
CA GLY C 667 49.24 -25.88 -23.39
C GLY C 667 48.03 -25.07 -22.96
N HIS C 668 48.01 -23.81 -23.40
CA HIS C 668 46.92 -22.91 -23.02
C HIS C 668 46.92 -21.69 -23.93
N PHE C 669 45.78 -21.01 -23.98
CA PHE C 669 45.67 -19.75 -24.69
C PHE C 669 45.98 -18.58 -23.76
N GLN C 670 46.50 -17.51 -24.33
CA GLN C 670 46.79 -16.29 -23.58
C GLN C 670 46.31 -15.08 -24.36
N VAL C 671 45.67 -14.15 -23.64
CA VAL C 671 45.35 -12.83 -24.16
C VAL C 671 46.37 -11.85 -23.60
N SER C 672 46.99 -11.06 -24.46
CA SER C 672 48.00 -10.13 -23.98
C SER C 672 47.82 -8.79 -24.69
N LEU C 673 48.39 -7.77 -24.09
CA LEU C 673 48.31 -6.40 -24.59
C LEU C 673 49.69 -6.04 -25.11
N HIS C 674 49.77 -5.66 -26.38
CA HIS C 674 51.03 -5.21 -26.97
C HIS C 674 50.95 -3.70 -27.08
N MET C 675 51.61 -3.01 -26.15
CA MET C 675 51.66 -1.56 -26.13
C MET C 675 52.91 -1.09 -26.88
N ASP C 676 52.72 -0.26 -27.90
CA ASP C 676 53.84 0.22 -28.71
C ASP C 676 54.73 1.17 -27.89
N PRO D 18 -3.26 21.23 -48.18
CA PRO D 18 -3.11 22.62 -48.63
C PRO D 18 -3.02 23.61 -47.47
N ILE D 19 -3.03 23.08 -46.24
CA ILE D 19 -2.85 23.90 -45.04
C ILE D 19 -1.38 23.88 -44.68
N VAL D 20 -0.79 25.06 -44.50
CA VAL D 20 0.66 25.19 -44.36
C VAL D 20 0.99 25.95 -43.09
N LEU D 21 1.85 25.36 -42.26
CA LEU D 21 2.56 26.07 -41.21
C LEU D 21 4.01 26.25 -41.66
N GLU D 22 4.55 27.44 -41.47
CA GLU D 22 5.88 27.70 -41.97
C GLU D 22 6.55 28.80 -41.16
N ASN D 23 7.82 28.57 -40.80
CA ASN D 23 8.68 29.67 -40.34
C ASN D 23 9.92 29.72 -41.23
N GLY D 24 10.99 30.33 -40.75
CA GLY D 24 12.19 30.46 -41.56
C GLY D 24 12.91 29.15 -41.79
N LYS D 25 12.68 28.16 -40.93
CA LYS D 25 13.44 26.91 -40.97
C LYS D 25 12.63 25.69 -41.42
N LEU D 26 11.30 25.73 -41.30
CA LEU D 26 10.48 24.56 -41.56
C LEU D 26 9.23 24.94 -42.34
N ASN D 27 8.79 24.01 -43.19
CA ASN D 27 7.51 24.10 -43.88
C ASN D 27 6.74 22.82 -43.57
N ILE D 28 5.54 22.96 -43.00
CA ILE D 28 4.67 21.82 -42.69
C ILE D 28 3.48 21.85 -43.64
N ASN D 29 3.37 20.84 -44.48
CA ASN D 29 2.29 20.72 -45.46
C ASN D 29 1.32 19.66 -44.96
N ILE D 30 0.09 20.06 -44.63
CA ILE D 30 -0.91 19.15 -44.07
C ILE D 30 -1.99 18.90 -45.09
N ASP D 31 -2.20 17.62 -45.42
CA ASP D 31 -3.26 17.21 -46.34
C ASP D 31 -4.61 17.35 -45.65
N SER D 32 -5.51 18.14 -46.25
CA SER D 32 -6.83 18.32 -45.66
C SER D 32 -7.71 17.09 -45.74
N LYS D 33 -7.43 16.18 -46.68
CA LYS D 33 -8.28 15.00 -46.86
C LYS D 33 -7.91 13.85 -45.93
N THR D 34 -6.63 13.68 -45.60
CA THR D 34 -6.18 12.57 -44.77
C THR D 34 -5.64 13.01 -43.41
N GLY D 35 -5.23 14.26 -43.25
CA GLY D 35 -4.55 14.68 -42.06
C GLY D 35 -3.06 14.36 -42.03
N CYS D 36 -2.54 13.64 -43.03
CA CYS D 36 -1.10 13.39 -43.09
C CYS D 36 -0.35 14.71 -43.31
N PHE D 37 0.90 14.76 -42.86
CA PHE D 37 1.70 15.94 -43.06
C PHE D 37 3.12 15.57 -43.48
N SER D 38 3.75 16.46 -44.23
CA SER D 38 5.17 16.36 -44.52
C SER D 38 5.86 17.58 -43.90
N VAL D 39 7.16 17.42 -43.62
CA VAL D 39 7.98 18.49 -43.07
C VAL D 39 9.12 18.73 -44.03
N THR D 40 9.19 19.94 -44.57
CA THR D 40 10.31 20.37 -45.39
C THR D 40 11.28 21.10 -44.47
N GLU D 41 12.45 20.52 -44.28
CA GLU D 41 13.52 21.12 -43.50
C GLU D 41 14.33 21.98 -44.46
N LYS D 42 14.16 23.31 -44.37
CA LYS D 42 14.52 24.20 -45.46
C LYS D 42 16.01 24.54 -45.52
N THR D 43 16.77 24.27 -44.46
CA THR D 43 18.21 24.52 -44.53
C THR D 43 18.88 23.52 -45.46
N SER D 44 18.66 22.23 -45.24
CA SER D 44 19.20 21.21 -46.14
C SER D 44 18.29 20.95 -47.32
N GLY D 45 17.01 21.26 -47.20
CA GLY D 45 16.06 20.93 -48.24
C GLY D 45 15.42 19.56 -48.14
N HIS D 46 15.81 18.75 -47.16
CA HIS D 46 15.22 17.42 -47.03
C HIS D 46 13.73 17.51 -46.69
N VAL D 47 12.95 16.60 -47.26
CA VAL D 47 11.51 16.51 -47.02
C VAL D 47 11.23 15.21 -46.29
N TRP D 48 10.66 15.30 -45.09
CA TRP D 48 10.15 14.12 -44.40
C TRP D 48 8.75 13.83 -44.89
N LYS D 49 8.51 12.60 -45.34
CA LYS D 49 7.23 12.22 -45.92
C LYS D 49 6.30 11.63 -44.86
N SER D 50 5.00 11.73 -45.14
CA SER D 50 4.04 10.96 -44.37
C SER D 50 4.14 9.48 -44.77
N ASP D 51 3.41 8.65 -44.03
CA ASP D 51 3.35 7.20 -44.20
C ASP D 51 3.51 6.76 -45.66
N PRO D 52 4.65 6.18 -46.03
CA PRO D 52 4.83 5.73 -47.43
C PRO D 52 4.00 4.52 -47.80
N TRP D 53 3.44 3.80 -46.83
CA TRP D 53 2.75 2.55 -47.12
C TRP D 53 1.27 2.77 -47.46
N GLU D 54 0.53 3.40 -46.55
CA GLU D 54 -0.93 3.47 -46.65
C GLU D 54 -1.47 4.89 -46.58
N ASN D 55 -0.61 5.92 -46.53
CA ASN D 55 -1.08 7.29 -46.38
C ASN D 55 -1.91 7.43 -45.10
N ALA D 56 -1.48 6.76 -44.04
CA ALA D 56 -2.19 6.76 -42.77
C ALA D 56 -1.62 7.85 -41.86
N ALA D 57 -2.46 8.80 -41.45
CA ALA D 57 -2.02 9.76 -40.45
C ALA D 57 -1.75 9.09 -39.11
N GLY D 58 -2.55 8.08 -38.76
CA GLY D 58 -2.37 7.37 -37.51
C GLY D 58 -3.01 5.99 -37.61
N LEU D 59 -2.63 5.13 -36.67
CA LEU D 59 -3.14 3.76 -36.61
C LEU D 59 -3.76 3.55 -35.24
N LEU D 60 -5.08 3.33 -35.21
CA LEU D 60 -5.84 3.20 -33.99
C LEU D 60 -6.27 1.75 -33.81
N THR D 61 -6.05 1.20 -32.62
CA THR D 61 -6.53 -0.12 -32.24
C THR D 61 -7.70 0.03 -31.29
N LEU D 62 -8.85 -0.58 -31.65
CA LEU D 62 -10.05 -0.51 -30.83
C LEU D 62 -10.91 -1.73 -31.12
N THR D 63 -11.89 -1.97 -30.23
CA THR D 63 -12.84 -3.04 -30.45
C THR D 63 -13.91 -2.61 -31.44
N ASP D 64 -14.48 -3.59 -32.14
CA ASP D 64 -15.57 -3.34 -33.06
C ASP D 64 -16.89 -3.75 -32.39
N SER D 65 -17.95 -3.86 -33.20
CA SER D 65 -19.28 -4.12 -32.65
C SER D 65 -19.34 -5.46 -31.94
N LYS D 66 -18.60 -6.46 -32.44
CA LYS D 66 -18.54 -7.76 -31.80
C LYS D 66 -17.45 -7.86 -30.75
N GLY D 67 -16.70 -6.78 -30.51
CA GLY D 67 -15.69 -6.80 -29.47
C GLY D 67 -14.34 -7.36 -29.86
N LYS D 68 -14.08 -7.53 -31.15
CA LYS D 68 -12.76 -7.95 -31.61
C LYS D 68 -11.88 -6.72 -31.80
N LYS D 69 -10.66 -6.79 -31.27
CA LYS D 69 -9.69 -5.75 -31.53
C LYS D 69 -9.37 -5.68 -33.01
N GLN D 70 -9.35 -4.47 -33.56
CA GLN D 70 -8.89 -4.24 -34.91
C GLN D 70 -8.08 -2.95 -34.93
N THR D 71 -7.13 -2.88 -35.85
CA THR D 71 -6.33 -1.69 -36.07
C THR D 71 -6.77 -1.03 -37.38
N VAL D 72 -7.08 0.27 -37.32
CA VAL D 72 -7.64 0.97 -38.46
C VAL D 72 -6.81 2.21 -38.79
N ASN D 73 -6.84 2.59 -40.06
CA ASN D 73 -6.24 3.83 -40.56
C ASN D 73 -7.21 4.98 -40.27
N ILE D 74 -6.84 5.88 -39.37
CA ILE D 74 -7.76 6.97 -39.01
C ILE D 74 -7.96 7.95 -40.14
N SER D 75 -7.11 7.94 -41.17
CA SER D 75 -7.36 8.78 -42.32
C SER D 75 -8.49 8.25 -43.20
N LYS D 76 -9.02 7.06 -42.91
CA LYS D 76 -10.18 6.52 -43.60
C LYS D 76 -11.49 6.81 -42.87
N SER D 77 -11.45 7.63 -41.82
CA SER D 77 -12.63 7.93 -41.03
C SER D 77 -13.68 8.65 -41.88
N LYS D 78 -14.92 8.63 -41.38
CA LYS D 78 -16.04 9.22 -42.12
C LYS D 78 -15.86 10.72 -42.30
N LYS D 79 -15.32 11.40 -41.29
CA LYS D 79 -15.14 12.84 -41.32
C LYS D 79 -13.76 13.19 -40.79
N ILE D 80 -13.04 14.03 -41.52
CA ILE D 80 -11.74 14.53 -41.13
C ILE D 80 -11.76 16.05 -41.26
N GLU D 81 -11.48 16.74 -40.16
CA GLU D 81 -11.54 18.19 -40.10
C GLU D 81 -10.14 18.71 -39.81
N VAL D 82 -9.62 19.53 -40.71
CA VAL D 82 -8.29 20.12 -40.60
C VAL D 82 -8.43 21.63 -40.75
N SER D 83 -8.07 22.37 -39.71
CA SER D 83 -8.23 23.82 -39.73
C SER D 83 -7.10 24.48 -38.95
N LYS D 84 -6.68 25.65 -39.43
CA LYS D 84 -5.67 26.46 -38.78
C LYS D 84 -6.34 27.31 -37.70
N THR D 85 -6.09 26.98 -36.43
CA THR D 85 -6.76 27.63 -35.31
C THR D 85 -5.92 28.73 -34.66
N ALA D 86 -4.65 28.84 -35.01
CA ALA D 86 -3.80 29.95 -34.60
C ALA D 86 -2.75 30.15 -35.68
N LYS D 87 -1.92 31.19 -35.51
CA LYS D 87 -0.90 31.48 -36.50
C LYS D 87 -0.01 30.26 -36.75
N ASN D 88 0.37 29.55 -35.69
CA ASN D 88 1.27 28.41 -35.81
C ASN D 88 0.66 27.13 -35.24
N THR D 89 -0.65 26.97 -35.34
CA THR D 89 -1.32 25.78 -34.82
C THR D 89 -2.35 25.29 -35.83
N VAL D 90 -2.33 23.99 -36.10
CA VAL D 90 -3.35 23.33 -36.92
C VAL D 90 -4.04 22.29 -36.04
N SER D 91 -5.38 22.29 -36.09
CA SER D 91 -6.19 21.34 -35.34
C SER D 91 -6.75 20.28 -36.29
N LEU D 92 -6.71 19.03 -35.85
CA LEU D 92 -7.21 17.91 -36.63
C LEU D 92 -8.21 17.12 -35.81
N LYS D 93 -9.26 16.63 -36.48
CA LYS D 93 -10.22 15.76 -35.85
C LYS D 93 -10.55 14.62 -36.80
N PHE D 94 -10.44 13.38 -36.31
CA PHE D 94 -10.77 12.17 -37.05
C PHE D 94 -12.02 11.58 -36.40
N ILE D 95 -13.14 11.59 -37.13
CA ILE D 95 -14.45 11.28 -36.58
C ILE D 95 -15.01 10.05 -37.28
N ASP D 96 -15.41 9.04 -36.48
CA ASP D 96 -16.08 7.83 -36.93
C ASP D 96 -15.18 6.99 -37.83
N PRO D 97 -14.16 6.32 -37.27
CA PRO D 97 -13.32 5.43 -38.08
C PRO D 97 -14.14 4.31 -38.71
N VAL D 98 -13.61 3.78 -39.80
CA VAL D 98 -14.25 2.73 -40.59
C VAL D 98 -13.45 1.45 -40.46
N PHE D 99 -14.12 0.37 -40.08
CA PHE D 99 -13.47 -0.93 -39.94
C PHE D 99 -13.26 -1.57 -41.31
N GLU D 100 -12.62 -2.75 -41.30
CA GLU D 100 -12.27 -3.42 -42.56
C GLU D 100 -13.51 -3.82 -43.34
N ASP D 101 -14.55 -4.29 -42.64
CA ASP D 101 -15.77 -4.75 -43.28
C ASP D 101 -16.76 -3.62 -43.60
N GLY D 102 -16.34 -2.37 -43.51
CA GLY D 102 -17.21 -1.26 -43.85
C GLY D 102 -18.04 -0.71 -42.71
N SER D 103 -18.17 -1.44 -41.60
CA SER D 103 -18.93 -0.93 -40.46
C SER D 103 -18.21 0.26 -39.84
N VAL D 104 -18.98 1.13 -39.20
CA VAL D 104 -18.48 2.40 -38.68
C VAL D 104 -18.46 2.36 -37.16
N ALA D 105 -17.42 2.93 -36.56
CA ALA D 105 -17.35 3.10 -35.11
C ALA D 105 -17.89 4.49 -34.76
N LYS D 106 -19.23 4.59 -34.79
CA LYS D 106 -19.89 5.86 -34.52
C LYS D 106 -19.62 6.32 -33.09
N GLY D 107 -19.45 7.63 -32.91
CA GLY D 107 -19.14 8.18 -31.62
C GLY D 107 -17.67 8.16 -31.24
N VAL D 108 -16.81 7.56 -32.05
CA VAL D 108 -15.37 7.53 -31.78
C VAL D 108 -14.71 8.69 -32.51
N SER D 109 -13.84 9.42 -31.81
CA SER D 109 -13.16 10.55 -32.40
C SER D 109 -11.76 10.67 -31.82
N ILE D 110 -10.83 11.13 -32.65
CA ILE D 110 -9.46 11.45 -32.24
C ILE D 110 -9.20 12.90 -32.62
N ALA D 111 -8.75 13.71 -31.67
CA ALA D 111 -8.41 15.10 -31.92
C ALA D 111 -6.92 15.31 -31.64
N THR D 112 -6.23 15.97 -32.58
CA THR D 112 -4.80 16.21 -32.48
C THR D 112 -4.48 17.65 -32.83
N GLU D 113 -3.27 18.07 -32.49
CA GLU D 113 -2.77 19.40 -32.78
C GLU D 113 -1.33 19.32 -33.27
N LEU D 114 -1.01 20.16 -34.25
CA LEU D 114 0.35 20.38 -34.73
C LEU D 114 0.68 21.83 -34.49
N ARG D 115 1.72 22.09 -33.69
CA ARG D 115 2.08 23.45 -33.29
C ARG D 115 3.54 23.70 -33.68
N LEU D 116 3.74 24.62 -34.61
CA LEU D 116 5.07 24.99 -35.06
C LEU D 116 5.62 26.09 -34.18
N ASP D 117 6.88 25.94 -33.77
CA ASP D 117 7.54 27.02 -33.07
C ASP D 117 7.69 28.22 -34.01
N PRO D 118 7.42 29.44 -33.53
CA PRO D 118 7.48 30.60 -34.44
C PRO D 118 8.89 30.92 -34.94
N ASN D 119 9.94 30.47 -34.25
CA ASN D 119 11.29 30.79 -34.65
C ASN D 119 12.17 29.58 -34.91
N ASN D 120 12.08 28.55 -34.08
CA ASN D 120 12.99 27.40 -34.14
C ASN D 120 12.38 26.26 -34.94
N ALA D 121 13.24 25.31 -35.32
CA ALA D 121 12.82 24.12 -36.06
C ALA D 121 12.29 23.07 -35.07
N GLN D 122 11.13 23.37 -34.50
CA GLN D 122 10.49 22.49 -33.54
C GLN D 122 9.00 22.41 -33.85
N LEU D 123 8.47 21.19 -33.88
CA LEU D 123 7.06 20.93 -34.11
C LEU D 123 6.53 20.08 -32.96
N ASP D 124 5.58 20.63 -32.19
CA ASP D 124 4.90 19.87 -31.15
C ASP D 124 3.73 19.13 -31.77
N VAL D 125 3.62 17.84 -31.48
CA VAL D 125 2.52 17.01 -31.95
C VAL D 125 1.83 16.44 -30.73
N GLU D 126 0.52 16.67 -30.63
CA GLU D 126 -0.20 16.27 -29.42
C GLU D 126 -1.55 15.66 -29.77
N VAL D 127 -1.88 14.57 -29.11
CA VAL D 127 -3.21 14.00 -29.14
C VAL D 127 -4.00 14.67 -28.00
N THR D 128 -4.94 15.54 -28.36
CA THR D 128 -5.57 16.39 -27.35
C THR D 128 -6.80 15.79 -26.72
N GLU D 129 -7.54 14.93 -27.43
CA GLU D 129 -8.67 14.25 -26.81
C GLU D 129 -9.07 13.06 -27.66
N HIS D 130 -9.67 12.08 -27.00
CA HIS D 130 -10.20 10.91 -27.69
C HIS D 130 -11.55 10.54 -27.09
N ARG D 131 -12.48 10.14 -27.95
CA ARG D 131 -13.80 9.68 -27.55
C ARG D 131 -14.01 8.29 -28.07
N SER D 132 -14.62 7.43 -27.24
CA SER D 132 -14.73 6.01 -27.55
C SER D 132 -16.16 5.52 -27.77
N GLY D 133 -17.17 6.31 -27.41
CA GLY D 133 -18.54 5.86 -27.56
C GLY D 133 -18.78 4.56 -26.80
N ASN D 134 -19.38 3.59 -27.48
CA ASN D 134 -19.59 2.26 -26.93
C ASN D 134 -18.52 1.27 -27.36
N PHE D 135 -17.39 1.78 -27.83
CA PHE D 135 -16.22 0.96 -28.14
C PHE D 135 -15.15 1.24 -27.11
N THR D 136 -14.10 0.42 -27.12
CA THR D 136 -12.96 0.57 -26.24
C THR D 136 -11.72 0.84 -27.09
N LEU D 137 -11.01 1.92 -26.77
CA LEU D 137 -9.82 2.33 -27.49
C LEU D 137 -8.57 1.84 -26.78
N TYR D 138 -7.61 1.33 -27.56
CA TYR D 138 -6.32 0.92 -27.01
C TYR D 138 -5.18 1.72 -27.64
N ASP D 139 -4.35 1.10 -28.47
CA ASP D 139 -3.16 1.76 -29.00
C ASP D 139 -3.50 2.79 -30.07
N LEU D 140 -2.75 3.88 -30.08
CA LEU D 140 -2.77 4.84 -31.18
C LEU D 140 -1.33 5.15 -31.57
N ARG D 141 -0.94 4.74 -32.79
CA ARG D 141 0.33 5.17 -33.37
C ARG D 141 0.10 6.53 -34.03
N TYR D 142 0.72 7.57 -33.50
CA TYR D 142 0.49 8.90 -34.06
C TYR D 142 1.68 9.78 -33.74
N PRO D 143 2.33 10.38 -34.75
CA PRO D 143 2.02 10.16 -36.17
C PRO D 143 2.49 8.79 -36.66
N ALA D 144 1.73 8.16 -37.56
CA ALA D 144 2.03 6.80 -38.00
C ALA D 144 3.10 6.81 -39.09
N ARG D 145 4.13 6.00 -38.90
CA ARG D 145 5.16 5.74 -39.92
C ARG D 145 5.67 7.03 -40.54
N ALA D 146 5.95 7.99 -39.68
CA ALA D 146 6.47 9.29 -40.05
C ALA D 146 8.00 9.31 -39.95
N PHE D 147 8.59 10.34 -40.58
CA PHE D 147 10.03 10.60 -40.50
C PHE D 147 10.83 9.36 -40.86
N SER D 148 10.38 8.66 -41.89
CA SER D 148 10.97 7.39 -42.29
C SER D 148 12.17 7.59 -43.21
N LEU D 149 13.02 6.58 -43.23
CA LEU D 149 14.15 6.48 -44.16
C LEU D 149 13.88 5.35 -45.14
N LYS D 150 14.23 5.57 -46.40
CA LYS D 150 14.06 4.57 -47.44
C LYS D 150 15.29 3.67 -47.49
N THR D 151 15.11 2.38 -47.23
CA THR D 151 16.24 1.46 -47.13
C THR D 151 17.04 1.45 -48.42
N ASP D 152 18.37 1.52 -48.30
CA ASP D 152 19.35 1.49 -49.38
C ASP D 152 19.26 2.70 -50.29
N GLU D 153 18.47 3.70 -49.94
CA GLU D 153 18.48 4.99 -50.61
C GLU D 153 18.96 6.08 -49.67
N ASP D 154 18.29 6.26 -48.54
CA ASP D 154 18.86 7.08 -47.47
C ASP D 154 20.02 6.33 -46.82
N LYS D 155 21.11 7.04 -46.57
CA LYS D 155 22.28 6.47 -45.92
C LYS D 155 22.39 7.08 -44.52
N GLY D 156 21.64 6.51 -43.59
CA GLY D 156 21.56 7.04 -42.24
C GLY D 156 21.22 5.96 -41.26
N ALA D 157 20.42 6.30 -40.26
CA ALA D 157 20.10 5.32 -39.22
C ALA D 157 18.93 5.79 -38.38
N ALA D 158 18.24 4.82 -37.78
CA ALA D 158 17.40 5.07 -36.62
C ALA D 158 18.29 5.20 -35.38
N VAL D 159 17.85 6.01 -34.44
CA VAL D 159 18.62 6.30 -33.23
C VAL D 159 17.72 5.97 -32.04
N ILE D 160 18.11 4.97 -31.26
CA ILE D 160 17.27 4.42 -30.20
C ILE D 160 18.06 4.33 -28.90
N PRO D 161 17.70 5.08 -27.86
CA PRO D 161 18.44 5.00 -26.58
C PRO D 161 18.07 3.76 -25.78
N GLN D 162 18.29 2.60 -26.38
CA GLN D 162 18.06 1.31 -25.72
C GLN D 162 19.24 1.05 -24.80
N LYS D 163 18.97 1.09 -23.49
CA LYS D 163 19.98 1.12 -22.44
C LYS D 163 21.03 2.17 -22.78
N GLN D 164 22.30 1.78 -22.98
CA GLN D 164 23.30 2.81 -23.30
C GLN D 164 23.04 3.46 -24.66
N GLY D 165 22.43 2.73 -25.59
CA GLY D 165 22.04 3.30 -26.87
C GLY D 165 22.53 2.50 -28.07
N VAL D 166 21.76 2.58 -29.16
CA VAL D 166 22.14 1.94 -30.42
C VAL D 166 21.72 2.83 -31.59
N ILE D 167 22.33 2.57 -32.74
CA ILE D 167 21.81 3.07 -34.01
C ILE D 167 21.52 1.88 -34.92
N CYS D 168 20.58 2.08 -35.83
CA CYS D 168 20.16 1.06 -36.79
C CYS D 168 20.32 1.62 -38.20
N PRO D 169 21.39 1.26 -38.90
CA PRO D 169 21.61 1.79 -40.26
C PRO D 169 20.48 1.46 -41.22
N SER D 170 20.18 2.42 -42.10
CA SER D 170 19.09 2.32 -43.07
C SER D 170 19.54 1.73 -44.41
N TYR D 171 20.60 0.92 -44.42
CA TYR D 171 21.13 0.38 -45.66
C TYR D 171 22.01 -0.80 -45.30
N ILE D 172 22.30 -1.66 -46.29
CA ILE D 172 23.16 -2.82 -46.08
C ILE D 172 24.60 -2.42 -46.41
N PHE D 173 25.54 -2.97 -45.66
CA PHE D 173 26.93 -2.54 -45.65
C PHE D 173 27.82 -3.75 -45.38
N PRO D 174 29.12 -3.66 -45.67
CA PRO D 174 30.00 -4.81 -45.42
C PRO D 174 30.16 -5.11 -43.94
N MET D 175 30.16 -6.40 -43.60
CA MET D 175 30.46 -6.85 -42.25
C MET D 175 30.85 -8.33 -42.34
N ASN D 176 31.26 -8.89 -41.21
CA ASN D 176 31.58 -10.31 -41.16
C ASN D 176 30.42 -11.12 -41.70
N GLY D 177 30.74 -12.16 -42.48
CA GLY D 177 29.70 -12.90 -43.19
C GLY D 177 28.62 -13.48 -42.29
N GLY D 178 29.01 -13.99 -41.11
CA GLY D 178 28.02 -14.52 -40.19
C GLY D 178 27.09 -13.45 -39.65
N ARG D 179 27.67 -12.32 -39.22
CA ARG D 179 26.85 -11.17 -38.83
C ARG D 179 25.97 -10.70 -39.97
N PHE D 180 26.52 -10.70 -41.19
CA PHE D 180 25.80 -10.19 -42.36
C PHE D 180 24.52 -11.00 -42.59
N CYS D 181 24.64 -12.33 -42.58
CA CYS D 181 23.47 -13.19 -42.78
C CYS D 181 22.40 -12.93 -41.73
N LYS D 182 22.80 -12.88 -40.45
CA LYS D 182 21.83 -12.59 -39.39
C LYS D 182 21.21 -11.21 -39.56
N TRP D 183 22.04 -10.22 -39.89
CA TRP D 183 21.55 -8.84 -40.07
C TRP D 183 20.52 -8.78 -41.20
N ASP D 184 20.90 -9.19 -42.40
CA ASP D 184 20.00 -9.06 -43.54
C ASP D 184 18.71 -9.84 -43.32
N ASP D 185 18.82 -11.06 -42.77
CA ASP D 185 17.64 -11.88 -42.54
C ASP D 185 16.67 -11.20 -41.56
N ALA D 186 17.20 -10.56 -40.52
CA ALA D 186 16.34 -9.93 -39.53
C ALA D 186 15.52 -8.80 -40.13
N THR D 187 16.05 -8.11 -41.14
CA THR D 187 15.28 -7.04 -41.77
C THR D 187 14.11 -7.57 -42.59
N TYR D 188 14.06 -8.89 -42.83
CA TYR D 188 12.95 -9.47 -43.59
C TYR D 188 11.95 -10.22 -42.73
N ASN D 189 12.26 -10.50 -41.46
CA ASN D 189 11.31 -11.21 -40.62
C ASN D 189 10.95 -10.35 -39.40
N ASN D 190 10.33 -10.96 -38.40
CA ASN D 190 9.74 -10.24 -37.27
C ASN D 190 10.78 -9.67 -36.31
N LYS D 191 12.06 -10.03 -36.45
CA LYS D 191 13.08 -9.47 -35.59
C LYS D 191 13.22 -7.95 -35.75
N SER D 192 12.75 -7.38 -36.85
CA SER D 192 12.96 -5.97 -37.14
C SER D 192 11.72 -5.13 -36.89
N GLN D 193 10.73 -5.68 -36.18
CA GLN D 193 9.53 -4.92 -35.87
C GLN D 193 9.04 -5.31 -34.48
N GLY D 194 8.53 -4.33 -33.76
CA GLY D 194 8.13 -4.53 -32.39
C GLY D 194 8.05 -3.21 -31.67
N SER D 195 7.99 -3.28 -30.34
CA SER D 195 7.92 -2.08 -29.53
C SER D 195 8.76 -2.22 -28.27
N LEU D 196 9.18 -1.09 -27.74
CA LEU D 196 9.95 -0.99 -26.51
C LEU D 196 9.25 0.00 -25.58
N GLU D 197 9.57 -0.08 -24.29
CA GLU D 197 9.01 0.80 -23.27
C GLU D 197 10.08 1.71 -22.70
N LEU D 198 9.62 2.78 -22.03
CA LEU D 198 10.52 3.76 -21.43
C LEU D 198 10.86 3.39 -19.99
N PHE D 199 12.14 3.54 -19.65
CA PHE D 199 12.62 3.64 -18.26
C PHE D 199 12.58 2.31 -17.51
N ASN D 200 12.91 1.22 -18.20
CA ASN D 200 13.07 -0.05 -17.50
C ASN D 200 14.52 -0.51 -17.63
N ASN D 201 14.87 -1.54 -16.86
CA ASN D 201 16.21 -2.10 -16.87
C ASN D 201 16.32 -3.34 -17.74
N GLY D 202 15.29 -3.63 -18.54
CA GLY D 202 15.35 -4.71 -19.51
C GLY D 202 15.64 -4.23 -20.93
N THR D 203 14.69 -4.48 -21.85
CA THR D 203 14.91 -4.22 -23.28
C THR D 203 14.67 -2.77 -23.66
N GLY D 204 14.26 -1.92 -22.74
CA GLY D 204 13.66 -0.65 -23.07
C GLY D 204 14.62 0.52 -23.08
N LEU D 205 14.03 1.72 -23.16
CA LEU D 205 14.75 2.97 -23.39
C LEU D 205 15.08 3.65 -22.07
N THR D 206 16.23 4.35 -22.05
CA THR D 206 16.66 5.07 -20.87
C THR D 206 16.51 6.57 -21.01
N MET D 207 16.09 7.05 -22.18
CA MET D 207 15.86 8.46 -22.37
C MET D 207 14.58 8.60 -23.19
N PRO D 208 13.77 9.66 -22.95
CA PRO D 208 12.47 9.79 -23.61
C PRO D 208 12.53 10.42 -25.00
N TRP D 209 13.38 9.89 -25.86
CA TRP D 209 13.50 10.42 -27.21
C TRP D 209 13.99 9.35 -28.16
N TRP D 210 13.73 9.56 -29.45
CA TRP D 210 14.29 8.72 -30.50
C TRP D 210 14.27 9.52 -31.79
N GLY D 211 14.91 9.00 -32.83
CA GLY D 211 14.99 9.78 -34.04
C GLY D 211 15.54 9.02 -35.22
N THR D 212 15.56 9.73 -36.36
CA THR D 212 16.12 9.24 -37.61
C THR D 212 16.92 10.35 -38.28
N TYR D 213 17.95 9.95 -39.03
CA TYR D 213 18.74 10.91 -39.80
C TYR D 213 19.24 10.25 -41.08
N ASN D 214 19.51 11.07 -42.08
CA ASN D 214 20.19 10.62 -43.29
C ASN D 214 21.39 11.56 -43.50
N GLU D 215 21.93 11.57 -44.72
CA GLU D 215 23.10 12.38 -45.01
C GLU D 215 22.81 13.89 -45.01
N LYS D 216 21.54 14.30 -45.01
CA LYS D 216 21.18 15.71 -45.07
C LYS D 216 20.60 16.25 -43.78
N SER D 217 19.87 15.44 -43.02
CA SER D 217 19.08 16.02 -41.95
C SER D 217 18.71 14.97 -40.90
N ALA D 218 18.42 15.45 -39.70
CA ALA D 218 18.05 14.62 -38.58
C ALA D 218 16.76 15.14 -37.96
N VAL D 219 15.95 14.22 -37.44
CA VAL D 219 14.77 14.57 -36.66
C VAL D 219 14.71 13.65 -35.44
N MET D 220 14.35 14.24 -34.30
CA MET D 220 14.19 13.50 -33.05
C MET D 220 12.94 14.01 -32.35
N GLY D 221 12.27 13.12 -31.63
CA GLY D 221 11.10 13.50 -30.88
C GLY D 221 11.32 13.30 -29.40
N ILE D 222 10.98 14.31 -28.59
CA ILE D 222 11.14 14.23 -27.14
C ILE D 222 9.76 14.06 -26.51
N VAL D 223 9.57 12.95 -25.81
CA VAL D 223 8.27 12.66 -25.20
C VAL D 223 8.06 13.55 -23.98
N ASP D 224 6.85 14.11 -23.88
CA ASP D 224 6.47 14.94 -22.74
C ASP D 224 6.76 14.23 -21.43
N VAL D 225 7.19 14.99 -20.42
CA VAL D 225 7.64 14.39 -19.17
C VAL D 225 6.51 13.65 -18.45
N SER D 226 5.26 13.96 -18.77
CA SER D 226 4.12 13.36 -18.07
C SER D 226 3.60 12.09 -18.75
N ALA D 227 4.12 11.71 -19.92
CA ALA D 227 3.55 10.65 -20.72
C ALA D 227 4.45 9.43 -20.78
N ARG D 228 3.84 8.26 -20.97
CA ARG D 228 4.59 7.01 -21.11
C ARG D 228 4.09 6.23 -22.32
N PRO D 229 4.29 6.78 -23.52
CA PRO D 229 4.05 5.99 -24.73
C PRO D 229 5.11 4.92 -24.86
N HIS D 230 4.79 3.88 -25.63
CA HIS D 230 5.80 2.94 -26.09
C HIS D 230 6.34 3.43 -27.44
N MET D 231 7.40 2.77 -27.92
CA MET D 231 8.02 3.13 -29.19
C MET D 231 7.99 1.92 -30.11
N GLN D 232 7.24 2.02 -31.19
CA GLN D 232 7.26 1.01 -32.24
C GLN D 232 8.47 1.22 -33.13
N TYR D 233 9.15 0.13 -33.48
CA TYR D 233 10.24 0.20 -34.44
C TYR D 233 9.95 -0.67 -35.65
N ASN D 234 10.56 -0.28 -36.78
CA ASN D 234 10.50 -1.04 -38.03
C ASN D 234 11.84 -0.79 -38.73
N ILE D 235 12.72 -1.78 -38.74
CA ILE D 235 14.10 -1.56 -39.15
C ILE D 235 14.36 -2.22 -40.51
N ASN D 236 14.18 -1.45 -41.58
CA ASN D 236 14.37 -1.88 -42.97
C ASN D 236 13.39 -2.98 -43.40
N ASN D 237 12.29 -3.14 -42.68
CA ASN D 237 11.27 -4.14 -42.99
C ASN D 237 10.24 -3.55 -43.94
N ASN D 238 9.77 -4.36 -44.89
CA ASN D 238 8.78 -3.92 -45.86
C ASN D 238 7.34 -4.17 -45.39
N GLY D 239 7.15 -4.53 -44.12
CA GLY D 239 5.81 -4.75 -43.61
C GLY D 239 5.22 -6.11 -43.91
N GLN D 240 6.04 -7.10 -44.29
CA GLN D 240 5.55 -8.45 -44.49
C GLN D 240 4.79 -8.97 -43.27
N TYR D 241 5.15 -8.51 -42.07
CA TYR D 241 4.44 -8.96 -40.87
C TYR D 241 2.96 -8.58 -40.90
N LEU D 242 2.61 -7.53 -41.63
CA LEU D 242 1.21 -7.16 -41.78
C LEU D 242 0.43 -8.11 -42.68
N PHE D 243 1.12 -8.93 -43.49
CA PHE D 243 0.46 -9.72 -44.51
C PHE D 243 0.61 -11.23 -44.32
N ASN D 244 1.37 -11.67 -43.31
CA ASN D 244 1.65 -13.10 -43.17
C ASN D 244 0.38 -13.91 -42.89
N ALA D 245 -0.53 -13.38 -42.05
CA ALA D 245 -1.78 -14.09 -41.80
C ALA D 245 -2.67 -14.14 -43.03
N LYS D 246 -2.55 -13.16 -43.92
CA LYS D 246 -3.30 -13.20 -45.17
C LYS D 246 -2.64 -14.08 -46.22
N GLY D 247 -1.41 -14.53 -45.99
CA GLY D 247 -0.70 -15.31 -46.98
C GLY D 247 -0.52 -14.61 -48.32
N VAL D 248 -0.16 -13.32 -48.30
CA VAL D 248 0.18 -12.59 -49.51
C VAL D 248 1.52 -11.91 -49.28
N MET D 249 2.18 -11.53 -50.36
CA MET D 249 3.44 -10.80 -50.27
C MET D 249 3.20 -9.31 -50.05
N SER D 250 4.04 -8.69 -49.22
CA SER D 250 3.89 -7.26 -48.98
C SER D 250 4.05 -6.49 -50.29
N PRO D 251 3.19 -5.50 -50.55
CA PRO D 251 3.39 -4.58 -51.68
C PRO D 251 4.19 -3.33 -51.33
N TYR D 252 4.71 -3.23 -50.10
CA TYR D 252 5.33 -2.02 -49.61
C TYR D 252 6.85 -2.05 -49.75
N GLN D 253 7.44 -0.87 -49.60
CA GLN D 253 8.89 -0.68 -49.67
C GLN D 253 9.55 -0.82 -48.30
N ARG D 254 10.76 -1.36 -48.30
CA ARG D 254 11.57 -1.43 -47.08
C ARG D 254 11.91 -0.02 -46.59
N ILE D 255 11.55 0.28 -45.34
CA ILE D 255 11.79 1.59 -44.75
C ILE D 255 12.18 1.43 -43.29
N VAL D 256 12.73 2.50 -42.71
CA VAL D 256 13.03 2.59 -41.29
C VAL D 256 12.10 3.62 -40.68
N PHE D 257 11.40 3.26 -39.60
CA PHE D 257 10.66 4.27 -38.86
C PHE D 257 10.55 3.90 -37.39
N LEU D 258 10.29 4.91 -36.57
CA LEU D 258 10.04 4.80 -35.14
C LEU D 258 8.80 5.62 -34.81
N ASP D 259 7.79 4.98 -34.20
CA ASP D 259 6.53 5.65 -33.92
C ASP D 259 6.22 5.66 -32.42
N PRO D 260 5.62 6.75 -31.91
CA PRO D 260 5.02 6.70 -30.58
C PRO D 260 3.77 5.83 -30.58
N ILE D 261 3.64 5.01 -29.54
CA ILE D 261 2.40 4.27 -29.27
C ILE D 261 1.78 4.89 -28.04
N TRP D 262 0.71 5.67 -28.22
CA TRP D 262 -0.05 6.19 -27.10
C TRP D 262 -1.01 5.12 -26.60
N LYS D 263 -0.93 4.80 -25.30
CA LYS D 263 -1.81 3.79 -24.71
C LYS D 263 -3.07 4.48 -24.18
N LEU D 264 -4.07 4.63 -25.07
CA LEU D 264 -5.23 5.44 -24.73
C LEU D 264 -6.01 4.85 -23.55
N ASP D 265 -5.92 3.54 -23.34
CA ASP D 265 -6.62 2.89 -22.23
C ASP D 265 -5.97 3.11 -20.88
N GLN D 266 -4.75 3.68 -20.83
CA GLN D 266 -4.00 3.82 -19.58
C GLN D 266 -3.47 5.23 -19.37
N GLU D 267 -3.20 5.95 -20.46
CA GLU D 267 -2.40 7.17 -20.37
C GLU D 267 -3.18 8.30 -19.72
N LYS D 268 -2.67 8.82 -18.59
CA LYS D 268 -3.24 9.98 -17.93
C LYS D 268 -2.50 11.28 -18.24
N GLY D 269 -1.29 11.21 -18.83
CA GLY D 269 -0.50 12.40 -19.06
C GLY D 269 -0.86 13.12 -20.34
N LYS D 270 -0.05 14.15 -20.64
CA LYS D 270 -0.23 14.93 -21.87
C LYS D 270 0.46 14.20 -23.03
N MET D 271 -0.33 13.81 -24.02
CA MET D 271 0.17 12.93 -25.09
C MET D 271 0.86 13.78 -26.16
N ARG D 272 1.98 14.34 -25.77
CA ARG D 272 2.72 15.30 -26.58
C ARG D 272 4.14 14.80 -26.84
N ILE D 273 4.60 14.98 -28.07
CA ILE D 273 5.98 14.71 -28.44
C ILE D 273 6.51 15.91 -29.21
N SER D 274 7.72 16.37 -28.86
CA SER D 274 8.32 17.56 -29.44
C SER D 274 9.38 17.14 -30.44
N TYR D 275 9.13 17.39 -31.72
CA TYR D 275 10.07 17.04 -32.78
C TYR D 275 11.03 18.19 -33.03
N HIS D 276 12.32 17.90 -32.93
CA HIS D 276 13.37 18.86 -33.22
C HIS D 276 14.08 18.44 -34.49
N PHE D 277 14.28 19.39 -35.40
CA PHE D 277 14.84 19.12 -36.71
C PHE D 277 16.23 19.74 -36.77
N ILE D 278 17.24 18.94 -37.09
CA ILE D 278 18.63 19.35 -37.04
C ILE D 278 19.25 19.17 -38.41
N PRO D 279 19.43 20.26 -39.17
CA PRO D 279 20.06 20.14 -40.49
C PRO D 279 21.48 19.62 -40.36
N GLY D 280 21.78 18.58 -41.13
CA GLY D 280 23.10 17.96 -41.08
C GLY D 280 23.41 17.16 -39.83
N GLY D 281 22.43 16.97 -38.93
CA GLY D 281 22.72 16.34 -37.66
C GLY D 281 22.71 14.82 -37.72
N ASP D 282 23.28 14.21 -36.68
CA ASP D 282 23.20 12.75 -36.50
C ASP D 282 22.91 12.48 -35.02
N TYR D 283 23.27 11.28 -34.54
CA TYR D 283 22.88 10.90 -33.18
C TYR D 283 23.58 11.75 -32.13
N VAL D 284 24.78 12.27 -32.43
CA VAL D 284 25.47 13.16 -31.50
C VAL D 284 24.67 14.43 -31.28
N ASP D 285 24.20 15.05 -32.37
CA ASP D 285 23.43 16.27 -32.26
C ASP D 285 22.11 16.04 -31.54
N MET D 286 21.44 14.92 -31.84
CA MET D 286 20.22 14.54 -31.10
C MET D 286 20.50 14.46 -29.61
N ALA D 287 21.60 13.80 -29.22
CA ALA D 287 21.94 13.68 -27.82
C ALA D 287 22.13 15.04 -27.15
N LYS D 288 22.82 15.96 -27.82
CA LYS D 288 23.09 17.26 -27.20
C LYS D 288 21.83 18.11 -27.11
N VAL D 289 20.89 17.95 -28.06
CA VAL D 289 19.60 18.60 -27.93
C VAL D 289 18.89 18.10 -26.67
N TYR D 290 18.85 16.77 -26.47
CA TYR D 290 18.17 16.26 -25.28
C TYR D 290 18.91 16.65 -24.01
N GLN D 291 20.23 16.81 -24.07
CA GLN D 291 20.98 17.23 -22.90
C GLN D 291 20.47 18.55 -22.35
N LYS D 292 20.07 19.47 -23.24
CA LYS D 292 19.47 20.73 -22.78
C LYS D 292 18.18 20.47 -22.03
N GLU D 293 17.34 19.57 -22.56
CA GLU D 293 16.10 19.23 -21.89
C GLU D 293 16.35 18.48 -20.58
N ALA D 294 17.40 17.63 -20.55
CA ALA D 294 17.73 16.91 -19.33
C ALA D 294 18.10 17.85 -18.19
N LYS D 295 18.85 18.92 -18.50
CA LYS D 295 19.12 19.93 -17.48
C LYS D 295 17.84 20.63 -17.05
N ALA D 296 16.95 20.92 -18.00
CA ALA D 296 15.70 21.58 -17.66
C ALA D 296 14.83 20.71 -16.76
N ARG D 297 14.94 19.38 -16.89
CA ARG D 297 14.10 18.49 -16.09
C ARG D 297 14.68 18.23 -14.70
N GLY D 298 15.88 18.72 -14.41
CA GLY D 298 16.51 18.54 -13.12
C GLY D 298 17.32 17.26 -12.96
N HIS D 299 17.46 16.47 -14.03
CA HIS D 299 18.22 15.23 -13.91
C HIS D 299 19.72 15.47 -13.82
N PHE D 300 20.20 16.57 -14.39
CA PHE D 300 21.62 16.78 -14.66
C PHE D 300 22.27 17.46 -13.45
N VAL D 301 22.97 16.66 -12.64
CA VAL D 301 23.81 17.16 -11.55
C VAL D 301 25.23 16.66 -11.80
N SER D 302 26.16 17.58 -12.05
CA SER D 302 27.43 17.18 -12.61
C SER D 302 28.33 16.54 -11.55
N LEU D 303 29.29 15.74 -12.03
CA LEU D 303 30.26 15.11 -11.14
C LEU D 303 31.18 16.14 -10.48
N GLN D 304 31.37 17.30 -11.11
CA GLN D 304 32.16 18.34 -10.47
C GLN D 304 31.44 18.93 -9.28
N GLU D 305 30.12 19.10 -9.39
CA GLU D 305 29.34 19.52 -8.23
C GLU D 305 29.33 18.44 -7.15
N LYS D 306 29.17 17.18 -7.56
CA LYS D 306 29.24 16.09 -6.59
C LYS D 306 30.61 15.99 -5.95
N LEU D 307 31.68 16.29 -6.70
CA LEU D 307 33.02 16.31 -6.14
C LEU D 307 33.18 17.44 -5.13
N LYS D 308 32.54 18.58 -5.38
CA LYS D 308 32.64 19.67 -4.41
C LYS D 308 31.92 19.33 -3.12
N ARG D 309 30.81 18.59 -3.20
CA ARG D 309 30.12 18.16 -1.98
C ARG D 309 30.87 17.05 -1.26
N ASN D 310 31.58 16.19 -2.00
CA ASN D 310 32.26 15.04 -1.43
C ASN D 310 33.59 14.84 -2.15
N PRO D 311 34.70 15.28 -1.55
CA PRO D 311 36.01 15.13 -2.20
C PRO D 311 36.39 13.68 -2.47
N ASN D 312 35.83 12.70 -1.76
CA ASN D 312 36.15 11.30 -2.03
C ASN D 312 35.63 10.81 -3.37
N VAL D 313 34.81 11.60 -4.07
CA VAL D 313 34.46 11.25 -5.46
C VAL D 313 35.71 11.06 -6.29
N ASN D 314 36.81 11.74 -5.95
CA ASN D 314 38.02 11.60 -6.74
C ASN D 314 38.75 10.27 -6.52
N LYS D 315 38.21 9.37 -5.71
CA LYS D 315 38.74 8.00 -5.65
C LYS D 315 38.20 7.14 -6.80
N LEU D 316 37.28 7.66 -7.60
CA LEU D 316 36.68 6.94 -8.71
C LEU D 316 37.46 7.03 -10.03
N PRO D 317 38.00 8.18 -10.42
CA PRO D 317 38.69 8.23 -11.72
C PRO D 317 39.90 7.30 -11.74
N GLY D 318 39.93 6.41 -12.72
CA GLY D 318 40.95 5.39 -12.79
C GLY D 318 40.74 4.20 -11.89
N ALA D 319 39.60 4.11 -11.20
CA ALA D 319 39.34 2.99 -10.32
C ALA D 319 38.75 1.83 -11.11
N ILE D 320 39.25 0.62 -10.85
CA ILE D 320 38.58 -0.59 -11.30
C ILE D 320 37.53 -0.97 -10.28
N TYR D 321 36.32 -1.30 -10.75
CA TYR D 321 35.25 -1.78 -9.92
C TYR D 321 35.38 -3.30 -9.77
N PHE D 322 35.59 -3.76 -8.55
CA PHE D 322 35.76 -5.18 -8.24
C PHE D 322 34.56 -5.66 -7.46
N GLY D 323 33.81 -6.62 -8.03
CA GLY D 323 32.74 -7.27 -7.33
C GLY D 323 33.15 -8.68 -6.96
N ILE D 324 33.25 -8.94 -5.66
CA ILE D 324 33.64 -10.23 -5.12
C ILE D 324 32.34 -10.93 -4.72
N TYR D 325 31.89 -11.86 -5.56
CA TYR D 325 30.56 -12.44 -5.45
C TYR D 325 30.66 -13.73 -4.63
N GLY D 326 30.12 -13.70 -3.41
CA GLY D 326 30.19 -14.83 -2.51
C GLY D 326 28.95 -15.70 -2.47
N GLY D 327 28.14 -15.65 -3.53
CA GLY D 327 26.90 -16.41 -3.52
C GLY D 327 25.74 -15.72 -2.83
N TYR D 328 25.94 -14.52 -2.34
CA TYR D 328 25.00 -13.65 -1.66
C TYR D 328 24.64 -12.50 -2.58
N PRO D 329 23.37 -12.03 -2.61
CA PRO D 329 22.22 -12.29 -1.73
C PRO D 329 21.47 -13.61 -1.96
N HIS D 330 21.84 -14.37 -2.99
CA HIS D 330 21.05 -15.53 -3.37
C HIS D 330 21.05 -16.60 -2.28
N TYR D 331 22.16 -16.73 -1.54
CA TYR D 331 22.29 -17.75 -0.50
C TYR D 331 23.16 -17.17 0.62
N VAL D 332 22.95 -17.67 1.83
CA VAL D 332 23.73 -17.25 3.00
C VAL D 332 24.84 -18.26 3.22
N ASN D 333 26.08 -17.79 3.18
CA ASN D 333 27.27 -18.62 3.43
C ASN D 333 27.24 -19.89 2.57
N MET D 334 27.19 -19.68 1.26
CA MET D 334 27.13 -20.82 0.34
C MET D 334 28.50 -21.46 0.19
N PRO D 335 28.64 -22.76 0.50
CA PRO D 335 29.95 -23.41 0.35
C PRO D 335 30.41 -23.41 -1.10
N GLY D 336 31.71 -23.22 -1.29
CA GLY D 336 32.29 -23.10 -2.62
C GLY D 336 32.17 -21.73 -3.23
N MET D 337 31.46 -20.82 -2.61
CA MET D 337 31.21 -19.48 -3.11
C MET D 337 31.47 -18.40 -2.07
N ALA D 338 30.99 -18.59 -0.84
CA ALA D 338 31.17 -17.58 0.19
C ALA D 338 32.64 -17.40 0.52
N PHE D 339 33.06 -16.15 0.71
CA PHE D 339 34.38 -15.82 1.21
C PHE D 339 34.32 -15.49 2.70
N THR D 340 35.40 -15.81 3.40
CA THR D 340 35.57 -15.29 4.74
C THR D 340 36.13 -13.86 4.67
N PHE D 341 36.02 -13.15 5.79
CA PHE D 341 36.55 -11.79 5.83
C PHE D 341 38.07 -11.78 5.72
N ASP D 342 38.74 -12.81 6.24
CA ASP D 342 40.18 -12.93 6.03
C ASP D 342 40.52 -13.15 4.55
N GLU D 343 39.75 -13.99 3.87
CA GLU D 343 39.95 -14.17 2.42
C GLU D 343 39.65 -12.88 1.67
N LEU D 344 38.60 -12.17 2.06
CA LEU D 344 38.32 -10.87 1.46
C LEU D 344 39.51 -9.93 1.60
N LYS D 345 40.07 -9.85 2.80
CA LYS D 345 41.20 -8.94 3.06
C LYS D 345 42.41 -9.28 2.20
N ASN D 346 42.69 -10.58 2.03
CA ASN D 346 43.85 -10.98 1.23
C ASN D 346 43.65 -10.71 -0.25
N ILE D 347 42.40 -10.77 -0.72
CA ILE D 347 42.12 -10.38 -2.11
C ILE D 347 42.40 -8.90 -2.30
N ILE D 348 41.92 -8.08 -1.37
CA ILE D 348 42.21 -6.64 -1.43
C ILE D 348 43.71 -6.40 -1.40
N LYS D 349 44.42 -7.08 -0.50
CA LYS D 349 45.86 -6.90 -0.41
C LYS D 349 46.56 -7.25 -1.71
N THR D 350 46.16 -8.34 -2.36
CA THR D 350 46.83 -8.79 -3.56
C THR D 350 46.56 -7.84 -4.72
N ILE D 351 45.34 -7.30 -4.78
CA ILE D 351 45.00 -6.35 -5.84
C ILE D 351 45.93 -5.14 -5.76
N HIS D 352 46.21 -4.65 -4.55
CA HIS D 352 47.08 -3.50 -4.38
C HIS D 352 48.56 -3.86 -4.48
N ASP D 353 49.01 -4.83 -3.69
CA ASP D 353 50.45 -5.08 -3.56
C ASP D 353 51.03 -5.83 -4.76
N ASP D 354 50.33 -6.86 -5.24
CA ASP D 354 50.86 -7.66 -6.34
C ASP D 354 50.51 -7.05 -7.70
N LEU D 355 49.25 -6.66 -7.89
CA LEU D 355 48.79 -6.16 -9.18
C LEU D 355 48.91 -4.65 -9.31
N ARG D 356 49.31 -3.94 -8.25
CA ARG D 356 49.64 -2.52 -8.32
C ARG D 356 48.46 -1.70 -8.86
N VAL D 357 47.25 -2.06 -8.44
CA VAL D 357 46.07 -1.27 -8.78
C VAL D 357 46.03 -0.08 -7.83
N ASP D 358 46.15 1.13 -8.39
CA ASP D 358 46.28 2.33 -7.57
C ASP D 358 44.93 2.79 -7.01
N LYS D 359 43.85 2.59 -7.77
CA LYS D 359 42.52 3.04 -7.36
C LYS D 359 41.52 1.94 -7.65
N ALA D 360 40.55 1.77 -6.75
CA ALA D 360 39.62 0.65 -6.86
C ALA D 360 38.37 0.91 -6.03
N PHE D 361 37.25 0.37 -6.50
CA PHE D 361 36.02 0.29 -5.74
C PHE D 361 35.79 -1.20 -5.46
N VAL D 362 35.85 -1.58 -4.18
CA VAL D 362 35.68 -2.98 -3.77
C VAL D 362 34.26 -3.18 -3.26
N HIS D 363 33.51 -4.06 -3.92
CA HIS D 363 32.12 -4.36 -3.60
C HIS D 363 32.06 -5.83 -3.18
N ALA D 364 31.77 -6.08 -1.92
CA ALA D 364 31.83 -7.43 -1.34
C ALA D 364 30.42 -7.96 -1.16
N TRP D 365 30.07 -8.98 -1.95
CA TRP D 365 28.71 -9.55 -1.94
C TRP D 365 28.69 -10.74 -0.98
N GLY D 366 28.20 -10.51 0.23
CA GLY D 366 28.17 -11.56 1.23
C GLY D 366 28.89 -11.19 2.51
N THR D 367 28.29 -10.31 3.30
CA THR D 367 28.85 -9.89 4.57
C THR D 367 27.89 -10.08 5.74
N PHE D 368 26.62 -10.46 5.49
CA PHE D 368 25.60 -10.55 6.51
C PHE D 368 25.06 -11.97 6.60
N SER D 369 24.59 -12.34 7.80
CA SER D 369 24.12 -13.70 8.07
C SER D 369 22.61 -13.84 7.98
N ASN D 370 21.89 -12.78 7.60
CA ASN D 370 20.48 -12.84 7.25
C ASN D 370 20.31 -12.49 5.78
N PHE D 371 19.22 -12.98 5.19
CA PHE D 371 18.87 -12.60 3.83
C PHE D 371 18.42 -11.14 3.76
N VAL D 372 18.72 -10.49 2.63
CA VAL D 372 18.10 -9.21 2.30
C VAL D 372 16.60 -9.49 2.31
N PRO D 373 15.76 -8.55 2.75
CA PRO D 373 16.08 -7.15 3.02
C PRO D 373 16.56 -6.83 4.44
N HIS D 374 17.08 -7.82 5.18
CA HIS D 374 17.60 -7.59 6.52
C HIS D 374 19.13 -7.71 6.43
N ASN D 375 19.77 -6.58 6.16
CA ASN D 375 21.19 -6.53 5.79
C ASN D 375 22.08 -6.46 7.04
N TYR D 376 21.91 -7.46 7.89
CA TYR D 376 22.53 -7.49 9.21
C TYR D 376 22.29 -8.86 9.82
N PRO D 377 23.09 -9.25 10.83
CA PRO D 377 24.29 -8.56 11.30
C PRO D 377 25.48 -8.93 10.46
N ILE D 378 26.61 -8.24 10.62
CA ILE D 378 27.85 -8.71 10.03
C ILE D 378 28.07 -10.15 10.47
N SER D 379 28.35 -11.03 9.52
CA SER D 379 28.27 -12.47 9.77
C SER D 379 29.36 -12.94 10.73
N GLU D 380 28.94 -13.64 11.79
CA GLU D 380 29.90 -14.30 12.66
C GLU D 380 30.58 -15.48 11.96
N ALA D 381 29.84 -16.22 11.13
CA ALA D 381 30.40 -17.40 10.50
C ALA D 381 31.49 -17.05 9.50
N LEU D 382 31.45 -15.85 8.95
CA LEU D 382 32.51 -15.40 8.03
C LEU D 382 33.67 -14.71 8.75
N GLY D 383 33.57 -14.50 10.07
CA GLY D 383 34.69 -13.93 10.79
C GLY D 383 34.32 -12.87 11.82
N GLY D 384 33.11 -12.33 11.73
CA GLY D 384 32.66 -11.37 12.71
C GLY D 384 33.03 -9.94 12.34
N PRO D 385 32.50 -8.97 13.10
CA PRO D 385 32.69 -7.55 12.73
C PRO D 385 34.16 -7.11 12.68
N GLU D 386 34.99 -7.58 13.63
CA GLU D 386 36.38 -7.11 13.66
C GLU D 386 37.15 -7.54 12.42
N LYS D 387 36.94 -8.76 11.95
CA LYS D 387 37.65 -9.22 10.76
C LYS D 387 37.17 -8.51 9.50
N LEU D 388 35.88 -8.14 9.43
CA LEU D 388 35.44 -7.32 8.31
C LEU D 388 36.02 -5.92 8.38
N LYS D 389 36.08 -5.34 9.59
CA LYS D 389 36.65 -4.00 9.74
C LYS D 389 38.12 -3.99 9.35
N ALA D 390 38.85 -5.08 9.62
CA ALA D 390 40.25 -5.17 9.20
C ALA D 390 40.38 -5.13 7.68
N ALA D 391 39.50 -5.86 6.97
CA ALA D 391 39.51 -5.79 5.51
C ALA D 391 39.17 -4.38 5.02
N VAL D 392 38.16 -3.75 5.61
CA VAL D 392 37.76 -2.41 5.17
C VAL D 392 38.85 -1.41 5.47
N ASP D 393 39.48 -1.51 6.66
CA ASP D 393 40.56 -0.61 7.01
C ASP D 393 41.75 -0.76 6.07
N LEU D 394 42.04 -2.00 5.65
CA LEU D 394 43.09 -2.19 4.66
C LEU D 394 42.75 -1.51 3.35
N ALA D 395 41.49 -1.63 2.90
CA ALA D 395 41.08 -0.96 1.68
C ALA D 395 41.22 0.56 1.82
N LYS D 396 40.85 1.11 2.98
CA LYS D 396 40.90 2.55 3.14
C LYS D 396 42.34 3.07 3.23
N SER D 397 43.27 2.22 3.67
CA SER D 397 44.67 2.62 3.71
C SER D 397 45.28 2.73 2.32
N TYR D 398 44.70 2.05 1.33
CA TYR D 398 45.10 2.13 -0.07
C TYR D 398 44.44 3.29 -0.81
N GLY D 399 43.46 3.95 -0.21
CA GLY D 399 42.65 4.91 -0.92
C GLY D 399 41.48 4.30 -1.66
N TYR D 400 41.20 3.01 -1.45
CA TYR D 400 40.10 2.33 -2.13
C TYR D 400 38.75 2.72 -1.52
N LEU D 401 37.73 2.71 -2.36
CA LEU D 401 36.34 2.71 -1.93
C LEU D 401 35.88 1.30 -1.61
N TYR D 402 35.04 1.16 -0.59
CA TYR D 402 34.47 -0.13 -0.20
C TYR D 402 32.98 0.02 0.05
N SER D 403 32.21 -1.00 -0.36
CA SER D 403 30.84 -1.16 0.08
C SER D 403 30.51 -2.65 0.15
N SER D 404 29.68 -3.01 1.12
CA SER D 404 29.03 -4.32 1.15
C SER D 404 27.86 -4.33 0.16
N TYR D 405 27.33 -5.52 -0.11
CA TYR D 405 26.09 -5.61 -0.89
C TYR D 405 24.90 -5.29 0.01
N HIS D 406 24.03 -4.39 -0.46
CA HIS D 406 22.77 -4.10 0.23
C HIS D 406 21.63 -4.13 -0.77
N ALA D 407 20.49 -4.63 -0.32
CA ALA D 407 19.23 -4.49 -1.07
C ALA D 407 18.08 -4.47 -0.07
N TYR D 408 17.12 -3.59 -0.31
CA TYR D 408 15.97 -3.46 0.58
C TYR D 408 14.66 -3.85 -0.08
N SER D 409 14.71 -4.32 -1.32
CA SER D 409 13.56 -4.67 -2.15
C SER D 409 13.22 -6.16 -2.22
N PRO D 410 14.17 -7.10 -2.06
CA PRO D 410 13.82 -8.51 -2.25
C PRO D 410 12.95 -9.06 -1.12
N MET D 411 12.26 -10.15 -1.44
CA MET D 411 11.57 -10.96 -0.44
C MET D 411 11.65 -12.39 -0.94
N LEU D 412 12.59 -13.17 -0.40
CA LEU D 412 13.06 -14.39 -1.03
C LEU D 412 12.39 -15.62 -0.44
N GLU D 413 12.02 -16.55 -1.33
CA GLU D 413 11.34 -17.78 -0.92
C GLU D 413 12.18 -18.59 0.06
N ASN D 414 13.51 -18.58 -0.11
CA ASN D 414 14.38 -19.41 0.72
C ASN D 414 14.83 -18.71 2.00
N ASP D 415 14.37 -17.48 2.21
CA ASP D 415 14.62 -16.76 3.46
C ASP D 415 13.68 -17.28 4.54
N PRO D 416 14.19 -17.79 5.67
CA PRO D 416 13.29 -18.19 6.76
C PRO D 416 12.39 -17.07 7.23
N ASN D 417 12.77 -15.80 7.04
CA ASN D 417 11.95 -14.66 7.44
C ASN D 417 10.99 -14.20 6.34
N PHE D 418 10.78 -15.01 5.31
CA PHE D 418 9.89 -14.63 4.23
C PHE D 418 8.50 -14.32 4.74
N THR D 419 7.93 -13.21 4.27
CA THR D 419 6.55 -12.89 4.60
C THR D 419 5.95 -12.08 3.46
N THR D 420 4.66 -12.30 3.19
CA THR D 420 3.96 -11.46 2.25
C THR D 420 3.53 -10.13 2.86
N ASP D 421 3.77 -9.92 4.16
CA ASP D 421 3.31 -8.70 4.81
C ASP D 421 3.95 -7.46 4.22
N LEU D 422 5.17 -7.58 3.67
CA LEU D 422 5.88 -6.45 3.10
C LEU D 422 5.69 -6.30 1.60
N MET D 423 4.90 -7.17 0.98
CA MET D 423 4.64 -7.09 -0.44
C MET D 423 3.46 -6.16 -0.71
N GLN D 424 3.29 -5.79 -1.98
CA GLN D 424 2.22 -4.90 -2.40
C GLN D 424 1.09 -5.72 -3.01
N ARG D 425 -0.13 -5.22 -2.86
CA ARG D 425 -1.30 -5.86 -3.44
C ARG D 425 -1.98 -4.89 -4.39
N ASP D 426 -2.59 -5.45 -5.44
CA ASP D 426 -3.23 -4.64 -6.47
C ASP D 426 -4.68 -4.36 -6.07
N ALA D 427 -5.44 -3.72 -6.97
CA ALA D 427 -6.79 -3.28 -6.64
C ALA D 427 -7.72 -4.45 -6.32
N GLU D 428 -7.41 -5.66 -6.79
CA GLU D 428 -8.21 -6.82 -6.47
C GLU D 428 -7.76 -7.53 -5.20
N GLY D 429 -6.79 -6.97 -4.48
CA GLY D 429 -6.27 -7.61 -3.30
C GLY D 429 -5.26 -8.70 -3.56
N LYS D 430 -4.76 -8.82 -4.79
CA LYS D 430 -3.83 -9.87 -5.15
C LYS D 430 -2.39 -9.38 -5.05
N LEU D 431 -1.49 -10.27 -4.64
CA LEU D 431 -0.08 -9.92 -4.50
C LEU D 431 0.51 -9.50 -5.85
N MET D 432 1.34 -8.46 -5.82
CA MET D 432 2.06 -8.03 -7.00
C MET D 432 3.49 -8.56 -6.96
N ASN D 433 4.08 -8.71 -8.16
CA ASN D 433 5.47 -9.14 -8.33
C ASN D 433 5.75 -10.53 -7.72
N THR D 434 4.75 -11.42 -7.72
CA THR D 434 5.04 -12.79 -7.34
C THR D 434 6.07 -13.44 -8.27
N GLY D 435 6.20 -12.95 -9.50
CA GLY D 435 7.19 -13.48 -10.40
C GLY D 435 8.48 -12.69 -10.49
N SER D 436 8.75 -11.83 -9.47
CA SER D 436 9.92 -10.95 -9.47
C SER D 436 10.48 -10.85 -8.04
N ARG D 437 11.19 -11.92 -7.63
CA ARG D 437 11.60 -12.09 -6.24
C ARG D 437 12.48 -10.95 -5.74
N TRP D 438 13.25 -10.31 -6.62
CA TRP D 438 14.19 -9.28 -6.19
C TRP D 438 13.55 -7.91 -5.99
N ALA D 439 12.32 -7.70 -6.46
CA ALA D 439 11.60 -6.45 -6.26
C ALA D 439 10.19 -6.78 -5.78
N ARG D 440 10.09 -7.32 -4.57
CA ARG D 440 8.79 -7.64 -3.99
C ARG D 440 8.38 -6.70 -2.85
N VAL D 441 9.33 -6.06 -2.17
CA VAL D 441 8.98 -5.23 -1.02
C VAL D 441 8.46 -3.88 -1.53
N ASP D 442 7.28 -3.50 -1.06
CA ASP D 442 6.70 -2.22 -1.44
C ASP D 442 7.69 -1.09 -1.11
N PRO D 443 8.03 -0.24 -2.09
CA PRO D 443 8.96 0.87 -1.79
C PRO D 443 8.61 1.68 -0.55
N LYS D 444 7.33 1.74 -0.17
CA LYS D 444 6.96 2.55 0.99
C LYS D 444 7.51 1.99 2.30
N PHE D 445 8.01 0.76 2.29
CA PHE D 445 8.65 0.13 3.44
C PHE D 445 10.17 0.19 3.40
N GLN D 446 10.77 0.56 2.25
CA GLN D 446 12.18 0.28 2.04
C GLN D 446 13.11 1.23 2.81
N LYS D 447 12.71 2.49 3.03
CA LYS D 447 13.52 3.34 3.90
C LYS D 447 13.57 2.80 5.31
N GLY D 448 12.44 2.32 5.84
CA GLY D 448 12.43 1.77 7.18
C GLY D 448 13.34 0.56 7.32
N LEU D 449 13.42 -0.27 6.28
CA LEU D 449 14.32 -1.43 6.31
C LEU D 449 15.78 -1.00 6.26
N ALA D 450 16.11 0.00 5.44
CA ALA D 450 17.48 0.51 5.41
C ALA D 450 17.86 1.16 6.74
N GLN D 451 16.91 1.84 7.39
CA GLN D 451 17.18 2.49 8.67
C GLN D 451 17.55 1.50 9.77
N LYS D 452 17.21 0.22 9.61
CA LYS D 452 17.49 -0.73 10.68
C LYS D 452 18.98 -0.83 10.97
N ASN D 453 19.84 -0.74 9.95
CA ASN D 453 21.25 -1.02 10.22
C ASN D 453 22.27 -0.22 9.41
N ILE D 454 21.88 0.49 8.36
CA ILE D 454 22.88 1.10 7.48
C ILE D 454 23.73 2.12 8.25
N GLU D 455 23.11 2.88 9.17
CA GLU D 455 23.88 3.85 9.96
C GLU D 455 24.78 3.16 10.96
N LYS D 456 24.37 2.01 11.50
CA LYS D 456 25.26 1.23 12.35
C LYS D 456 26.44 0.68 11.58
N GLU D 457 26.21 0.21 10.35
CA GLU D 457 27.31 -0.29 9.52
C GLU D 457 28.26 0.85 9.15
N ILE D 458 27.71 1.97 8.69
CA ILE D 458 28.53 3.13 8.37
C ILE D 458 29.36 3.55 9.59
N SER D 459 28.74 3.60 10.76
CA SER D 459 29.44 4.06 11.96
C SER D 459 30.53 3.08 12.38
N TYR D 460 30.24 1.78 12.36
CA TYR D 460 31.20 0.80 12.85
C TYR D 460 32.39 0.65 11.91
N LEU D 461 32.14 0.59 10.60
CA LEU D 461 33.19 0.39 9.63
C LEU D 461 33.82 1.70 9.15
N GLY D 462 33.26 2.84 9.53
CA GLY D 462 33.72 4.10 9.01
C GLY D 462 33.64 4.14 7.50
N LEU D 463 32.46 3.85 6.97
CA LEU D 463 32.31 3.69 5.53
C LEU D 463 32.45 5.03 4.82
N GLU D 464 33.08 5.00 3.66
CA GLU D 464 33.15 6.16 2.78
C GLU D 464 32.27 6.04 1.56
N ALA D 465 31.70 4.86 1.31
CA ALA D 465 30.95 4.58 0.10
C ALA D 465 29.77 3.69 0.44
N ASP D 466 28.86 3.58 -0.54
CA ASP D 466 27.72 2.68 -0.44
C ASP D 466 27.26 2.30 -1.85
N ILE D 467 26.85 1.06 -2.03
CA ILE D 467 26.11 0.63 -3.21
C ILE D 467 24.84 -0.05 -2.74
N THR D 468 23.70 0.34 -3.32
CA THR D 468 22.39 -0.23 -3.04
C THR D 468 21.84 -0.78 -4.35
N ASP D 469 21.35 -2.03 -4.30
N ASP D 469 21.34 -2.00 -4.31
CA ASP D 469 20.94 -2.83 -5.46
CA ASP D 469 20.99 -2.70 -5.54
C ASP D 469 19.46 -2.66 -5.76
C ASP D 469 19.49 -2.72 -5.76
N ILE D 470 19.12 -2.92 -7.03
CA ILE D 470 17.76 -3.20 -7.51
C ILE D 470 16.81 -1.99 -7.54
N THR D 471 16.66 -1.30 -6.41
CA THR D 471 15.53 -0.39 -6.25
C THR D 471 15.52 0.72 -7.30
N PHE D 472 16.69 1.11 -7.80
CA PHE D 472 16.80 2.25 -8.68
C PHE D 472 17.19 1.85 -10.10
N ALA D 473 16.89 0.61 -10.49
CA ALA D 473 17.21 0.15 -11.83
C ALA D 473 16.21 0.60 -12.88
N ALA D 474 15.01 1.02 -12.45
CA ALA D 474 13.96 1.47 -13.35
C ALA D 474 13.34 2.74 -12.79
N TYR D 475 12.42 3.31 -13.57
CA TYR D 475 11.66 4.47 -13.13
C TYR D 475 10.20 4.28 -13.54
N ARG D 476 9.51 3.40 -12.83
CA ARG D 476 8.08 3.21 -13.04
C ARG D 476 7.29 4.13 -12.12
N GLU D 477 6.02 4.35 -12.46
CA GLU D 477 5.18 5.23 -11.64
C GLU D 477 4.82 4.58 -10.31
N ASN D 478 4.44 3.31 -10.33
CA ASN D 478 3.98 2.64 -9.12
C ASN D 478 5.14 2.51 -8.13
N GLY D 479 4.96 3.08 -6.94
CA GLY D 479 5.95 3.02 -5.88
C GLY D 479 7.06 4.06 -5.93
N LYS D 480 7.00 5.03 -6.84
CA LYS D 480 8.15 5.92 -7.00
C LYS D 480 8.35 6.84 -5.80
N GLU D 481 7.26 7.22 -5.11
CA GLU D 481 7.38 8.05 -3.92
C GLU D 481 8.28 7.39 -2.86
N GLY D 482 8.05 6.11 -2.59
CA GLY D 482 8.90 5.41 -1.64
C GLY D 482 10.34 5.28 -2.11
N ARG D 483 10.52 5.08 -3.41
CA ARG D 483 11.89 5.03 -3.96
C ARG D 483 12.59 6.37 -3.79
N ILE D 484 11.87 7.48 -3.98
CA ILE D 484 12.47 8.79 -3.79
C ILE D 484 12.85 8.99 -2.32
N GLU D 485 11.96 8.58 -1.40
CA GLU D 485 12.25 8.65 0.03
C GLU D 485 13.56 7.92 0.36
N LEU D 486 13.70 6.68 -0.13
CA LEU D 486 14.93 5.92 0.12
C LEU D 486 16.14 6.60 -0.51
N ALA D 487 15.98 7.18 -1.70
CA ALA D 487 17.11 7.80 -2.39
C ALA D 487 17.62 9.03 -1.65
N LYS D 488 16.72 9.88 -1.16
CA LYS D 488 17.16 11.03 -0.37
C LYS D 488 17.82 10.59 0.92
N TYR D 489 17.28 9.56 1.56
CA TYR D 489 17.86 9.06 2.80
C TYR D 489 19.30 8.60 2.60
N ILE D 490 19.53 7.79 1.55
CA ILE D 490 20.89 7.34 1.23
C ILE D 490 21.75 8.54 0.87
N ASP D 491 21.21 9.48 0.09
CA ASP D 491 21.99 10.64 -0.32
C ASP D 491 22.37 11.51 0.88
N SER D 492 21.57 11.51 1.94
CA SER D 492 21.85 12.37 3.08
C SER D 492 23.14 12.00 3.80
N PHE D 493 23.59 10.75 3.69
CA PHE D 493 24.85 10.33 4.29
C PHE D 493 26.08 10.96 3.63
N ASN D 494 25.93 11.46 2.40
CA ASN D 494 27.03 12.05 1.64
C ASN D 494 28.22 11.09 1.53
N LEU D 495 27.92 9.85 1.15
CA LEU D 495 28.93 8.88 0.76
C LEU D 495 29.10 8.87 -0.75
N VAL D 496 30.27 8.41 -1.20
CA VAL D 496 30.43 8.11 -2.62
C VAL D 496 29.56 6.90 -2.91
N ASN D 497 28.48 7.06 -3.66
CA ASN D 497 27.49 6.01 -3.70
C ASN D 497 27.11 5.64 -5.13
N GLY D 498 26.81 4.34 -5.31
CA GLY D 498 26.36 3.83 -6.59
C GLY D 498 25.10 3.00 -6.42
N THR D 499 24.54 2.61 -7.56
CA THR D 499 23.36 1.75 -7.54
C THR D 499 23.30 0.95 -8.85
N GLU D 500 22.56 -0.15 -8.80
CA GLU D 500 22.46 -1.03 -9.96
C GLU D 500 21.72 -0.36 -11.11
N HIS D 501 22.35 -0.33 -12.29
CA HIS D 501 21.77 0.11 -13.55
C HIS D 501 21.43 1.60 -13.57
N GLY D 502 20.53 2.05 -12.70
CA GLY D 502 20.15 3.44 -12.64
C GLY D 502 19.20 3.87 -13.76
N GLN D 503 18.70 5.09 -13.61
CA GLN D 503 17.95 5.81 -14.64
C GLN D 503 18.26 7.29 -14.48
N GLU D 504 17.96 8.07 -15.54
CA GLU D 504 18.28 9.49 -15.51
C GLU D 504 17.63 10.18 -14.31
N GLN D 505 16.42 9.77 -13.92
CA GLN D 505 15.73 10.41 -12.80
C GLN D 505 16.48 10.24 -11.47
N TRP D 506 17.35 9.25 -11.36
CA TRP D 506 18.10 9.00 -10.13
C TRP D 506 19.47 9.65 -10.10
N ILE D 507 19.92 10.23 -11.21
CA ILE D 507 21.26 10.83 -11.29
C ILE D 507 21.54 11.84 -10.18
N PRO D 508 20.58 12.68 -9.73
CA PRO D 508 20.90 13.61 -8.63
C PRO D 508 21.34 12.96 -7.33
N TYR D 509 21.02 11.67 -7.10
CA TYR D 509 21.24 11.04 -5.80
C TYR D 509 22.46 10.12 -5.75
N PHE D 510 23.14 9.88 -6.87
CA PHE D 510 24.22 8.92 -6.92
C PHE D 510 25.42 9.48 -7.64
N ASP D 511 26.58 8.87 -7.38
CA ASP D 511 27.81 9.17 -8.09
C ASP D 511 28.10 8.20 -9.23
N MET D 512 27.61 6.97 -9.17
CA MET D 512 27.91 6.02 -10.23
C MET D 512 26.76 5.03 -10.41
N PHE D 513 26.61 4.54 -11.63
CA PHE D 513 25.69 3.48 -11.98
C PHE D 513 26.49 2.23 -12.35
N GLU D 514 26.09 1.09 -11.81
CA GLU D 514 26.66 -0.21 -12.20
C GLU D 514 25.79 -0.77 -13.31
N GLY D 515 26.23 -0.61 -14.56
CA GLY D 515 25.43 -0.91 -15.72
C GLY D 515 25.27 0.32 -16.60
N MET D 516 24.05 0.51 -17.10
CA MET D 516 23.79 1.41 -18.20
C MET D 516 24.69 1.06 -19.39
N THR D 517 24.71 -0.23 -19.72
CA THR D 517 25.44 -0.71 -20.88
C THR D 517 24.48 -1.45 -21.82
N TYR D 518 24.56 -2.77 -21.90
CA TYR D 518 23.77 -3.54 -22.87
C TYR D 518 23.33 -4.86 -22.26
N LEU D 519 22.08 -5.24 -22.51
CA LEU D 519 21.70 -6.63 -22.29
C LEU D 519 22.49 -7.53 -23.23
N GLU D 520 22.57 -8.82 -22.88
CA GLU D 520 23.22 -9.75 -23.78
C GLU D 520 22.27 -10.23 -24.87
N ASP D 521 21.07 -10.64 -24.47
CA ASP D 521 20.00 -11.01 -25.39
CA ASP D 521 20.00 -11.02 -25.39
C ASP D 521 18.99 -9.87 -25.41
N ARG D 522 18.74 -9.32 -26.60
CA ARG D 522 17.90 -8.13 -26.65
C ARG D 522 17.33 -7.98 -28.06
N PRO D 523 16.11 -7.46 -28.19
CA PRO D 523 15.62 -7.07 -29.52
C PRO D 523 16.59 -6.12 -30.17
N LEU D 524 16.74 -6.27 -31.49
CA LEU D 524 17.56 -5.44 -32.37
C LEU D 524 19.05 -5.74 -32.28
N SER D 525 19.48 -6.74 -31.49
CA SER D 525 20.91 -6.97 -31.35
C SER D 525 21.57 -7.27 -32.69
N VAL D 526 20.90 -8.01 -33.59
CA VAL D 526 21.57 -8.42 -34.82
C VAL D 526 21.45 -7.38 -35.93
N ILE D 527 20.79 -6.24 -35.69
CA ILE D 527 20.61 -5.19 -36.68
C ILE D 527 20.82 -3.82 -36.04
N SER D 528 21.77 -3.71 -35.12
CA SER D 528 22.12 -2.42 -34.56
C SER D 528 23.59 -2.42 -34.20
N HIS D 529 24.11 -1.22 -33.95
CA HIS D 529 25.44 -1.03 -33.40
C HIS D 529 25.35 -0.30 -32.08
N PRO D 530 26.09 -0.72 -31.05
CA PRO D 530 26.16 0.09 -29.83
C PRO D 530 26.63 1.49 -30.18
N ALA D 531 25.97 2.49 -29.60
CA ALA D 531 26.33 3.90 -29.66
C ALA D 531 26.22 4.48 -28.25
N PRO D 532 27.11 5.39 -27.87
CA PRO D 532 27.11 5.88 -26.48
C PRO D 532 26.12 7.01 -26.26
N LEU D 533 24.84 6.73 -26.56
CA LEU D 533 23.83 7.80 -26.54
C LEU D 533 23.63 8.35 -25.13
N PHE D 534 23.50 7.47 -24.13
CA PHE D 534 23.30 7.93 -22.75
C PHE D 534 24.50 8.73 -22.25
N ASN D 535 25.71 8.26 -22.55
CA ASN D 535 26.90 8.97 -22.09
C ASN D 535 27.11 10.27 -22.85
N LEU D 536 26.67 10.34 -24.12
CA LEU D 536 26.71 11.59 -24.86
C LEU D 536 25.87 12.67 -24.17
N VAL D 537 24.87 12.27 -23.38
CA VAL D 537 24.07 13.20 -22.61
C VAL D 537 24.66 13.39 -21.20
N TYR D 538 24.99 12.30 -20.52
CA TYR D 538 25.13 12.30 -19.07
C TYR D 538 26.52 11.98 -18.53
N HIS D 539 27.53 11.76 -19.38
CA HIS D 539 28.84 11.37 -18.87
C HIS D 539 29.39 12.36 -17.83
N GLU D 540 29.13 13.66 -17.99
CA GLU D 540 29.60 14.64 -17.02
C GLU D 540 28.90 14.53 -15.67
N ALA D 541 27.75 13.85 -15.62
CA ALA D 541 26.87 13.88 -14.46
C ALA D 541 26.81 12.57 -13.69
N ILE D 542 27.04 11.44 -14.35
CA ILE D 542 26.99 10.16 -13.66
C ILE D 542 28.05 9.23 -14.25
N ALA D 543 28.86 8.63 -13.38
CA ALA D 543 29.83 7.65 -13.82
C ALA D 543 29.14 6.32 -14.01
N ASN D 544 29.62 5.54 -14.98
CA ASN D 544 29.06 4.20 -15.12
C ASN D 544 30.17 3.17 -15.29
N PHE D 545 29.83 1.95 -14.90
CA PHE D 545 30.70 0.80 -14.94
C PHE D 545 29.92 -0.32 -15.59
N GLY D 546 30.62 -1.40 -15.95
CA GLY D 546 29.95 -2.51 -16.60
C GLY D 546 29.02 -3.24 -15.66
N LYS D 547 28.10 -4.00 -16.27
CA LYS D 547 27.09 -4.73 -15.52
C LYS D 547 27.67 -5.99 -14.91
N ILE D 548 27.27 -6.31 -13.69
CA ILE D 548 27.90 -7.46 -13.02
C ILE D 548 27.52 -8.77 -13.70
N GLN D 549 26.35 -8.84 -14.35
CA GLN D 549 26.01 -10.06 -15.07
C GLN D 549 26.87 -10.26 -16.30
N ASP D 550 27.41 -9.19 -16.86
CA ASP D 550 28.13 -9.23 -18.14
C ASP D 550 29.46 -8.51 -17.98
N PRO D 551 30.32 -9.00 -17.09
CA PRO D 551 31.50 -8.22 -16.71
C PRO D 551 32.61 -8.33 -17.74
N ASP D 552 33.65 -7.51 -17.55
CA ASP D 552 34.71 -7.46 -18.55
C ASP D 552 35.55 -8.73 -18.61
N ASN D 553 35.45 -9.59 -17.59
CA ASN D 553 36.17 -10.87 -17.54
C ASN D 553 35.33 -12.04 -18.05
N GLU D 554 34.12 -11.81 -18.52
CA GLU D 554 33.28 -12.86 -19.10
C GLU D 554 33.15 -12.66 -20.60
N VAL D 555 33.11 -13.77 -21.33
CA VAL D 555 32.95 -13.75 -22.78
C VAL D 555 31.48 -13.96 -23.09
N THR D 556 30.84 -12.97 -23.71
CA THR D 556 29.39 -12.99 -23.91
C THR D 556 29.07 -12.50 -25.32
N ALA D 557 27.76 -12.38 -25.60
CA ALA D 557 27.32 -11.75 -26.84
C ALA D 557 27.88 -10.35 -27.00
N ASN D 558 28.21 -9.66 -25.90
CA ASN D 558 28.73 -8.30 -25.97
C ASN D 558 30.25 -8.22 -26.04
N GLY D 559 30.94 -9.36 -26.08
CA GLY D 559 32.33 -9.38 -26.45
C GLY D 559 33.17 -10.09 -25.41
N ASP D 560 34.48 -10.11 -25.67
CA ASP D 560 35.46 -10.60 -24.72
C ASP D 560 36.14 -9.40 -24.05
N PHE D 561 37.28 -9.63 -23.41
CA PHE D 561 37.98 -8.51 -22.78
C PHE D 561 38.54 -7.54 -23.82
N ARG D 562 39.09 -8.05 -24.93
CA ARG D 562 39.59 -7.16 -25.99
C ARG D 562 38.51 -6.17 -26.40
N ILE D 563 37.31 -6.67 -26.65
CA ILE D 563 36.25 -5.81 -27.18
C ILE D 563 35.71 -4.89 -26.09
N LYS D 564 35.48 -5.43 -24.90
CA LYS D 564 34.88 -4.64 -23.83
C LYS D 564 35.83 -3.56 -23.32
N ALA D 565 37.13 -3.87 -23.28
CA ALA D 565 38.09 -2.86 -22.84
C ALA D 565 38.16 -1.69 -23.82
N LEU D 566 38.21 -1.98 -25.13
CA LEU D 566 38.24 -0.92 -26.12
C LEU D 566 36.94 -0.13 -26.12
N ARG D 567 35.80 -0.81 -26.00
CA ARG D 567 34.53 -0.07 -25.94
C ARG D 567 34.43 0.78 -24.68
N SER D 568 35.00 0.31 -23.55
CA SER D 568 35.01 1.10 -22.32
C SER D 568 35.63 2.49 -22.55
N MET D 569 36.76 2.53 -23.24
CA MET D 569 37.45 3.80 -23.47
C MET D 569 36.69 4.66 -24.46
N LEU D 570 36.16 4.06 -25.53
CA LEU D 570 35.34 4.81 -26.48
C LEU D 570 34.12 5.43 -25.82
N PHE D 571 33.43 4.65 -24.98
CA PHE D 571 32.15 5.10 -24.44
C PHE D 571 32.31 5.86 -23.13
N GLY D 572 33.47 5.77 -22.49
CA GLY D 572 33.72 6.50 -21.26
C GLY D 572 33.25 5.82 -20.00
N ARG D 573 33.28 4.49 -19.94
CA ARG D 573 32.89 3.78 -18.73
C ARG D 573 34.11 3.13 -18.09
N GLY D 574 33.96 2.77 -16.80
CA GLY D 574 35.00 2.11 -16.06
C GLY D 574 34.93 0.59 -16.14
N THR D 575 36.07 -0.03 -15.86
CA THR D 575 36.22 -1.47 -15.91
C THR D 575 35.46 -2.14 -14.77
N THR D 576 34.79 -3.25 -15.08
CA THR D 576 34.09 -4.07 -14.09
C THR D 576 34.70 -5.46 -14.14
N ILE D 577 35.23 -5.91 -13.00
CA ILE D 577 35.71 -7.28 -12.82
C ILE D 577 34.81 -7.90 -11.75
N PHE D 578 33.98 -8.86 -12.14
CA PHE D 578 33.02 -9.47 -11.23
C PHE D 578 33.26 -10.98 -11.23
N PHE D 579 33.58 -11.54 -10.06
CA PHE D 579 34.08 -12.91 -10.05
C PHE D 579 33.71 -13.60 -8.75
N ALA D 580 33.57 -14.93 -8.83
CA ALA D 580 33.54 -15.73 -7.63
C ALA D 580 34.96 -15.89 -7.09
N PRO D 581 35.13 -15.92 -5.77
CA PRO D 581 36.49 -15.96 -5.20
C PRO D 581 37.41 -17.00 -5.81
N TYR D 582 36.91 -18.21 -6.11
CA TYR D 582 37.77 -19.26 -6.63
C TYR D 582 38.36 -18.89 -7.99
N GLU D 583 37.75 -17.93 -8.70
CA GLU D 583 38.28 -17.50 -9.99
C GLU D 583 39.42 -16.50 -9.90
N PHE D 584 39.78 -16.04 -8.69
CA PHE D 584 40.60 -14.84 -8.60
C PHE D 584 41.89 -14.93 -9.40
N GLU D 585 42.60 -16.07 -9.32
CA GLU D 585 43.88 -16.16 -10.02
C GLU D 585 43.70 -16.03 -11.53
N GLY D 586 42.54 -16.42 -12.06
CA GLY D 586 42.28 -16.23 -13.47
C GLY D 586 42.04 -14.79 -13.87
N MET D 587 41.74 -13.92 -12.90
CA MET D 587 41.46 -12.52 -13.19
C MET D 587 42.72 -11.68 -13.35
N ARG D 588 43.87 -12.17 -12.89
CA ARG D 588 45.09 -11.37 -12.90
C ARG D 588 45.46 -10.79 -14.26
N PRO D 589 45.49 -11.56 -15.36
CA PRO D 589 45.87 -10.95 -16.64
C PRO D 589 44.97 -9.80 -17.05
N MET D 590 43.66 -9.93 -16.84
CA MET D 590 42.75 -8.88 -17.26
C MET D 590 42.84 -7.66 -16.35
N ILE D 591 43.08 -7.87 -15.06
CA ILE D 591 43.32 -6.75 -14.16
C ILE D 591 44.55 -5.97 -14.60
N GLU D 592 45.62 -6.69 -14.98
CA GLU D 592 46.85 -6.03 -15.42
C GLU D 592 46.62 -5.25 -16.71
N MET D 593 45.89 -5.82 -17.66
CA MET D 593 45.67 -5.12 -18.92
C MET D 593 44.76 -3.91 -18.71
N ALA D 594 43.74 -4.05 -17.86
CA ALA D 594 42.87 -2.92 -17.55
C ALA D 594 43.63 -1.82 -16.85
N ARG D 595 44.46 -2.19 -15.88
CA ARG D 595 45.31 -1.22 -15.19
C ARG D 595 46.18 -0.43 -16.16
N ASP D 596 46.81 -1.11 -17.13
CA ASP D 596 47.78 -0.44 -18.00
C ASP D 596 47.12 0.35 -19.12
N LEU D 597 45.95 -0.08 -19.59
CA LEU D 597 45.32 0.50 -20.77
C LEU D 597 44.13 1.38 -20.43
N VAL D 598 43.14 0.83 -19.72
CA VAL D 598 41.86 1.51 -19.53
C VAL D 598 41.93 2.54 -18.41
N SER D 599 42.55 2.18 -17.28
CA SER D 599 42.51 3.05 -16.11
C SER D 599 43.09 4.45 -16.37
N PRO D 600 44.21 4.62 -17.07
CA PRO D 600 44.70 6.00 -17.32
C PRO D 600 43.76 6.82 -18.19
N VAL D 601 43.05 6.20 -19.13
CA VAL D 601 42.12 6.93 -19.98
C VAL D 601 40.84 7.24 -19.21
N HIS D 602 40.32 6.26 -18.46
CA HIS D 602 39.19 6.50 -17.57
C HIS D 602 39.50 7.64 -16.60
N LYS D 603 40.70 7.65 -16.03
CA LYS D 603 41.05 8.69 -15.06
C LYS D 603 41.03 10.07 -15.71
N GLU D 604 41.63 10.20 -16.89
CA GLU D 604 41.75 11.50 -17.52
C GLU D 604 40.39 12.04 -17.97
N THR D 605 39.50 11.15 -18.42
CA THR D 605 38.23 11.59 -19.01
C THR D 605 37.06 11.56 -18.05
N PHE D 606 37.28 11.13 -16.80
CA PHE D 606 36.19 10.80 -15.89
C PHE D 606 35.16 11.93 -15.75
N TYR D 607 35.63 13.16 -15.58
CA TYR D 607 34.73 14.29 -15.32
C TYR D 607 34.26 14.98 -16.60
N SER D 608 34.76 14.57 -17.76
CA SER D 608 34.62 15.36 -18.97
C SER D 608 33.31 15.05 -19.69
N GLU D 609 33.01 15.88 -20.70
CA GLU D 609 31.92 15.61 -21.62
C GLU D 609 32.43 14.74 -22.76
N LEU D 610 31.68 13.70 -23.08
CA LEU D 610 31.89 12.98 -24.32
C LEU D 610 31.35 13.85 -25.44
N LYS D 611 32.22 14.63 -26.06
CA LYS D 611 31.77 15.64 -27.02
C LYS D 611 31.24 15.02 -28.30
N SER D 612 31.92 13.99 -28.81
CA SER D 612 31.56 13.44 -30.10
C SER D 612 31.96 11.98 -30.16
N HIS D 613 31.21 11.22 -30.95
CA HIS D 613 31.51 9.85 -31.30
C HIS D 613 31.26 9.67 -32.79
N GLU D 614 32.10 8.87 -33.44
CA GLU D 614 32.06 8.70 -34.89
C GLU D 614 32.40 7.27 -35.24
N TYR D 615 31.65 6.71 -36.19
CA TYR D 615 32.02 5.47 -36.85
C TYR D 615 32.86 5.82 -38.08
N LEU D 616 34.07 5.26 -38.16
CA LEU D 616 35.03 5.65 -39.18
C LEU D 616 35.22 4.61 -40.28
N SER D 617 34.74 3.38 -40.11
CA SER D 617 34.88 2.38 -41.15
C SER D 617 33.52 1.95 -41.68
N ALA D 618 33.52 1.36 -42.87
CA ALA D 618 32.28 0.95 -43.52
C ALA D 618 31.51 -0.06 -42.68
N ASP D 619 32.21 -0.90 -41.91
CA ASP D 619 31.57 -1.94 -41.10
C ASP D 619 31.30 -1.51 -39.65
N TYR D 620 31.47 -0.23 -39.34
CA TYR D 620 31.18 0.36 -38.03
C TYR D 620 32.07 -0.18 -36.90
N LYS D 621 33.10 -0.97 -37.20
CA LYS D 621 33.96 -1.50 -36.14
C LYS D 621 35.08 -0.55 -35.72
N VAL D 622 35.44 0.42 -36.53
CA VAL D 622 36.44 1.42 -36.16
C VAL D 622 35.71 2.69 -35.75
N GLN D 623 36.05 3.23 -34.58
CA GLN D 623 35.30 4.32 -33.96
C GLN D 623 36.26 5.33 -33.33
N ARG D 624 35.76 6.56 -33.16
CA ARG D 624 36.55 7.66 -32.61
C ARG D 624 35.68 8.46 -31.65
N SER D 625 36.16 8.62 -30.41
CA SER D 625 35.50 9.42 -29.39
C SER D 625 36.42 10.55 -28.95
N ARG D 626 35.84 11.72 -28.68
CA ARG D 626 36.61 12.87 -28.23
C ARG D 626 35.96 13.43 -26.98
N PHE D 627 36.77 13.61 -25.93
CA PHE D 627 36.31 14.09 -24.63
C PHE D 627 36.81 15.51 -24.41
N SER D 628 36.06 16.28 -23.60
CA SER D 628 36.42 17.67 -23.35
C SER D 628 37.63 17.81 -22.45
N SER D 629 38.16 16.72 -21.91
CA SER D 629 39.46 16.77 -21.26
C SER D 629 40.59 16.93 -22.26
N GLY D 630 40.31 16.87 -23.56
CA GLY D 630 41.35 16.88 -24.56
C GLY D 630 41.82 15.50 -24.97
N THR D 631 41.08 14.45 -24.64
CA THR D 631 41.47 13.09 -24.94
C THR D 631 40.69 12.60 -26.16
N GLU D 632 41.40 11.93 -27.08
CA GLU D 632 40.79 11.29 -28.23
C GLU D 632 41.08 9.79 -28.17
N VAL D 633 40.04 8.98 -28.37
CA VAL D 633 40.17 7.53 -28.38
C VAL D 633 39.72 7.04 -29.75
N ILE D 634 40.64 6.40 -30.48
CA ILE D 634 40.30 5.66 -31.70
C ILE D 634 40.53 4.18 -31.41
N ALA D 635 39.54 3.36 -31.73
CA ALA D 635 39.67 1.94 -31.46
C ALA D 635 39.03 1.14 -32.57
N ASN D 636 39.53 -0.07 -32.77
CA ASN D 636 39.09 -0.97 -33.82
C ASN D 636 38.53 -2.21 -33.13
N LEU D 637 37.21 -2.40 -33.17
CA LEU D 637 36.58 -3.49 -32.45
C LEU D 637 36.47 -4.78 -33.27
N GLY D 638 37.08 -4.84 -34.45
CA GLY D 638 37.08 -6.02 -35.27
C GLY D 638 38.46 -6.63 -35.42
N PRO D 639 38.54 -7.80 -36.06
CA PRO D 639 39.83 -8.53 -36.10
C PRO D 639 40.82 -8.08 -37.15
N VAL D 640 40.43 -7.30 -38.16
CA VAL D 640 41.31 -6.96 -39.27
C VAL D 640 41.72 -5.49 -39.14
N ALA D 641 43.00 -5.23 -39.42
CA ALA D 641 43.47 -3.85 -39.50
C ALA D 641 42.68 -3.09 -40.56
N GLN D 642 42.39 -1.83 -40.27
CA GLN D 642 41.67 -1.00 -41.23
C GLN D 642 42.28 0.40 -41.22
N LYS D 643 42.28 1.01 -42.39
CA LYS D 643 42.76 2.38 -42.55
C LYS D 643 41.60 3.33 -42.32
N ILE D 644 41.89 4.47 -41.68
CA ILE D 644 40.88 5.47 -41.41
C ILE D 644 41.24 6.76 -42.16
N GLU D 645 40.29 7.68 -42.19
CA GLU D 645 40.54 9.02 -42.72
C GLU D 645 41.84 9.57 -42.17
N GLY D 646 42.66 10.15 -43.04
CA GLY D 646 43.99 10.55 -42.67
C GLY D 646 45.06 9.50 -42.92
N GLY D 647 44.74 8.41 -43.62
CA GLY D 647 45.70 7.40 -43.99
C GLY D 647 46.04 6.37 -42.93
N ILE D 648 45.81 6.68 -41.65
CA ILE D 648 46.34 5.87 -40.56
C ILE D 648 45.67 4.50 -40.52
N SER D 649 46.44 3.47 -40.22
CA SER D 649 45.94 2.11 -40.07
C SER D 649 45.82 1.77 -38.58
N ILE D 650 44.67 1.24 -38.18
CA ILE D 650 44.41 0.82 -36.81
C ILE D 650 44.36 -0.70 -36.81
N PRO D 651 45.19 -1.38 -36.03
CA PRO D 651 45.18 -2.85 -36.04
C PRO D 651 43.89 -3.44 -35.50
N GLY D 652 43.65 -4.69 -35.85
CA GLY D 652 42.56 -5.46 -35.29
C GLY D 652 42.64 -5.45 -33.77
N TYR D 653 41.53 -5.15 -33.11
CA TYR D 653 41.47 -5.04 -31.64
C TYR D 653 42.57 -4.12 -31.12
N GLY D 654 42.78 -3.00 -31.82
CA GLY D 654 43.82 -2.06 -31.48
C GLY D 654 43.27 -0.65 -31.25
N TYR D 655 44.18 0.25 -30.87
CA TYR D 655 43.77 1.56 -30.42
C TYR D 655 44.82 2.59 -30.79
N ARG D 656 44.36 3.83 -30.89
CA ARG D 656 45.23 4.99 -31.12
C ARG D 656 44.65 6.12 -30.28
N ILE D 657 45.33 6.45 -29.19
CA ILE D 657 44.81 7.36 -28.17
C ILE D 657 45.72 8.57 -28.09
N GLN D 658 45.13 9.76 -28.14
CA GLN D 658 45.84 11.02 -27.95
C GLN D 658 45.43 11.56 -26.58
N MET D 659 46.40 11.67 -25.67
CA MET D 659 46.15 12.14 -24.32
C MET D 659 46.18 13.66 -24.25
N LYS D 660 45.67 14.20 -23.13
CA LYS D 660 45.55 15.64 -22.96
C LYS D 660 46.90 16.34 -23.11
N ASP D 661 47.99 15.70 -22.66
CA ASP D 661 49.30 16.33 -22.76
C ASP D 661 49.89 16.22 -24.16
N GLY D 662 49.17 15.62 -25.11
CA GLY D 662 49.62 15.52 -26.47
C GLY D 662 50.34 14.23 -26.83
N SER D 663 50.61 13.37 -25.85
CA SER D 663 51.27 12.12 -26.14
C SER D 663 50.32 11.16 -26.85
N LEU D 664 50.92 10.20 -27.57
CA LEU D 664 50.17 9.27 -28.41
C LEU D 664 50.40 7.86 -27.91
N LYS D 665 49.34 7.16 -27.57
CA LYS D 665 49.39 5.76 -27.16
C LYS D 665 48.80 4.89 -28.26
N THR D 666 49.58 3.93 -28.73
CA THR D 666 49.10 2.98 -29.74
C THR D 666 49.40 1.58 -29.26
N GLY D 667 48.60 0.63 -29.73
CA GLY D 667 48.80 -0.76 -29.35
C GLY D 667 47.65 -1.61 -29.84
N HIS D 668 47.64 -2.86 -29.39
CA HIS D 668 46.64 -3.81 -29.85
C HIS D 668 46.69 -5.06 -28.99
N PHE D 669 45.56 -5.76 -28.94
CA PHE D 669 45.42 -7.01 -28.19
C PHE D 669 45.82 -8.19 -29.06
N GLN D 670 46.37 -9.21 -28.43
CA GLN D 670 46.81 -10.43 -29.12
C GLN D 670 46.28 -11.65 -28.37
N VAL D 671 45.72 -12.59 -29.12
CA VAL D 671 45.43 -13.93 -28.61
C VAL D 671 46.50 -14.86 -29.15
N SER D 672 47.13 -15.63 -28.27
CA SER D 672 48.19 -16.53 -28.69
C SER D 672 47.98 -17.90 -28.07
N LEU D 673 48.63 -18.89 -28.69
CA LEU D 673 48.60 -20.27 -28.27
C LEU D 673 49.98 -20.68 -27.80
N HIS D 674 50.09 -21.12 -26.54
CA HIS D 674 51.33 -21.61 -25.96
C HIS D 674 51.24 -23.12 -25.90
N MET D 675 51.92 -23.80 -26.82
CA MET D 675 51.96 -25.25 -26.82
C MET D 675 53.12 -25.70 -25.94
N ASP D 676 52.77 -26.25 -24.76
CA ASP D 676 53.62 -26.86 -23.69
C ASP D 676 53.13 -26.41 -22.30
#